data_9DVS
#
_entry.id   9DVS
#
_cell.length_a   1.00
_cell.length_b   1.00
_cell.length_c   1.00
_cell.angle_alpha   90.00
_cell.angle_beta   90.00
_cell.angle_gamma   90.00
#
_symmetry.space_group_name_H-M   'P 1'
#
loop_
_entity.id
_entity.type
_entity.pdbx_description
1 polymer 'Non-template DNA'
2 polymer 'Template DNA'
3 polymer 'DNA-directed RNA polymerase subunit alpha'
4 polymer 'DNA-directed RNA polymerase subunit beta'
5 polymer 'DNA-directed RNA polymerase subunit gamma'
6 polymer 'DNA-directed RNA polymerase subunit omega'
7 polymer "DNA-directed RNA polymerase subunit beta'"
8 polymer 'RNA polymerase sigma factor SigA1'
9 non-polymer 'MAGNESIUM ION'
10 non-polymer 'ZINC ION'
#
loop_
_entity_poly.entity_id
_entity_poly.type
_entity_poly.pdbx_seq_one_letter_code
_entity_poly.pdbx_strand_id
1 'polydeoxyribonucleotide' (DT)(DT)(DT)(DA)(DT)(DC)(DC)(DT)(DG)(DT)(DT)(DA)(DG)(DA)(DT)(DG)(DG)(DT)(DT) 1
2 'polydeoxyribonucleotide' (DA)(DC)(DA)(DG)(DG)(DA)(DT)(DA)(DA)(DA) 2
3 'polypeptide(L)'
;MTFQVECVESRTEADQGQYGRFSIEPLARGQGTTVGNALRRVLLSNLEGTAVTAVRIGGVNHEFATIPGVREDVLDILLN
VRELVVHAHSPQPQIGRLRVVGPATVTAADVDFGPEVEVINPNHYIASLSEGATLEMELKVEWGTGYRAIDRSHDETTAL
DFLQLDAVFMPVRRVNYSVEDARVGESTAIDRLVLEVWTNGSLSPQEALSQAASCLVALFEPLKNVSVGSTHTADPEPTP
ESQTPIEDLQLSVRAYNCLKRAQVNSVADLLSYTYEDLLEIKNFGQKSAEEVVEALERIGIKLQESKVS
;
A,B
4 'polypeptide(L)'
;MAEQTQLAPAAFHLPDLVAIQRNSFRWFLEEGLIEELESFSPITDYTGKLELHFLGKQYKLKRPKYDVDEAKRRDGTYSV
QMYVPTRLINKETGEIKEQEVFIGDLPLMTDRGTFIINGAERVIVNQIVRSPGVYYKSERDKNGRLTHNASLIPNRGAWL
KFETDKNGLVWVRIDKTRKLSAQVLLKALGLSDNEIYDKLRHPEYYQKTIDKEGQFSEDEALMELYRKLRPGEPPTVSGG
QQLLESRFFDPKRYDLGRVGRYKLNKKLGLNVADTVRTLTSEDILAAIDYLINLELDLGGCEVDDIDHLGNRRVRSVGEL
LQNQVRVGLNRLERIIRERMTVSDSDSLSPASLVNPKPLVAAIKEFFGSSQLSQFMDQTNPLAELTHKRRLSALGPGGLT
RERAGFAVRDIHPSHYGRICPIETPEGPNAGLIGSLATHARVNDYGFIETPFWRVEEGRVRKDLAPVYMTADQEDDLRVA
PGDVATDDAGYILGTTIPVRYRQDFTTTTPERVDYVALSPVQIISVATSLIPFLEHDDANRALMGSNMQRQAVPLLRPER
PLVGTGLEPQAARDSGMVITSPVDGTISYVDATHIEVTADTGEKYGYALQKYQRSNQDTCLNQRPIVFEGDRVQRGQVIA
DGSATEKGELALGQNILVAYMPWEGYNYEDAILISERLVYDDVYTSIHIEKFEIEARQTKLGPEEITREIPNVGEDALRQ
LDENGIIRVGAWVESGDILVGKVTPKGESDQPPEEKLLRAIFGEKARDVRDNSLRVPNGEKGRVVDVRLFTREQGDELPP
GANMVVRVYVAQKRKIQVGDKMAGRHGNKGIISRILPCEDMPYLPDGTPLDIVLNPLGVPSRMNVGQVFECMLGWAGQLL
DARFKVTPFDEMYGAEASRLTVNAKLSEAREQTGQPWVFSDDEPGKIQVYDGRTGEPFDRPVTVGRAYMLKLVHLVDDKI
HARSTGPYSLVTQQPLGGKAQQGGQRFGEMEVWALEAYGAAYILQELLTVKSDDMQGRNEALNAIVKGKAIPRPGTPESF
KVLMRELQSLCLDIAVYKASTEDYEEDKEVDLMADVNQRRTPSRPTYESMSVGDIDDDDD
;
C
5 'polypeptide(L)'
;MAKQEQRFDYVKIALASPERIRQWGERTLPNGQVVGEVTKPETINYRTLKPEMDGLFCEKIFGPAKDWECHCGKYKRVRH
RGIVCERCGVEVTESRVRRHRMGFIKLAAPVAHVWYLKGIPSYIAILLDMPLRDVEQIVYFNSYVVLNPGNHSELQYKQL
LNEDQWMEIEDQIYAEESDLEGIEVGIGAEALQQLLQDLNLNEESEKLRQEIAESKGQKRAKLIKRLRVIDNFIGTESRP
EWMVLNVIPVIPPDLRPMVQLDGGRFATSDLNDLYRRVINRNNRLARLQEILAPEIIVRNEKRMLQEAVDALIDNGRRGR
TVVGANNRPLKSLSDIIEGKQGRFRQNLLGKRVDYSGRSVIVVGPNLKIHQCGLPREMAIELFQPFVIHRLIKNHSINNI
KQAKKLIQKNDPLIWDVLEEVIEGHPVMLNRAPTLHRLGIQAFEPILVEGRAIQLHPLVCPAFNADFDGDQMAVHVPLSI
EAQAEARMLMLASGNILSPATGQPIVTPSQDMVLGCYYLTAENPGAQKGAGRYFANLEDAIRAFEQGSVDLHAWVWVRFD
GEVESEGESDEPESVVAADDGTVTKTYRFRRIRETEDGQRLSQYVKTTPGRILFNNTVQTALIH
;
D
6 'polypeptide(L)' MLQRFDLDSQDLLFKAESLIVNSTNRYHVTLQIARRAKQARYEEMENLSEETGIKPVLRAILEMSDELNQPEIIGG E
7 'polypeptide(L)'
;MAEAKSAPIFRNRVIDKKQLKKLIGWTFAHYGTAKTAVVADDLKALGFRYATRAGVSISIDDLKVPGSKAELLESAEKRI
QETEDRYTRGEITEVERFQKVIDTWANTNDELTDRVVKNFRESDPLNSVYMMAFSGARGNISQVRQLVGMRGLMANPQGE
IIDLPIKTNFREGLTVTEYIISSYGARKGLVDTALRTADSGYLTRRLVDVSQDVIIHEVDCGTSRGLFVEAMTDGDRILI
PISQRLLGRVTAEAVLDPSTDEVLAEAGQDINEDLANRIEKAGIKKVKVRSPLTCEAARSVCQKCYGWSLAHAQMVDMGE
AVGIIAAQSIGEPGTQLTMRTFHTGGVFTGETARLLRAPVAGTIKLGKKARTRPYRTRHGEEALLAEANFDLVLEGKGRK
ETFAILQGSTIFVQDGDKVAAEAILAEVPVSGRTKRTVEKATKDVATDLAGEIRFQDIVPEEKTDRQGNTTRIAQRGGLL
WVLAGDVYNLLPGAEPTVKNGDRVEVGDVLAETKLTTERGGTVRMGEDNGSSTHREVEIITASVVLDTATVKAEASQGRE
HYVIETKGGQRFNLLAAPGTKVTTGHVVAELIDSRYRTQTGGLLKYSGVEISKKGRAKAKQGYEVTKGGTLLWIPEETHE
VNKDISLLNVEDGQLVEAGTEVVKDIFCQTTGIVSVTQNNDILREIVIKPGDVHVLDDPDTAAKYDEGRLVNAGEEVFPG
LTAEQLVWAEAVDGTDGPLLLLRPVQELVIPDEPPVPSQDSSQESSSRSIRLRAVQRLQFQDGERIKSVEGVDLLRTQLV
LESEEGSSQLSADIELLPDSKDPETLRLQLVIIEPVVIRRDVASDTTHGSTHTELRVKDGQKVKPGAVIACTQIQCKEAG
VVRGIQEGSEAVRRLLVERERDCVTLDLDVTAATQLQPGSLIVAGTQLVDGIIAPESGEVRAIAPGQLQLRIARPYRVSQ
GAVLHVEDKGLVQRGDNLVLLVFERAKTGDIIQGLPRIEELLEARKPKEACILARRPGVAHINYSDDDAIDIQVIEADGT
QADYPVGPGQPLIISDGETVDAGQALTDGPANPHDLLEIYYDYFREQLGEDYEAALESLRRVQALLVNEVQSVYQSQGID
ISDKHIEVIVRQMTSKVRIDDGGDTIMLPGELHELREVYNSNNTMALTGMAPAQFTPVLLGITKASLNTNSFISAASFQE
TTRVLTEAAIEGKSDWLRGLKENVIIGRLIPAGTGFKAYEESLLTDVDGGYEDRVYDDDLADVVIDDRAARSYTLNEGRD
FSRSMTFAEGESMILDDGEELIDDSSASLRNLVDVDED
;
F
8 'polypeptide(L)'
;MTQLISIDKEQEEAGMTQATELLDPALKPAETKAKRSSRKKATTAVVEPATTIAPTADVDAIDDEDSVGEDEDAAAKAKA
KVRKTYTEDSIRLYLQEIGRIRLLRADEEIELARQIADLLALERIRDELLEQLDRLPSDAEWAAAVDSPLDEFRRRLFRG
RRAKDKMVQSNLRLVVSIAKKYMNRGLSFQDLIQEGSLGLIRAAEKFDHEKGYKFSTYATWWIRQAITRAIADQSRTIRL
PVHLYETISRIKKTTKLLSQEMGRKPTEEEIATRMEMTIEKLRFIAKSAQLPISLETPIGKEEDSRLGDFIEADGETPED
EVAKNLLREDLEGVLSTLSPRERDVLRLRYGLDDGRMKTLEEIGQLFNVTRERIRQIEAKALRKLRHPNRNSILKEYIR
;
G
#
# COMPACT_ATOMS: atom_id res chain seq x y z
N THR C 2 42.13 24.47 56.71
CA THR C 2 43.27 25.16 56.14
C THR C 2 42.81 26.25 55.18
N PHE C 3 41.91 25.89 54.28
CA PHE C 3 41.44 26.83 53.27
C PHE C 3 40.43 27.80 53.87
N GLN C 4 40.19 28.89 53.13
CA GLN C 4 39.30 29.95 53.56
C GLN C 4 38.23 30.17 52.50
N VAL C 5 36.98 29.97 52.87
CA VAL C 5 35.83 30.11 51.97
C VAL C 5 35.24 31.50 52.17
N GLU C 6 35.25 32.31 51.12
CA GLU C 6 34.73 33.66 51.20
C GLU C 6 33.67 33.89 50.13
N CYS C 7 32.68 34.73 50.45
CA CYS C 7 31.66 35.09 49.49
C CYS C 7 32.08 36.36 48.76
N VAL C 8 32.15 36.30 47.44
CA VAL C 8 32.65 37.40 46.63
C VAL C 8 31.53 38.31 46.18
N GLU C 9 30.44 37.75 45.66
CA GLU C 9 29.33 38.54 45.15
C GLU C 9 28.01 37.90 45.53
N SER C 10 27.03 38.74 45.86
CA SER C 10 25.67 38.27 46.12
C SER C 10 24.69 39.30 45.56
N ARG C 11 23.77 38.84 44.74
CA ARG C 11 22.76 39.68 44.11
C ARG C 11 21.37 39.17 44.47
N THR C 12 20.36 39.81 43.89
CA THR C 12 18.98 39.37 44.02
C THR C 12 18.24 39.79 42.77
N GLU C 13 17.72 38.82 42.03
CA GLU C 13 17.06 39.10 40.76
C GLU C 13 15.69 39.73 40.99
N ALA C 14 15.00 40.01 39.89
CA ALA C 14 13.69 40.65 39.98
C ALA C 14 12.63 39.73 40.57
N ASP C 15 12.75 38.42 40.34
CA ASP C 15 11.81 37.46 40.89
C ASP C 15 12.20 37.00 42.29
N GLN C 16 13.00 37.79 43.00
CA GLN C 16 13.45 37.52 44.36
C GLN C 16 14.33 36.28 44.46
N GLY C 17 14.77 35.73 43.33
CA GLY C 17 15.78 34.70 43.36
C GLY C 17 17.12 35.26 43.78
N GLN C 18 18.01 34.39 44.22
CA GLN C 18 19.27 34.86 44.78
C GLN C 18 20.45 34.19 44.10
N TYR C 19 21.53 34.95 43.95
CA TYR C 19 22.77 34.48 43.35
C TYR C 19 23.91 34.69 44.33
N GLY C 20 24.80 33.71 44.43
CA GLY C 20 25.94 33.81 45.30
C GLY C 20 27.19 33.16 44.73
N ARG C 21 28.30 33.87 44.74
CA ARG C 21 29.57 33.34 44.26
C ARG C 21 30.55 33.23 45.43
N PHE C 22 31.19 32.08 45.53
CA PHE C 22 32.10 31.76 46.63
C PHE C 22 33.46 31.35 46.08
N SER C 23 34.51 31.77 46.77
CA SER C 23 35.89 31.41 46.45
C SER C 23 36.45 30.57 47.58
N ILE C 24 36.97 29.40 47.23
CA ILE C 24 37.48 28.42 48.18
C ILE C 24 38.92 28.12 47.80
N GLU C 25 39.86 28.39 48.70
CA GLU C 25 41.26 28.18 48.39
C GLU C 25 42.06 28.13 49.68
N PRO C 26 43.18 27.40 49.72
CA PRO C 26 43.74 26.59 48.63
C PRO C 26 43.44 25.10 48.73
N LEU C 27 42.95 24.51 47.65
CA LEU C 27 42.77 23.07 47.56
C LEU C 27 44.02 22.46 46.94
N ALA C 28 44.03 21.13 46.77
CA ALA C 28 45.27 20.42 46.47
C ALA C 28 45.17 19.71 45.13
N ARG C 29 45.46 20.45 44.06
CA ARG C 29 45.75 19.89 42.73
C ARG C 29 44.74 18.80 42.33
N GLY C 30 43.50 19.24 42.13
CA GLY C 30 42.45 18.34 41.70
C GLY C 30 41.41 18.06 42.76
N GLN C 31 41.67 18.41 44.02
CA GLN C 31 40.62 18.36 45.02
C GLN C 31 39.52 19.38 44.74
N GLY C 32 39.84 20.43 43.98
CA GLY C 32 38.81 21.38 43.59
C GLY C 32 37.70 20.75 42.79
N THR C 33 38.04 19.87 41.84
CA THR C 33 37.01 19.20 41.07
C THR C 33 36.16 18.29 41.94
N THR C 34 36.79 17.54 42.85
CA THR C 34 36.03 16.65 43.73
C THR C 34 35.05 17.46 44.58
N VAL C 35 35.56 18.51 45.25
CA VAL C 35 34.72 19.32 46.12
C VAL C 35 33.60 19.98 45.31
N GLY C 36 33.95 20.57 44.17
CA GLY C 36 32.96 21.28 43.37
C GLY C 36 31.86 20.37 42.85
N ASN C 37 32.23 19.19 42.37
CA ASN C 37 31.21 18.31 41.80
C ASN C 37 30.35 17.69 42.90
N ALA C 38 30.94 17.36 44.05
CA ALA C 38 30.12 16.88 45.16
C ALA C 38 29.13 17.95 45.61
N LEU C 39 29.61 19.19 45.74
CA LEU C 39 28.71 20.29 46.11
C LEU C 39 27.61 20.48 45.07
N ARG C 40 27.96 20.44 43.78
CA ARG C 40 26.95 20.65 42.76
C ARG C 40 25.90 19.55 42.76
N ARG C 41 26.33 18.29 42.92
CA ARG C 41 25.38 17.19 42.93
C ARG C 41 24.46 17.27 44.14
N VAL C 42 25.01 17.61 45.30
CA VAL C 42 24.17 17.69 46.49
C VAL C 42 23.23 18.89 46.42
N LEU C 43 23.74 20.02 45.94
CA LEU C 43 22.92 21.23 45.86
C LEU C 43 21.77 21.03 44.89
N LEU C 44 22.01 20.35 43.77
CA LEU C 44 20.96 20.14 42.79
C LEU C 44 20.08 18.93 43.10
N SER C 45 20.47 18.09 44.05
CA SER C 45 19.71 16.85 44.18
C SER C 45 19.19 16.55 45.58
N ASN C 46 19.93 16.88 46.63
CA ASN C 46 19.61 16.41 47.98
C ASN C 46 19.35 17.53 48.97
N LEU C 47 18.73 18.62 48.53
CA LEU C 47 18.35 19.71 49.44
C LEU C 47 16.84 19.72 49.60
N GLU C 48 16.38 19.80 50.85
CA GLU C 48 14.95 19.84 51.13
C GLU C 48 14.40 21.25 50.92
N GLY C 49 13.22 21.31 50.30
CA GLY C 49 12.55 22.57 50.08
C GLY C 49 11.08 22.49 50.45
N THR C 50 10.39 23.61 50.24
CA THR C 50 8.96 23.73 50.49
C THR C 50 8.27 24.10 49.18
N ALA C 51 7.18 23.41 48.90
CA ALA C 51 6.43 23.64 47.67
C ALA C 51 4.96 23.43 47.95
N VAL C 52 4.12 24.01 47.10
CA VAL C 52 2.67 23.83 47.22
C VAL C 52 2.33 22.47 46.64
N THR C 53 1.89 21.56 47.50
CA THR C 53 1.62 20.19 47.08
C THR C 53 0.18 19.98 46.67
N ALA C 54 -0.76 20.76 47.23
CA ALA C 54 -2.16 20.54 46.90
C ALA C 54 -2.89 21.87 46.84
N VAL C 55 -4.02 21.88 46.15
CA VAL C 55 -4.84 23.08 46.04
C VAL C 55 -6.29 22.67 45.85
N ARG C 56 -7.20 23.39 46.49
CA ARG C 56 -8.63 23.22 46.31
C ARG C 56 -9.22 24.57 45.92
N ILE C 57 -9.80 24.63 44.72
CA ILE C 57 -10.38 25.86 44.19
C ILE C 57 -11.89 25.73 44.33
N GLY C 58 -12.48 26.56 45.20
CA GLY C 58 -13.91 26.55 45.42
C GLY C 58 -14.73 26.66 44.15
N GLY C 59 -15.62 25.69 43.93
CA GLY C 59 -16.47 25.67 42.76
C GLY C 59 -16.08 24.67 41.69
N VAL C 60 -14.90 24.05 41.79
CA VAL C 60 -14.46 23.08 40.81
C VAL C 60 -14.05 21.81 41.54
N ASN C 61 -14.04 20.70 40.80
CA ASN C 61 -13.64 19.42 41.36
C ASN C 61 -12.67 18.64 40.48
N HIS C 62 -12.26 19.20 39.34
CA HIS C 62 -11.24 18.55 38.52
C HIS C 62 -10.42 19.62 37.81
N GLU C 63 -9.35 19.17 37.15
CA GLU C 63 -8.37 20.07 36.55
C GLU C 63 -8.80 20.62 35.19
N PHE C 64 -9.86 20.09 34.60
CA PHE C 64 -10.26 20.44 33.25
C PHE C 64 -11.54 21.28 33.26
N ALA C 65 -11.68 22.13 34.27
CA ALA C 65 -12.84 22.99 34.43
C ALA C 65 -12.42 24.46 34.29
N THR C 66 -13.43 25.32 34.33
CA THR C 66 -13.22 26.76 34.27
C THR C 66 -14.14 27.42 35.28
N ILE C 67 -13.78 28.61 35.71
CA ILE C 67 -14.57 29.42 36.63
C ILE C 67 -15.11 30.62 35.84
N PRO C 68 -16.40 30.93 35.94
CA PRO C 68 -16.93 32.08 35.22
C PRO C 68 -16.31 33.38 35.73
N GLY C 69 -15.84 34.20 34.79
CA GLY C 69 -15.22 35.46 35.11
C GLY C 69 -13.73 35.40 35.38
N VAL C 70 -13.14 34.21 35.40
CA VAL C 70 -11.71 34.03 35.62
C VAL C 70 -11.05 33.78 34.27
N ARG C 71 -10.07 34.61 33.93
CA ARG C 71 -9.43 34.52 32.62
C ARG C 71 -8.73 33.19 32.41
N GLU C 72 -8.16 32.61 33.46
CA GLU C 72 -7.40 31.39 33.35
C GLU C 72 -8.27 30.19 33.69
N ASP C 73 -7.94 29.05 33.08
CA ASP C 73 -8.64 27.82 33.35
C ASP C 73 -7.98 27.14 34.54
N VAL C 74 -8.70 26.19 35.15
CA VAL C 74 -8.22 25.56 36.36
C VAL C 74 -6.81 25.01 36.17
N LEU C 75 -6.56 24.37 35.02
CA LEU C 75 -5.24 23.76 34.82
C LEU C 75 -4.14 24.82 34.75
N ASP C 76 -4.44 26.01 34.22
CA ASP C 76 -3.44 27.08 34.21
C ASP C 76 -3.22 27.64 35.61
N ILE C 77 -4.28 27.74 36.40
CA ILE C 77 -4.13 28.19 37.79
C ILE C 77 -3.29 27.19 38.58
N LEU C 78 -3.52 25.90 38.35
CA LEU C 78 -2.69 24.89 39.00
C LEU C 78 -1.24 24.99 38.57
N LEU C 79 -1.00 25.20 37.27
CA LEU C 79 0.38 25.31 36.79
C LEU C 79 1.05 26.59 37.26
N ASN C 80 0.29 27.61 37.63
CA ASN C 80 0.87 28.81 38.21
C ASN C 80 1.11 28.69 39.71
N VAL C 81 0.18 28.04 40.43
CA VAL C 81 0.35 27.82 41.85
C VAL C 81 1.48 26.82 42.12
N ARG C 82 1.64 25.83 41.24
CA ARG C 82 2.69 24.83 41.46
C ARG C 82 4.08 25.45 41.41
N GLU C 83 4.23 26.61 40.77
CA GLU C 83 5.52 27.27 40.65
C GLU C 83 5.65 28.41 41.65
N LEU C 84 4.78 28.45 42.66
CA LEU C 84 4.84 29.50 43.66
C LEU C 84 5.89 29.10 44.68
N VAL C 85 6.86 29.97 44.91
CA VAL C 85 7.96 29.66 45.82
C VAL C 85 7.58 30.12 47.22
N VAL C 86 7.75 29.23 48.19
CA VAL C 86 7.41 29.50 49.59
C VAL C 86 8.50 28.90 50.46
N HIS C 87 8.65 29.45 51.66
CA HIS C 87 9.59 28.93 52.63
C HIS C 87 8.89 28.80 53.98
N ALA C 88 8.85 27.58 54.49
CA ALA C 88 8.18 27.28 55.74
C ALA C 88 9.19 27.20 56.87
N HIS C 89 8.74 27.53 58.07
CA HIS C 89 9.55 27.44 59.27
C HIS C 89 9.18 26.28 60.17
N SER C 90 7.91 25.89 60.18
CA SER C 90 7.46 24.71 60.92
C SER C 90 7.56 23.47 60.04
N PRO C 91 8.00 22.36 60.61
CA PRO C 91 8.15 21.11 59.84
C PRO C 91 6.84 20.33 59.70
N GLN C 92 5.77 21.02 59.35
CA GLN C 92 4.47 20.43 59.13
C GLN C 92 3.86 21.05 57.89
N PRO C 93 2.94 20.34 57.23
CA PRO C 93 2.18 20.97 56.14
C PRO C 93 1.35 22.13 56.65
N GLN C 94 1.19 23.14 55.80
CA GLN C 94 0.38 24.30 56.15
C GLN C 94 -0.66 24.56 55.08
N ILE C 95 -1.72 25.26 55.49
CA ILE C 95 -2.83 25.63 54.61
C ILE C 95 -2.85 27.15 54.48
N GLY C 96 -2.79 27.63 53.25
CA GLY C 96 -2.91 29.05 52.94
C GLY C 96 -4.21 29.31 52.22
N ARG C 97 -4.84 30.43 52.53
CA ARG C 97 -6.16 30.75 52.02
C ARG C 97 -6.11 31.99 51.14
N LEU C 98 -6.82 31.94 50.02
CA LEU C 98 -6.90 33.07 49.09
C LEU C 98 -8.36 33.26 48.72
N ARG C 99 -8.80 34.53 48.72
CA ARG C 99 -10.13 34.84 48.23
C ARG C 99 -10.10 36.25 47.63
N VAL C 100 -10.25 36.33 46.32
CA VAL C 100 -10.24 37.61 45.62
C VAL C 100 -11.56 37.76 44.89
N VAL C 101 -12.04 38.99 44.79
CA VAL C 101 -13.35 39.28 44.22
C VAL C 101 -13.21 40.46 43.26
N GLY C 102 -14.02 40.44 42.20
CA GLY C 102 -14.14 41.58 41.34
C GLY C 102 -12.97 41.73 40.39
N PRO C 103 -12.91 42.87 39.69
CA PRO C 103 -11.84 43.08 38.71
C PRO C 103 -10.50 43.18 39.39
N ALA C 104 -9.66 42.16 39.25
CA ALA C 104 -8.36 42.19 39.90
C ALA C 104 -7.41 41.23 39.21
N THR C 105 -6.13 41.43 39.43
CA THR C 105 -5.11 40.48 38.98
C THR C 105 -4.61 39.74 40.22
N VAL C 106 -5.11 38.53 40.44
CA VAL C 106 -4.74 37.77 41.61
C VAL C 106 -3.28 37.37 41.48
N THR C 107 -2.49 37.68 42.51
CA THR C 107 -1.07 37.41 42.55
C THR C 107 -0.73 36.72 43.86
N ALA C 108 0.55 36.33 43.99
CA ALA C 108 1.00 35.59 45.16
C ALA C 108 0.85 36.40 46.44
N ALA C 109 0.75 37.72 46.36
CA ALA C 109 0.55 38.53 47.54
C ALA C 109 -0.82 38.31 48.16
N ASP C 110 -1.78 37.79 47.39
CA ASP C 110 -3.13 37.56 47.88
C ASP C 110 -3.27 36.26 48.65
N VAL C 111 -2.23 35.43 48.69
CA VAL C 111 -2.25 34.20 49.48
C VAL C 111 -1.86 34.53 50.90
N ASP C 112 -2.68 34.12 51.87
CA ASP C 112 -2.43 34.38 53.27
C ASP C 112 -2.19 33.07 53.99
N PHE C 113 -0.92 32.72 54.15
CA PHE C 113 -0.55 31.59 54.98
C PHE C 113 -0.60 32.01 56.45
N GLY C 114 -0.07 31.17 57.33
CA GLY C 114 0.05 31.51 58.73
C GLY C 114 1.19 32.48 58.96
N PRO C 115 1.69 32.55 60.19
CA PRO C 115 2.89 33.34 60.48
C PRO C 115 4.19 32.58 60.22
N GLU C 116 4.11 31.31 59.82
CA GLU C 116 5.28 30.48 59.61
C GLU C 116 5.72 30.48 58.15
N VAL C 117 4.78 30.30 57.24
CA VAL C 117 5.10 30.23 55.82
C VAL C 117 5.18 31.64 55.26
N GLU C 118 6.15 31.87 54.37
CA GLU C 118 6.34 33.17 53.77
C GLU C 118 6.43 33.01 52.26
N VAL C 119 5.85 33.97 51.53
CA VAL C 119 5.91 33.99 50.08
C VAL C 119 7.15 34.77 49.66
N ILE C 120 8.02 34.14 48.87
CA ILE C 120 9.27 34.78 48.48
C ILE C 120 9.01 35.90 47.49
N ASN C 121 8.14 35.68 46.53
CA ASN C 121 7.84 36.67 45.49
C ASN C 121 6.39 37.07 45.54
N PRO C 122 6.04 38.19 46.17
CA PRO C 122 4.63 38.61 46.18
C PRO C 122 4.23 39.31 44.88
N ASN C 123 4.78 38.85 43.77
CA ASN C 123 4.43 39.35 42.44
C ASN C 123 4.21 38.20 41.46
N HIS C 124 4.21 36.96 41.94
CA HIS C 124 3.90 35.83 41.10
C HIS C 124 2.47 35.96 40.60
N TYR C 125 2.28 35.86 39.30
CA TYR C 125 0.94 35.93 38.74
C TYR C 125 0.21 34.61 38.96
N ILE C 126 -1.08 34.70 39.29
CA ILE C 126 -1.91 33.53 39.52
C ILE C 126 -3.14 33.51 38.61
N ALA C 127 -3.86 34.62 38.55
CA ALA C 127 -5.06 34.63 37.70
C ALA C 127 -5.50 36.07 37.45
N SER C 128 -6.39 36.22 36.48
CA SER C 128 -7.03 37.50 36.20
C SER C 128 -8.54 37.33 36.39
N LEU C 129 -9.11 38.11 37.31
CA LEU C 129 -10.52 38.03 37.65
C LEU C 129 -11.25 39.20 37.01
N SER C 130 -12.37 38.93 36.37
CA SER C 130 -13.24 39.95 35.80
C SER C 130 -14.22 40.44 36.85
N GLU C 131 -15.05 41.40 36.46
CA GLU C 131 -15.99 42.00 37.40
C GLU C 131 -17.05 41.00 37.81
N GLY C 132 -17.28 40.90 39.12
CA GLY C 132 -18.28 39.98 39.63
C GLY C 132 -17.82 38.56 39.79
N ALA C 133 -16.53 38.28 39.60
CA ALA C 133 -15.98 36.94 39.70
C ALA C 133 -15.18 36.80 40.98
N THR C 134 -15.37 35.67 41.67
CA THR C 134 -14.66 35.38 42.91
C THR C 134 -13.80 34.14 42.72
N LEU C 135 -12.54 34.24 43.10
CA LEU C 135 -11.60 33.13 43.10
C LEU C 135 -11.26 32.80 44.55
N GLU C 136 -11.59 31.58 44.97
CA GLU C 136 -11.37 31.13 46.34
C GLU C 136 -10.54 29.85 46.29
N MET C 137 -9.39 29.86 46.95
CA MET C 137 -8.46 28.74 46.89
C MET C 137 -7.91 28.45 48.28
N GLU C 138 -7.57 27.18 48.49
CA GLU C 138 -6.85 26.73 49.69
C GLU C 138 -5.69 25.87 49.24
N LEU C 139 -4.47 26.30 49.57
CA LEU C 139 -3.26 25.61 49.17
C LEU C 139 -2.65 24.88 50.35
N LYS C 140 -2.06 23.72 50.06
CA LYS C 140 -1.37 22.91 51.06
C LYS C 140 0.09 22.82 50.65
N VAL C 141 0.97 23.22 51.57
CA VAL C 141 2.42 23.21 51.38
C VAL C 141 3.04 22.18 52.31
N GLU C 142 4.02 21.45 51.78
CA GLU C 142 4.71 20.38 52.49
C GLU C 142 6.20 20.48 52.22
N TRP C 143 6.97 19.81 53.07
CA TRP C 143 8.41 19.68 52.88
C TRP C 143 8.73 18.45 52.05
N GLY C 144 9.84 18.50 51.34
CA GLY C 144 10.24 17.40 50.50
C GLY C 144 11.52 17.71 49.76
N THR C 145 11.90 16.82 48.85
CA THR C 145 13.12 17.00 48.10
C THR C 145 12.91 16.43 46.69
N GLY C 146 13.41 17.17 45.70
CA GLY C 146 13.31 16.70 44.33
C GLY C 146 11.91 16.77 43.78
N TYR C 147 11.66 15.96 42.76
CA TYR C 147 10.37 15.90 42.10
C TYR C 147 9.56 14.73 42.65
N ARG C 148 8.38 15.04 43.17
CA ARG C 148 7.47 14.04 43.72
C ARG C 148 6.26 13.93 42.81
N ALA C 149 6.01 12.71 42.32
CA ALA C 149 4.89 12.42 41.44
C ALA C 149 3.65 12.05 42.25
N ILE C 150 2.48 12.41 41.72
CA ILE C 150 1.24 12.16 42.43
C ILE C 150 1.08 10.66 42.68
N ASP C 151 0.54 10.32 43.85
CA ASP C 151 0.33 8.93 44.22
C ASP C 151 -1.14 8.52 44.19
N ARG C 152 -2.03 9.42 43.79
CA ARG C 152 -3.47 9.19 43.65
C ARG C 152 -4.06 8.15 44.61
N ALA C 159 -8.99 15.70 53.00
CA ALA C 159 -8.30 15.16 51.83
C ALA C 159 -9.27 14.96 50.68
N LEU C 160 -10.42 15.62 50.77
CA LEU C 160 -11.48 15.51 49.77
C LEU C 160 -11.58 16.81 48.99
N ASP C 161 -11.58 16.69 47.66
CA ASP C 161 -11.73 17.78 46.68
C ASP C 161 -10.45 18.59 46.51
N PHE C 162 -9.35 18.16 47.13
CA PHE C 162 -8.05 18.82 46.97
C PHE C 162 -7.37 18.25 45.73
N LEU C 163 -7.00 19.14 44.80
CA LEU C 163 -6.35 18.70 43.57
C LEU C 163 -4.85 18.56 43.82
N GLN C 164 -4.35 17.33 43.69
CA GLN C 164 -2.94 17.05 43.92
C GLN C 164 -2.08 17.62 42.80
N LEU C 165 -0.85 17.98 43.14
CA LEU C 165 0.10 18.54 42.20
C LEU C 165 1.38 17.71 42.23
N ASP C 166 2.04 17.61 41.07
CA ASP C 166 3.34 16.98 40.99
C ASP C 166 4.38 17.93 41.57
N ALA C 167 4.69 17.75 42.85
CA ALA C 167 5.43 18.78 43.57
C ALA C 167 6.90 18.79 43.17
N VAL C 168 7.50 19.96 43.21
CA VAL C 168 8.91 20.15 42.87
C VAL C 168 9.56 20.92 44.01
N PHE C 169 10.21 20.20 44.93
CA PHE C 169 10.95 20.80 46.04
C PHE C 169 12.41 20.91 45.63
N MET C 170 12.72 21.96 44.86
CA MET C 170 14.07 22.20 44.35
C MET C 170 14.44 23.64 44.67
N PRO C 171 14.90 23.90 45.90
CA PRO C 171 15.23 25.28 46.29
C PRO C 171 16.41 25.87 45.54
N VAL C 172 17.25 25.06 44.92
CA VAL C 172 18.42 25.53 44.18
C VAL C 172 18.19 25.23 42.71
N ARG C 173 18.33 26.24 41.87
CA ARG C 173 18.00 26.08 40.46
C ARG C 173 19.20 25.97 39.55
N ARG C 174 20.36 26.53 39.91
CA ARG C 174 21.51 26.32 39.05
C ARG C 174 22.81 26.40 39.84
N VAL C 175 23.69 25.42 39.66
CA VAL C 175 25.00 25.42 40.31
C VAL C 175 26.07 25.30 39.23
N ASN C 176 27.10 26.13 39.34
CA ASN C 176 28.23 26.11 38.43
C ASN C 176 29.50 26.21 39.26
N TYR C 177 30.61 25.69 38.75
CA TYR C 177 31.88 25.83 39.44
C TYR C 177 33.03 25.76 38.44
N SER C 178 34.14 26.37 38.81
CA SER C 178 35.33 26.36 37.98
C SER C 178 36.56 26.35 38.88
N VAL C 179 37.50 25.46 38.58
CA VAL C 179 38.74 25.34 39.34
C VAL C 179 39.82 26.11 38.58
N GLU C 180 40.41 27.09 39.23
CA GLU C 180 41.49 27.92 38.67
C GLU C 180 42.81 27.61 39.37
N ASP C 181 43.90 27.90 38.67
CA ASP C 181 45.22 27.71 39.24
C ASP C 181 45.56 28.91 40.11
N ALA C 182 45.83 28.65 41.39
CA ALA C 182 46.19 29.70 42.34
C ALA C 182 47.65 29.60 42.78
N ARG C 183 48.54 29.17 41.88
CA ARG C 183 49.97 29.04 42.17
C ARG C 183 50.52 30.28 42.88
N THR C 188 54.92 24.16 44.04
CA THR C 188 53.68 23.44 44.33
C THR C 188 52.51 24.06 43.58
N ALA C 189 51.62 23.22 43.06
CA ALA C 189 50.43 23.69 42.34
C ALA C 189 49.21 23.53 43.22
N ILE C 190 48.45 24.61 43.36
CA ILE C 190 47.28 24.66 44.22
C ILE C 190 46.05 25.00 43.38
N ASP C 191 44.87 24.69 43.91
CA ASP C 191 43.62 24.89 43.19
C ASP C 191 42.71 25.82 43.97
N ARG C 192 42.04 26.72 43.24
CA ARG C 192 41.05 27.63 43.79
C ARG C 192 39.71 27.35 43.15
N LEU C 193 38.75 26.91 43.95
CA LEU C 193 37.41 26.59 43.44
C LEU C 193 36.54 27.84 43.51
N VAL C 194 35.84 28.14 42.42
CA VAL C 194 34.88 29.22 42.37
C VAL C 194 33.52 28.59 42.13
N LEU C 195 32.59 28.79 43.08
CA LEU C 195 31.30 28.13 43.07
C LEU C 195 30.19 29.17 43.02
N GLU C 196 29.33 29.07 42.01
CA GLU C 196 28.21 29.99 41.81
C GLU C 196 26.92 29.23 42.01
N VAL C 197 26.03 29.77 42.84
CA VAL C 197 24.77 29.13 43.18
C VAL C 197 23.66 30.12 42.88
N TRP C 198 22.64 29.65 42.16
CA TRP C 198 21.40 30.38 41.94
C TRP C 198 20.29 29.61 42.61
N THR C 199 19.61 30.25 43.56
CA THR C 199 18.47 29.71 44.26
C THR C 199 17.22 30.51 43.89
N ASN C 200 16.06 29.94 44.23
CA ASN C 200 14.78 30.57 43.95
C ASN C 200 14.36 31.59 45.01
N GLY C 201 15.21 31.86 46.00
CA GLY C 201 14.91 32.81 47.04
C GLY C 201 14.41 32.21 48.33
N SER C 202 14.07 30.92 48.34
CA SER C 202 13.60 30.30 49.58
C SER C 202 14.69 30.37 50.65
N LEU C 203 15.91 30.02 50.27
CA LEU C 203 17.05 30.03 51.18
C LEU C 203 18.21 30.70 50.46
N SER C 204 19.04 31.40 51.24
CA SER C 204 20.14 32.13 50.67
C SER C 204 21.16 31.15 50.07
N PRO C 205 21.97 31.62 49.12
CA PRO C 205 23.02 30.73 48.58
C PRO C 205 23.96 30.25 49.64
N GLN C 206 24.20 31.06 50.69
CA GLN C 206 25.13 30.65 51.74
C GLN C 206 24.52 29.57 52.60
N GLU C 207 23.20 29.48 52.64
CA GLU C 207 22.56 28.50 53.50
C GLU C 207 22.31 27.22 52.75
N ALA C 208 22.38 27.27 51.43
CA ALA C 208 22.29 26.08 50.62
C ALA C 208 23.67 25.46 50.52
N LEU C 209 24.70 26.30 50.43
CA LEU C 209 26.06 25.78 50.51
C LEU C 209 26.30 25.13 51.88
N SER C 210 25.84 25.78 52.95
CA SER C 210 25.99 25.19 54.29
C SER C 210 25.23 23.86 54.41
N GLN C 211 24.01 23.80 53.89
CA GLN C 211 23.25 22.56 54.00
C GLN C 211 23.86 21.45 53.15
N ALA C 212 24.38 21.79 51.96
CA ALA C 212 25.06 20.80 51.14
C ALA C 212 26.31 20.26 51.81
N ALA C 213 27.10 21.15 52.41
CA ALA C 213 28.29 20.70 53.13
C ALA C 213 27.92 19.82 54.31
N SER C 214 26.84 20.17 55.03
CA SER C 214 26.40 19.34 56.14
C SER C 214 25.98 17.97 55.66
N CYS C 215 25.25 17.90 54.54
CA CYS C 215 24.85 16.61 53.99
C CYS C 215 26.07 15.78 53.59
N LEU C 216 27.06 16.40 52.96
CA LEU C 216 28.26 15.66 52.58
C LEU C 216 29.03 15.16 53.80
N VAL C 217 29.16 16.00 54.83
CA VAL C 217 29.87 15.59 56.03
C VAL C 217 29.16 14.42 56.72
N ALA C 218 27.83 14.50 56.82
CA ALA C 218 27.08 13.38 57.38
C ALA C 218 27.13 12.16 56.48
N LEU C 219 27.37 12.34 55.20
CA LEU C 219 27.46 11.22 54.27
C LEU C 219 28.77 10.47 54.43
N PHE C 220 29.88 11.20 54.58
CA PHE C 220 31.19 10.57 54.69
C PHE C 220 31.61 10.31 56.13
N GLU C 221 30.82 10.73 57.12
CA GLU C 221 31.17 10.44 58.51
C GLU C 221 31.15 8.96 58.84
N PRO C 222 30.13 8.17 58.47
CA PRO C 222 30.13 6.75 58.84
C PRO C 222 31.27 5.94 58.26
N LEU C 223 31.92 6.43 57.21
CA LEU C 223 33.05 5.73 56.61
C LEU C 223 34.37 6.15 57.22
N LYS C 224 34.36 7.06 58.19
CA LYS C 224 35.59 7.62 58.71
C LYS C 224 36.35 6.59 59.55
N ASN C 225 35.65 5.88 60.43
CA ASN C 225 36.34 4.94 61.31
C ASN C 225 35.61 3.62 61.52
N VAL C 226 34.47 3.40 60.86
CA VAL C 226 33.79 2.12 61.02
C VAL C 226 34.59 1.00 60.36
N SER C 227 35.13 1.26 59.18
CA SER C 227 35.91 0.26 58.46
C SER C 227 37.33 0.16 59.00
N THR D 2 21.49 7.78 56.94
CA THR D 2 21.54 6.61 57.82
C THR D 2 21.69 5.33 57.03
N PHE D 3 22.92 4.83 56.93
CA PHE D 3 23.23 3.66 56.14
C PHE D 3 24.23 2.80 56.90
N GLN D 4 24.56 1.65 56.34
CA GLN D 4 25.47 0.71 56.98
C GLN D 4 26.49 0.21 55.96
N VAL D 5 27.77 0.42 56.25
CA VAL D 5 28.85 -0.06 55.42
C VAL D 5 29.25 -1.46 55.89
N GLU D 6 29.31 -2.41 54.96
CA GLU D 6 29.66 -3.79 55.30
C GLU D 6 30.67 -4.32 54.30
N CYS D 7 31.83 -4.74 54.80
CA CYS D 7 32.85 -5.36 53.95
C CYS D 7 32.38 -6.76 53.57
N VAL D 8 31.95 -6.90 52.32
CA VAL D 8 31.46 -8.19 51.83
C VAL D 8 32.60 -9.18 51.63
N GLU D 9 33.77 -8.71 51.20
CA GLU D 9 34.87 -9.62 50.89
C GLU D 9 36.20 -8.94 51.15
N SER D 10 37.19 -9.74 51.55
CA SER D 10 38.55 -9.28 51.76
C SER D 10 39.51 -10.39 51.37
N ARG D 11 40.61 -10.01 50.70
CA ARG D 11 41.57 -10.98 50.21
C ARG D 11 42.98 -10.42 50.40
N THR D 12 43.96 -11.34 50.42
CA THR D 12 45.37 -10.99 50.47
C THR D 12 46.09 -11.78 49.38
N GLU D 13 46.17 -11.20 48.19
CA GLU D 13 46.81 -11.84 47.05
C GLU D 13 48.25 -12.19 47.38
N ALA D 14 48.80 -13.14 46.61
CA ALA D 14 50.14 -13.64 46.87
C ALA D 14 51.18 -12.53 46.90
N ASP D 15 51.08 -11.57 45.98
CA ASP D 15 52.00 -10.43 45.92
C ASP D 15 51.85 -9.50 47.12
N GLN D 16 51.10 -9.91 48.14
CA GLN D 16 50.80 -9.16 49.36
C GLN D 16 49.89 -7.97 49.11
N GLY D 17 49.33 -7.86 47.90
CA GLY D 17 48.38 -6.83 47.56
C GLY D 17 47.00 -7.18 48.05
N GLN D 18 46.41 -6.35 48.90
CA GLN D 18 45.12 -6.67 49.50
C GLN D 18 43.98 -6.19 48.60
N TYR D 19 42.82 -6.82 48.79
CA TYR D 19 41.61 -6.46 48.06
C TYR D 19 40.43 -6.43 49.02
N GLY D 20 39.47 -5.57 48.73
CA GLY D 20 38.28 -5.47 49.57
C GLY D 20 37.11 -4.96 48.77
N ARG D 21 35.91 -5.37 49.18
CA ARG D 21 34.67 -4.92 48.58
C ARG D 21 33.72 -4.51 49.68
N PHE D 22 33.09 -3.35 49.53
CA PHE D 22 32.21 -2.79 50.55
C PHE D 22 30.85 -2.50 49.94
N SER D 23 29.80 -2.80 50.70
CA SER D 23 28.42 -2.46 50.34
C SER D 23 27.93 -1.37 51.28
N ILE D 24 27.50 -0.25 50.70
CA ILE D 24 27.03 0.91 51.43
C ILE D 24 25.57 1.17 51.01
N GLU D 25 24.66 1.11 51.98
CA GLU D 25 23.24 1.23 51.68
C GLU D 25 22.46 1.46 52.96
N PRO D 26 21.30 2.13 52.91
CA PRO D 26 20.63 2.70 51.73
C PRO D 26 21.09 4.12 51.44
N LEU D 27 21.31 4.42 50.17
CA LEU D 27 21.65 5.77 49.72
C LEU D 27 20.54 6.32 48.85
N ALA D 28 20.33 7.63 48.94
CA ALA D 28 19.33 8.29 48.12
C ALA D 28 19.76 8.27 46.66
N ARG D 29 18.82 8.56 45.77
CA ARG D 29 19.10 8.49 44.34
C ARG D 29 20.10 9.57 43.97
N GLY D 30 21.18 9.17 43.30
CA GLY D 30 22.23 10.07 42.93
C GLY D 30 23.36 10.16 43.92
N GLN D 31 23.15 9.74 45.17
CA GLN D 31 24.21 9.78 46.16
C GLN D 31 25.20 8.64 45.98
N GLY D 32 24.79 7.53 45.38
CA GLY D 32 25.74 6.46 45.13
C GLY D 32 26.87 6.92 44.23
N THR D 33 26.52 7.60 43.13
CA THR D 33 27.55 8.11 42.23
C THR D 33 28.39 9.18 42.91
N THR D 34 27.75 10.07 43.69
CA THR D 34 28.50 11.11 44.39
C THR D 34 29.54 10.51 45.32
N VAL D 35 29.12 9.59 46.18
CA VAL D 35 30.03 8.99 47.15
C VAL D 35 31.09 8.18 46.43
N GLY D 36 30.71 7.38 45.45
CA GLY D 36 31.67 6.55 44.75
C GLY D 36 32.74 7.36 44.05
N ASN D 37 32.33 8.40 43.31
CA ASN D 37 33.31 9.20 42.58
C ASN D 37 34.21 10.00 43.51
N ALA D 38 33.64 10.60 44.57
CA ALA D 38 34.47 11.35 45.51
C ALA D 38 35.47 10.44 46.19
N LEU D 39 35.01 9.27 46.65
CA LEU D 39 35.92 8.32 47.29
C LEU D 39 36.98 7.85 46.33
N ARG D 40 36.63 7.57 45.08
CA ARG D 40 37.61 7.09 44.11
C ARG D 40 38.68 8.14 43.87
N ARG D 41 38.27 9.40 43.68
CA ARG D 41 39.26 10.44 43.43
C ARG D 41 40.19 10.61 44.63
N VAL D 42 39.63 10.64 45.83
CA VAL D 42 40.46 10.85 47.02
C VAL D 42 41.38 9.65 47.25
N LEU D 43 40.87 8.43 47.11
CA LEU D 43 41.69 7.24 47.31
C LEU D 43 42.84 7.19 46.32
N LEU D 44 42.55 7.44 45.04
CA LEU D 44 43.57 7.26 44.02
C LEU D 44 44.50 8.45 43.89
N SER D 45 44.16 9.61 44.44
CA SER D 45 44.98 10.80 44.23
C SER D 45 45.45 11.50 45.50
N ASN D 46 44.83 11.27 46.65
CA ASN D 46 45.08 12.10 47.82
C ASN D 46 45.37 11.29 49.07
N LEU D 47 46.02 10.13 48.92
CA LEU D 47 46.49 9.34 50.03
C LEU D 47 48.01 9.31 50.03
N GLU D 48 48.61 9.37 51.21
CA GLU D 48 50.05 9.41 51.33
C GLU D 48 50.63 8.00 51.35
N GLY D 49 51.84 7.87 50.81
CA GLY D 49 52.53 6.61 50.77
C GLY D 49 53.99 6.84 50.49
N THR D 50 54.75 5.75 50.51
CA THR D 50 56.19 5.78 50.33
C THR D 50 56.58 4.94 49.13
N ALA D 51 57.59 5.41 48.40
CA ALA D 51 58.09 4.68 47.25
C ALA D 51 59.55 5.06 47.03
N VAL D 52 60.26 4.22 46.28
CA VAL D 52 61.66 4.47 45.96
C VAL D 52 61.72 5.63 44.98
N THR D 53 62.30 6.74 45.42
CA THR D 53 62.35 7.95 44.60
C THR D 53 63.61 8.02 43.75
N ALA D 54 64.75 7.62 44.31
CA ALA D 54 66.01 7.61 43.58
C ALA D 54 66.80 6.38 43.97
N VAL D 55 67.74 6.01 43.10
CA VAL D 55 68.57 4.84 43.33
C VAL D 55 69.94 5.10 42.72
N ARG D 56 70.97 4.57 43.37
CA ARG D 56 72.35 4.63 42.89
C ARG D 56 72.90 3.22 42.81
N ILE D 57 73.49 2.88 41.68
CA ILE D 57 74.03 1.54 41.43
C ILE D 57 75.51 1.68 41.18
N GLY D 58 76.30 0.83 41.85
CA GLY D 58 77.74 0.88 41.69
C GLY D 58 78.21 0.19 40.44
N GLY D 59 78.75 0.98 39.50
CA GLY D 59 79.24 0.46 38.24
C GLY D 59 78.55 1.01 37.02
N VAL D 60 77.59 1.92 37.16
CA VAL D 60 76.80 2.45 36.06
C VAL D 60 76.61 3.94 36.28
N ASN D 61 76.14 4.62 35.24
CA ASN D 61 75.90 6.06 35.33
C ASN D 61 74.69 6.52 34.53
N HIS D 62 73.98 5.63 33.84
CA HIS D 62 72.86 6.03 32.99
C HIS D 62 71.86 4.90 32.95
N GLU D 63 70.61 5.25 32.60
CA GLU D 63 69.53 4.27 32.59
C GLU D 63 69.78 3.15 31.58
N PHE D 64 70.41 3.46 30.44
CA PHE D 64 70.66 2.46 29.42
C PHE D 64 72.09 1.94 29.55
N ALA D 65 72.32 1.16 30.61
CA ALA D 65 73.64 0.61 30.89
C ALA D 65 73.47 -0.79 31.48
N THR D 66 74.56 -1.55 31.42
CA THR D 66 74.57 -2.94 31.85
C THR D 66 75.48 -3.11 33.07
N ILE D 67 75.27 -4.21 33.79
CA ILE D 67 76.07 -4.56 34.94
C ILE D 67 76.63 -5.96 34.72
N PRO D 68 77.96 -6.13 34.68
CA PRO D 68 78.55 -7.45 34.42
C PRO D 68 78.06 -8.49 35.41
N GLY D 69 77.56 -9.60 34.88
CA GLY D 69 77.10 -10.71 35.70
C GLY D 69 75.66 -10.62 36.15
N VAL D 70 75.00 -9.50 35.90
CA VAL D 70 73.61 -9.29 36.30
C VAL D 70 72.76 -9.47 35.06
N ARG D 71 71.89 -10.49 35.08
CA ARG D 71 71.04 -10.82 33.93
C ARG D 71 70.35 -9.57 33.38
N GLU D 72 69.79 -8.75 34.26
CA GLU D 72 69.07 -7.57 33.83
C GLU D 72 70.05 -6.41 33.63
N ASP D 73 69.57 -5.39 32.94
CA ASP D 73 70.34 -4.15 32.82
C ASP D 73 69.78 -3.13 33.80
N VAL D 74 70.28 -1.90 33.70
CA VAL D 74 69.85 -0.85 34.63
C VAL D 74 68.36 -0.58 34.47
N LEU D 75 67.87 -0.56 33.22
CA LEU D 75 66.46 -0.25 32.99
C LEU D 75 65.54 -1.30 33.61
N ASP D 76 65.87 -2.58 33.45
CA ASP D 76 65.04 -3.62 34.02
C ASP D 76 65.04 -3.56 35.53
N ILE D 77 66.19 -3.28 36.14
CA ILE D 77 66.26 -3.17 37.59
C ILE D 77 65.46 -1.97 38.06
N LEU D 78 65.53 -0.86 37.34
CA LEU D 78 64.76 0.32 37.69
C LEU D 78 63.27 0.03 37.63
N LEU D 79 62.82 -0.67 36.59
CA LEU D 79 61.40 -1.02 36.52
C LEU D 79 61.02 -2.02 37.60
N ASN D 80 61.93 -2.92 37.99
CA ASN D 80 61.61 -3.87 39.04
C ASN D 80 61.62 -3.24 40.41
N VAL D 81 62.26 -2.08 40.55
CA VAL D 81 62.35 -1.40 41.82
C VAL D 81 61.28 -0.31 41.93
N ARG D 82 60.78 0.21 40.81
CA ARG D 82 59.70 1.19 40.85
C ARG D 82 58.41 0.59 41.36
N GLU D 83 58.26 -0.73 41.28
CA GLU D 83 57.08 -1.41 41.80
C GLU D 83 57.35 -2.10 43.12
N LEU D 84 58.52 -1.87 43.71
CA LEU D 84 58.80 -2.37 45.05
C LEU D 84 57.98 -1.57 46.06
N VAL D 85 57.27 -2.27 46.93
CA VAL D 85 56.33 -1.65 47.86
C VAL D 85 56.99 -1.58 49.22
N VAL D 86 57.09 -0.36 49.75
CA VAL D 86 57.67 -0.10 51.06
C VAL D 86 56.70 0.77 51.85
N HIS D 87 56.86 0.71 53.17
CA HIS D 87 56.02 1.50 54.08
C HIS D 87 56.89 2.02 55.20
N ALA D 88 56.99 3.35 55.30
CA ALA D 88 57.86 3.99 56.27
C ALA D 88 57.05 4.46 57.46
N HIS D 89 57.64 4.38 58.64
CA HIS D 89 57.03 4.81 59.88
C HIS D 89 57.47 6.20 60.32
N SER D 90 58.33 6.85 59.55
CA SER D 90 58.82 8.17 59.91
C SER D 90 58.69 9.14 58.74
N PRO D 91 58.39 10.40 59.01
CA PRO D 91 58.25 11.39 57.93
C PRO D 91 59.58 11.78 57.31
N GLN D 92 60.65 11.11 57.71
CA GLN D 92 61.97 11.46 57.20
C GLN D 92 62.38 10.50 56.10
N PRO D 93 62.94 11.02 55.01
CA PRO D 93 63.41 10.13 53.92
C PRO D 93 64.44 9.15 54.46
N GLN D 94 64.38 7.93 53.95
CA GLN D 94 65.27 6.87 54.41
C GLN D 94 66.12 6.35 53.26
N ILE D 95 67.24 5.72 53.61
CA ILE D 95 68.17 5.14 52.64
C ILE D 95 68.39 3.67 52.98
N GLY D 96 68.18 2.81 52.00
CA GLY D 96 68.42 1.39 52.13
C GLY D 96 69.63 0.99 51.31
N ARG D 97 70.31 -0.08 51.72
CA ARG D 97 71.54 -0.51 51.07
C ARG D 97 71.48 -1.99 50.76
N LEU D 98 71.71 -2.34 49.50
CA LEU D 98 71.81 -3.73 49.07
C LEU D 98 73.25 -4.02 48.68
N ARG D 99 73.74 -5.21 49.01
CA ARG D 99 75.09 -5.60 48.60
C ARG D 99 75.18 -7.11 48.42
N VAL D 100 74.20 -7.71 47.74
CA VAL D 100 74.28 -9.14 47.47
C VAL D 100 75.48 -9.43 46.58
N VAL D 101 75.94 -10.69 46.62
CA VAL D 101 77.13 -11.10 45.88
C VAL D 101 76.97 -12.56 45.45
N GLY D 102 77.70 -12.95 44.41
CA GLY D 102 77.75 -14.31 43.95
C GLY D 102 76.47 -14.76 43.28
N PRO D 103 76.38 -16.04 42.94
CA PRO D 103 75.13 -16.59 42.41
C PRO D 103 74.00 -16.35 43.41
N ALA D 104 72.92 -15.72 42.94
CA ALA D 104 71.85 -15.36 43.85
C ALA D 104 70.69 -14.78 43.05
N THR D 105 69.50 -14.84 43.66
CA THR D 105 68.34 -14.16 43.10
C THR D 105 68.05 -13.00 44.05
N VAL D 106 68.29 -11.78 43.57
CA VAL D 106 68.15 -10.59 44.39
C VAL D 106 66.68 -10.24 44.44
N THR D 107 66.11 -10.29 45.65
CA THR D 107 64.73 -9.96 45.93
C THR D 107 64.68 -8.79 46.91
N ALA D 108 63.46 -8.43 47.29
CA ALA D 108 63.27 -7.28 48.17
C ALA D 108 63.85 -7.50 49.55
N ALA D 109 63.94 -8.75 50.01
CA ALA D 109 64.44 -9.02 51.35
C ALA D 109 65.91 -8.66 51.51
N ASP D 110 66.66 -8.60 50.42
CA ASP D 110 68.08 -8.29 50.51
C ASP D 110 68.36 -6.83 50.79
N VAL D 111 67.36 -5.96 50.71
CA VAL D 111 67.56 -4.53 50.95
C VAL D 111 67.62 -4.28 52.44
N ASP D 112 68.70 -3.64 52.89
CA ASP D 112 68.91 -3.39 54.32
C ASP D 112 68.36 -2.01 54.69
N PHE D 113 67.03 -1.94 54.69
CA PHE D 113 66.36 -0.74 55.17
C PHE D 113 66.52 -0.61 56.68
N GLY D 114 66.20 0.57 57.20
CA GLY D 114 66.24 0.79 58.61
C GLY D 114 65.08 0.09 59.30
N PRO D 115 65.06 0.18 60.63
CA PRO D 115 63.93 -0.40 61.38
C PRO D 115 62.60 0.27 61.08
N GLU D 116 62.63 1.49 60.54
CA GLU D 116 61.42 2.25 60.31
C GLU D 116 60.78 2.00 58.95
N VAL D 117 61.40 1.18 58.11
CA VAL D 117 60.89 0.89 56.77
C VAL D 117 60.57 -0.60 56.69
N GLU D 118 59.35 -0.91 56.28
CA GLU D 118 58.88 -2.29 56.15
C GLU D 118 58.64 -2.60 54.68
N VAL D 119 59.27 -3.65 54.18
CA VAL D 119 59.05 -4.12 52.82
C VAL D 119 57.84 -5.04 52.85
N ILE D 120 56.80 -4.66 52.10
CA ILE D 120 55.53 -5.40 52.18
C ILE D 120 55.68 -6.78 51.59
N ASN D 121 56.29 -6.89 50.42
CA ASN D 121 56.50 -8.19 49.80
C ASN D 121 57.95 -8.58 49.99
N PRO D 122 58.27 -9.54 50.85
CA PRO D 122 59.69 -9.84 51.13
C PRO D 122 60.38 -10.56 50.00
N ASN D 123 59.65 -11.18 49.08
CA ASN D 123 60.25 -11.88 47.94
C ASN D 123 59.68 -11.23 46.68
N HIS D 124 60.33 -10.14 46.27
CA HIS D 124 59.95 -9.36 45.10
C HIS D 124 61.15 -9.32 44.19
N TYR D 125 61.04 -9.93 43.01
CA TYR D 125 62.19 -10.10 42.14
C TYR D 125 62.80 -8.77 41.75
N ILE D 126 64.11 -8.65 41.91
CA ILE D 126 64.85 -7.45 41.60
C ILE D 126 65.91 -7.72 40.54
N ALA D 127 66.66 -8.80 40.68
CA ALA D 127 67.71 -9.13 39.71
C ALA D 127 68.15 -10.57 39.93
N SER D 128 69.00 -11.06 39.04
CA SER D 128 69.54 -12.41 39.16
C SER D 128 71.05 -12.35 38.91
N LEU D 129 71.83 -12.51 39.97
CA LEU D 129 73.28 -12.44 39.88
C LEU D 129 73.87 -13.81 39.58
N SER D 130 74.88 -13.82 38.72
CA SER D 130 75.59 -15.03 38.33
C SER D 130 76.83 -15.21 39.22
N GLU D 131 77.71 -16.13 38.83
CA GLU D 131 78.94 -16.37 39.57
C GLU D 131 79.83 -15.13 39.50
N GLY D 132 80.44 -14.80 40.64
CA GLY D 132 81.38 -13.69 40.70
C GLY D 132 80.79 -12.35 40.32
N ALA D 133 79.54 -12.10 40.71
CA ALA D 133 78.88 -10.82 40.47
C ALA D 133 78.46 -10.22 41.80
N THR D 134 78.67 -8.91 41.94
CA THR D 134 78.28 -8.19 43.15
C THR D 134 77.43 -7.00 42.76
N LEU D 135 76.21 -6.96 43.30
CA LEU D 135 75.27 -5.87 43.04
C LEU D 135 75.26 -4.94 44.24
N GLU D 136 75.76 -3.72 44.05
CA GLU D 136 75.81 -2.71 45.09
C GLU D 136 74.77 -1.65 44.79
N MET D 137 73.80 -1.47 45.68
CA MET D 137 72.64 -0.65 45.38
C MET D 137 72.29 0.22 46.59
N GLU D 138 71.82 1.44 46.31
CA GLU D 138 71.40 2.38 47.34
C GLU D 138 70.06 2.98 46.94
N LEU D 139 69.05 2.80 47.78
CA LEU D 139 67.69 3.20 47.45
C LEU D 139 67.23 4.29 48.40
N LYS D 140 66.51 5.28 47.89
CA LYS D 140 66.00 6.38 48.69
C LYS D 140 64.48 6.34 48.71
N VAL D 141 63.92 6.46 49.91
CA VAL D 141 62.48 6.35 50.13
C VAL D 141 61.97 7.67 50.69
N GLU D 142 60.92 8.20 50.06
CA GLU D 142 60.32 9.48 50.40
C GLU D 142 58.83 9.32 50.59
N TRP D 143 58.19 10.38 51.06
CA TRP D 143 56.77 10.42 51.36
C TRP D 143 56.07 11.32 50.35
N GLY D 144 55.09 10.76 49.63
CA GLY D 144 54.43 11.53 48.60
C GLY D 144 53.04 10.99 48.32
N THR D 145 52.34 11.66 47.41
CA THR D 145 50.97 11.32 47.05
C THR D 145 50.85 11.27 45.53
N GLY D 146 50.26 10.21 45.02
CA GLY D 146 49.99 10.14 43.60
C GLY D 146 51.17 9.76 42.75
N TYR D 147 50.90 9.16 41.59
CA TYR D 147 51.96 8.87 40.63
C TYR D 147 52.63 10.17 40.24
N ARG D 148 53.96 10.20 40.30
CA ARG D 148 54.71 11.44 40.07
C ARG D 148 55.82 11.19 39.06
N ALA D 149 55.58 11.52 37.80
CA ALA D 149 56.62 11.40 36.80
C ALA D 149 57.70 12.46 37.01
N ILE D 150 58.90 12.14 36.52
CA ILE D 150 60.04 13.05 36.60
C ILE D 150 60.00 14.00 35.42
N ASP D 151 60.93 14.96 35.39
CA ASP D 151 61.07 15.90 34.28
C ASP D 151 61.02 15.22 32.91
N ASP D 161 74.24 11.96 40.11
CA ASP D 161 74.53 10.97 41.15
C ASP D 161 73.42 9.93 41.24
N PHE D 162 72.43 10.18 42.10
CA PHE D 162 71.31 9.29 42.24
C PHE D 162 70.43 9.35 41.00
N LEU D 163 70.01 8.19 40.50
CA LEU D 163 69.12 8.11 39.36
C LEU D 163 67.69 8.45 39.81
N GLN D 164 67.09 9.46 39.18
CA GLN D 164 65.75 9.87 39.55
C GLN D 164 64.73 8.91 38.92
N LEU D 165 63.70 8.56 39.70
CA LEU D 165 62.73 7.59 39.29
C LEU D 165 61.32 8.17 39.38
N ASP D 166 60.41 7.60 38.58
CA ASP D 166 59.00 7.97 38.57
C ASP D 166 58.28 7.12 39.61
N ALA D 167 58.33 7.58 40.85
CA ALA D 167 57.83 6.75 41.94
C ALA D 167 56.31 6.68 41.93
N VAL D 168 55.80 5.59 42.49
CA VAL D 168 54.37 5.35 42.66
C VAL D 168 54.08 5.41 44.15
N PHE D 169 53.70 6.57 44.65
CA PHE D 169 53.43 6.75 46.06
C PHE D 169 52.09 6.17 46.50
N MET D 170 51.28 5.73 45.55
CA MET D 170 49.93 5.25 45.84
C MET D 170 49.89 4.01 46.70
N PRO D 171 49.25 4.04 47.85
CA PRO D 171 49.00 2.79 48.57
C PRO D 171 47.87 2.04 47.88
N VAL D 172 46.90 2.76 47.34
CA VAL D 172 45.76 2.16 46.66
C VAL D 172 46.12 1.96 45.19
N ARG D 173 45.88 0.75 44.69
CA ARG D 173 46.24 0.41 43.33
C ARG D 173 45.08 0.63 42.36
N ARG D 174 43.88 0.22 42.74
CA ARG D 174 42.74 0.34 41.83
C ARG D 174 41.45 0.53 42.61
N VAL D 175 40.58 1.38 42.10
CA VAL D 175 39.27 1.61 42.72
C VAL D 175 38.20 1.48 41.65
N ASN D 176 37.19 0.66 41.93
CA ASN D 176 36.01 0.57 41.08
C ASN D 176 34.78 0.76 41.95
N TYR D 177 33.72 1.27 41.35
CA TYR D 177 32.47 1.35 42.09
C TYR D 177 31.31 1.13 41.14
N SER D 178 30.24 0.57 41.67
CA SER D 178 29.01 0.33 40.93
C SER D 178 27.85 0.76 41.81
N VAL D 179 26.79 1.23 41.18
CA VAL D 179 25.60 1.65 41.91
C VAL D 179 24.43 0.78 41.49
N GLU D 180 23.88 0.05 42.45
CA GLU D 180 22.74 -0.82 42.23
C GLU D 180 21.49 -0.14 42.77
N ASP D 181 20.36 -0.85 42.70
CA ASP D 181 19.09 -0.36 43.19
C ASP D 181 18.56 -1.28 44.29
N ALA D 182 18.56 -0.79 45.52
CA ALA D 182 18.07 -1.55 46.67
C ALA D 182 16.61 -1.24 46.97
N ARG D 183 15.82 -0.99 45.93
CA ARG D 183 14.42 -0.63 46.10
C ARG D 183 13.67 -1.69 46.89
N VAL D 184 12.98 -1.26 47.94
CA VAL D 184 12.14 -2.15 48.74
C VAL D 184 10.70 -1.72 48.48
N GLY D 185 9.98 -2.51 47.68
CA GLY D 185 8.63 -2.17 47.31
C GLY D 185 8.52 -1.54 45.94
N THR D 188 10.43 4.78 47.01
CA THR D 188 11.20 5.73 46.22
C THR D 188 12.32 5.04 45.47
N ALA D 189 13.30 5.82 45.03
CA ALA D 189 14.47 5.31 44.32
C ALA D 189 15.66 5.34 45.25
N ILE D 190 15.97 4.20 45.85
CA ILE D 190 17.12 4.06 46.75
C ILE D 190 18.28 3.51 45.93
N ASP D 191 19.50 3.86 46.31
CA ASP D 191 20.70 3.35 45.65
C ASP D 191 21.57 2.59 46.62
N ARG D 192 22.43 1.73 46.08
CA ARG D 192 23.39 0.97 46.87
C ARG D 192 24.76 1.06 46.20
N LEU D 193 25.78 1.39 46.97
CA LEU D 193 27.13 1.55 46.43
C LEU D 193 27.95 0.29 46.72
N VAL D 194 28.56 -0.27 45.69
CA VAL D 194 29.48 -1.39 45.82
C VAL D 194 30.85 -0.89 45.39
N LEU D 195 31.78 -0.82 46.35
CA LEU D 195 33.09 -0.21 46.13
C LEU D 195 34.16 -1.28 46.29
N GLU D 196 34.95 -1.48 45.24
CA GLU D 196 36.05 -2.43 45.24
C GLU D 196 37.36 -1.69 45.26
N VAL D 197 38.22 -2.03 46.21
CA VAL D 197 39.48 -1.35 46.44
C VAL D 197 40.60 -2.39 46.42
N TRP D 198 41.60 -2.16 45.57
CA TRP D 198 42.82 -2.95 45.49
C TRP D 198 43.95 -2.08 46.01
N THR D 199 44.67 -2.57 47.00
CA THR D 199 45.75 -1.86 47.66
C THR D 199 47.04 -2.68 47.52
N ASN D 200 48.18 -1.98 47.53
CA ASN D 200 49.45 -2.64 47.33
C ASN D 200 49.96 -3.37 48.57
N GLY D 201 49.19 -3.35 49.66
CA GLY D 201 49.54 -4.05 50.88
C GLY D 201 50.09 -3.17 51.97
N SER D 202 50.52 -1.96 51.65
CA SER D 202 50.99 -1.04 52.68
C SER D 202 49.84 -0.63 53.60
N LEU D 203 48.61 -0.62 53.10
CA LEU D 203 47.42 -0.33 53.88
C LEU D 203 46.36 -1.38 53.57
N SER D 204 45.58 -1.74 54.58
CA SER D 204 44.41 -2.57 54.31
C SER D 204 43.36 -1.71 53.61
N PRO D 205 42.49 -2.31 52.81
CA PRO D 205 41.48 -1.49 52.12
C PRO D 205 40.53 -0.77 53.07
N GLN D 206 40.39 -1.25 54.30
CA GLN D 206 39.59 -0.52 55.27
C GLN D 206 40.32 0.68 55.82
N GLU D 207 41.66 0.61 55.91
CA GLU D 207 42.42 1.78 56.32
C GLU D 207 42.45 2.82 55.22
N ALA D 208 42.56 2.39 53.97
CA ALA D 208 42.51 3.33 52.85
C ALA D 208 41.15 4.01 52.78
N LEU D 209 40.07 3.23 52.96
CA LEU D 209 38.74 3.82 52.97
C LEU D 209 38.57 4.80 54.12
N SER D 210 39.09 4.44 55.31
CA SER D 210 39.00 5.34 56.45
C SER D 210 39.74 6.64 56.20
N GLN D 211 40.94 6.57 55.61
CA GLN D 211 41.71 7.78 55.36
C GLN D 211 41.04 8.64 54.28
N ALA D 212 40.47 8.02 53.26
CA ALA D 212 39.76 8.78 52.24
C ALA D 212 38.54 9.49 52.83
N ALA D 213 37.78 8.80 53.66
CA ALA D 213 36.63 9.42 54.30
C ALA D 213 37.07 10.56 55.23
N SER D 214 38.18 10.37 55.93
CA SER D 214 38.69 11.43 56.79
C SER D 214 39.08 12.66 55.98
N CYS D 215 39.73 12.45 54.84
CA CYS D 215 40.09 13.58 53.98
C CYS D 215 38.86 14.30 53.46
N LEU D 216 37.83 13.55 53.07
CA LEU D 216 36.62 14.19 52.56
C LEU D 216 35.89 14.95 53.64
N VAL D 217 35.80 14.39 54.85
CA VAL D 217 35.17 15.09 55.95
C VAL D 217 35.92 16.36 56.28
N ALA D 218 37.26 16.30 56.29
CA ALA D 218 38.05 17.50 56.54
C ALA D 218 37.90 18.53 55.42
N LEU D 219 37.63 18.10 54.19
CA LEU D 219 37.41 19.06 53.11
C LEU D 219 36.05 19.73 53.23
N PHE D 220 35.02 18.97 53.59
CA PHE D 220 33.66 19.52 53.59
C PHE D 220 33.26 20.14 54.92
N GLU D 221 34.04 19.94 55.98
CA GLU D 221 33.69 20.51 57.28
C GLU D 221 33.71 22.04 57.28
N PRO D 222 34.75 22.73 56.79
CA PRO D 222 34.76 24.20 56.88
C PRO D 222 33.70 24.88 56.02
N LEU D 223 33.08 24.17 55.08
CA LEU D 223 32.05 24.76 54.22
C LEU D 223 30.67 24.71 54.84
N LYS D 224 30.59 24.44 56.14
CA LYS D 224 29.33 24.18 56.82
C LYS D 224 28.95 25.27 57.81
N ASN D 225 29.91 25.72 58.63
CA ASN D 225 29.61 26.55 59.78
C ASN D 225 29.64 28.04 59.48
N VAL D 226 30.10 28.45 58.30
CA VAL D 226 30.24 29.85 57.95
C VAL D 226 29.48 30.19 56.68
N SER D 227 29.71 29.44 55.61
CA SER D 227 29.08 29.73 54.33
C SER D 227 28.66 28.43 53.63
N HIS E 13 2.09 35.22 -1.39
CA HIS E 13 0.87 35.34 -2.18
C HIS E 13 -0.09 34.18 -1.94
N LEU E 14 0.05 33.53 -0.78
CA LEU E 14 -0.65 32.27 -0.55
C LEU E 14 -2.14 32.53 -0.40
N PRO E 15 -2.99 31.95 -1.25
CA PRO E 15 -4.43 32.09 -1.03
C PRO E 15 -4.94 31.10 0.00
N ASP E 16 -6.26 31.01 0.15
CA ASP E 16 -6.85 30.10 1.12
C ASP E 16 -6.35 28.69 0.90
N LEU E 17 -5.82 28.07 1.96
CA LEU E 17 -5.15 26.79 1.77
C LEU E 17 -6.16 25.68 1.56
N VAL E 18 -7.32 25.76 2.22
CA VAL E 18 -8.35 24.75 2.04
C VAL E 18 -9.43 25.37 1.15
N ALA E 19 -9.13 25.46 -0.15
CA ALA E 19 -10.08 26.00 -1.11
C ALA E 19 -10.51 24.97 -2.13
N ILE E 20 -9.81 23.84 -2.23
CA ILE E 20 -10.22 22.76 -3.10
C ILE E 20 -11.46 22.09 -2.54
N GLN E 21 -11.73 22.27 -1.25
CA GLN E 21 -12.86 21.62 -0.60
C GLN E 21 -14.06 22.54 -0.55
N ARG E 22 -13.85 23.85 -0.62
CA ARG E 22 -14.93 24.82 -0.58
C ARG E 22 -15.51 25.02 -1.97
N ASN E 23 -14.64 25.37 -2.93
CA ASN E 23 -15.08 25.61 -4.29
C ASN E 23 -15.90 24.45 -4.84
N SER E 24 -15.62 23.22 -4.40
CA SER E 24 -16.35 22.09 -4.95
C SER E 24 -17.71 21.91 -4.31
N PHE E 25 -17.89 22.42 -3.09
CA PHE E 25 -19.21 22.37 -2.49
C PHE E 25 -20.01 23.60 -2.86
N ARG E 26 -19.36 24.77 -2.92
CA ARG E 26 -20.05 25.94 -3.43
C ARG E 26 -20.54 25.65 -4.84
N TRP E 27 -19.72 24.97 -5.64
CA TRP E 27 -20.15 24.58 -6.98
C TRP E 27 -21.31 23.59 -6.94
N PHE E 28 -21.24 22.59 -6.05
CA PHE E 28 -22.35 21.64 -5.97
C PHE E 28 -23.66 22.34 -5.62
N LEU E 29 -23.61 23.22 -4.63
CA LEU E 29 -24.80 23.94 -4.21
C LEU E 29 -25.30 24.89 -5.30
N GLU E 30 -24.38 25.55 -6.00
CA GLU E 30 -24.76 26.56 -6.98
C GLU E 30 -25.29 25.93 -8.27
N GLU E 31 -24.50 25.06 -8.89
CA GLU E 31 -24.90 24.53 -10.20
C GLU E 31 -24.60 23.05 -10.36
N GLY E 32 -24.39 22.31 -9.27
CA GLY E 32 -24.14 20.89 -9.38
C GLY E 32 -25.36 20.03 -9.13
N LEU E 33 -26.16 20.42 -8.15
CA LEU E 33 -27.41 19.72 -7.88
C LEU E 33 -28.49 20.09 -8.88
N ILE E 34 -28.49 21.34 -9.33
CA ILE E 34 -29.48 21.78 -10.30
C ILE E 34 -29.36 21.00 -11.60
N GLU E 35 -28.13 20.80 -12.07
CA GLU E 35 -27.95 20.12 -13.35
C GLU E 35 -28.43 18.68 -13.27
N GLU E 36 -28.34 18.07 -12.09
CA GLU E 36 -28.72 16.67 -11.95
C GLU E 36 -30.21 16.54 -11.72
N LEU E 37 -30.83 17.52 -11.07
CA LEU E 37 -32.28 17.51 -10.95
C LEU E 37 -32.90 17.73 -12.33
N GLU E 38 -32.46 18.77 -13.03
CA GLU E 38 -33.00 19.07 -14.35
C GLU E 38 -32.74 17.95 -15.35
N SER E 39 -31.65 17.19 -15.17
CA SER E 39 -31.34 16.14 -16.14
C SER E 39 -32.32 14.98 -16.06
N PHE E 40 -33.09 14.89 -14.98
CA PHE E 40 -34.06 13.83 -14.78
C PHE E 40 -35.47 14.38 -14.56
N SER E 41 -35.64 15.70 -14.63
CA SER E 41 -36.88 16.41 -14.32
C SER E 41 -38.10 15.84 -15.02
N PRO E 42 -38.14 15.75 -16.36
CA PRO E 42 -39.38 15.29 -17.01
C PRO E 42 -39.55 13.79 -16.89
N ILE E 43 -40.39 13.37 -15.95
CA ILE E 43 -40.72 11.95 -15.77
C ILE E 43 -42.08 11.69 -16.38
N THR E 44 -42.16 10.69 -17.24
CA THR E 44 -43.39 10.34 -17.94
C THR E 44 -43.64 8.85 -17.77
N ASP E 45 -44.91 8.49 -17.61
CA ASP E 45 -45.30 7.09 -17.52
C ASP E 45 -45.42 6.50 -18.93
N TYR E 46 -45.69 5.20 -19.00
CA TYR E 46 -45.68 4.52 -20.28
C TYR E 46 -46.92 4.85 -21.12
N THR E 47 -48.06 5.08 -20.47
CA THR E 47 -49.26 5.47 -21.21
C THR E 47 -49.19 6.91 -21.71
N GLY E 48 -48.25 7.70 -21.19
CA GLY E 48 -48.13 9.08 -21.59
C GLY E 48 -49.31 9.94 -21.16
N LYS E 49 -49.83 9.69 -19.96
CA LYS E 49 -50.96 10.43 -19.41
C LYS E 49 -50.54 11.42 -18.33
N LEU E 50 -49.58 11.06 -17.50
CA LEU E 50 -49.11 11.91 -16.41
C LEU E 50 -47.64 12.26 -16.62
N GLU E 51 -47.27 13.46 -16.20
CA GLU E 51 -45.89 13.92 -16.32
C GLU E 51 -45.51 14.69 -15.07
N LEU E 52 -44.37 14.34 -14.47
CA LEU E 52 -43.87 15.04 -13.30
C LEU E 52 -42.73 15.94 -13.73
N HIS E 53 -42.83 17.23 -13.44
CA HIS E 53 -41.76 18.17 -13.73
C HIS E 53 -41.15 18.65 -12.42
N PHE E 54 -39.83 18.60 -12.34
CA PHE E 54 -39.07 19.03 -11.17
C PHE E 54 -38.40 20.34 -11.53
N LEU E 55 -38.98 21.45 -11.07
CA LEU E 55 -38.42 22.77 -11.34
C LEU E 55 -37.19 22.91 -10.43
N GLY E 56 -36.12 22.24 -10.84
CA GLY E 56 -34.94 22.15 -10.01
C GLY E 56 -34.10 23.39 -9.93
N LYS E 57 -34.47 24.45 -10.64
CA LYS E 57 -33.74 25.69 -10.52
C LYS E 57 -34.16 26.48 -9.29
N GLN E 58 -35.24 26.06 -8.63
CA GLN E 58 -35.82 26.76 -7.49
C GLN E 58 -35.75 25.97 -6.20
N TYR E 59 -35.04 24.85 -6.18
CA TYR E 59 -34.81 24.13 -4.93
C TYR E 59 -34.39 25.08 -3.82
N LYS E 60 -35.24 25.19 -2.80
CA LYS E 60 -34.89 25.87 -1.57
C LYS E 60 -34.28 24.90 -0.56
N LEU E 61 -33.71 25.48 0.49
CA LEU E 61 -33.00 24.72 1.52
C LEU E 61 -33.53 25.19 2.86
N LYS E 62 -33.84 24.24 3.73
CA LYS E 62 -34.35 24.55 5.06
C LYS E 62 -33.18 24.72 6.01
N ARG E 63 -33.31 25.64 6.96
CA ARG E 63 -32.18 25.93 7.83
C ARG E 63 -31.85 24.68 8.64
N PRO E 64 -30.57 24.46 8.93
CA PRO E 64 -30.18 23.26 9.67
C PRO E 64 -30.79 23.22 11.07
N LYS E 65 -31.25 22.05 11.46
CA LYS E 65 -31.75 21.90 12.80
C LYS E 65 -30.56 21.73 13.75
N TYR E 66 -30.86 21.78 15.05
CA TYR E 66 -29.83 21.65 16.09
C TYR E 66 -28.78 22.74 15.84
N ASP E 67 -27.50 22.41 15.81
CA ASP E 67 -26.43 23.34 15.44
C ASP E 67 -25.18 22.52 15.13
N VAL E 68 -24.11 23.21 14.74
CA VAL E 68 -22.85 22.51 14.52
C VAL E 68 -22.33 21.92 15.83
N ASP E 69 -22.32 22.75 16.89
CA ASP E 69 -21.85 22.27 18.18
C ASP E 69 -22.83 21.29 18.80
N GLU E 70 -24.12 21.56 18.66
CA GLU E 70 -25.14 20.64 19.16
C GLU E 70 -25.06 19.30 18.44
N ALA E 71 -24.86 19.32 17.13
CA ALA E 71 -24.69 18.07 16.39
C ALA E 71 -23.46 17.33 16.87
N LYS E 72 -22.36 18.06 17.13
CA LYS E 72 -21.14 17.41 17.59
C LYS E 72 -21.35 16.76 18.96
N ARG E 73 -22.00 17.46 19.89
CA ARG E 73 -22.11 16.95 21.24
C ARG E 73 -23.22 15.91 21.38
N ARG E 74 -24.21 15.91 20.48
CA ARG E 74 -25.30 14.96 20.49
C ARG E 74 -24.95 13.68 19.72
N ASP E 75 -23.86 13.68 18.97
CA ASP E 75 -23.50 12.60 18.06
C ASP E 75 -24.56 12.44 16.97
N GLY E 76 -24.86 13.55 16.31
CA GLY E 76 -25.81 13.56 15.22
C GLY E 76 -25.14 14.02 13.93
N THR E 77 -25.94 14.51 12.99
CA THR E 77 -25.44 14.93 11.69
C THR E 77 -25.81 16.39 11.46
N TYR E 78 -24.90 17.13 10.85
CA TYR E 78 -25.11 18.54 10.52
C TYR E 78 -25.55 18.58 9.06
N SER E 79 -26.82 18.94 8.85
CA SER E 79 -27.40 18.81 7.53
C SER E 79 -28.58 19.77 7.42
N VAL E 80 -29.11 19.84 6.20
CA VAL E 80 -30.27 20.66 5.88
C VAL E 80 -31.22 19.76 5.09
N GLN E 81 -32.40 20.30 4.80
CA GLN E 81 -33.43 19.57 4.08
C GLN E 81 -33.62 20.25 2.73
N MET E 82 -33.80 19.45 1.68
CA MET E 82 -33.93 19.97 0.34
C MET E 82 -35.37 19.83 -0.12
N TYR E 83 -35.93 20.93 -0.62
CA TYR E 83 -37.30 20.96 -1.13
C TYR E 83 -37.27 21.55 -2.52
N VAL E 84 -37.77 20.80 -3.50
CA VAL E 84 -37.81 21.24 -4.88
C VAL E 84 -39.27 21.40 -5.29
N PRO E 85 -39.63 22.46 -6.00
CA PRO E 85 -41.02 22.56 -6.47
C PRO E 85 -41.23 21.64 -7.66
N THR E 86 -42.41 21.02 -7.68
CA THR E 86 -42.77 20.08 -8.73
C THR E 86 -44.16 20.40 -9.24
N ARG E 87 -44.45 19.93 -10.45
CA ARG E 87 -45.77 20.08 -11.04
C ARG E 87 -46.15 18.81 -11.77
N LEU E 88 -47.21 18.15 -11.28
CA LEU E 88 -47.78 16.99 -11.93
C LEU E 88 -48.80 17.45 -12.97
N ILE E 89 -48.55 17.14 -14.24
CA ILE E 89 -49.39 17.59 -15.34
C ILE E 89 -50.11 16.38 -15.93
N ASN E 90 -51.44 16.43 -15.96
CA ASN E 90 -52.22 15.41 -16.64
C ASN E 90 -52.24 15.73 -18.12
N LYS E 91 -51.80 14.78 -18.96
CA LYS E 91 -51.67 15.06 -20.39
C LYS E 91 -53.00 15.42 -21.05
N GLU E 92 -54.14 15.08 -20.43
CA GLU E 92 -55.43 15.36 -21.03
C GLU E 92 -56.24 16.34 -20.18
N THR E 93 -56.74 15.90 -19.02
CA THR E 93 -57.53 16.77 -18.15
C THR E 93 -56.84 18.12 -17.93
N GLY E 94 -55.52 18.10 -17.83
CA GLY E 94 -54.75 19.32 -17.69
C GLY E 94 -54.68 19.87 -16.28
N GLU E 95 -55.19 19.14 -15.30
CA GLU E 95 -55.08 19.58 -13.91
C GLU E 95 -53.61 19.48 -13.48
N ILE E 96 -53.09 20.59 -12.97
CA ILE E 96 -51.69 20.67 -12.52
C ILE E 96 -51.69 20.95 -11.03
N LYS E 97 -51.20 20.00 -10.24
CA LYS E 97 -51.21 20.12 -8.78
C LYS E 97 -49.81 20.52 -8.32
N GLU E 98 -49.54 21.82 -8.37
CA GLU E 98 -48.24 22.34 -7.97
C GLU E 98 -48.03 22.14 -6.48
N GLN E 99 -46.80 21.83 -6.10
CA GLN E 99 -46.47 21.55 -4.70
C GLN E 99 -44.94 21.53 -4.57
N GLU E 100 -44.48 21.40 -3.34
CA GLU E 100 -43.06 21.33 -3.02
C GLU E 100 -42.83 20.01 -2.30
N VAL E 101 -41.91 19.21 -2.82
CA VAL E 101 -41.70 17.87 -2.30
C VAL E 101 -40.38 17.81 -1.56
N PHE E 102 -40.32 16.95 -0.56
CA PHE E 102 -39.08 16.71 0.17
C PHE E 102 -38.22 15.76 -0.62
N ILE E 103 -36.97 16.15 -0.85
CA ILE E 103 -36.06 15.41 -1.70
C ILE E 103 -35.07 14.60 -0.89
N GLY E 104 -34.49 15.21 0.14
CA GLY E 104 -33.55 14.49 0.97
C GLY E 104 -32.95 15.40 2.01
N ASP E 105 -32.04 14.82 2.79
CA ASP E 105 -31.25 15.54 3.77
C ASP E 105 -29.84 15.63 3.24
N LEU E 106 -29.34 16.84 3.10
CA LEU E 106 -28.00 17.07 2.58
C LEU E 106 -27.10 17.50 3.72
N PRO E 107 -26.10 16.72 4.11
CA PRO E 107 -25.13 17.21 5.10
C PRO E 107 -24.41 18.43 4.55
N LEU E 108 -24.19 19.41 5.42
CA LEU E 108 -23.64 20.68 5.02
C LEU E 108 -22.17 20.75 5.41
N MET E 109 -21.41 21.50 4.63
CA MET E 109 -19.99 21.66 4.87
C MET E 109 -19.77 22.85 5.80
N THR E 110 -18.97 22.65 6.83
CA THR E 110 -18.73 23.69 7.80
C THR E 110 -17.78 24.74 7.25
N ASP E 111 -17.48 25.74 8.06
CA ASP E 111 -16.62 26.84 7.62
C ASP E 111 -15.17 26.42 7.45
N ARG E 112 -14.83 25.21 7.89
CA ARG E 112 -13.45 24.71 7.85
C ARG E 112 -13.23 23.69 6.74
N GLY E 113 -14.25 23.39 5.94
CA GLY E 113 -14.09 22.46 4.85
C GLY E 113 -14.42 21.03 5.15
N THR E 114 -15.12 20.75 6.25
CA THR E 114 -15.39 19.40 6.68
C THR E 114 -16.89 19.18 6.84
N PHE E 115 -17.26 17.93 7.08
CA PHE E 115 -18.63 17.53 7.31
C PHE E 115 -18.73 16.88 8.67
N ILE E 116 -19.92 16.89 9.25
CA ILE E 116 -20.17 16.32 10.56
C ILE E 116 -21.18 15.21 10.36
N ILE E 117 -20.70 13.97 10.37
CA ILE E 117 -21.50 12.78 10.12
C ILE E 117 -21.54 11.95 11.39
N ASN E 118 -22.74 11.72 11.90
CA ASN E 118 -22.97 10.92 13.10
C ASN E 118 -22.12 11.43 14.27
N GLY E 119 -22.02 12.75 14.38
CA GLY E 119 -21.28 13.36 15.47
C GLY E 119 -19.79 13.24 15.37
N ALA E 120 -19.26 12.87 14.21
CA ALA E 120 -17.82 12.78 13.99
C ALA E 120 -17.46 13.64 12.80
N GLU E 121 -16.29 14.27 12.86
CA GLU E 121 -15.85 15.09 11.75
C GLU E 121 -15.21 14.22 10.67
N ARG E 122 -15.64 14.42 9.44
CA ARG E 122 -15.21 13.65 8.29
C ARG E 122 -14.84 14.60 7.18
N VAL E 123 -13.98 14.14 6.30
CA VAL E 123 -13.51 14.93 5.18
C VAL E 123 -13.61 14.08 3.93
N ILE E 124 -13.99 14.69 2.82
CA ILE E 124 -14.07 13.99 1.55
C ILE E 124 -12.74 14.20 0.85
N VAL E 125 -12.07 13.11 0.52
CA VAL E 125 -10.76 13.22 -0.09
C VAL E 125 -10.93 13.56 -1.57
N ASN E 126 -9.85 14.04 -2.16
CA ASN E 126 -9.84 14.38 -3.57
C ASN E 126 -9.19 13.21 -4.31
N GLN E 127 -9.77 12.86 -5.45
CA GLN E 127 -9.34 11.68 -6.17
C GLN E 127 -8.71 12.12 -7.48
N ILE E 128 -7.50 11.64 -7.73
CA ILE E 128 -6.83 11.90 -9.00
C ILE E 128 -7.11 10.72 -9.91
N VAL E 129 -7.78 10.99 -11.01
CA VAL E 129 -8.22 9.96 -11.94
C VAL E 129 -7.75 10.35 -13.33
N ARG E 130 -8.06 9.52 -14.31
CA ARG E 130 -7.71 9.83 -15.68
C ARG E 130 -8.83 10.64 -16.30
N SER E 131 -8.45 11.68 -17.02
CA SER E 131 -9.45 12.58 -17.57
C SER E 131 -10.14 11.95 -18.77
N PRO E 132 -11.41 12.26 -18.99
CA PRO E 132 -12.08 11.77 -20.19
C PRO E 132 -11.47 12.38 -21.44
N GLY E 133 -11.58 11.65 -22.53
CA GLY E 133 -11.06 12.08 -23.80
C GLY E 133 -10.54 10.90 -24.57
N VAL E 134 -9.71 11.18 -25.58
CA VAL E 134 -9.17 10.16 -26.46
C VAL E 134 -7.66 10.11 -26.29
N TYR E 135 -7.13 8.92 -26.08
CA TYR E 135 -5.72 8.73 -25.77
C TYR E 135 -5.13 7.71 -26.73
N TYR E 136 -4.03 8.06 -27.36
CA TYR E 136 -3.39 7.23 -28.37
C TYR E 136 -2.13 6.59 -27.79
N LYS E 137 -1.86 5.37 -28.22
CA LYS E 137 -0.72 4.62 -27.73
C LYS E 137 -0.18 3.75 -28.84
N SER E 138 1.13 3.54 -28.84
CA SER E 138 1.81 2.72 -29.83
C SER E 138 2.44 1.52 -29.12
N GLU E 139 2.13 0.32 -29.59
CA GLU E 139 2.66 -0.90 -29.03
C GLU E 139 3.50 -1.63 -30.06
N ARG E 140 4.58 -2.25 -29.61
CA ARG E 140 5.56 -2.89 -30.47
C ARG E 140 5.51 -4.40 -30.23
N ASP E 141 5.34 -5.16 -31.31
CA ASP E 141 5.31 -6.61 -31.21
C ASP E 141 6.73 -7.14 -30.96
N LYS E 142 6.80 -8.44 -30.62
CA LYS E 142 8.10 -9.07 -30.42
C LYS E 142 8.94 -9.01 -31.68
N ASN E 143 8.32 -9.28 -32.83
CA ASN E 143 9.01 -9.23 -34.11
C ASN E 143 8.35 -8.30 -35.11
N GLY E 144 7.14 -7.81 -34.83
CA GLY E 144 6.40 -6.99 -35.76
C GLY E 144 6.72 -5.51 -35.62
N ARG E 145 5.99 -4.72 -36.41
CA ARG E 145 6.17 -3.28 -36.48
C ARG E 145 5.46 -2.61 -35.31
N LEU E 146 5.36 -1.28 -35.38
CA LEU E 146 4.57 -0.52 -34.42
C LEU E 146 3.11 -0.50 -34.84
N THR E 147 2.22 -0.82 -33.91
CA THR E 147 0.78 -0.78 -34.16
C THR E 147 0.16 0.19 -33.16
N HIS E 148 -0.75 1.02 -33.63
CA HIS E 148 -1.30 2.09 -32.81
C HIS E 148 -2.75 1.79 -32.43
N ASN E 149 -3.11 2.14 -31.21
CA ASN E 149 -4.46 1.99 -30.73
C ASN E 149 -4.89 3.28 -30.05
N ALA E 150 -6.19 3.49 -30.00
CA ALA E 150 -6.79 4.67 -29.39
C ALA E 150 -7.89 4.25 -28.44
N SER E 151 -7.97 4.91 -27.30
CA SER E 151 -9.01 4.63 -26.33
C SER E 151 -9.81 5.89 -26.10
N LEU E 152 -11.13 5.80 -26.24
CA LEU E 152 -12.01 6.92 -25.99
C LEU E 152 -12.77 6.62 -24.70
N ILE E 153 -12.61 7.50 -23.73
CA ILE E 153 -13.04 7.27 -22.35
C ILE E 153 -13.96 8.43 -21.98
N PRO E 154 -15.19 8.17 -21.58
CA PRO E 154 -16.08 9.27 -21.20
C PRO E 154 -16.03 9.52 -19.70
N ASN E 155 -16.74 10.56 -19.25
CA ASN E 155 -16.90 10.77 -17.82
C ASN E 155 -17.66 9.61 -17.21
N ARG E 156 -18.67 9.10 -17.92
CA ARG E 156 -19.47 7.98 -17.46
C ARG E 156 -20.08 7.28 -18.67
N GLY E 157 -19.81 5.99 -18.82
CA GLY E 157 -20.35 5.23 -19.92
C GLY E 157 -19.38 4.17 -20.38
N ALA E 158 -19.59 3.71 -21.61
CA ALA E 158 -18.80 2.67 -22.24
C ALA E 158 -17.60 3.26 -22.97
N TRP E 159 -16.53 2.49 -23.04
CA TRP E 159 -15.31 2.93 -23.70
C TRP E 159 -15.34 2.50 -25.16
N LEU E 160 -14.63 3.25 -26.00
CA LEU E 160 -14.57 2.97 -27.43
C LEU E 160 -13.11 2.79 -27.83
N LYS E 161 -12.69 1.54 -28.00
CA LYS E 161 -11.32 1.22 -28.37
C LYS E 161 -11.19 1.04 -29.87
N PHE E 162 -10.21 1.73 -30.47
CA PHE E 162 -9.79 1.54 -31.84
C PHE E 162 -8.41 0.90 -31.85
N GLU E 163 -8.15 0.08 -32.86
CA GLU E 163 -6.87 -0.62 -32.94
C GLU E 163 -6.46 -0.76 -34.40
N THR E 164 -5.15 -0.65 -34.65
CA THR E 164 -4.60 -0.85 -35.98
C THR E 164 -3.83 -2.16 -35.98
N ASP E 165 -4.08 -2.99 -36.99
CA ASP E 165 -3.47 -4.31 -37.06
C ASP E 165 -2.11 -4.22 -37.74
N LYS E 166 -1.44 -5.37 -37.87
CA LYS E 166 -0.14 -5.42 -38.52
C LYS E 166 -0.25 -5.32 -40.03
N ASN E 167 -1.41 -5.62 -40.60
CA ASN E 167 -1.63 -5.58 -42.04
C ASN E 167 -2.25 -4.27 -42.51
N GLY E 168 -2.50 -3.34 -41.59
CA GLY E 168 -3.16 -2.10 -41.97
C GLY E 168 -4.66 -2.09 -41.80
N LEU E 169 -5.20 -2.89 -40.88
CA LEU E 169 -6.63 -2.97 -40.66
C LEU E 169 -7.03 -2.18 -39.43
N VAL E 170 -8.23 -1.62 -39.47
CA VAL E 170 -8.77 -0.83 -38.38
C VAL E 170 -9.89 -1.64 -37.73
N TRP E 171 -9.78 -1.85 -36.43
CA TRP E 171 -10.73 -2.64 -35.65
C TRP E 171 -11.30 -1.79 -34.52
N VAL E 172 -12.54 -2.08 -34.15
CA VAL E 172 -13.21 -1.43 -33.03
C VAL E 172 -13.65 -2.51 -32.06
N ARG E 173 -13.50 -2.25 -30.76
CA ARG E 173 -13.82 -3.23 -29.72
C ARG E 173 -14.74 -2.60 -28.68
N ILE E 174 -16.03 -2.51 -29.02
CA ILE E 174 -17.02 -2.00 -28.07
C ILE E 174 -16.95 -2.79 -26.77
N ASP E 175 -16.91 -2.10 -25.65
CA ASP E 175 -16.83 -2.72 -24.32
C ASP E 175 -15.61 -3.63 -24.31
N LYS E 176 -15.72 -4.86 -23.80
CA LYS E 176 -14.62 -5.81 -23.81
C LYS E 176 -14.91 -7.00 -24.72
N THR E 177 -15.78 -6.82 -25.72
CA THR E 177 -16.15 -7.90 -26.61
C THR E 177 -15.10 -8.07 -27.71
N ARG E 178 -15.35 -8.99 -28.63
CA ARG E 178 -14.40 -9.23 -29.70
C ARG E 178 -14.40 -8.04 -30.67
N LYS E 179 -13.31 -7.91 -31.42
CA LYS E 179 -13.16 -6.76 -32.29
C LYS E 179 -14.12 -6.85 -33.48
N LEU E 180 -14.28 -5.71 -34.15
CA LEU E 180 -15.06 -5.60 -35.37
C LEU E 180 -14.49 -4.43 -36.17
N SER E 181 -14.24 -4.66 -37.46
CA SER E 181 -13.74 -3.61 -38.35
C SER E 181 -14.54 -2.33 -38.19
N ALA E 182 -13.85 -1.20 -38.42
CA ALA E 182 -14.46 0.11 -38.22
C ALA E 182 -15.57 0.39 -39.22
N GLN E 183 -15.59 -0.31 -40.35
CA GLN E 183 -16.60 -0.06 -41.36
C GLN E 183 -17.99 -0.34 -40.83
N VAL E 184 -18.12 -1.41 -40.04
CA VAL E 184 -19.41 -1.75 -39.45
C VAL E 184 -19.90 -0.60 -38.57
N LEU E 185 -19.01 -0.07 -37.73
CA LEU E 185 -19.39 1.01 -36.83
C LEU E 185 -19.74 2.28 -37.59
N LEU E 186 -18.96 2.61 -38.62
CA LEU E 186 -19.23 3.86 -39.34
C LEU E 186 -20.50 3.77 -40.17
N LYS E 187 -20.81 2.60 -40.73
CA LYS E 187 -22.05 2.47 -41.49
C LYS E 187 -23.25 2.39 -40.58
N ALA E 188 -23.10 1.73 -39.42
CA ALA E 188 -24.20 1.65 -38.47
C ALA E 188 -24.56 3.03 -37.94
N LEU E 189 -23.60 3.96 -37.93
CA LEU E 189 -23.87 5.30 -37.45
C LEU E 189 -24.75 6.10 -38.40
N GLY E 190 -24.85 5.68 -39.66
CA GLY E 190 -25.68 6.40 -40.61
C GLY E 190 -24.87 7.35 -41.46
N LEU E 191 -23.74 6.87 -41.97
CA LEU E 191 -22.82 7.66 -42.78
C LEU E 191 -22.62 6.99 -44.12
N SER E 192 -22.74 7.77 -45.20
CA SER E 192 -22.45 7.27 -46.52
C SER E 192 -20.95 7.29 -46.78
N ASP E 193 -20.54 6.67 -47.90
CA ASP E 193 -19.12 6.51 -48.18
C ASP E 193 -18.46 7.86 -48.42
N ASN E 194 -19.19 8.79 -49.06
CA ASN E 194 -18.57 10.05 -49.46
C ASN E 194 -18.16 10.88 -48.24
N GLU E 195 -18.99 10.92 -47.20
CA GLU E 195 -18.66 11.76 -46.05
C GLU E 195 -17.48 11.21 -45.26
N ILE E 196 -17.44 9.89 -45.05
CA ILE E 196 -16.31 9.30 -44.34
C ILE E 196 -15.06 9.27 -45.20
N TYR E 197 -15.22 9.37 -46.52
CA TYR E 197 -14.06 9.50 -47.40
C TYR E 197 -13.52 10.92 -47.40
N ASP E 198 -14.40 11.91 -47.34
CA ASP E 198 -13.97 13.30 -47.35
C ASP E 198 -13.36 13.72 -46.02
N LYS E 199 -13.99 13.34 -44.90
CA LYS E 199 -13.48 13.78 -43.61
C LYS E 199 -12.10 13.23 -43.33
N LEU E 200 -11.86 11.97 -43.68
CA LEU E 200 -10.53 11.40 -43.50
C LEU E 200 -9.54 12.10 -44.41
N ARG E 201 -8.30 12.25 -43.94
CA ARG E 201 -7.29 12.95 -44.72
C ARG E 201 -6.52 12.03 -45.65
N HIS E 202 -6.25 10.79 -45.23
CA HIS E 202 -5.56 9.80 -46.04
C HIS E 202 -6.52 8.64 -46.25
N PRO E 203 -7.35 8.68 -47.29
CA PRO E 203 -8.44 7.70 -47.42
C PRO E 203 -8.01 6.33 -47.91
N GLU E 204 -6.82 6.17 -48.50
CA GLU E 204 -6.43 4.85 -49.00
C GLU E 204 -6.12 3.88 -47.87
N TYR E 205 -5.63 4.38 -46.74
CA TYR E 205 -5.38 3.51 -45.60
C TYR E 205 -6.66 2.87 -45.09
N TYR E 206 -7.75 3.64 -45.05
CA TYR E 206 -9.03 3.06 -44.69
C TYR E 206 -9.66 2.29 -45.83
N GLN E 207 -9.34 2.66 -47.08
CA GLN E 207 -9.81 1.90 -48.22
C GLN E 207 -9.28 0.48 -48.21
N LYS E 208 -8.06 0.28 -47.71
CA LYS E 208 -7.55 -1.08 -47.55
C LYS E 208 -8.45 -1.90 -46.64
N THR E 209 -8.85 -1.33 -45.50
CA THR E 209 -9.76 -2.02 -44.60
C THR E 209 -11.12 -2.27 -45.26
N ILE E 210 -11.60 -1.26 -46.00
CA ILE E 210 -12.88 -1.40 -46.71
C ILE E 210 -12.83 -2.60 -47.64
N ASP E 211 -11.75 -2.71 -48.41
CA ASP E 211 -11.59 -3.81 -49.36
C ASP E 211 -11.46 -5.15 -48.64
N LYS E 212 -10.71 -5.17 -47.53
CA LYS E 212 -10.46 -6.45 -46.87
C LYS E 212 -11.70 -6.98 -46.16
N GLU E 213 -12.52 -6.08 -45.61
CA GLU E 213 -13.68 -6.49 -44.82
C GLU E 213 -15.01 -6.32 -45.54
N GLY E 214 -15.01 -5.71 -46.74
CA GLY E 214 -16.22 -5.54 -47.51
C GLY E 214 -17.05 -4.35 -47.07
N GLN E 215 -17.51 -3.56 -48.02
CA GLN E 215 -18.30 -2.37 -47.71
C GLN E 215 -19.67 -2.78 -47.18
N PHE E 216 -19.86 -2.61 -45.87
CA PHE E 216 -21.14 -2.91 -45.25
C PHE E 216 -22.11 -1.77 -45.54
N SER E 217 -23.38 -2.13 -45.77
CA SER E 217 -24.40 -1.10 -45.81
C SER E 217 -25.02 -0.97 -44.42
N GLU E 218 -25.84 0.07 -44.25
CA GLU E 218 -26.37 0.37 -42.92
C GLU E 218 -27.14 -0.81 -42.35
N ASP E 219 -28.02 -1.41 -43.15
CA ASP E 219 -28.83 -2.52 -42.67
C ASP E 219 -27.95 -3.68 -42.20
N GLU E 220 -27.04 -4.14 -43.07
CA GLU E 220 -26.17 -5.24 -42.69
C GLU E 220 -25.16 -4.82 -41.63
N ALA E 221 -24.80 -3.54 -41.60
CA ALA E 221 -23.92 -3.06 -40.54
C ALA E 221 -24.58 -3.24 -39.18
N LEU E 222 -25.83 -2.80 -39.05
CA LEU E 222 -26.55 -2.98 -37.80
C LEU E 222 -26.79 -4.47 -37.50
N MET E 223 -27.07 -5.26 -38.53
CA MET E 223 -27.22 -6.71 -38.33
C MET E 223 -25.95 -7.31 -37.73
N GLU E 224 -24.80 -7.03 -38.33
CA GLU E 224 -23.55 -7.59 -37.85
C GLU E 224 -23.18 -7.05 -36.48
N LEU E 225 -23.47 -5.77 -36.22
CA LEU E 225 -23.18 -5.19 -34.92
C LEU E 225 -24.00 -5.89 -33.83
N TYR E 226 -25.29 -6.11 -34.09
CA TYR E 226 -26.13 -6.84 -33.15
C TYR E 226 -25.63 -8.28 -32.98
N ARG E 227 -25.23 -8.92 -34.09
CA ARG E 227 -24.78 -10.30 -34.02
C ARG E 227 -23.52 -10.42 -33.16
N LYS E 228 -22.58 -9.49 -33.31
CA LYS E 228 -21.33 -9.57 -32.56
C LYS E 228 -21.51 -9.15 -31.12
N LEU E 229 -22.36 -8.14 -30.87
CA LEU E 229 -22.56 -7.68 -29.49
C LEU E 229 -23.35 -8.69 -28.68
N ARG E 230 -24.42 -9.23 -29.25
CA ARG E 230 -25.36 -10.11 -28.54
C ARG E 230 -25.55 -11.37 -29.36
N PRO E 231 -24.61 -12.31 -29.27
CA PRO E 231 -24.72 -13.55 -30.06
C PRO E 231 -25.84 -14.44 -29.54
N GLY E 232 -26.33 -15.31 -30.42
CA GLY E 232 -27.37 -16.24 -30.09
C GLY E 232 -28.77 -15.77 -30.36
N GLU E 233 -28.95 -14.51 -30.73
CA GLU E 233 -30.26 -13.95 -31.04
C GLU E 233 -30.36 -13.62 -32.52
N PRO E 234 -31.57 -13.66 -33.10
CA PRO E 234 -31.72 -13.28 -34.50
C PRO E 234 -31.45 -11.81 -34.71
N PRO E 235 -30.57 -11.46 -35.65
CA PRO E 235 -30.23 -10.05 -35.84
C PRO E 235 -31.44 -9.26 -36.30
N THR E 236 -31.45 -7.98 -35.94
CA THR E 236 -32.54 -7.09 -36.33
C THR E 236 -32.03 -5.68 -36.47
N VAL E 237 -32.28 -5.06 -37.64
CA VAL E 237 -31.77 -3.72 -37.90
C VAL E 237 -32.17 -2.78 -36.77
N SER E 238 -33.44 -2.79 -36.38
CA SER E 238 -33.87 -1.96 -35.26
C SER E 238 -33.17 -2.36 -33.98
N GLY E 239 -32.98 -3.66 -33.76
CA GLY E 239 -32.27 -4.11 -32.58
C GLY E 239 -30.88 -3.51 -32.48
N GLY E 240 -30.13 -3.55 -33.59
CA GLY E 240 -28.82 -2.92 -33.61
C GLY E 240 -28.88 -1.43 -33.39
N GLN E 241 -29.76 -0.74 -34.13
CA GLN E 241 -29.92 0.69 -33.95
C GLN E 241 -30.13 1.05 -32.47
N GLN E 242 -31.05 0.34 -31.82
CA GLN E 242 -31.33 0.59 -30.41
C GLN E 242 -30.12 0.28 -29.55
N LEU E 243 -29.38 -0.78 -29.88
CA LEU E 243 -28.19 -1.13 -29.09
C LEU E 243 -27.17 0.01 -29.15
N LEU E 244 -26.94 0.53 -30.35
CA LEU E 244 -26.01 1.65 -30.51
C LEU E 244 -26.51 2.89 -29.77
N GLU E 245 -27.81 3.18 -29.88
CA GLU E 245 -28.37 4.37 -29.22
C GLU E 245 -28.23 4.27 -27.71
N SER E 246 -28.43 3.08 -27.15
CA SER E 246 -28.27 2.88 -25.72
C SER E 246 -26.81 2.87 -25.31
N ARG E 247 -25.92 2.48 -26.21
CA ARG E 247 -24.52 2.33 -25.85
C ARG E 247 -23.80 3.67 -25.84
N PHE E 248 -23.85 4.40 -26.96
CA PHE E 248 -23.06 5.62 -27.08
C PHE E 248 -23.87 6.88 -27.30
N PHE E 249 -25.19 6.79 -27.44
CA PHE E 249 -25.99 7.96 -27.77
C PHE E 249 -27.04 8.30 -26.72
N ASP E 250 -27.20 7.50 -25.67
CA ASP E 250 -28.24 7.75 -24.69
C ASP E 250 -27.77 8.79 -23.67
N PRO E 251 -28.39 9.96 -23.60
CA PRO E 251 -27.93 10.99 -22.65
C PRO E 251 -27.86 10.52 -21.21
N LYS E 252 -28.57 9.45 -20.84
CA LYS E 252 -28.63 8.98 -19.47
C LYS E 252 -27.85 7.69 -19.27
N ARG E 253 -27.02 7.31 -20.24
CA ARG E 253 -26.15 6.15 -20.14
C ARG E 253 -24.75 6.41 -20.66
N TYR E 254 -24.53 7.54 -21.33
CA TYR E 254 -23.22 7.92 -21.84
C TYR E 254 -23.05 9.41 -21.60
N ASP E 255 -22.06 9.78 -20.80
CA ASP E 255 -21.74 11.20 -20.57
C ASP E 255 -20.25 11.42 -20.77
N LEU E 256 -19.90 12.24 -21.77
CA LEU E 256 -18.51 12.65 -21.92
C LEU E 256 -18.11 13.59 -20.80
N GLY E 257 -19.03 14.46 -20.38
CA GLY E 257 -18.73 15.53 -19.46
C GLY E 257 -18.28 16.79 -20.16
N ARG E 258 -18.25 17.87 -19.38
CA ARG E 258 -17.71 19.11 -19.91
C ARG E 258 -16.21 18.97 -20.18
N VAL E 259 -15.50 18.31 -19.26
CA VAL E 259 -14.08 18.08 -19.45
C VAL E 259 -13.86 17.12 -20.61
N GLY E 260 -14.73 16.13 -20.77
CA GLY E 260 -14.59 15.20 -21.87
C GLY E 260 -14.76 15.88 -23.21
N ARG E 261 -15.78 16.73 -23.33
CA ARG E 261 -15.96 17.50 -24.55
C ARG E 261 -14.78 18.44 -24.79
N TYR E 262 -14.29 19.10 -23.74
CA TYR E 262 -13.16 20.01 -23.90
C TYR E 262 -11.92 19.26 -24.39
N LYS E 263 -11.63 18.11 -23.80
CA LYS E 263 -10.46 17.33 -24.22
C LYS E 263 -10.62 16.79 -25.62
N LEU E 264 -11.82 16.31 -25.98
CA LEU E 264 -12.04 15.83 -27.34
C LEU E 264 -11.81 16.94 -28.35
N ASN E 265 -12.38 18.13 -28.10
CA ASN E 265 -12.19 19.25 -29.01
C ASN E 265 -10.72 19.66 -29.09
N LYS E 266 -10.02 19.69 -27.94
CA LYS E 266 -8.63 20.11 -27.92
C LYS E 266 -7.73 19.13 -28.64
N LYS E 267 -7.97 17.83 -28.48
CA LYS E 267 -7.11 16.81 -29.06
C LYS E 267 -7.41 16.62 -30.54
N LEU E 268 -8.67 16.36 -30.89
CA LEU E 268 -9.03 16.06 -32.26
C LEU E 268 -9.13 17.30 -33.13
N GLY E 269 -9.15 18.49 -32.54
CA GLY E 269 -9.24 19.71 -33.30
C GLY E 269 -10.62 20.00 -33.84
N LEU E 270 -11.66 19.55 -33.14
CA LEU E 270 -13.03 19.76 -33.57
C LEU E 270 -13.53 21.12 -33.08
N ASN E 271 -14.82 21.38 -33.33
CA ASN E 271 -15.44 22.65 -32.94
C ASN E 271 -16.82 22.44 -32.33
N VAL E 272 -17.13 21.22 -31.89
CA VAL E 272 -18.47 20.91 -31.40
C VAL E 272 -18.77 21.73 -30.15
N ALA E 273 -20.06 21.99 -29.93
CA ALA E 273 -20.47 22.83 -28.82
C ALA E 273 -20.16 22.18 -27.49
N ASP E 274 -20.04 23.01 -26.46
CA ASP E 274 -19.74 22.52 -25.12
C ASP E 274 -20.95 21.88 -24.46
N THR E 275 -22.15 22.13 -24.97
CA THR E 275 -23.35 21.62 -24.34
C THR E 275 -23.59 20.15 -24.66
N VAL E 276 -23.14 19.70 -25.83
CA VAL E 276 -23.35 18.30 -26.24
C VAL E 276 -22.32 17.43 -25.55
N ARG E 277 -22.80 16.39 -24.86
CA ARG E 277 -21.94 15.56 -24.02
C ARG E 277 -22.01 14.09 -24.40
N THR E 278 -22.43 13.77 -25.62
CA THR E 278 -22.46 12.40 -26.10
C THR E 278 -21.66 12.29 -27.39
N LEU E 279 -21.27 11.07 -27.71
CA LEU E 279 -20.47 10.83 -28.91
C LEU E 279 -21.27 11.15 -30.16
N THR E 280 -20.60 11.71 -31.16
CA THR E 280 -21.21 12.08 -32.41
C THR E 280 -20.37 11.50 -33.54
N SER E 281 -20.93 11.47 -34.75
CA SER E 281 -20.21 10.90 -35.88
C SER E 281 -18.88 11.59 -36.07
N GLU E 282 -18.89 12.93 -36.05
CA GLU E 282 -17.67 13.71 -36.22
C GLU E 282 -16.58 13.20 -35.30
N ASP E 283 -16.92 12.93 -34.04
CA ASP E 283 -15.94 12.50 -33.05
C ASP E 283 -15.23 11.23 -33.51
N ILE E 284 -15.99 10.16 -33.77
CA ILE E 284 -15.37 8.88 -34.15
C ILE E 284 -14.57 9.05 -35.43
N LEU E 285 -15.10 9.79 -36.40
CA LEU E 285 -14.36 9.94 -37.66
C LEU E 285 -13.05 10.67 -37.42
N ALA E 286 -13.08 11.77 -36.67
CA ALA E 286 -11.86 12.48 -36.32
C ALA E 286 -10.87 11.56 -35.63
N ALA E 287 -11.30 10.88 -34.57
CA ALA E 287 -10.42 9.96 -33.85
C ALA E 287 -9.76 8.96 -34.80
N ILE E 288 -10.54 8.40 -35.74
CA ILE E 288 -9.97 7.47 -36.72
C ILE E 288 -8.94 8.17 -37.60
N ASP E 289 -9.26 9.40 -38.03
CA ASP E 289 -8.33 10.15 -38.86
C ASP E 289 -7.03 10.42 -38.12
N TYR E 290 -7.12 10.78 -36.84
CA TYR E 290 -5.93 11.01 -36.04
C TYR E 290 -5.13 9.73 -35.88
N LEU E 291 -5.80 8.59 -35.71
CA LEU E 291 -5.10 7.32 -35.64
C LEU E 291 -4.37 7.02 -36.94
N ILE E 292 -5.02 7.27 -38.08
CA ILE E 292 -4.40 7.04 -39.38
C ILE E 292 -3.18 7.92 -39.54
N ASN E 293 -3.32 9.20 -39.21
CA ASN E 293 -2.21 10.15 -39.33
C ASN E 293 -1.05 9.75 -38.42
N LEU E 294 -1.35 9.31 -37.20
CA LEU E 294 -0.31 8.84 -36.29
C LEU E 294 0.39 7.61 -36.87
N GLU E 295 -0.37 6.74 -37.53
CA GLU E 295 0.23 5.60 -38.20
C GLU E 295 1.17 6.04 -39.31
N LEU E 296 0.76 7.04 -40.08
CA LEU E 296 1.53 7.47 -41.24
C LEU E 296 2.52 8.57 -40.91
N ASP E 297 2.61 9.00 -39.65
CA ASP E 297 3.54 10.04 -39.21
C ASP E 297 3.32 11.31 -40.03
N LEU E 298 2.16 11.93 -39.79
CA LEU E 298 1.82 13.15 -40.51
C LEU E 298 2.63 14.34 -40.01
N GLY E 299 2.77 14.47 -38.70
CA GLY E 299 3.56 15.57 -38.15
C GLY E 299 2.92 16.29 -36.99
N GLY E 300 1.59 16.39 -37.00
CA GLY E 300 0.90 17.10 -35.94
C GLY E 300 0.19 16.14 -35.01
N CYS E 301 0.64 14.90 -34.98
CA CYS E 301 0.04 13.84 -34.18
C CYS E 301 1.08 13.26 -33.24
N GLU E 302 0.63 12.81 -32.08
CA GLU E 302 1.54 12.35 -31.04
C GLU E 302 0.77 11.43 -30.10
N VAL E 303 1.45 10.39 -29.62
CA VAL E 303 0.82 9.46 -28.68
C VAL E 303 0.70 10.18 -27.34
N ASP E 304 -0.09 9.62 -26.44
CA ASP E 304 -0.41 10.29 -25.19
C ASP E 304 0.30 9.62 -24.02
N ASP E 305 0.59 10.43 -23.00
CA ASP E 305 1.09 9.95 -21.73
C ASP E 305 -0.03 10.01 -20.71
N ILE E 306 -0.27 8.90 -20.02
CA ILE E 306 -1.40 8.81 -19.12
C ILE E 306 -1.07 9.30 -17.73
N ASP E 307 0.21 9.41 -17.38
CA ASP E 307 0.63 9.95 -16.10
C ASP E 307 0.78 11.46 -16.10
N HIS E 308 0.74 12.10 -17.28
CA HIS E 308 0.81 13.55 -17.35
C HIS E 308 -0.33 14.18 -16.58
N LEU E 309 -0.02 15.25 -15.85
CA LEU E 309 -1.05 15.94 -15.09
C LEU E 309 -1.99 16.74 -15.98
N GLY E 310 -1.68 16.85 -17.27
CA GLY E 310 -2.63 17.41 -18.22
C GLY E 310 -3.64 16.42 -18.73
N ASN E 311 -3.42 15.13 -18.46
CA ASN E 311 -4.36 14.08 -18.82
C ASN E 311 -5.01 13.46 -17.58
N ARG E 312 -4.88 14.11 -16.43
CA ARG E 312 -5.41 13.59 -15.18
C ARG E 312 -6.22 14.68 -14.51
N ARG E 313 -7.22 14.26 -13.76
CA ARG E 313 -8.22 15.17 -13.20
C ARG E 313 -8.34 14.93 -11.71
N VAL E 314 -8.92 15.91 -11.04
CA VAL E 314 -9.18 15.84 -9.61
C VAL E 314 -10.68 15.94 -9.42
N ARG E 315 -11.22 15.01 -8.66
CA ARG E 315 -12.63 15.04 -8.28
C ARG E 315 -12.72 15.25 -6.78
N SER E 316 -13.64 16.11 -6.38
CA SER E 316 -13.82 16.44 -4.98
C SER E 316 -15.27 16.20 -4.59
N VAL E 317 -15.67 16.68 -3.42
CA VAL E 317 -16.96 16.32 -2.85
C VAL E 317 -18.10 16.66 -3.81
N GLY E 318 -17.96 17.74 -4.57
CA GLY E 318 -19.04 18.14 -5.47
C GLY E 318 -19.33 17.09 -6.53
N GLU E 319 -18.29 16.61 -7.22
CA GLU E 319 -18.49 15.65 -8.30
C GLU E 319 -18.97 14.30 -7.74
N LEU E 320 -18.32 13.82 -6.68
CA LEU E 320 -18.68 12.53 -6.11
C LEU E 320 -20.10 12.55 -5.57
N LEU E 321 -20.49 13.68 -4.99
CA LEU E 321 -21.85 13.85 -4.52
C LEU E 321 -22.80 13.83 -5.70
N GLN E 322 -22.53 14.65 -6.73
CA GLN E 322 -23.34 14.65 -7.94
C GLN E 322 -23.61 13.24 -8.43
N ASN E 323 -22.55 12.43 -8.55
CA ASN E 323 -22.71 11.06 -9.04
C ASN E 323 -23.63 10.25 -8.12
N GLN E 324 -23.43 10.35 -6.81
CA GLN E 324 -24.30 9.61 -5.90
C GLN E 324 -25.74 10.08 -6.00
N VAL E 325 -25.94 11.39 -6.14
CA VAL E 325 -27.27 11.96 -6.31
C VAL E 325 -27.89 11.45 -7.60
N ARG E 326 -27.09 11.34 -8.65
CA ARG E 326 -27.58 10.80 -9.91
C ARG E 326 -28.08 9.39 -9.75
N VAL E 327 -27.33 8.54 -9.04
CA VAL E 327 -27.75 7.17 -8.83
C VAL E 327 -29.06 7.14 -8.04
N GLY E 328 -29.12 7.92 -6.95
CA GLY E 328 -30.34 8.00 -6.16
C GLY E 328 -31.52 8.48 -6.96
N LEU E 329 -31.29 9.46 -7.85
CA LEU E 329 -32.36 9.99 -8.68
C LEU E 329 -32.84 8.96 -9.69
N ASN E 330 -31.94 8.15 -10.23
CA ASN E 330 -32.35 7.07 -11.12
C ASN E 330 -33.26 6.09 -10.40
N ARG E 331 -32.86 5.70 -9.19
CA ARG E 331 -33.69 4.81 -8.39
C ARG E 331 -35.04 5.45 -8.07
N LEU E 332 -35.03 6.74 -7.75
CA LEU E 332 -36.26 7.46 -7.44
C LEU E 332 -37.18 7.52 -8.64
N GLU E 333 -36.61 7.73 -9.83
CA GLU E 333 -37.41 7.77 -11.05
C GLU E 333 -38.03 6.41 -11.34
N ARG E 334 -37.29 5.33 -11.09
CA ARG E 334 -37.87 4.01 -11.26
C ARG E 334 -39.05 3.81 -10.30
N ILE E 335 -38.87 4.21 -9.04
CA ILE E 335 -39.95 4.08 -8.06
C ILE E 335 -41.16 4.92 -8.48
N ILE E 336 -40.91 6.14 -8.96
CA ILE E 336 -42.00 7.02 -9.37
C ILE E 336 -42.78 6.43 -10.53
N ARG E 337 -42.07 5.90 -11.53
CA ARG E 337 -42.75 5.31 -12.67
C ARG E 337 -43.57 4.10 -12.25
N GLU E 338 -43.02 3.27 -11.34
CA GLU E 338 -43.76 2.12 -10.85
C GLU E 338 -45.01 2.55 -10.11
N ARG E 339 -44.92 3.58 -9.26
CA ARG E 339 -46.06 4.04 -8.49
C ARG E 339 -46.87 5.09 -9.24
N MET E 340 -46.65 5.22 -10.54
CA MET E 340 -47.44 6.08 -11.41
C MET E 340 -48.26 5.30 -12.42
N THR E 341 -47.68 4.29 -13.05
CA THR E 341 -48.45 3.52 -14.03
C THR E 341 -49.50 2.64 -13.34
N VAL E 342 -49.13 1.99 -12.23
CA VAL E 342 -50.06 1.09 -11.54
C VAL E 342 -51.37 1.79 -11.22
N SER E 343 -51.31 3.07 -10.85
CA SER E 343 -52.51 3.81 -10.44
C SER E 343 -53.50 3.91 -11.60
N ASP E 344 -54.68 3.34 -11.40
CA ASP E 344 -55.76 3.43 -12.37
C ASP E 344 -56.58 4.70 -12.24
N SER E 345 -56.28 5.55 -11.26
CA SER E 345 -57.02 6.78 -11.04
C SER E 345 -56.04 7.92 -10.80
N ASP E 346 -56.38 9.09 -11.34
CA ASP E 346 -55.56 10.28 -11.14
C ASP E 346 -55.82 10.93 -9.78
N SER E 347 -55.72 10.14 -8.71
CA SER E 347 -55.82 10.64 -7.34
C SER E 347 -54.46 10.81 -6.70
N LEU E 348 -53.43 11.03 -7.51
CA LEU E 348 -52.06 11.16 -7.06
C LEU E 348 -51.62 12.62 -7.02
N SER E 349 -50.90 12.99 -5.97
CA SER E 349 -50.31 14.31 -5.84
C SER E 349 -48.79 14.19 -5.81
N PRO E 350 -48.07 15.24 -6.22
CA PRO E 350 -46.60 15.14 -6.24
C PRO E 350 -45.98 14.77 -4.90
N ALA E 351 -46.64 15.11 -3.79
CA ALA E 351 -46.12 14.72 -2.49
C ALA E 351 -46.19 13.21 -2.29
N SER E 352 -47.28 12.59 -2.75
CA SER E 352 -47.48 11.16 -2.60
C SER E 352 -46.84 10.37 -3.71
N LEU E 353 -46.19 11.03 -4.66
CA LEU E 353 -45.58 10.39 -5.82
C LEU E 353 -44.09 10.16 -5.64
N VAL E 354 -43.38 11.06 -4.98
CA VAL E 354 -41.95 10.94 -4.82
C VAL E 354 -41.66 10.24 -3.50
N ASN E 355 -40.62 9.40 -3.52
CA ASN E 355 -40.16 8.70 -2.32
C ASN E 355 -38.69 9.02 -2.11
N PRO E 356 -38.31 9.73 -1.06
CA PRO E 356 -36.92 10.14 -0.89
C PRO E 356 -36.02 9.07 -0.28
N LYS E 357 -36.49 7.82 -0.20
CA LYS E 357 -35.67 6.79 0.41
C LYS E 357 -34.43 6.47 -0.40
N PRO E 358 -34.51 6.23 -1.73
CA PRO E 358 -33.27 5.91 -2.46
C PRO E 358 -32.25 7.03 -2.43
N LEU E 359 -32.68 8.29 -2.52
CA LEU E 359 -31.73 9.40 -2.50
C LEU E 359 -31.11 9.57 -1.12
N VAL E 360 -31.92 9.47 -0.07
CA VAL E 360 -31.40 9.55 1.29
C VAL E 360 -30.41 8.42 1.53
N ALA E 361 -30.74 7.21 1.08
CA ALA E 361 -29.85 6.07 1.25
C ALA E 361 -28.54 6.29 0.52
N ALA E 362 -28.60 6.80 -0.72
CA ALA E 362 -27.37 7.03 -1.48
C ALA E 362 -26.49 8.07 -0.81
N ILE E 363 -27.08 9.19 -0.35
CA ILE E 363 -26.29 10.21 0.32
C ILE E 363 -25.71 9.70 1.63
N LYS E 364 -26.51 8.97 2.40
CA LYS E 364 -26.02 8.40 3.66
C LYS E 364 -24.88 7.42 3.41
N GLU E 365 -25.00 6.57 2.39
CA GLU E 365 -23.97 5.60 2.10
C GLU E 365 -22.69 6.31 1.66
N PHE E 366 -22.83 7.35 0.84
CA PHE E 366 -21.65 8.10 0.41
C PHE E 366 -20.94 8.75 1.58
N PHE E 367 -21.69 9.37 2.49
CA PHE E 367 -21.08 10.14 3.56
C PHE E 367 -20.69 9.29 4.76
N GLY E 368 -21.19 8.07 4.87
CA GLY E 368 -20.85 7.25 6.02
C GLY E 368 -20.05 6.01 5.75
N SER E 369 -20.24 5.37 4.60
CA SER E 369 -19.65 4.06 4.35
C SER E 369 -18.80 4.03 3.09
N SER E 370 -18.57 5.16 2.45
CA SER E 370 -17.72 5.15 1.27
C SER E 370 -16.25 5.15 1.68
N GLN E 371 -15.39 4.81 0.73
CA GLN E 371 -13.96 4.86 0.95
C GLN E 371 -13.34 6.16 0.45
N LEU E 372 -14.16 7.10 -0.03
CA LEU E 372 -13.69 8.42 -0.37
C LEU E 372 -14.04 9.45 0.71
N SER E 373 -14.99 9.13 1.58
CA SER E 373 -15.28 9.94 2.75
C SER E 373 -14.53 9.30 3.90
N GLN E 374 -13.65 10.06 4.55
CA GLN E 374 -12.70 9.49 5.49
C GLN E 374 -12.81 10.16 6.84
N PHE E 375 -12.55 9.36 7.87
CA PHE E 375 -12.50 9.86 9.23
C PHE E 375 -11.38 10.89 9.32
N MET E 376 -11.70 12.04 9.88
CA MET E 376 -10.77 13.16 9.83
C MET E 376 -9.51 12.85 10.62
N ASP E 377 -8.37 13.29 10.10
CA ASP E 377 -7.13 13.30 10.85
C ASP E 377 -7.07 14.62 11.60
N GLN E 378 -7.02 14.55 12.93
CA GLN E 378 -7.19 15.73 13.75
C GLN E 378 -6.20 15.73 14.91
N THR E 379 -5.02 15.16 14.70
CA THR E 379 -4.01 15.16 15.74
C THR E 379 -3.56 16.57 16.08
N ASN E 380 -3.37 17.40 15.05
CA ASN E 380 -3.00 18.79 15.22
C ASN E 380 -3.51 19.55 14.02
N PRO E 381 -3.46 20.89 14.05
CA PRO E 381 -3.95 21.65 12.89
C PRO E 381 -3.22 21.33 11.59
N LEU E 382 -1.94 20.94 11.66
CA LEU E 382 -1.24 20.62 10.42
C LEU E 382 -1.79 19.35 9.78
N ALA E 383 -2.03 18.31 10.56
CA ALA E 383 -2.62 17.09 10.01
C ALA E 383 -4.01 17.36 9.45
N GLU E 384 -4.80 18.17 10.16
CA GLU E 384 -6.12 18.55 9.66
C GLU E 384 -6.03 19.31 8.34
N LEU E 385 -5.09 20.24 8.25
CA LEU E 385 -4.94 21.03 7.03
C LEU E 385 -4.50 20.16 5.86
N THR E 386 -3.57 19.24 6.08
CA THR E 386 -3.10 18.42 4.97
C THR E 386 -4.04 17.27 4.66
N HIS E 387 -5.02 16.99 5.53
CA HIS E 387 -6.02 15.99 5.20
C HIS E 387 -7.05 16.52 4.21
N LYS E 388 -7.24 17.83 4.17
CA LYS E 388 -8.18 18.43 3.23
C LYS E 388 -7.54 18.75 1.90
N ARG E 389 -6.22 18.65 1.82
CA ARG E 389 -5.47 18.94 0.60
C ARG E 389 -4.83 17.66 0.05
N ARG E 390 -5.44 16.53 0.31
CA ARG E 390 -4.87 15.24 -0.05
C ARG E 390 -5.48 14.76 -1.35
N LEU E 391 -4.66 14.14 -2.19
CA LEU E 391 -5.08 13.61 -3.47
C LEU E 391 -4.83 12.11 -3.48
N SER E 392 -5.86 11.34 -3.81
CA SER E 392 -5.77 9.88 -3.76
C SER E 392 -5.94 9.32 -5.16
N ALA E 393 -5.22 8.25 -5.44
CA ALA E 393 -5.32 7.55 -6.71
C ALA E 393 -6.14 6.27 -6.58
N LEU E 394 -6.76 6.04 -5.43
CA LEU E 394 -7.52 4.84 -5.17
C LEU E 394 -8.96 5.21 -4.85
N GLY E 395 -9.88 4.29 -5.14
CA GLY E 395 -11.27 4.48 -4.82
C GLY E 395 -12.18 3.93 -5.89
N PRO E 396 -13.47 4.22 -5.77
CA PRO E 396 -14.43 3.74 -6.78
C PRO E 396 -14.27 4.53 -8.08
N GLY E 397 -13.32 4.12 -8.91
CA GLY E 397 -13.10 4.80 -10.17
C GLY E 397 -11.64 5.14 -10.40
N GLY E 398 -10.77 4.64 -9.52
CA GLY E 398 -9.35 4.90 -9.66
C GLY E 398 -8.56 3.61 -9.77
N LEU E 399 -7.57 3.44 -8.90
CA LEU E 399 -6.70 2.28 -8.94
C LEU E 399 -6.98 1.35 -7.77
N THR E 400 -6.30 0.21 -7.78
CA THR E 400 -6.30 -0.74 -6.68
C THR E 400 -4.86 -1.04 -6.30
N ARG E 401 -4.67 -1.47 -5.05
CA ARG E 401 -3.31 -1.62 -4.53
C ARG E 401 -2.55 -2.70 -5.29
N GLU E 402 -3.23 -3.77 -5.67
CA GLU E 402 -2.57 -4.87 -6.37
C GLU E 402 -2.32 -4.55 -7.84
N ARG E 403 -3.00 -3.54 -8.39
CA ARG E 403 -2.87 -3.19 -9.80
C ARG E 403 -1.92 -2.02 -10.02
N ALA E 404 -1.78 -1.14 -9.03
CA ALA E 404 -0.84 -0.05 -9.12
C ALA E 404 0.59 -0.59 -9.08
N GLY E 405 1.43 -0.12 -9.99
CA GLY E 405 2.78 -0.62 -10.09
C GLY E 405 3.83 0.46 -9.97
N PHE E 406 5.02 0.18 -10.51
CA PHE E 406 6.14 1.10 -10.34
C PHE E 406 5.89 2.42 -11.05
N ALA E 407 5.34 2.37 -12.27
CA ALA E 407 5.18 3.57 -13.08
C ALA E 407 4.26 4.58 -12.40
N VAL E 408 3.16 4.10 -11.81
CA VAL E 408 2.16 5.01 -11.27
C VAL E 408 2.63 5.70 -10.00
N ARG E 409 3.45 5.03 -9.20
CA ARG E 409 3.82 5.53 -7.89
C ARG E 409 5.04 6.44 -7.92
N ASP E 410 5.49 6.86 -9.10
CA ASP E 410 6.70 7.65 -9.22
C ASP E 410 6.32 9.13 -9.36
N ILE E 411 7.33 9.98 -9.53
CA ILE E 411 7.14 11.41 -9.72
C ILE E 411 7.17 11.68 -11.21
N HIS E 412 6.18 12.41 -11.70
CA HIS E 412 6.19 12.73 -13.11
C HIS E 412 6.61 14.17 -13.30
N PRO E 413 7.47 14.49 -14.28
CA PRO E 413 7.94 15.87 -14.45
C PRO E 413 6.83 16.91 -14.57
N SER E 414 5.59 16.47 -14.67
CA SER E 414 4.44 17.37 -14.73
C SER E 414 3.85 17.64 -13.35
N HIS E 415 4.39 17.03 -12.31
CA HIS E 415 3.97 17.30 -10.94
C HIS E 415 4.58 18.57 -10.39
N TYR E 416 5.48 19.21 -11.14
CA TYR E 416 6.25 20.35 -10.67
C TYR E 416 5.35 21.51 -10.30
N GLY E 417 5.25 21.81 -9.01
CA GLY E 417 4.44 22.90 -8.53
C GLY E 417 2.98 22.56 -8.34
N ARG E 418 2.59 21.30 -8.51
CA ARG E 418 1.20 20.88 -8.39
C ARG E 418 1.00 19.77 -7.37
N ILE E 419 1.95 18.84 -7.28
CA ILE E 419 1.93 17.77 -6.32
C ILE E 419 3.29 17.73 -5.66
N CYS E 420 3.31 17.62 -4.33
CA CYS E 420 4.57 17.63 -3.61
C CYS E 420 5.35 16.37 -3.93
N PRO E 421 6.65 16.46 -4.21
CA PRO E 421 7.46 15.28 -4.50
C PRO E 421 8.03 14.61 -3.26
N ILE E 422 7.66 15.11 -2.09
CA ILE E 422 8.22 14.65 -0.83
C ILE E 422 7.16 13.96 0.03
N GLU E 423 6.05 14.63 0.28
CA GLU E 423 5.06 14.17 1.25
C GLU E 423 4.27 13.02 0.65
N THR E 424 4.50 11.82 1.16
CA THR E 424 3.75 10.63 0.80
C THR E 424 3.75 9.70 2.00
N PRO E 425 2.95 8.64 1.98
CA PRO E 425 3.09 7.60 3.00
C PRO E 425 4.29 6.72 2.71
N GLU E 426 4.60 5.86 3.66
CA GLU E 426 5.61 4.82 3.50
C GLU E 426 4.95 3.47 3.68
N GLY E 427 5.26 2.55 2.77
CA GLY E 427 4.65 1.24 2.81
C GLY E 427 3.83 0.99 1.57
N PRO E 428 2.69 0.30 1.74
CA PRO E 428 1.86 -0.05 0.56
C PRO E 428 1.25 1.16 -0.12
N ASN E 429 1.21 2.32 0.55
CA ASN E 429 0.57 3.52 0.01
C ASN E 429 1.57 4.53 -0.53
N ALA E 430 2.82 4.12 -0.75
CA ALA E 430 3.85 5.06 -1.19
C ALA E 430 3.65 5.39 -2.66
N GLY E 431 3.44 6.67 -2.95
CA GLY E 431 3.21 7.13 -4.30
C GLY E 431 1.78 7.09 -4.75
N LEU E 432 0.88 6.50 -3.97
CA LEU E 432 -0.53 6.42 -4.33
C LEU E 432 -1.38 7.50 -3.67
N ILE E 433 -0.86 8.14 -2.62
CA ILE E 433 -1.50 9.28 -1.98
C ILE E 433 -0.49 10.41 -2.00
N GLY E 434 -0.93 11.59 -2.46
CA GLY E 434 -0.07 12.74 -2.56
C GLY E 434 -0.72 13.95 -1.91
N SER E 435 0.03 15.04 -1.93
CA SER E 435 -0.39 16.28 -1.28
C SER E 435 -0.26 17.42 -2.28
N LEU E 436 -1.24 18.31 -2.27
CA LEU E 436 -1.21 19.46 -3.14
C LEU E 436 -0.06 20.38 -2.73
N ALA E 437 0.57 21.01 -3.72
CA ALA E 437 1.68 21.89 -3.41
C ALA E 437 1.15 23.20 -2.80
N THR E 438 2.05 24.12 -2.49
CA THR E 438 1.68 25.26 -1.68
C THR E 438 0.83 26.26 -2.46
N HIS E 439 1.18 26.51 -3.71
CA HIS E 439 0.53 27.52 -4.53
C HIS E 439 -0.41 26.91 -5.56
N ALA E 440 -0.51 25.59 -5.60
CA ALA E 440 -1.31 24.95 -6.63
C ALA E 440 -2.79 25.10 -6.34
N ARG E 441 -3.58 25.10 -7.41
CA ARG E 441 -5.02 25.21 -7.32
C ARG E 441 -5.64 24.39 -8.45
N VAL E 442 -6.92 24.07 -8.29
CA VAL E 442 -7.66 23.28 -9.25
C VAL E 442 -8.67 24.19 -9.92
N ASN E 443 -8.70 24.16 -11.26
CA ASN E 443 -9.59 25.02 -12.02
C ASN E 443 -10.95 24.33 -12.16
N ASP E 444 -11.84 24.93 -12.95
CA ASP E 444 -13.22 24.44 -13.02
C ASP E 444 -13.38 23.20 -13.89
N TYR E 445 -12.35 22.83 -14.65
CA TYR E 445 -12.39 21.58 -15.39
C TYR E 445 -11.88 20.39 -14.59
N GLY E 446 -11.02 20.65 -13.61
CA GLY E 446 -10.49 19.61 -12.76
C GLY E 446 -9.01 19.38 -12.89
N PHE E 447 -8.26 20.30 -13.47
CA PHE E 447 -6.83 20.15 -13.68
C PHE E 447 -6.09 21.06 -12.72
N ILE E 448 -4.97 20.60 -12.21
CA ILE E 448 -4.22 21.38 -11.24
C ILE E 448 -3.39 22.41 -11.97
N GLU E 449 -3.41 23.64 -11.47
CA GLU E 449 -2.68 24.75 -12.05
C GLU E 449 -1.67 25.25 -11.03
N THR E 450 -0.84 26.18 -11.49
CA THR E 450 0.18 26.72 -10.61
C THR E 450 0.59 28.07 -11.16
N PRO E 451 0.97 29.02 -10.31
CA PRO E 451 1.14 30.39 -10.77
C PRO E 451 2.56 30.72 -11.19
N PHE E 452 2.67 31.71 -12.06
CA PHE E 452 3.94 32.16 -12.57
C PHE E 452 3.89 33.66 -12.77
N TRP E 453 5.07 34.27 -12.73
CA TRP E 453 5.22 35.66 -13.07
C TRP E 453 5.78 35.71 -14.48
N ARG E 454 5.38 36.74 -15.21
CA ARG E 454 5.81 36.87 -16.59
C ARG E 454 7.18 37.51 -16.63
N VAL E 455 7.96 37.16 -17.64
CA VAL E 455 9.29 37.71 -17.79
C VAL E 455 9.39 38.32 -19.18
N GLU E 456 9.63 39.62 -19.23
CA GLU E 456 9.74 40.35 -20.48
C GLU E 456 11.15 40.90 -20.57
N GLU E 457 11.90 40.46 -21.58
CA GLU E 457 13.27 40.90 -21.81
C GLU E 457 14.14 40.68 -20.57
N GLY E 458 13.93 39.56 -19.89
CA GLY E 458 14.67 39.26 -18.69
C GLY E 458 14.23 39.97 -17.44
N ARG E 459 13.07 40.63 -17.47
CA ARG E 459 12.57 41.36 -16.32
C ARG E 459 11.32 40.67 -15.79
N VAL E 460 11.32 40.37 -14.50
CA VAL E 460 10.19 39.71 -13.85
C VAL E 460 9.14 40.75 -13.51
N ARG E 461 7.94 40.59 -14.08
CA ARG E 461 6.86 41.55 -13.91
C ARG E 461 5.99 41.13 -12.72
N LYS E 462 6.43 41.52 -11.53
CA LYS E 462 5.61 41.28 -10.35
C LYS E 462 4.51 42.31 -10.20
N ASP E 463 4.49 43.34 -11.05
CA ASP E 463 3.42 44.33 -11.02
C ASP E 463 2.14 43.74 -11.59
N LEU E 464 2.26 42.93 -12.64
CA LEU E 464 1.13 42.25 -13.27
C LEU E 464 0.68 41.08 -12.40
N ALA E 465 -0.49 40.55 -12.73
CA ALA E 465 -0.95 39.52 -11.81
C ALA E 465 -0.43 38.14 -12.22
N PRO E 466 -0.23 37.27 -11.24
CA PRO E 466 0.21 35.90 -11.53
C PRO E 466 -0.62 35.25 -12.62
N VAL E 467 0.07 34.60 -13.55
CA VAL E 467 -0.57 33.82 -14.61
C VAL E 467 -0.53 32.35 -14.19
N TYR E 468 -1.69 31.79 -13.88
CA TYR E 468 -1.77 30.37 -13.57
C TYR E 468 -1.69 29.56 -14.85
N MET E 469 -1.23 28.31 -14.72
CA MET E 469 -0.98 27.51 -15.91
C MET E 469 -0.99 26.04 -15.51
N THR E 470 -1.58 25.22 -16.39
CA THR E 470 -1.68 23.78 -16.21
C THR E 470 -0.47 23.07 -16.81
N ALA E 471 -0.43 21.75 -16.64
CA ALA E 471 0.75 20.98 -17.01
C ALA E 471 0.97 21.02 -18.51
N ASP E 472 -0.10 20.96 -19.30
CA ASP E 472 0.05 20.94 -20.74
C ASP E 472 0.41 22.32 -21.27
N GLN E 473 -0.07 23.38 -20.61
CA GLN E 473 0.23 24.74 -21.06
C GLN E 473 1.72 25.03 -20.97
N GLU E 474 2.35 24.64 -19.86
CA GLU E 474 3.74 25.01 -19.62
C GLU E 474 4.71 23.96 -20.16
N ASP E 475 4.47 23.53 -21.40
CA ASP E 475 5.37 22.59 -22.04
C ASP E 475 6.15 23.21 -23.18
N ASP E 476 5.60 24.25 -23.81
CA ASP E 476 6.29 24.98 -24.86
C ASP E 476 7.04 26.20 -24.35
N LEU E 477 6.85 26.59 -23.11
CA LEU E 477 7.54 27.74 -22.54
C LEU E 477 8.78 27.28 -21.79
N ARG E 478 9.70 28.22 -21.56
CA ARG E 478 10.89 27.99 -20.76
C ARG E 478 10.64 28.64 -19.41
N VAL E 479 10.40 27.83 -18.39
CA VAL E 479 9.97 28.28 -17.07
C VAL E 479 11.13 28.15 -16.10
N ALA E 480 11.43 29.23 -15.40
CA ALA E 480 12.50 29.26 -14.42
C ALA E 480 11.98 28.96 -13.03
N PRO E 481 12.81 28.41 -12.15
CA PRO E 481 12.35 28.10 -10.79
C PRO E 481 12.20 29.36 -9.96
N GLY E 482 11.62 29.19 -8.77
CA GLY E 482 11.38 30.30 -7.90
C GLY E 482 12.56 30.73 -7.08
N ASP E 483 13.71 30.09 -7.25
CA ASP E 483 14.92 30.43 -6.51
C ASP E 483 15.88 31.26 -7.33
N VAL E 484 15.48 31.70 -8.52
CA VAL E 484 16.32 32.60 -9.30
C VAL E 484 16.33 33.96 -8.64
N ALA E 485 17.48 34.64 -8.70
CA ALA E 485 17.65 35.91 -8.01
C ALA E 485 17.57 37.05 -8.99
N THR E 486 16.77 38.07 -8.64
CA THR E 486 16.66 39.27 -9.45
C THR E 486 17.18 40.47 -8.67
N ASP E 487 17.54 41.52 -9.40
CA ASP E 487 18.16 42.70 -8.81
C ASP E 487 17.05 43.70 -8.48
N ASP E 488 17.43 44.96 -8.26
CA ASP E 488 16.44 46.01 -8.05
C ASP E 488 15.47 46.04 -9.23
N ALA E 489 14.25 46.50 -8.96
CA ALA E 489 13.11 46.33 -9.87
C ALA E 489 12.98 44.83 -10.15
N GLY E 490 13.15 44.35 -11.38
CA GLY E 490 12.87 42.95 -11.64
C GLY E 490 13.83 42.13 -12.47
N TYR E 491 14.88 42.75 -13.02
CA TYR E 491 15.74 42.03 -13.95
C TYR E 491 16.42 40.83 -13.29
N ILE E 492 16.52 39.74 -14.05
CA ILE E 492 17.13 38.51 -13.55
C ILE E 492 18.65 38.63 -13.62
N LEU E 493 19.31 38.36 -12.50
CA LEU E 493 20.76 38.38 -12.47
C LEU E 493 21.34 37.06 -12.93
N GLY E 494 22.59 37.12 -13.38
CA GLY E 494 23.28 35.95 -13.87
C GLY E 494 23.39 35.96 -15.39
N THR E 495 24.08 34.95 -15.90
CA THR E 495 24.23 34.77 -17.34
C THR E 495 23.62 33.48 -17.85
N THR E 496 23.51 32.45 -17.00
CA THR E 496 22.81 31.23 -17.33
C THR E 496 21.77 30.97 -16.26
N ILE E 497 20.59 30.55 -16.70
CA ILE E 497 19.44 30.37 -15.81
C ILE E 497 18.85 29.00 -16.05
N PRO E 498 18.60 28.21 -15.02
CA PRO E 498 17.93 26.92 -15.21
C PRO E 498 16.47 27.13 -15.58
N VAL E 499 16.01 26.39 -16.58
CA VAL E 499 14.64 26.45 -17.02
C VAL E 499 14.14 25.03 -17.29
N ARG E 500 12.83 24.91 -17.41
CA ARG E 500 12.18 23.66 -17.79
C ARG E 500 11.53 23.88 -19.14
N TYR E 501 11.89 23.05 -20.12
CA TYR E 501 11.32 23.11 -21.45
C TYR E 501 10.95 21.70 -21.88
N ARG E 502 9.66 21.47 -22.10
CA ARG E 502 9.15 20.17 -22.54
C ARG E 502 9.56 19.07 -21.57
N GLN E 503 9.28 19.30 -20.28
CA GLN E 503 9.50 18.31 -19.22
C GLN E 503 10.97 17.93 -19.09
N ASP E 504 11.87 18.86 -19.41
CA ASP E 504 13.30 18.63 -19.30
C ASP E 504 13.95 19.83 -18.63
N PHE E 505 15.10 19.59 -18.00
CA PHE E 505 15.84 20.65 -17.31
C PHE E 505 16.99 21.09 -18.21
N THR E 506 17.02 22.37 -18.55
CA THR E 506 18.10 22.92 -19.35
C THR E 506 18.52 24.25 -18.74
N THR E 507 19.44 24.94 -19.41
CA THR E 507 19.89 26.26 -19.00
C THR E 507 19.89 27.18 -20.21
N THR E 508 19.41 28.41 -20.02
CA THR E 508 19.30 29.37 -21.10
C THR E 508 19.76 30.74 -20.66
N THR E 509 19.94 31.61 -21.66
CA THR E 509 20.20 33.01 -21.44
C THR E 509 18.96 33.65 -20.80
N PRO E 510 19.12 34.61 -19.87
CA PRO E 510 17.92 35.10 -19.17
C PRO E 510 17.12 36.11 -19.97
N GLU E 511 17.31 36.11 -21.30
CA GLU E 511 16.48 36.88 -22.20
C GLU E 511 15.49 35.99 -22.93
N ARG E 512 15.58 34.68 -22.75
CA ARG E 512 14.69 33.72 -23.37
C ARG E 512 13.96 32.90 -22.31
N VAL E 513 13.64 33.52 -21.19
CA VAL E 513 12.86 32.91 -20.13
C VAL E 513 11.45 33.46 -20.22
N ASP E 514 10.47 32.56 -20.24
CA ASP E 514 9.09 32.99 -20.42
C ASP E 514 8.38 33.26 -19.11
N TYR E 515 8.51 32.35 -18.15
CA TYR E 515 7.82 32.48 -16.88
C TYR E 515 8.75 32.09 -15.74
N VAL E 516 8.45 32.60 -14.55
CA VAL E 516 9.23 32.31 -13.35
C VAL E 516 8.27 31.93 -12.22
N ALA E 517 8.63 30.90 -11.46
CA ALA E 517 7.76 30.46 -10.38
C ALA E 517 7.69 31.55 -9.30
N LEU E 518 6.55 31.58 -8.59
CA LEU E 518 6.29 32.67 -7.67
C LEU E 518 7.17 32.62 -6.43
N SER E 519 7.40 31.42 -5.90
CA SER E 519 8.12 31.28 -4.63
C SER E 519 9.03 30.07 -4.70
N PRO E 520 10.10 30.06 -3.89
CA PRO E 520 10.95 28.86 -3.85
C PRO E 520 10.28 27.65 -3.22
N VAL E 521 9.20 27.84 -2.48
CA VAL E 521 8.49 26.73 -1.87
C VAL E 521 7.27 26.33 -2.69
N GLN E 522 7.22 26.73 -3.95
CA GLN E 522 6.09 26.41 -4.81
C GLN E 522 6.05 24.93 -5.18
N ILE E 523 7.14 24.19 -4.95
CA ILE E 523 7.23 22.81 -5.39
C ILE E 523 6.83 21.82 -4.31
N ILE E 524 6.78 22.25 -3.05
CA ILE E 524 6.53 21.35 -1.93
C ILE E 524 5.17 21.68 -1.32
N SER E 525 4.74 20.83 -0.39
CA SER E 525 3.45 20.97 0.25
C SER E 525 3.57 21.87 1.47
N VAL E 526 2.54 21.92 2.29
CA VAL E 526 2.55 22.82 3.44
C VAL E 526 3.32 22.20 4.59
N ALA E 527 3.22 20.88 4.76
CA ALA E 527 3.97 20.21 5.83
C ALA E 527 5.46 20.22 5.54
N THR E 528 5.83 20.08 4.27
CA THR E 528 7.24 20.13 3.90
C THR E 528 7.77 21.55 3.85
N SER E 529 6.88 22.54 3.77
CA SER E 529 7.29 23.94 3.76
C SER E 529 7.61 24.44 5.15
N LEU E 530 7.37 23.64 6.18
CA LEU E 530 7.58 24.02 7.57
C LEU E 530 8.90 23.50 8.12
N ILE E 531 9.77 23.00 7.26
CA ILE E 531 11.05 22.44 7.66
C ILE E 531 12.13 23.47 7.34
N PRO E 532 12.75 24.10 8.32
CA PRO E 532 13.81 25.06 8.01
C PRO E 532 15.06 24.32 7.56
N PHE E 533 15.86 25.01 6.75
CA PHE E 533 17.09 24.45 6.19
C PHE E 533 16.79 23.14 5.47
N LEU E 534 15.73 23.14 4.66
CA LEU E 534 15.28 21.92 4.00
C LEU E 534 16.26 21.48 2.90
N GLU E 535 16.90 22.43 2.23
CA GLU E 535 17.81 22.11 1.14
C GLU E 535 19.09 21.46 1.61
N HIS E 536 19.30 21.34 2.92
CA HIS E 536 20.43 20.63 3.49
C HIS E 536 20.06 19.25 4.00
N ASP E 537 18.89 18.74 3.62
CA ASP E 537 18.40 17.45 4.06
C ASP E 537 18.25 16.52 2.87
N ASP E 538 18.33 15.23 3.13
CA ASP E 538 17.98 14.27 2.10
C ASP E 538 16.47 14.28 1.90
N ALA E 539 16.04 13.72 0.78
CA ALA E 539 14.61 13.73 0.48
C ALA E 539 13.88 12.68 1.30
N ASN E 540 14.51 11.55 1.60
CA ASN E 540 13.87 10.54 2.42
C ASN E 540 13.67 11.06 3.85
N ARG E 541 14.67 11.72 4.42
CA ARG E 541 14.50 12.27 5.75
C ARG E 541 13.56 13.48 5.74
N ALA E 542 13.52 14.24 4.65
CA ALA E 542 12.52 15.29 4.54
C ALA E 542 11.11 14.70 4.53
N LEU E 543 10.93 13.59 3.82
CA LEU E 543 9.66 12.87 3.86
C LEU E 543 9.33 12.43 5.27
N MET E 544 10.31 11.86 5.97
CA MET E 544 10.06 11.40 7.33
C MET E 544 9.66 12.55 8.23
N GLY E 545 10.36 13.67 8.14
CA GLY E 545 10.05 14.80 8.99
C GLY E 545 8.71 15.43 8.68
N SER E 546 8.37 15.55 7.40
CA SER E 546 7.07 16.09 7.03
C SER E 546 5.93 15.18 7.48
N ASN E 547 6.12 13.86 7.35
CA ASN E 547 5.09 12.92 7.81
C ASN E 547 4.95 12.94 9.32
N MET E 548 6.07 13.04 10.04
CA MET E 548 6.07 13.00 11.49
C MET E 548 5.62 14.32 12.10
N GLN E 549 5.68 15.41 11.33
CA GLN E 549 5.14 16.68 11.81
C GLN E 549 3.63 16.62 11.95
N ARG E 550 2.98 15.67 11.29
CA ARG E 550 1.53 15.52 11.32
C ARG E 550 1.11 14.45 12.32
N GLN E 551 2.04 13.94 13.10
CA GLN E 551 1.76 13.01 14.18
C GLN E 551 2.15 13.61 15.50
N ALA E 552 2.50 14.89 15.52
CA ALA E 552 2.86 15.53 16.76
C ALA E 552 1.62 15.72 17.60
N VAL E 553 1.81 15.88 18.89
CA VAL E 553 0.71 15.93 19.85
C VAL E 553 0.66 17.33 20.44
N PRO E 554 -0.51 17.95 20.52
CA PRO E 554 -0.58 19.26 21.19
C PRO E 554 -0.21 19.11 22.66
N LEU E 555 0.64 20.02 23.12
CA LEU E 555 1.22 19.90 24.45
C LEU E 555 0.48 20.80 25.43
N LEU E 556 0.85 20.67 26.70
CA LEU E 556 0.15 21.40 27.75
C LEU E 556 0.33 22.90 27.58
N ARG E 557 1.55 23.33 27.29
CA ARG E 557 1.84 24.73 26.99
C ARG E 557 2.67 24.76 25.72
N PRO E 558 2.08 25.09 24.59
CA PRO E 558 2.81 25.06 23.33
C PRO E 558 3.77 26.24 23.25
N GLU E 559 4.66 26.16 22.27
CA GLU E 559 5.71 27.15 22.15
C GLU E 559 6.14 27.23 20.69
N ARG E 560 6.36 28.44 20.20
CA ARG E 560 6.74 28.63 18.82
C ARG E 560 8.18 28.17 18.62
N PRO E 561 8.54 27.75 17.41
CA PRO E 561 9.94 27.49 17.12
C PRO E 561 10.72 28.79 17.09
N LEU E 562 12.03 28.67 17.32
CA LEU E 562 12.92 29.82 17.20
C LEU E 562 13.49 29.95 15.81
N VAL E 563 13.45 28.88 15.02
CA VAL E 563 14.03 28.84 13.68
C VAL E 563 12.89 28.48 12.73
N GLY E 564 11.73 29.06 12.97
CA GLY E 564 10.60 28.85 12.08
C GLY E 564 10.90 29.22 10.65
N THR E 565 9.96 28.89 9.78
CA THR E 565 10.15 29.00 8.34
C THR E 565 9.33 30.09 7.68
N GLY E 566 8.32 30.64 8.37
CA GLY E 566 7.53 31.72 7.84
C GLY E 566 6.13 31.33 7.45
N LEU E 567 5.84 30.03 7.36
CA LEU E 567 4.51 29.55 7.01
C LEU E 567 3.73 29.09 8.22
N GLU E 568 4.30 29.22 9.41
CA GLU E 568 3.59 28.81 10.62
C GLU E 568 2.33 29.64 10.86
N PRO E 569 2.35 30.97 10.74
CA PRO E 569 1.11 31.74 10.95
C PRO E 569 0.04 31.45 9.92
N GLN E 570 0.42 30.93 8.74
CA GLN E 570 -0.55 30.61 7.70
C GLN E 570 -1.06 29.18 7.80
N ALA E 571 -0.28 28.27 8.36
CA ALA E 571 -0.73 26.90 8.52
C ALA E 571 -1.69 26.74 9.68
N ALA E 572 -1.86 27.77 10.52
CA ALA E 572 -2.77 27.70 11.65
C ALA E 572 -4.04 28.50 11.47
N ARG E 573 -4.09 29.42 10.52
CA ARG E 573 -5.28 30.26 10.35
C ARG E 573 -6.36 29.58 9.54
N ASP E 574 -6.05 28.46 8.89
CA ASP E 574 -7.00 27.73 8.06
C ASP E 574 -7.70 26.60 8.82
N SER E 575 -7.08 26.09 9.87
CA SER E 575 -7.71 25.04 10.68
C SER E 575 -8.92 25.56 11.44
N GLY E 576 -9.10 26.88 11.51
CA GLY E 576 -10.24 27.46 12.17
C GLY E 576 -10.26 27.26 13.67
N MET E 577 -9.10 27.35 14.31
CA MET E 577 -8.99 27.27 15.76
C MET E 577 -8.36 28.50 16.38
N VAL E 578 -7.85 29.43 15.58
CA VAL E 578 -7.29 30.68 16.06
C VAL E 578 -8.33 31.76 15.82
N ILE E 579 -8.55 32.60 16.82
CA ILE E 579 -9.53 33.67 16.73
C ILE E 579 -8.77 34.98 16.60
N THR E 580 -9.11 35.73 15.55
CA THR E 580 -8.54 37.03 15.26
C THR E 580 -9.63 38.09 15.27
N SER E 581 -9.28 39.28 15.70
CA SER E 581 -10.25 40.35 15.80
C SER E 581 -10.47 40.95 14.42
N PRO E 582 -11.71 41.05 13.95
CA PRO E 582 -11.96 41.69 12.65
C PRO E 582 -12.15 43.18 12.76
N VAL E 583 -11.78 43.76 13.90
CA VAL E 583 -12.27 45.08 14.29
C VAL E 583 -11.18 45.78 15.11
N ASP E 584 -11.03 47.07 14.86
CA ASP E 584 -9.89 47.84 15.35
C ASP E 584 -10.33 48.64 16.58
N GLY E 585 -10.51 47.94 17.69
CA GLY E 585 -11.06 48.58 18.87
C GLY E 585 -10.50 48.13 20.21
N THR E 586 -11.35 47.83 21.17
CA THR E 586 -10.88 47.52 22.52
C THR E 586 -11.55 46.24 23.01
N ILE E 587 -10.93 45.58 23.98
CA ILE E 587 -11.43 44.33 24.50
C ILE E 587 -12.09 44.61 25.84
N SER E 588 -13.34 44.16 26.01
CA SER E 588 -14.13 44.54 27.16
C SER E 588 -14.42 43.40 28.12
N TYR E 589 -14.30 42.15 27.67
CA TYR E 589 -14.60 41.02 28.53
C TYR E 589 -13.71 39.85 28.10
N VAL E 590 -12.91 39.35 29.02
CA VAL E 590 -12.06 38.20 28.78
C VAL E 590 -12.39 37.14 29.81
N ASP E 591 -12.46 35.90 29.36
CA ASP E 591 -12.83 34.79 30.23
C ASP E 591 -12.25 33.53 29.62
N ALA E 592 -12.23 32.46 30.40
CA ALA E 592 -11.72 31.20 29.91
C ALA E 592 -12.61 30.61 28.83
N THR E 593 -13.86 31.09 28.72
CA THR E 593 -14.81 30.55 27.75
C THR E 593 -15.44 31.62 26.87
N HIS E 594 -15.06 32.88 27.02
CA HIS E 594 -15.71 33.94 26.27
C HIS E 594 -14.77 35.12 26.12
N ILE E 595 -14.80 35.74 24.94
CA ILE E 595 -14.07 36.96 24.66
C ILE E 595 -15.04 37.95 24.03
N GLU E 596 -14.91 39.22 24.39
CA GLU E 596 -15.77 40.25 23.81
C GLU E 596 -14.94 41.47 23.46
N VAL E 597 -15.16 42.01 22.26
CA VAL E 597 -14.44 43.17 21.78
C VAL E 597 -15.44 44.20 21.31
N THR E 598 -15.29 45.43 21.79
CA THR E 598 -16.14 46.55 21.41
C THR E 598 -15.41 47.37 20.36
N ALA E 599 -16.04 47.51 19.19
CA ALA E 599 -15.49 48.33 18.13
C ALA E 599 -15.25 49.74 18.63
N ASP E 600 -14.21 50.38 18.10
CA ASP E 600 -13.86 51.73 18.54
C ASP E 600 -15.10 52.61 18.52
N THR E 601 -15.89 52.53 17.44
CA THR E 601 -17.16 53.21 17.30
C THR E 601 -18.09 52.21 16.57
N GLY E 602 -18.76 51.36 17.33
CA GLY E 602 -19.58 50.34 16.70
C GLY E 602 -20.05 49.30 17.70
N GLU E 603 -20.58 48.21 17.14
CA GLU E 603 -21.20 47.12 17.87
C GLU E 603 -20.17 46.23 18.57
N LYS E 604 -20.66 45.43 19.51
CA LYS E 604 -19.85 44.48 20.25
C LYS E 604 -19.83 43.14 19.52
N TYR E 605 -18.65 42.52 19.48
CA TYR E 605 -18.48 41.19 18.92
C TYR E 605 -18.12 40.23 20.05
N GLY E 606 -18.74 39.06 20.04
CA GLY E 606 -18.53 38.08 21.09
C GLY E 606 -18.17 36.73 20.52
N TYR E 607 -17.20 36.09 21.16
CA TYR E 607 -16.69 34.79 20.72
C TYR E 607 -16.70 33.83 21.89
N ALA E 608 -17.06 32.58 21.62
CA ALA E 608 -17.06 31.52 22.60
C ALA E 608 -15.96 30.53 22.23
N LEU E 609 -15.24 30.06 23.25
CA LEU E 609 -14.04 29.26 23.06
C LEU E 609 -14.32 27.81 23.44
N GLN E 610 -13.84 26.89 22.62
CA GLN E 610 -13.97 25.48 22.95
C GLN E 610 -12.98 25.14 24.05
N LYS E 611 -13.40 24.26 24.96
CA LYS E 611 -12.62 23.95 26.15
C LYS E 611 -12.55 22.45 26.35
N TYR E 612 -11.36 21.90 26.18
CA TYR E 612 -11.07 20.51 26.51
C TYR E 612 -12.04 19.57 25.81
N GLN E 613 -12.16 19.76 24.51
CA GLN E 613 -12.96 18.88 23.68
C GLN E 613 -12.08 17.72 23.22
N ARG E 614 -12.59 16.91 22.32
CA ARG E 614 -11.92 15.69 21.94
C ARG E 614 -11.92 15.60 20.43
N SER E 615 -10.78 15.19 19.88
CA SER E 615 -10.64 15.06 18.44
C SER E 615 -10.83 13.61 18.06
N ASN E 616 -10.73 13.34 16.76
CA ASN E 616 -10.90 11.98 16.26
C ASN E 616 -9.82 11.06 16.81
N GLN E 617 -8.67 11.63 17.17
CA GLN E 617 -7.50 10.87 17.59
C GLN E 617 -7.25 10.99 19.09
N ASP E 618 -8.28 11.31 19.87
CA ASP E 618 -8.27 11.42 21.32
C ASP E 618 -7.39 12.53 21.86
N THR E 619 -6.85 13.39 20.99
CA THR E 619 -6.12 14.56 21.50
C THR E 619 -7.13 15.58 22.01
N CYS E 620 -6.63 16.70 22.51
CA CYS E 620 -7.49 17.73 23.07
C CYS E 620 -7.56 18.93 22.14
N LEU E 621 -8.76 19.47 21.97
CA LEU E 621 -9.00 20.66 21.16
C LEU E 621 -9.35 21.83 22.07
N ASN E 622 -8.38 22.23 22.88
CA ASN E 622 -8.59 23.38 23.73
C ASN E 622 -8.50 24.68 22.93
N GLN E 623 -8.93 25.77 23.57
CA GLN E 623 -8.83 27.10 23.00
C GLN E 623 -8.72 28.08 24.17
N ARG E 624 -7.71 28.93 24.13
CA ARG E 624 -7.40 29.82 25.23
C ARG E 624 -7.30 31.24 24.71
N PRO E 625 -7.63 32.23 25.53
CA PRO E 625 -7.47 33.62 25.10
C PRO E 625 -6.05 34.10 25.32
N ILE E 626 -5.68 35.11 24.55
CA ILE E 626 -4.35 35.70 24.61
C ILE E 626 -4.40 37.09 25.23
N VAL E 627 -5.45 37.85 24.97
CA VAL E 627 -5.52 39.26 25.32
C VAL E 627 -5.97 39.38 26.77
N PHE E 628 -5.86 40.59 27.33
CA PHE E 628 -6.35 40.88 28.67
C PHE E 628 -7.48 41.90 28.60
N GLU E 629 -8.19 42.06 29.71
CA GLU E 629 -9.32 42.97 29.75
C GLU E 629 -8.85 44.40 29.60
N GLY E 630 -9.62 45.19 28.84
CA GLY E 630 -9.28 46.58 28.60
C GLY E 630 -8.00 46.72 27.80
N ASP E 631 -7.89 45.97 26.71
CA ASP E 631 -6.71 45.98 25.87
C ASP E 631 -7.04 46.56 24.50
N ARG E 632 -6.14 47.40 24.00
CA ARG E 632 -6.28 47.94 22.65
C ARG E 632 -5.94 46.86 21.64
N VAL E 633 -6.84 46.61 20.70
CA VAL E 633 -6.73 45.52 19.76
C VAL E 633 -6.93 46.08 18.36
N GLN E 634 -6.09 45.65 17.42
CA GLN E 634 -6.20 46.05 16.03
C GLN E 634 -6.82 44.93 15.20
N ARG E 635 -7.28 45.29 14.01
CA ARG E 635 -7.91 44.32 13.13
C ARG E 635 -6.88 43.30 12.68
N GLY E 636 -7.28 42.03 12.62
CA GLY E 636 -6.37 40.99 12.23
C GLY E 636 -5.40 40.57 13.31
N GLN E 637 -5.63 40.98 14.55
CA GLN E 637 -4.74 40.63 15.66
C GLN E 637 -5.27 39.38 16.34
N VAL E 638 -4.35 38.52 16.76
CA VAL E 638 -4.75 37.24 17.33
C VAL E 638 -5.40 37.48 18.68
N ILE E 639 -6.55 36.84 18.88
CA ILE E 639 -7.36 37.01 20.06
C ILE E 639 -7.41 35.74 20.91
N ALA E 640 -7.49 34.59 20.25
CA ALA E 640 -7.47 33.29 20.90
C ALA E 640 -6.66 32.32 20.05
N ASP E 641 -6.19 31.24 20.67
CA ASP E 641 -5.35 30.28 19.97
C ASP E 641 -5.77 28.86 20.30
N GLY E 642 -5.34 27.94 19.43
CA GLY E 642 -5.74 26.56 19.48
C GLY E 642 -4.83 25.75 20.39
N SER E 643 -4.92 24.44 20.24
CA SER E 643 -4.18 23.54 21.13
C SER E 643 -2.74 23.34 20.67
N ALA E 644 -2.44 23.70 19.43
CA ALA E 644 -1.10 23.53 18.88
C ALA E 644 -0.51 24.84 18.36
N THR E 645 -1.02 25.98 18.82
CA THR E 645 -0.57 27.29 18.38
C THR E 645 -0.19 28.11 19.59
N GLU E 646 0.77 29.01 19.42
CA GLU E 646 1.12 29.90 20.52
C GLU E 646 0.46 31.25 20.36
N LYS E 647 0.89 32.04 19.38
CA LYS E 647 0.33 33.37 19.19
C LYS E 647 0.10 33.59 17.70
N GLY E 648 -0.91 32.93 17.15
CA GLY E 648 -1.15 33.07 15.73
C GLY E 648 -0.71 31.89 14.89
N GLU E 649 0.43 31.30 15.24
CA GLU E 649 1.13 30.37 14.38
C GLU E 649 1.26 28.99 15.00
N LEU E 650 1.57 28.02 14.14
CA LEU E 650 1.65 26.63 14.57
C LEU E 650 2.77 26.44 15.58
N ALA E 651 2.52 25.56 16.55
CA ALA E 651 3.48 25.24 17.60
C ALA E 651 3.23 23.79 17.98
N LEU E 652 4.02 22.89 17.40
CA LEU E 652 3.81 21.46 17.59
C LEU E 652 4.76 20.82 18.57
N GLY E 653 5.87 21.49 18.86
CA GLY E 653 6.89 20.93 19.72
C GLY E 653 7.38 21.96 20.71
N GLN E 654 8.59 21.75 21.21
CA GLN E 654 9.19 22.65 22.17
C GLN E 654 10.67 22.80 21.84
N ASN E 655 11.23 23.92 22.29
CA ASN E 655 12.63 24.24 22.10
C ASN E 655 13.38 23.81 23.36
N ILE E 656 14.33 22.91 23.20
CA ILE E 656 15.05 22.33 24.32
C ILE E 656 16.54 22.33 24.03
N LEU E 657 17.33 22.28 25.09
CA LEU E 657 18.78 22.22 24.93
C LEU E 657 19.19 20.83 24.47
N VAL E 658 19.95 20.78 23.39
CA VAL E 658 20.35 19.52 22.78
C VAL E 658 21.86 19.52 22.65
N ALA E 659 22.45 18.34 22.83
CA ALA E 659 23.85 18.14 22.52
C ALA E 659 23.97 16.90 21.67
N TYR E 660 24.91 16.93 20.73
CA TYR E 660 25.13 15.81 19.82
C TYR E 660 26.39 15.11 20.30
N MET E 661 26.22 13.97 20.95
CA MET E 661 27.32 13.17 21.47
C MET E 661 26.72 11.85 21.94
N PRO E 662 27.54 10.80 22.03
CA PRO E 662 27.04 9.54 22.57
C PRO E 662 27.12 9.47 24.08
N TRP E 663 26.09 8.88 24.67
CA TRP E 663 26.10 8.60 26.09
C TRP E 663 26.64 7.19 26.30
N GLU E 664 26.46 6.64 27.50
CA GLU E 664 27.00 5.33 27.81
C GLU E 664 26.11 4.23 27.22
N GLY E 665 25.84 4.32 25.92
CA GLY E 665 25.04 3.33 25.23
C GLY E 665 23.58 3.66 25.13
N TYR E 666 23.12 4.77 25.71
CA TYR E 666 21.72 5.12 25.73
C TYR E 666 21.28 5.88 24.48
N ASN E 667 22.21 6.23 23.61
CA ASN E 667 21.93 6.87 22.34
C ASN E 667 21.99 5.88 21.19
N TYR E 668 22.08 4.59 21.49
CA TYR E 668 22.47 3.60 20.50
C TYR E 668 21.33 3.34 19.53
N GLU E 669 21.58 3.58 18.24
CA GLU E 669 20.67 3.25 17.15
C GLU E 669 19.32 3.92 17.33
N ASP E 670 19.36 5.26 17.31
CA ASP E 670 18.20 6.14 17.27
C ASP E 670 17.52 6.26 18.63
N ALA E 671 18.08 5.68 19.68
CA ALA E 671 17.49 5.87 20.99
C ALA E 671 17.81 7.27 21.49
N ILE E 672 16.97 7.76 22.40
CA ILE E 672 17.04 9.13 22.86
C ILE E 672 17.20 9.13 24.37
N LEU E 673 18.13 9.96 24.85
CA LEU E 673 18.36 10.18 26.27
C LEU E 673 17.95 11.61 26.59
N ILE E 674 17.03 11.76 27.53
CA ILE E 674 16.50 13.08 27.88
C ILE E 674 16.77 13.32 29.36
N SER E 675 16.42 14.51 29.82
CA SER E 675 16.63 14.90 31.20
C SER E 675 15.31 14.81 31.95
N GLU E 676 15.40 14.92 33.27
CA GLU E 676 14.19 14.83 34.06
C GLU E 676 13.45 16.16 34.12
N ARG E 677 14.05 17.23 33.61
CA ARG E 677 13.36 18.51 33.55
C ARG E 677 12.17 18.44 32.60
N LEU E 678 12.26 17.60 31.56
CA LEU E 678 11.15 17.48 30.63
C LEU E 678 9.96 16.81 31.28
N VAL E 679 10.09 16.27 32.48
CA VAL E 679 8.99 15.62 33.18
C VAL E 679 8.38 16.54 34.21
N TYR E 680 9.21 17.16 35.06
CA TYR E 680 8.70 18.02 36.12
C TYR E 680 8.51 19.47 35.71
N ASP E 681 8.97 19.87 34.53
CA ASP E 681 8.66 21.20 34.02
C ASP E 681 7.45 21.18 33.10
N ASP E 682 6.82 20.02 32.96
CA ASP E 682 5.63 19.84 32.13
C ASP E 682 5.89 20.20 30.67
N VAL E 683 7.12 19.98 30.22
CA VAL E 683 7.42 19.97 28.80
C VAL E 683 7.06 18.60 28.25
N TYR E 684 6.44 18.58 27.08
CA TYR E 684 6.07 17.33 26.42
C TYR E 684 5.10 16.52 27.28
N THR E 685 4.11 17.22 27.83
CA THR E 685 2.99 16.58 28.49
C THR E 685 1.74 17.03 27.76
N SER E 686 0.77 16.14 27.66
CA SER E 686 -0.37 16.39 26.82
C SER E 686 -1.61 15.85 27.49
N ILE E 687 -2.76 16.27 26.98
CA ILE E 687 -4.05 15.84 27.49
C ILE E 687 -4.68 14.96 26.44
N HIS E 688 -5.12 13.79 26.85
CA HIS E 688 -5.78 12.85 25.96
C HIS E 688 -7.10 12.47 26.58
N ILE E 689 -8.16 12.55 25.79
CA ILE E 689 -9.51 12.26 26.24
C ILE E 689 -9.99 11.05 25.46
N GLU E 690 -10.51 10.07 26.16
CA GLU E 690 -11.01 8.86 25.58
C GLU E 690 -12.50 8.77 25.86
N LYS E 691 -13.18 7.96 25.06
CA LYS E 691 -14.62 7.82 25.15
C LYS E 691 -14.96 6.37 25.37
N PHE E 692 -15.80 6.11 26.35
CA PHE E 692 -16.28 4.78 26.65
C PHE E 692 -17.79 4.82 26.51
N GLU E 693 -18.37 3.69 26.13
CA GLU E 693 -19.78 3.67 25.80
C GLU E 693 -20.39 2.43 26.41
N ILE E 694 -21.62 2.58 26.90
CA ILE E 694 -22.35 1.44 27.41
C ILE E 694 -23.76 1.53 26.84
N GLU E 695 -24.34 0.36 26.60
CA GLU E 695 -25.62 0.22 25.94
C GLU E 695 -26.55 -0.59 26.82
N ALA E 696 -27.76 -0.09 27.02
CA ALA E 696 -28.81 -0.81 27.71
C ALA E 696 -29.71 -1.38 26.63
N ARG E 697 -29.73 -2.70 26.51
CA ARG E 697 -30.46 -3.39 25.47
C ARG E 697 -31.68 -4.09 26.07
N GLN E 698 -32.43 -4.76 25.21
CA GLN E 698 -33.58 -5.55 25.62
C GLN E 698 -33.41 -7.00 25.17
N THR E 699 -33.14 -7.87 26.14
CA THR E 699 -32.96 -9.28 25.87
C THR E 699 -34.31 -9.99 25.89
N LYS E 700 -34.32 -11.21 25.36
CA LYS E 700 -35.57 -11.98 25.38
C LYS E 700 -36.01 -12.28 26.81
N LEU E 701 -35.05 -12.51 27.70
CA LEU E 701 -35.37 -12.70 29.12
C LEU E 701 -35.96 -11.43 29.72
N GLY E 702 -35.46 -10.27 29.32
CA GLY E 702 -35.94 -9.01 29.82
C GLY E 702 -35.01 -7.88 29.43
N PRO E 703 -35.29 -6.69 29.91
CA PRO E 703 -34.42 -5.54 29.61
C PRO E 703 -33.23 -5.50 30.56
N GLU E 704 -32.32 -4.59 30.26
CA GLU E 704 -31.12 -4.38 31.06
C GLU E 704 -31.28 -3.06 31.80
N GLU E 705 -30.85 -3.04 33.05
CA GLU E 705 -31.06 -1.87 33.90
C GLU E 705 -29.73 -1.28 34.35
N ILE E 706 -29.63 0.05 34.31
CA ILE E 706 -28.48 0.76 34.82
C ILE E 706 -28.80 1.18 36.24
N THR E 707 -28.08 0.60 37.20
CA THR E 707 -28.34 0.82 38.61
C THR E 707 -27.09 0.45 39.41
N ARG E 708 -27.08 0.84 40.67
CA ARG E 708 -25.95 0.54 41.54
C ARG E 708 -26.11 -0.78 42.27
N GLU E 709 -27.21 -1.50 42.04
CA GLU E 709 -27.42 -2.80 42.69
C GLU E 709 -26.70 -3.86 41.87
N ILE E 710 -25.37 -3.77 41.90
CA ILE E 710 -24.52 -4.67 41.13
C ILE E 710 -24.23 -5.88 42.01
N PRO E 711 -24.29 -7.10 41.49
CA PRO E 711 -24.00 -8.27 42.31
C PRO E 711 -22.51 -8.46 42.54
N ASN E 712 -22.20 -9.13 43.65
CA ASN E 712 -20.83 -9.55 43.97
C ASN E 712 -19.88 -8.36 44.08
N VAL E 713 -20.38 -7.21 44.52
CA VAL E 713 -19.57 -6.02 44.68
C VAL E 713 -19.88 -5.38 46.03
N GLY E 714 -18.86 -4.82 46.66
CA GLY E 714 -19.02 -4.15 47.93
C GLY E 714 -19.16 -2.64 47.76
N GLU E 715 -19.61 -2.00 48.85
CA GLU E 715 -19.80 -0.56 48.83
C GLU E 715 -18.50 0.22 48.67
N ASP E 716 -17.35 -0.42 48.86
CA ASP E 716 -16.08 0.23 48.62
C ASP E 716 -15.79 0.45 47.14
N ALA E 717 -16.61 -0.11 46.24
CA ALA E 717 -16.42 0.08 44.81
C ALA E 717 -17.64 0.74 44.17
N LEU E 718 -18.45 1.46 44.96
CA LEU E 718 -19.59 2.22 44.47
C LEU E 718 -19.57 3.62 45.06
N ARG E 719 -18.37 4.13 45.34
CA ARG E 719 -18.24 5.42 46.00
C ARG E 719 -18.64 6.56 45.07
N GLN E 720 -18.25 6.47 43.80
CA GLN E 720 -18.31 7.59 42.88
C GLN E 720 -19.47 7.50 41.90
N LEU E 721 -20.46 6.67 42.19
CA LEU E 721 -21.67 6.58 41.37
C LEU E 721 -22.71 7.56 41.87
N ASP E 722 -23.56 8.01 40.95
CA ASP E 722 -24.47 9.13 41.16
C ASP E 722 -25.88 8.68 41.54
N GLU E 723 -25.99 7.63 42.35
CA GLU E 723 -27.24 7.03 42.83
C GLU E 723 -28.16 6.65 41.68
N ASN E 724 -27.62 6.63 40.46
CA ASN E 724 -28.31 6.09 39.30
C ASN E 724 -27.49 5.02 38.59
N GLY E 725 -26.33 4.68 39.11
CA GLY E 725 -25.48 3.65 38.53
C GLY E 725 -24.43 4.16 37.57
N ILE E 726 -24.26 5.48 37.47
CA ILE E 726 -23.31 6.08 36.53
C ILE E 726 -22.35 6.96 37.31
N ILE E 727 -21.07 6.90 36.93
CA ILE E 727 -20.05 7.62 37.69
C ILE E 727 -20.30 9.12 37.59
N ARG E 728 -19.65 9.87 38.48
CA ARG E 728 -19.86 11.30 38.61
C ARG E 728 -18.75 12.07 37.89
N VAL E 729 -19.09 13.26 37.42
CA VAL E 729 -18.12 14.10 36.71
C VAL E 729 -17.12 14.63 37.71
N GLY E 730 -15.84 14.50 37.38
CA GLY E 730 -14.77 14.95 38.24
C GLY E 730 -14.17 13.88 39.11
N ALA E 731 -14.52 12.62 38.88
CA ALA E 731 -14.03 11.51 39.69
C ALA E 731 -12.79 10.92 39.05
N TRP E 732 -11.83 10.51 39.88
CA TRP E 732 -10.63 9.84 39.39
C TRP E 732 -10.90 8.34 39.30
N VAL E 733 -10.76 7.80 38.09
CA VAL E 733 -11.01 6.38 37.82
C VAL E 733 -9.67 5.73 37.56
N GLU E 734 -9.39 4.66 38.28
CA GLU E 734 -8.21 3.83 38.05
C GLU E 734 -8.63 2.61 37.26
N SER E 735 -7.68 1.70 37.04
CA SER E 735 -7.96 0.53 36.22
C SER E 735 -9.02 -0.34 36.87
N GLY E 736 -9.86 -0.94 36.05
CA GLY E 736 -10.92 -1.79 36.52
C GLY E 736 -12.02 -1.10 37.30
N ASP E 737 -11.98 0.23 37.40
CA ASP E 737 -13.00 0.96 38.14
C ASP E 737 -14.30 0.99 37.34
N ILE E 738 -15.42 0.83 38.05
CA ILE E 738 -16.72 0.83 37.39
C ILE E 738 -17.05 2.24 36.94
N LEU E 739 -17.49 2.37 35.68
CA LEU E 739 -17.95 3.63 35.12
C LEU E 739 -19.46 3.72 35.09
N VAL E 740 -20.12 2.73 34.50
CA VAL E 740 -21.57 2.64 34.48
C VAL E 740 -21.94 1.24 34.96
N GLY E 741 -22.90 1.17 35.89
CA GLY E 741 -23.31 -0.08 36.46
C GLY E 741 -24.54 -0.60 35.74
N LYS E 742 -24.43 -1.81 35.22
CA LYS E 742 -25.52 -2.42 34.45
C LYS E 742 -25.75 -3.84 34.92
N VAL E 743 -27.01 -4.26 34.86
CA VAL E 743 -27.42 -5.61 35.20
C VAL E 743 -28.28 -6.15 34.08
N THR E 744 -28.02 -7.41 33.71
CA THR E 744 -28.70 -8.20 32.70
C THR E 744 -29.54 -9.30 33.34
N PRO E 745 -30.74 -9.58 32.81
CA PRO E 745 -31.56 -10.66 33.37
C PRO E 745 -31.17 -12.04 32.85
N LYS E 746 -30.19 -12.69 33.48
CA LYS E 746 -29.80 -14.01 33.03
C LYS E 746 -30.86 -15.04 33.43
N GLY E 747 -30.90 -16.14 32.68
CA GLY E 747 -31.84 -17.21 32.93
C GLY E 747 -31.23 -18.49 33.45
N GLU E 748 -31.57 -18.87 34.69
CA GLU E 748 -31.08 -20.12 35.25
C GLU E 748 -32.06 -20.68 36.27
N ALA E 766 -33.99 -10.29 43.93
CA ALA E 766 -33.73 -11.68 43.57
C ALA E 766 -32.24 -11.90 43.31
N ARG E 767 -31.86 -13.16 43.12
CA ARG E 767 -30.49 -13.54 42.80
C ARG E 767 -30.35 -13.92 41.33
N ASP E 768 -31.00 -13.16 40.45
CA ASP E 768 -31.04 -13.49 39.04
C ASP E 768 -30.29 -12.52 38.15
N VAL E 769 -30.09 -11.28 38.60
CA VAL E 769 -29.38 -10.30 37.79
C VAL E 769 -27.92 -10.71 37.64
N ARG E 770 -27.33 -10.33 36.52
CA ARG E 770 -25.94 -10.62 36.21
C ARG E 770 -25.24 -9.31 35.89
N ASP E 771 -23.94 -9.26 36.16
CA ASP E 771 -23.16 -8.03 36.10
C ASP E 771 -22.36 -7.99 34.80
N ASN E 772 -22.61 -6.96 33.99
CA ASN E 772 -21.81 -6.64 32.83
C ASN E 772 -21.64 -5.13 32.74
N SER E 773 -21.39 -4.51 33.89
CA SER E 773 -21.15 -3.08 34.00
C SER E 773 -19.86 -2.70 33.28
N LEU E 774 -19.82 -1.46 32.79
CA LEU E 774 -18.67 -1.00 32.04
C LEU E 774 -17.58 -0.51 33.00
N ARG E 775 -16.34 -0.93 32.73
CA ARG E 775 -15.22 -0.59 33.58
C ARG E 775 -14.07 -0.07 32.74
N VAL E 776 -13.15 0.63 33.40
CA VAL E 776 -11.99 1.18 32.68
C VAL E 776 -11.11 0.03 32.21
N PRO E 777 -10.56 0.08 31.00
CA PRO E 777 -9.67 -0.98 30.54
C PRO E 777 -8.37 -0.98 31.32
N ASN E 778 -7.71 -2.14 31.31
CA ASN E 778 -6.45 -2.27 32.05
C ASN E 778 -5.41 -1.34 31.45
N GLY E 779 -4.78 -0.53 32.31
CA GLY E 779 -3.79 0.42 31.85
C GLY E 779 -4.32 1.80 31.55
N GLU E 780 -5.53 2.12 31.99
CA GLU E 780 -6.14 3.41 31.73
C GLU E 780 -6.58 4.06 33.04
N LYS E 781 -6.37 5.36 33.14
CA LYS E 781 -6.77 6.11 34.31
C LYS E 781 -6.94 7.57 33.90
N GLY E 782 -7.62 8.32 34.75
CA GLY E 782 -7.81 9.74 34.51
C GLY E 782 -9.05 10.25 35.20
N ARG E 783 -9.42 11.47 34.87
CA ARG E 783 -10.60 12.12 35.40
C ARG E 783 -11.77 11.97 34.45
N VAL E 784 -12.97 11.92 35.02
CA VAL E 784 -14.20 11.90 34.24
C VAL E 784 -14.61 13.33 34.02
N VAL E 785 -14.76 13.73 32.76
CA VAL E 785 -15.03 15.11 32.41
C VAL E 785 -16.42 15.32 31.82
N ASP E 786 -17.04 14.28 31.28
CA ASP E 786 -18.38 14.40 30.71
C ASP E 786 -19.07 13.05 30.76
N VAL E 787 -20.33 13.03 31.18
CA VAL E 787 -21.15 11.83 31.17
C VAL E 787 -22.46 12.20 30.48
N ARG E 788 -22.53 11.97 29.17
CA ARG E 788 -23.74 12.25 28.41
C ARG E 788 -24.64 11.02 28.34
N LEU E 789 -25.94 11.25 28.45
CA LEU E 789 -26.94 10.20 28.45
C LEU E 789 -27.94 10.45 27.33
N PHE E 790 -28.31 9.39 26.62
CA PHE E 790 -29.24 9.51 25.51
C PHE E 790 -30.25 8.38 25.63
N THR E 791 -31.51 8.73 25.82
CA THR E 791 -32.59 7.76 25.90
C THR E 791 -33.70 8.17 24.95
N ARG E 792 -34.47 7.18 24.50
CA ARG E 792 -35.52 7.43 23.53
C ARG E 792 -36.54 8.42 24.05
N GLU E 793 -36.74 8.46 25.38
CA GLU E 793 -37.69 9.41 25.95
C GLU E 793 -37.23 10.86 25.70
N GLN E 794 -35.93 11.10 25.82
CA GLN E 794 -35.38 12.45 25.68
C GLN E 794 -35.40 12.95 24.26
N GLY E 795 -35.95 12.21 23.31
CA GLY E 795 -35.95 12.61 21.93
C GLY E 795 -34.61 12.45 21.25
N ASP E 796 -33.98 11.29 21.43
CA ASP E 796 -32.70 10.99 20.81
C ASP E 796 -32.82 9.74 19.95
N GLU E 797 -32.02 9.69 18.89
CA GLU E 797 -32.09 8.60 17.92
C GLU E 797 -31.24 7.42 18.39
N LEU E 798 -31.82 6.61 19.27
CA LEU E 798 -31.10 5.47 19.82
C LEU E 798 -31.05 4.36 18.79
N PRO E 799 -30.14 3.40 18.94
CA PRO E 799 -30.06 2.29 17.99
C PRO E 799 -31.35 1.49 17.97
N PRO E 800 -31.53 0.63 16.97
CA PRO E 800 -32.80 -0.12 16.85
C PRO E 800 -33.23 -0.87 18.10
N GLY E 801 -32.33 -1.64 18.72
CA GLY E 801 -32.69 -2.48 19.85
C GLY E 801 -32.23 -2.01 21.21
N ALA E 802 -31.79 -0.77 21.34
CA ALA E 802 -31.22 -0.25 22.58
C ALA E 802 -32.24 0.64 23.29
N ASN E 803 -32.08 0.77 24.61
CA ASN E 803 -32.97 1.60 25.39
C ASN E 803 -32.25 2.66 26.22
N MET E 804 -30.93 2.72 26.18
CA MET E 804 -30.16 3.77 26.84
C MET E 804 -28.72 3.75 26.34
N VAL E 805 -28.21 4.88 25.88
CA VAL E 805 -26.82 4.99 25.44
C VAL E 805 -26.12 5.95 26.38
N VAL E 806 -25.15 5.44 27.15
CA VAL E 806 -24.39 6.28 28.06
C VAL E 806 -22.97 6.40 27.52
N ARG E 807 -22.49 7.64 27.41
CA ARG E 807 -21.16 7.92 26.92
C ARG E 807 -20.39 8.65 28.02
N VAL E 808 -19.18 8.19 28.29
CA VAL E 808 -18.35 8.75 29.35
C VAL E 808 -17.03 9.15 28.73
N TYR E 809 -16.55 10.34 29.10
CA TYR E 809 -15.31 10.88 28.58
C TYR E 809 -14.34 10.97 29.74
N VAL E 810 -13.15 10.44 29.52
CA VAL E 810 -12.15 10.36 30.58
C VAL E 810 -10.90 11.02 30.04
N ALA E 811 -10.35 11.95 30.81
CA ALA E 811 -9.23 12.74 30.36
C ALA E 811 -8.04 12.42 31.23
N GLN E 812 -6.85 12.56 30.66
CA GLN E 812 -5.66 12.29 31.42
C GLN E 812 -4.52 13.13 30.87
N LYS E 813 -3.52 13.32 31.72
CA LYS E 813 -2.33 14.06 31.37
C LYS E 813 -1.19 13.07 31.30
N ARG E 814 -0.50 13.05 30.17
CA ARG E 814 0.58 12.11 29.94
C ARG E 814 1.86 12.91 29.88
N LYS E 815 2.89 12.38 30.53
CA LYS E 815 4.20 12.99 30.55
C LYS E 815 5.12 12.19 29.66
N ILE E 816 6.26 12.77 29.32
CA ILE E 816 7.21 12.03 28.51
C ILE E 816 7.76 10.91 29.37
N GLN E 817 7.96 9.75 28.76
CA GLN E 817 8.40 8.59 29.53
C GLN E 817 9.11 7.61 28.61
N VAL E 818 9.70 6.59 29.23
CA VAL E 818 10.50 5.63 28.51
C VAL E 818 9.59 4.81 27.61
N GLY E 819 9.84 4.88 26.31
CA GLY E 819 9.04 4.18 25.32
C GLY E 819 8.27 5.10 24.41
N ASP E 820 8.31 6.40 24.65
CA ASP E 820 7.61 7.35 23.80
C ASP E 820 8.49 7.76 22.64
N LYS E 821 7.85 8.21 21.58
CA LYS E 821 8.54 8.59 20.36
C LYS E 821 8.69 10.10 20.33
N MET E 822 9.90 10.55 20.06
CA MET E 822 10.19 11.97 19.91
C MET E 822 10.75 12.16 18.51
N ALA E 823 10.56 13.35 17.97
CA ALA E 823 10.88 13.58 16.58
C ALA E 823 11.35 15.00 16.38
N GLY E 824 11.98 15.24 15.23
CA GLY E 824 12.31 16.58 14.80
C GLY E 824 11.73 16.83 13.43
N ARG E 825 11.89 18.08 12.99
CA ARG E 825 11.32 18.49 11.72
C ARG E 825 12.14 18.01 10.53
N HIS E 826 13.32 17.45 10.78
CA HIS E 826 14.24 17.07 9.72
C HIS E 826 14.34 15.57 9.55
N GLY E 827 13.42 14.82 10.13
CA GLY E 827 13.35 13.39 9.91
C GLY E 827 14.01 12.55 10.97
N ASN E 828 14.46 13.14 12.08
CA ASN E 828 15.18 12.40 13.10
C ASN E 828 14.18 11.94 14.15
N LYS E 829 13.88 10.66 14.15
CA LYS E 829 12.95 10.08 15.11
C LYS E 829 13.74 9.29 16.14
N GLY E 830 13.09 9.02 17.26
CA GLY E 830 13.75 8.26 18.31
C GLY E 830 12.77 7.85 19.37
N ILE E 831 13.19 6.88 20.17
CA ILE E 831 12.40 6.38 21.28
C ILE E 831 13.19 6.65 22.54
N ILE E 832 12.53 7.17 23.56
CA ILE E 832 13.24 7.55 24.78
C ILE E 832 13.56 6.29 25.56
N SER E 833 14.82 6.16 25.95
CA SER E 833 15.29 4.95 26.62
C SER E 833 15.75 5.20 28.04
N ARG E 834 15.99 6.44 28.43
CA ARG E 834 16.45 6.78 29.76
C ARG E 834 16.04 8.21 30.07
N ILE E 835 15.74 8.47 31.33
CA ILE E 835 15.40 9.80 31.80
C ILE E 835 16.31 10.06 32.99
N LEU E 836 17.34 10.88 32.81
CA LEU E 836 18.36 11.06 33.81
C LEU E 836 18.01 12.23 34.73
N PRO E 837 18.31 12.09 36.03
CA PRO E 837 18.24 13.24 36.93
C PRO E 837 19.22 14.32 36.48
N CYS E 838 18.80 15.57 36.62
CA CYS E 838 19.53 16.69 36.03
C CYS E 838 20.95 16.87 36.56
N GLU E 839 21.35 16.07 37.55
CA GLU E 839 22.72 16.09 38.04
C GLU E 839 23.55 14.96 37.45
N ASP E 840 23.02 14.27 36.45
CA ASP E 840 23.73 13.24 35.72
C ASP E 840 23.90 13.60 34.26
N MET E 841 23.15 14.56 33.77
CA MET E 841 23.19 15.00 32.40
C MET E 841 24.39 15.93 32.20
N PRO E 842 24.99 15.95 31.02
CA PRO E 842 26.09 16.88 30.78
C PRO E 842 25.61 18.31 30.91
N TYR E 843 26.52 19.19 31.31
CA TYR E 843 26.15 20.58 31.55
C TYR E 843 27.13 21.52 30.88
N LEU E 844 26.72 22.77 30.76
CA LEU E 844 27.42 23.78 29.99
C LEU E 844 28.44 24.51 30.85
N PRO E 845 29.27 25.38 30.25
CA PRO E 845 30.23 26.14 31.05
C PRO E 845 29.61 27.20 31.95
N ASP E 846 28.29 27.21 32.05
CA ASP E 846 27.58 28.07 32.97
C ASP E 846 26.77 27.31 34.01
N GLY E 847 26.79 25.98 33.96
CA GLY E 847 26.10 25.17 34.93
C GLY E 847 24.78 24.62 34.49
N THR E 848 24.37 24.91 33.26
CA THR E 848 23.06 24.47 32.79
C THR E 848 23.13 23.05 32.27
N PRO E 849 22.40 22.11 32.86
CA PRO E 849 22.37 20.76 32.32
C PRO E 849 21.59 20.73 31.01
N LEU E 850 21.92 19.76 30.17
CA LEU E 850 21.24 19.67 28.90
C LEU E 850 19.86 19.06 29.08
N ASP E 851 19.06 19.14 28.03
CA ASP E 851 17.72 18.57 28.04
C ASP E 851 17.65 17.28 27.28
N ILE E 852 18.43 17.16 26.21
CA ILE E 852 18.42 15.95 25.40
C ILE E 852 19.80 15.78 24.78
N VAL E 853 20.21 14.53 24.71
CA VAL E 853 21.47 14.13 24.10
C VAL E 853 21.13 13.22 22.94
N LEU E 854 21.62 13.55 21.76
CA LEU E 854 21.30 12.80 20.56
C LEU E 854 22.60 12.23 20.00
N ASN E 855 22.49 11.08 19.39
CA ASN E 855 23.68 10.44 18.87
C ASN E 855 24.06 11.10 17.55
N PRO E 856 25.31 11.52 17.37
CA PRO E 856 25.70 12.10 16.08
C PRO E 856 25.97 11.04 15.05
N LEU E 857 26.01 9.76 15.46
CA LEU E 857 26.24 8.69 14.52
C LEU E 857 25.11 8.61 13.50
N GLY E 858 23.94 9.11 13.87
CA GLY E 858 22.78 9.09 13.02
C GLY E 858 22.69 10.24 12.05
N VAL E 859 23.55 11.25 12.17
CA VAL E 859 23.44 12.41 11.31
C VAL E 859 24.09 12.18 9.94
N PRO E 860 25.34 11.71 9.84
CA PRO E 860 25.99 11.70 8.53
C PRO E 860 25.54 10.56 7.64
N SER E 861 25.02 9.47 8.21
CA SER E 861 24.57 8.35 7.39
C SER E 861 23.17 8.57 6.87
N ARG E 862 22.45 9.54 7.43
CA ARG E 862 21.08 9.83 7.03
C ARG E 862 20.97 11.15 6.29
N MET E 863 22.06 11.93 6.26
CA MET E 863 22.15 13.15 5.47
C MET E 863 21.00 14.11 5.73
N ASN E 864 20.73 14.34 7.00
CA ASN E 864 19.75 15.35 7.42
C ASN E 864 20.46 16.49 8.13
N VAL E 865 21.51 17.02 7.48
CA VAL E 865 22.36 18.04 8.08
C VAL E 865 21.59 19.26 8.55
N GLY E 866 20.36 19.45 8.07
CA GLY E 866 19.64 20.65 8.46
C GLY E 866 19.36 20.72 9.94
N GLN E 867 19.34 19.58 10.62
CA GLN E 867 19.10 19.59 12.05
C GLN E 867 20.26 20.22 12.78
N VAL E 868 21.46 20.17 12.17
CA VAL E 868 22.65 20.74 12.79
C VAL E 868 22.71 22.23 12.52
N PHE E 869 21.85 22.75 11.65
CA PHE E 869 21.83 24.17 11.39
C PHE E 869 20.82 24.84 12.30
N GLU E 870 19.64 24.20 12.40
CA GLU E 870 18.57 24.74 13.23
C GLU E 870 19.02 24.86 14.67
N CYS E 871 19.54 23.77 15.23
CA CYS E 871 20.09 23.80 16.58
C CYS E 871 20.95 25.04 16.77
N MET E 872 21.92 25.23 15.87
CA MET E 872 22.85 26.33 16.08
C MET E 872 22.13 27.66 16.02
N LEU E 873 21.24 27.82 15.04
CA LEU E 873 20.48 29.07 14.98
C LEU E 873 19.56 29.19 16.18
N GLY E 874 18.99 28.07 16.61
CA GLY E 874 18.15 28.13 17.79
C GLY E 874 18.94 28.53 19.01
N TRP E 875 20.19 28.09 19.09
CA TRP E 875 21.05 28.53 20.19
C TRP E 875 21.15 30.05 20.18
N ALA E 876 21.44 30.62 19.00
CA ALA E 876 21.55 32.06 18.90
C ALA E 876 20.22 32.72 19.25
N GLY E 877 19.12 32.11 18.81
CA GLY E 877 17.83 32.70 19.09
C GLY E 877 17.53 32.76 20.57
N GLN E 878 17.92 31.73 21.31
CA GLN E 878 17.75 31.79 22.76
C GLN E 878 18.59 32.91 23.37
N LEU E 879 19.82 33.04 22.91
CA LEU E 879 20.75 34.00 23.51
C LEU E 879 20.45 35.44 23.13
N LEU E 880 19.81 35.69 21.99
CA LEU E 880 19.57 37.05 21.56
C LEU E 880 18.13 37.48 21.81
N ASP E 881 17.34 36.66 22.49
CA ASP E 881 15.92 36.91 22.69
C ASP E 881 15.27 37.32 21.37
N ALA E 882 15.44 36.45 20.38
CA ALA E 882 14.95 36.72 19.04
C ALA E 882 14.33 35.45 18.47
N ARG E 883 13.66 35.61 17.34
CA ARG E 883 13.04 34.50 16.64
C ARG E 883 13.34 34.68 15.16
N PHE E 884 13.88 33.64 14.53
CA PHE E 884 14.36 33.73 13.16
C PHE E 884 13.41 33.01 12.21
N LYS E 885 13.08 33.68 11.12
CA LYS E 885 12.21 33.14 10.07
C LYS E 885 13.07 32.92 8.82
N VAL E 886 13.57 31.70 8.66
CA VAL E 886 14.41 31.36 7.51
C VAL E 886 13.56 30.59 6.52
N THR E 887 13.63 30.94 5.31
CA THR E 887 12.82 30.29 4.30
C THR E 887 13.65 29.25 3.56
N PRO E 888 13.04 28.15 3.13
CA PRO E 888 13.83 27.11 2.47
C PRO E 888 14.47 27.62 1.20
N PHE E 889 15.59 27.01 0.84
CA PHE E 889 16.37 27.40 -0.33
C PHE E 889 16.78 28.87 -0.24
N ASP E 890 17.57 29.18 0.78
CA ASP E 890 17.92 30.57 1.06
C ASP E 890 19.28 30.91 0.50
N GLU E 891 19.83 30.06 -0.35
CA GLU E 891 21.16 30.24 -0.89
C GLU E 891 21.14 30.93 -2.24
N MET E 892 19.99 31.48 -2.65
CA MET E 892 19.97 32.26 -3.88
C MET E 892 20.59 33.63 -3.69
N TYR E 893 20.84 34.03 -2.44
CA TYR E 893 21.37 35.35 -2.13
C TYR E 893 22.89 35.34 -2.02
N GLY E 894 23.48 34.21 -1.64
CA GLY E 894 24.91 34.09 -1.50
C GLY E 894 25.41 32.72 -1.89
N ALA E 895 26.70 32.45 -1.65
CA ALA E 895 27.25 31.15 -1.98
C ALA E 895 26.94 30.12 -0.90
N GLU E 896 27.08 30.51 0.36
CA GLU E 896 26.67 29.68 1.50
C GLU E 896 25.92 30.59 2.47
N ALA E 897 24.62 30.73 2.24
CA ALA E 897 23.87 31.71 3.02
C ALA E 897 23.52 31.19 4.41
N SER E 898 23.15 29.91 4.51
CA SER E 898 22.73 29.37 5.80
C SER E 898 23.89 29.38 6.79
N ARG E 899 25.05 28.90 6.36
CA ARG E 899 26.21 28.87 7.25
C ARG E 899 26.64 30.27 7.67
N LEU E 900 26.66 31.21 6.73
CA LEU E 900 27.06 32.57 7.06
C LEU E 900 26.08 33.22 8.01
N THR E 901 24.77 33.04 7.77
CA THR E 901 23.79 33.61 8.67
C THR E 901 23.90 33.02 10.07
N VAL E 902 24.08 31.70 10.17
CA VAL E 902 24.19 31.07 11.48
C VAL E 902 25.44 31.55 12.20
N ASN E 903 26.57 31.63 11.49
CA ASN E 903 27.80 32.09 12.12
C ASN E 903 27.70 33.55 12.57
N ALA E 904 27.12 34.40 11.72
CA ALA E 904 26.97 35.80 12.09
C ALA E 904 26.03 35.96 13.28
N LYS E 905 24.94 35.20 13.30
CA LYS E 905 24.02 35.27 14.43
C LYS E 905 24.68 34.79 15.71
N LEU E 906 25.46 33.71 15.63
CA LEU E 906 26.15 33.21 16.81
C LEU E 906 27.19 34.21 17.32
N SER E 907 27.92 34.84 16.40
CA SER E 907 28.89 35.85 16.80
C SER E 907 28.20 37.06 17.43
N GLU E 908 27.07 37.48 16.86
CA GLU E 908 26.33 38.59 17.44
C GLU E 908 25.79 38.26 18.82
N ALA E 909 25.30 37.03 19.00
CA ALA E 909 24.86 36.59 20.32
C ALA E 909 26.01 36.57 21.32
N ARG E 910 27.19 36.12 20.86
CA ARG E 910 28.35 36.11 21.74
C ARG E 910 28.75 37.52 22.15
N GLU E 911 28.69 38.48 21.22
CA GLU E 911 29.06 39.84 21.56
C GLU E 911 28.01 40.50 22.46
N GLN E 912 26.73 40.21 22.22
CA GLN E 912 25.67 40.83 23.02
C GLN E 912 25.63 40.26 24.42
N THR E 913 25.76 38.95 24.55
CA THR E 913 25.66 38.33 25.87
C THR E 913 26.85 38.70 26.73
N GLY E 914 28.05 38.66 26.16
CA GLY E 914 29.26 38.92 26.90
C GLY E 914 30.02 37.69 27.33
N GLN E 915 29.47 36.51 27.09
CA GLN E 915 30.12 35.27 27.48
C GLN E 915 30.92 34.72 26.32
N PRO E 916 32.25 34.59 26.44
CA PRO E 916 33.05 34.10 25.30
C PRO E 916 32.85 32.62 25.02
N TRP E 917 32.35 31.84 25.98
CA TRP E 917 32.21 30.41 25.78
C TRP E 917 31.01 30.07 24.91
N VAL E 918 30.18 31.05 24.58
CA VAL E 918 29.00 30.80 23.75
C VAL E 918 29.41 30.35 22.36
N PHE E 919 30.35 31.07 21.76
CA PHE E 919 30.77 30.84 20.40
C PHE E 919 32.29 30.84 20.35
N SER E 920 32.86 29.88 19.64
CA SER E 920 34.29 29.77 19.50
C SER E 920 34.64 29.84 18.01
N ASP E 921 35.77 30.46 17.71
CA ASP E 921 36.18 30.60 16.32
C ASP E 921 36.89 29.35 15.81
N ASP E 922 37.55 28.60 16.69
CA ASP E 922 38.22 27.39 16.28
C ASP E 922 37.22 26.31 15.90
N GLU E 923 36.22 26.08 16.76
CA GLU E 923 35.10 25.17 16.50
C GLU E 923 33.82 25.99 16.60
N PRO E 924 33.31 26.52 15.48
CA PRO E 924 32.14 27.39 15.55
C PRO E 924 30.95 26.82 16.31
N GLY E 925 30.47 25.65 15.91
CA GLY E 925 29.25 25.16 16.51
C GLY E 925 29.42 24.35 17.78
N LYS E 926 30.64 24.24 18.30
CA LYS E 926 30.93 23.35 19.41
C LYS E 926 31.45 24.16 20.58
N ILE E 927 31.02 23.79 21.78
CA ILE E 927 31.52 24.37 23.02
C ILE E 927 31.77 23.26 24.02
N GLN E 928 32.48 23.62 25.10
CA GLN E 928 32.88 22.63 26.08
C GLN E 928 31.71 22.21 26.94
N VAL E 929 31.67 20.92 27.27
CA VAL E 929 30.58 20.33 28.03
C VAL E 929 31.21 19.40 29.06
N TYR E 930 30.64 19.39 30.26
CA TYR E 930 31.20 18.64 31.37
C TYR E 930 30.31 17.45 31.69
N ASP E 931 30.84 16.53 32.50
CA ASP E 931 30.13 15.33 32.88
C ASP E 931 29.50 15.54 34.25
N GLY E 932 28.19 15.34 34.34
CA GLY E 932 27.49 15.56 35.59
C GLY E 932 27.78 14.51 36.64
N ARG E 933 28.30 13.36 36.24
CA ARG E 933 28.56 12.28 37.18
C ARG E 933 29.91 12.46 37.87
N THR E 934 30.91 12.95 37.15
CA THR E 934 32.25 13.12 37.70
C THR E 934 32.77 14.54 37.72
N GLY E 935 32.22 15.43 36.89
CA GLY E 935 32.66 16.81 36.87
C GLY E 935 33.82 17.11 35.95
N GLU E 936 34.28 16.12 35.20
CA GLU E 936 35.39 16.21 34.27
C GLU E 936 34.87 16.53 32.86
N PRO E 937 35.54 17.42 32.14
CA PRO E 937 35.07 17.76 30.80
C PRO E 937 35.39 16.65 29.81
N PHE E 938 34.54 16.55 28.79
CA PHE E 938 34.77 15.58 27.75
C PHE E 938 35.98 16.02 26.93
N ASP E 939 36.57 15.06 26.22
CA ASP E 939 37.88 15.30 25.60
C ASP E 939 37.81 16.42 24.58
N ARG E 940 36.74 16.49 23.81
CA ARG E 940 36.59 17.48 22.77
C ARG E 940 35.24 18.19 22.92
N PRO E 941 35.15 19.44 22.47
CA PRO E 941 33.87 20.14 22.55
C PRO E 941 32.86 19.49 21.63
N VAL E 942 31.59 19.63 21.98
CA VAL E 942 30.49 18.99 21.27
C VAL E 942 29.55 20.08 20.78
N THR E 943 28.64 19.70 19.89
CA THR E 943 27.70 20.65 19.32
C THR E 943 26.47 20.70 20.19
N VAL E 944 26.14 21.90 20.68
CA VAL E 944 24.95 22.10 21.49
C VAL E 944 24.14 23.22 20.85
N GLY E 945 22.84 23.19 21.12
CA GLY E 945 21.96 24.19 20.57
C GLY E 945 20.57 24.05 21.13
N ARG E 946 19.64 24.73 20.48
CA ARG E 946 18.24 24.68 20.85
C ARG E 946 17.52 23.98 19.71
N ALA E 947 16.89 22.85 20.00
CA ALA E 947 16.23 22.06 18.98
C ALA E 947 14.74 22.04 19.25
N TYR E 948 13.98 21.98 18.17
CA TYR E 948 12.52 21.99 18.23
C TYR E 948 12.04 20.57 18.01
N MET E 949 11.66 19.91 19.09
CA MET E 949 11.29 18.51 19.04
C MET E 949 9.81 18.35 19.35
N LEU E 950 9.24 17.29 18.77
CA LEU E 950 7.82 16.99 18.83
C LEU E 950 7.60 15.64 19.48
N LYS E 951 6.43 15.48 20.10
CA LYS E 951 6.03 14.24 20.74
C LYS E 951 4.92 13.61 19.90
N LEU E 952 5.14 12.39 19.44
CA LEU E 952 4.24 11.74 18.51
C LEU E 952 3.15 10.95 19.24
N VAL E 953 2.03 10.75 18.54
CA VAL E 953 0.85 10.11 19.10
C VAL E 953 1.09 8.63 19.39
N HIS E 954 0.17 8.02 20.12
CA HIS E 954 0.17 6.60 20.41
C HIS E 954 1.46 6.16 21.12
N ASP E 958 0.07 3.05 24.59
CA ASP E 958 -1.16 2.41 24.16
C ASP E 958 -0.88 1.20 23.28
N LYS E 959 0.41 0.88 23.12
CA LYS E 959 0.82 -0.25 22.30
C LYS E 959 1.22 -1.46 23.12
N ILE E 960 1.44 -1.31 24.42
CA ILE E 960 1.90 -2.44 25.23
C ILE E 960 0.74 -3.42 25.39
N HIS E 961 0.99 -4.69 25.08
CA HIS E 961 -0.04 -5.70 25.20
C HIS E 961 0.58 -6.99 25.67
N ALA E 962 -0.19 -7.76 26.42
CA ALA E 962 0.23 -9.07 26.91
C ALA E 962 -1.00 -9.92 27.13
N ARG E 963 -0.80 -11.23 27.08
CA ARG E 963 -1.91 -12.16 27.24
C ARG E 963 -1.40 -13.47 27.79
N SER E 964 -2.20 -14.10 28.65
CA SER E 964 -2.00 -15.47 29.08
C SER E 964 -3.09 -16.39 28.56
N THR E 965 -4.35 -16.04 28.80
CA THR E 965 -5.48 -16.79 28.30
C THR E 965 -6.67 -15.85 28.23
N GLY E 966 -7.42 -15.91 27.14
CA GLY E 966 -8.55 -15.03 26.96
C GLY E 966 -9.60 -15.59 26.01
N PRO E 967 -10.22 -14.69 25.24
CA PRO E 967 -11.25 -15.14 24.30
C PRO E 967 -10.66 -15.86 23.10
N TYR E 968 -11.48 -16.72 22.49
CA TYR E 968 -11.08 -17.51 21.34
C TYR E 968 -12.06 -17.30 20.19
N SER E 969 -11.56 -17.56 18.98
CA SER E 969 -12.31 -17.46 17.74
C SER E 969 -13.40 -18.54 17.66
N LEU E 970 -14.38 -18.32 16.78
CA LEU E 970 -15.55 -19.19 16.74
C LEU E 970 -15.29 -20.50 16.00
N VAL E 971 -14.67 -20.42 14.82
CA VAL E 971 -14.51 -21.62 14.01
C VAL E 971 -13.29 -22.41 14.44
N THR E 972 -12.14 -21.72 14.55
CA THR E 972 -10.89 -22.40 14.80
C THR E 972 -10.53 -22.54 16.27
N GLN E 973 -11.22 -21.83 17.16
CA GLN E 973 -10.94 -21.90 18.60
C GLN E 973 -9.51 -21.45 18.89
N GLN E 974 -9.02 -20.55 18.11
CA GLN E 974 -7.73 -19.94 18.34
C GLN E 974 -7.90 -18.59 19.01
N PRO E 975 -6.90 -18.12 19.75
CA PRO E 975 -7.05 -16.83 20.43
C PRO E 975 -7.32 -15.69 19.46
N LEU E 976 -8.13 -14.75 19.91
CA LEU E 976 -8.44 -13.57 19.12
C LEU E 976 -7.22 -12.68 19.00
N GLY E 977 -7.29 -11.74 18.07
CA GLY E 977 -6.22 -10.78 17.87
C GLY E 977 -6.76 -9.38 18.10
N GLY E 978 -5.96 -8.56 18.78
CA GLY E 978 -6.39 -7.21 19.09
C GLY E 978 -6.13 -6.87 20.53
N LYS E 979 -5.62 -5.65 20.78
CA LYS E 979 -5.36 -5.22 22.15
C LYS E 979 -6.64 -5.08 22.96
N ALA E 980 -7.74 -4.67 22.32
CA ALA E 980 -8.97 -4.34 23.04
C ALA E 980 -9.74 -5.57 23.49
N GLN E 981 -9.31 -6.77 23.13
CA GLN E 981 -10.01 -7.99 23.50
C GLN E 981 -9.05 -9.04 24.02
N GLN E 982 -7.97 -8.63 24.67
CA GLN E 982 -6.98 -9.55 25.23
C GLN E 982 -6.54 -10.54 24.17
N GLY E 983 -5.92 -10.01 23.12
CA GLY E 983 -5.56 -10.82 21.99
C GLY E 983 -4.14 -11.33 22.08
N GLY E 984 -3.88 -12.38 21.31
CA GLY E 984 -2.57 -13.00 21.27
C GLY E 984 -1.74 -12.50 20.11
N GLN E 985 -0.47 -12.87 20.15
CA GLN E 985 0.46 -12.52 19.11
C GLN E 985 0.49 -13.66 18.09
N ARG E 986 0.53 -13.30 16.82
CA ARG E 986 0.51 -14.32 15.78
C ARG E 986 1.88 -14.94 15.63
N PHE E 987 1.90 -16.26 15.52
CA PHE E 987 3.12 -17.00 15.26
C PHE E 987 2.98 -17.46 13.81
N GLY E 988 3.41 -16.62 12.89
CA GLY E 988 3.26 -16.89 11.48
C GLY E 988 4.11 -18.06 11.04
N GLU E 989 4.17 -18.25 9.73
CA GLU E 989 4.92 -19.38 9.21
C GLU E 989 6.40 -19.09 9.12
N MET E 990 6.78 -17.81 9.03
CA MET E 990 8.18 -17.46 9.10
C MET E 990 8.77 -17.79 10.46
N GLU E 991 8.00 -17.56 11.53
CA GLU E 991 8.44 -17.95 12.86
C GLU E 991 8.49 -19.46 13.01
N VAL E 992 7.56 -20.19 12.37
CA VAL E 992 7.63 -21.65 12.37
C VAL E 992 8.90 -22.11 11.67
N TRP E 993 9.25 -21.49 10.55
CA TRP E 993 10.50 -21.82 9.87
C TRP E 993 11.70 -21.53 10.76
N ALA E 994 11.67 -20.40 11.46
CA ALA E 994 12.78 -20.07 12.35
C ALA E 994 12.94 -21.11 13.45
N LEU E 995 11.81 -21.58 14.01
CA LEU E 995 11.89 -22.61 15.04
C LEU E 995 12.30 -23.96 14.46
N GLU E 996 11.95 -24.22 13.20
CA GLU E 996 12.39 -25.45 12.55
C GLU E 996 13.89 -25.44 12.29
N ALA E 997 14.44 -24.28 11.95
CA ALA E 997 15.87 -24.19 11.70
C ALA E 997 16.68 -24.35 12.98
N TYR E 998 16.11 -24.00 14.13
CA TYR E 998 16.82 -24.16 15.39
C TYR E 998 16.89 -25.61 15.81
N GLY E 999 16.06 -26.47 15.24
CA GLY E 999 15.90 -27.81 15.72
C GLY E 999 14.89 -27.95 16.83
N ALA E 1000 14.18 -26.88 17.17
CA ALA E 1000 13.21 -26.94 18.25
C ALA E 1000 12.01 -27.75 17.80
N ALA E 1001 11.56 -28.67 18.65
CA ALA E 1001 10.43 -29.51 18.31
C ALA E 1001 9.37 -29.40 19.39
N TYR E 1002 9.79 -29.21 20.64
CA TYR E 1002 8.86 -29.18 21.74
C TYR E 1002 8.30 -27.78 21.93
N ILE E 1003 9.12 -26.74 21.74
CA ILE E 1003 8.61 -25.38 21.73
C ILE E 1003 7.60 -25.22 20.60
N LEU E 1004 7.94 -25.72 19.41
CA LEU E 1004 7.05 -25.61 18.26
C LEU E 1004 5.74 -26.35 18.50
N GLN E 1005 5.82 -27.58 19.02
CA GLN E 1005 4.61 -28.36 19.23
C GLN E 1005 3.75 -27.78 20.34
N GLU E 1006 4.37 -27.21 21.37
CA GLU E 1006 3.62 -26.53 22.41
C GLU E 1006 2.94 -25.27 21.88
N LEU E 1007 3.63 -24.52 21.02
CA LEU E 1007 3.03 -23.33 20.43
C LEU E 1007 1.85 -23.69 19.53
N LEU E 1008 1.99 -24.75 18.74
CA LEU E 1008 1.00 -25.04 17.71
C LEU E 1008 -0.28 -25.63 18.29
N THR E 1009 -0.19 -26.40 19.38
CA THR E 1009 -1.33 -27.12 19.90
C THR E 1009 -1.77 -26.61 21.27
N VAL E 1010 -0.89 -26.72 22.27
CA VAL E 1010 -1.31 -26.46 23.64
C VAL E 1010 -1.63 -24.98 23.87
N LYS E 1011 -0.92 -24.09 23.19
CA LYS E 1011 -1.11 -22.66 23.41
C LYS E 1011 -2.01 -22.00 22.38
N SER E 1012 -2.50 -22.72 21.38
CA SER E 1012 -3.39 -22.10 20.41
C SER E 1012 -4.78 -22.72 20.36
N ASP E 1013 -4.90 -23.99 19.96
CA ASP E 1013 -6.24 -24.52 19.71
C ASP E 1013 -6.42 -25.99 20.10
N ASP E 1014 -5.54 -26.55 20.93
CA ASP E 1014 -5.81 -27.88 21.45
C ASP E 1014 -6.85 -27.71 22.55
N MET E 1015 -8.12 -27.88 22.16
CA MET E 1015 -9.22 -27.44 23.00
C MET E 1015 -9.21 -28.12 24.36
N GLN E 1016 -8.66 -29.32 24.44
CA GLN E 1016 -8.55 -30.03 25.70
C GLN E 1016 -7.17 -29.90 26.34
N GLY E 1017 -6.13 -29.69 25.52
CA GLY E 1017 -4.79 -29.55 26.08
C GLY E 1017 -4.52 -28.21 26.70
N ARG E 1018 -5.30 -27.18 26.34
CA ARG E 1018 -5.11 -25.87 26.96
C ARG E 1018 -5.44 -25.94 28.44
N ASN E 1019 -6.61 -26.49 28.77
CA ASN E 1019 -7.03 -26.58 30.16
C ASN E 1019 -6.11 -27.49 30.96
N GLU E 1020 -5.68 -28.60 30.37
CA GLU E 1020 -4.75 -29.48 31.07
C GLU E 1020 -3.42 -28.79 31.33
N ALA E 1021 -2.90 -28.07 30.33
CA ALA E 1021 -1.64 -27.35 30.54
C ALA E 1021 -1.78 -26.29 31.63
N LEU E 1022 -2.87 -25.53 31.59
CA LEU E 1022 -3.09 -24.49 32.60
C LEU E 1022 -3.22 -25.09 33.99
N ASN E 1023 -3.97 -26.19 34.09
CA ASN E 1023 -4.15 -26.84 35.39
C ASN E 1023 -2.85 -27.44 35.90
N ALA E 1024 -2.03 -28.00 35.00
CA ALA E 1024 -0.74 -28.53 35.41
C ALA E 1024 0.19 -27.42 35.89
N ILE E 1025 0.17 -26.28 35.21
CA ILE E 1025 1.01 -25.16 35.64
C ILE E 1025 0.55 -24.64 36.99
N VAL E 1026 -0.76 -24.48 37.17
CA VAL E 1026 -1.26 -23.95 38.43
C VAL E 1026 -0.98 -24.93 39.58
N LYS E 1027 -1.21 -26.21 39.35
CA LYS E 1027 -0.97 -27.21 40.38
C LYS E 1027 0.50 -27.53 40.56
N GLY E 1028 1.33 -27.29 39.54
CA GLY E 1028 2.74 -27.58 39.62
C GLY E 1028 3.18 -28.92 39.07
N LYS E 1029 2.33 -29.61 38.32
CA LYS E 1029 2.70 -30.90 37.76
C LYS E 1029 3.32 -30.71 36.39
N ALA E 1030 3.48 -31.80 35.65
CA ALA E 1030 4.06 -31.75 34.32
C ALA E 1030 2.94 -31.62 33.29
N ILE E 1031 3.24 -30.90 32.22
CA ILE E 1031 2.26 -30.68 31.16
C ILE E 1031 2.10 -31.97 30.35
N PRO E 1032 0.89 -32.46 30.18
CA PRO E 1032 0.69 -33.73 29.47
C PRO E 1032 0.84 -33.55 27.97
N ARG E 1033 0.88 -34.69 27.28
CA ARG E 1033 1.06 -34.68 25.84
C ARG E 1033 -0.18 -34.12 25.16
N PRO E 1034 -0.01 -33.44 24.03
CA PRO E 1034 -1.14 -32.80 23.36
C PRO E 1034 -1.88 -33.80 22.49
N GLY E 1035 -2.93 -33.31 21.85
CA GLY E 1035 -3.70 -34.12 20.93
C GLY E 1035 -3.75 -33.47 19.56
N THR E 1036 -4.87 -33.59 18.89
CA THR E 1036 -5.01 -33.01 17.57
C THR E 1036 -5.65 -31.64 17.70
N PRO E 1037 -5.03 -30.59 17.17
CA PRO E 1037 -5.62 -29.25 17.30
C PRO E 1037 -6.93 -29.15 16.53
N GLU E 1038 -7.74 -28.16 16.92
CA GLU E 1038 -9.10 -28.08 16.42
C GLU E 1038 -9.15 -27.60 14.98
N SER E 1039 -8.15 -26.83 14.55
CA SER E 1039 -8.17 -26.33 13.18
C SER E 1039 -8.00 -27.46 12.17
N PHE E 1040 -7.24 -28.50 12.53
CA PHE E 1040 -7.13 -29.66 11.64
C PHE E 1040 -8.47 -30.37 11.49
N LYS E 1041 -9.20 -30.54 12.60
CA LYS E 1041 -10.51 -31.17 12.52
C LYS E 1041 -11.48 -30.32 11.72
N VAL E 1042 -11.42 -28.99 11.89
CA VAL E 1042 -12.24 -28.09 11.08
C VAL E 1042 -11.92 -28.26 9.61
N LEU E 1043 -10.63 -28.35 9.27
CA LEU E 1043 -10.23 -28.51 7.88
C LEU E 1043 -10.70 -29.85 7.31
N MET E 1044 -10.59 -30.92 8.09
CA MET E 1044 -11.08 -32.22 7.62
C MET E 1044 -12.59 -32.19 7.39
N ARG E 1045 -13.33 -31.54 8.29
CA ARG E 1045 -14.77 -31.43 8.09
C ARG E 1045 -15.09 -30.62 6.84
N GLU E 1046 -14.35 -29.53 6.60
CA GLU E 1046 -14.58 -28.72 5.42
C GLU E 1046 -14.25 -29.49 4.14
N LEU E 1047 -13.20 -30.31 4.19
CA LEU E 1047 -12.83 -31.09 3.01
C LEU E 1047 -13.84 -32.18 2.75
N GLN E 1048 -14.38 -32.79 3.81
CA GLN E 1048 -15.47 -33.74 3.64
C GLN E 1048 -16.70 -33.06 3.08
N SER E 1049 -16.97 -31.83 3.54
CA SER E 1049 -18.09 -31.05 3.04
C SER E 1049 -17.88 -30.60 1.60
N LEU E 1050 -16.66 -30.75 1.07
CA LEU E 1050 -16.40 -30.47 -0.34
C LEU E 1050 -16.52 -31.72 -1.19
N CYS E 1051 -17.14 -32.78 -0.67
CA CYS E 1051 -17.30 -34.06 -1.35
C CYS E 1051 -15.96 -34.75 -1.57
N LEU E 1052 -15.11 -34.73 -0.56
CA LEU E 1052 -13.84 -35.44 -0.56
C LEU E 1052 -13.86 -36.43 0.60
N ASP E 1053 -13.46 -37.66 0.35
CA ASP E 1053 -13.57 -38.72 1.34
C ASP E 1053 -12.27 -38.88 2.13
N ILE E 1054 -11.61 -37.74 2.38
CA ILE E 1054 -10.34 -37.74 3.09
C ILE E 1054 -10.56 -38.20 4.54
N ALA E 1055 -9.62 -39.00 5.04
CA ALA E 1055 -9.75 -39.60 6.36
C ALA E 1055 -8.37 -39.93 6.89
N VAL E 1056 -8.31 -40.25 8.18
CA VAL E 1056 -7.06 -40.62 8.85
C VAL E 1056 -7.16 -42.09 9.23
N TYR E 1057 -6.06 -42.82 9.02
CA TYR E 1057 -6.04 -44.26 9.15
C TYR E 1057 -4.92 -44.70 10.07
N LYS E 1058 -5.15 -45.80 10.77
CA LYS E 1058 -4.14 -46.47 11.58
C LYS E 1058 -3.78 -47.78 10.91
N ALA E 1059 -2.49 -47.98 10.66
CA ALA E 1059 -2.07 -49.14 9.89
C ALA E 1059 -2.27 -50.40 10.73
N SER E 1060 -2.51 -51.51 10.04
CA SER E 1060 -2.69 -52.78 10.71
C SER E 1060 -1.34 -53.34 11.13
N THR E 1061 -1.31 -53.95 12.32
CA THR E 1061 -0.05 -54.48 12.84
C THR E 1061 0.28 -55.83 12.21
N GLU E 1062 -0.66 -56.77 12.28
CA GLU E 1062 -0.42 -58.11 11.75
C GLU E 1062 -0.68 -58.14 10.25
N ASP E 1063 -0.67 -59.34 9.67
CA ASP E 1063 -0.74 -59.51 8.22
C ASP E 1063 -2.17 -59.41 7.73
N TYR E 1064 -3.04 -60.31 8.19
CA TYR E 1064 -4.38 -60.47 7.63
C TYR E 1064 -5.38 -59.59 8.39
N GLU E 1065 -5.09 -58.29 8.42
CA GLU E 1065 -6.01 -57.32 8.98
C GLU E 1065 -6.04 -56.08 8.10
N GLU E 1066 -7.19 -55.41 8.09
CA GLU E 1066 -7.37 -54.18 7.32
C GLU E 1066 -7.03 -52.96 8.16
N ASP E 1067 -6.56 -51.92 7.49
CA ASP E 1067 -6.29 -50.66 8.18
C ASP E 1067 -7.59 -50.06 8.67
N LYS E 1068 -7.55 -49.48 9.88
CA LYS E 1068 -8.74 -49.02 10.57
C LYS E 1068 -8.80 -47.50 10.55
N GLU E 1069 -9.94 -46.96 10.16
CA GLU E 1069 -10.10 -45.51 10.08
C GLU E 1069 -10.27 -44.95 11.48
N VAL E 1070 -9.47 -43.96 11.80
CA VAL E 1070 -9.42 -43.38 13.14
C VAL E 1070 -10.40 -42.22 13.23
N ASP E 1071 -11.16 -42.17 14.32
CA ASP E 1071 -12.14 -41.12 14.53
C ASP E 1071 -11.50 -40.01 15.34
N LEU E 1072 -11.18 -38.90 14.68
CA LEU E 1072 -10.56 -37.77 15.38
C LEU E 1072 -11.57 -37.04 16.25
N MET E 1073 -12.80 -36.94 15.78
CA MET E 1073 -13.81 -36.13 16.43
C MET E 1073 -14.43 -36.87 17.60
N ALA E 1074 -13.59 -37.37 18.51
CA ALA E 1074 -14.05 -38.10 19.68
C ALA E 1074 -13.02 -38.05 20.80
N GLU F 5 1.87 -45.75 19.33
CA GLU F 5 2.12 -44.58 20.15
C GLU F 5 1.40 -43.35 19.59
N GLN F 6 1.09 -43.41 18.30
CA GLN F 6 0.36 -42.35 17.62
C GLN F 6 -1.00 -42.88 17.16
N ARG F 7 -2.02 -42.01 17.25
CA ARG F 7 -3.38 -42.43 16.97
C ARG F 7 -3.55 -42.87 15.52
N PHE F 8 -3.07 -42.06 14.57
CA PHE F 8 -3.19 -42.35 13.16
C PHE F 8 -1.84 -42.22 12.47
N ASP F 9 -1.67 -42.98 11.39
CA ASP F 9 -0.40 -43.03 10.67
C ASP F 9 -0.43 -42.22 9.38
N TYR F 10 -1.42 -42.43 8.53
CA TYR F 10 -1.46 -41.77 7.23
C TYR F 10 -2.84 -41.19 6.98
N VAL F 11 -2.86 -40.14 6.16
CA VAL F 11 -4.10 -39.48 5.73
C VAL F 11 -4.36 -39.88 4.29
N LYS F 12 -5.51 -40.50 4.05
CA LYS F 12 -5.90 -40.97 2.73
C LYS F 12 -7.10 -40.17 2.23
N ILE F 13 -7.05 -39.76 0.97
CA ILE F 13 -8.13 -38.98 0.36
C ILE F 13 -8.59 -39.72 -0.89
N ALA F 14 -9.91 -39.86 -1.02
CA ALA F 14 -10.49 -40.58 -2.15
C ALA F 14 -11.75 -39.86 -2.63
N LEU F 15 -12.28 -40.32 -3.76
CA LEU F 15 -13.50 -39.78 -4.30
C LEU F 15 -14.70 -40.24 -3.49
N ALA F 16 -15.52 -39.30 -3.04
CA ALA F 16 -16.64 -39.61 -2.16
C ALA F 16 -17.80 -40.19 -2.97
N SER F 17 -18.26 -41.36 -2.56
CA SER F 17 -19.46 -41.97 -3.12
C SER F 17 -20.69 -41.46 -2.40
N PRO F 18 -21.86 -41.48 -3.04
CA PRO F 18 -23.08 -41.05 -2.33
C PRO F 18 -23.37 -41.88 -1.09
N GLU F 19 -23.00 -43.16 -1.10
CA GLU F 19 -23.16 -43.98 0.10
C GLU F 19 -22.33 -43.44 1.25
N ARG F 20 -21.09 -43.04 0.97
CA ARG F 20 -20.25 -42.46 2.02
C ARG F 20 -20.81 -41.14 2.54
N ILE F 21 -21.32 -40.29 1.66
CA ILE F 21 -21.88 -39.02 2.11
C ILE F 21 -23.10 -39.26 3.00
N ARG F 22 -23.95 -40.21 2.61
CA ARG F 22 -25.10 -40.55 3.44
C ARG F 22 -24.64 -41.11 4.77
N GLN F 23 -23.60 -41.96 4.77
CA GLN F 23 -23.09 -42.51 6.01
C GLN F 23 -22.56 -41.40 6.91
N TRP F 24 -21.87 -40.43 6.32
CA TRP F 24 -21.37 -39.28 7.07
C TRP F 24 -22.53 -38.54 7.73
N GLY F 25 -23.70 -38.54 7.11
CA GLY F 25 -24.75 -37.70 7.65
C GLY F 25 -25.92 -38.43 8.28
N GLU F 26 -26.11 -39.70 7.96
CA GLU F 26 -27.25 -40.46 8.45
C GLU F 26 -26.90 -41.16 9.77
N ARG F 27 -27.63 -40.81 10.83
CA ARG F 27 -27.50 -41.46 12.12
C ARG F 27 -28.88 -41.88 12.61
N THR F 28 -28.97 -43.08 13.17
CA THR F 28 -30.24 -43.64 13.59
C THR F 28 -30.59 -43.25 15.02
N LEU F 29 -31.88 -43.30 15.33
CA LEU F 29 -32.41 -43.00 16.66
C LEU F 29 -32.94 -44.26 17.34
N PRO F 30 -33.04 -44.26 18.66
CA PRO F 30 -33.61 -45.43 19.36
C PRO F 30 -35.02 -45.77 18.90
N ASN F 31 -35.81 -44.78 18.52
CA ASN F 31 -37.16 -45.02 18.03
C ASN F 31 -37.17 -45.75 16.69
N GLY F 32 -36.03 -45.83 16.01
CA GLY F 32 -35.93 -46.44 14.71
C GLY F 32 -35.89 -45.46 13.55
N GLN F 33 -36.32 -44.22 13.80
CA GLN F 33 -36.24 -43.19 12.77
C GLN F 33 -34.78 -42.82 12.51
N VAL F 34 -34.43 -42.67 11.24
CA VAL F 34 -33.10 -42.24 10.83
C VAL F 34 -33.15 -40.76 10.54
N VAL F 35 -32.11 -40.04 10.98
CA VAL F 35 -32.04 -38.59 10.78
C VAL F 35 -30.72 -38.24 10.12
N GLY F 36 -30.67 -37.04 9.54
CA GLY F 36 -29.47 -36.56 8.89
C GLY F 36 -29.70 -35.88 7.56
N GLU F 37 -30.97 -35.75 7.15
CA GLU F 37 -31.30 -35.10 5.89
C GLU F 37 -31.94 -33.76 6.18
N VAL F 38 -31.31 -32.69 5.69
CA VAL F 38 -31.84 -31.35 5.83
C VAL F 38 -32.87 -31.11 4.74
N THR F 39 -34.12 -30.87 5.16
CA THR F 39 -35.23 -30.73 4.24
C THR F 39 -35.77 -29.32 4.11
N LYS F 40 -35.56 -28.47 5.11
CA LYS F 40 -36.10 -27.12 5.05
C LYS F 40 -34.97 -26.10 5.08
N PRO F 41 -35.10 -25.01 4.32
CA PRO F 41 -34.07 -23.96 4.30
C PRO F 41 -34.28 -22.92 5.40
N GLU F 42 -34.50 -23.38 6.62
CA GLU F 42 -34.76 -22.52 7.76
C GLU F 42 -33.62 -22.65 8.76
N THR F 43 -33.13 -21.53 9.24
CA THR F 43 -31.98 -21.52 10.14
C THR F 43 -32.40 -21.46 11.61
N ILE F 44 -33.16 -20.44 12.00
CA ILE F 44 -33.54 -20.24 13.39
C ILE F 44 -34.85 -19.48 13.42
N ASN F 45 -35.56 -19.62 14.53
CA ASN F 45 -36.82 -18.92 14.71
C ASN F 45 -36.58 -17.48 15.13
N TYR F 46 -37.38 -16.57 14.57
CA TYR F 46 -37.13 -15.15 14.81
C TYR F 46 -37.50 -14.74 16.22
N ARG F 47 -38.50 -15.39 16.82
CA ARG F 47 -38.96 -14.98 18.14
C ARG F 47 -38.27 -15.75 19.27
N THR F 48 -38.22 -17.07 19.16
CA THR F 48 -37.60 -17.86 20.22
C THR F 48 -36.09 -17.97 20.07
N LEU F 49 -35.54 -17.56 18.93
CA LEU F 49 -34.12 -17.67 18.64
C LEU F 49 -33.64 -19.11 18.86
N LYS F 50 -34.48 -20.05 18.46
CA LYS F 50 -34.25 -21.47 18.63
C LYS F 50 -34.25 -22.16 17.27
N PRO F 51 -33.30 -23.06 17.02
CA PRO F 51 -33.22 -23.69 15.70
C PRO F 51 -34.47 -24.48 15.36
N GLU F 52 -34.76 -24.53 14.05
CA GLU F 52 -35.92 -25.25 13.56
C GLU F 52 -35.64 -26.75 13.60
N MET F 53 -36.61 -27.55 13.16
CA MET F 53 -36.51 -28.99 13.34
C MET F 53 -35.92 -29.73 12.15
N ASP F 54 -36.08 -29.22 10.92
CA ASP F 54 -35.51 -29.88 9.75
C ASP F 54 -34.75 -28.88 8.89
N GLY F 55 -34.04 -27.96 9.53
CA GLY F 55 -33.36 -26.91 8.85
C GLY F 55 -31.84 -27.06 8.87
N LEU F 56 -31.16 -25.95 8.59
CA LEU F 56 -29.71 -25.92 8.54
C LEU F 56 -29.05 -25.91 9.91
N PHE F 57 -29.81 -25.68 10.98
CA PHE F 57 -29.25 -25.65 12.32
C PHE F 57 -30.04 -26.57 13.24
N CYS F 58 -30.63 -27.62 12.68
CA CYS F 58 -31.52 -28.48 13.43
C CYS F 58 -30.78 -29.17 14.58
N GLU F 59 -31.49 -29.41 15.68
CA GLU F 59 -30.93 -30.08 16.83
C GLU F 59 -31.10 -31.59 16.76
N LYS F 60 -32.09 -32.07 16.00
CA LYS F 60 -32.28 -33.50 15.81
C LYS F 60 -31.23 -34.09 14.86
N ILE F 61 -30.57 -33.25 14.07
CA ILE F 61 -29.56 -33.69 13.11
C ILE F 61 -28.15 -33.38 13.59
N PHE F 62 -27.90 -32.13 13.97
CA PHE F 62 -26.57 -31.69 14.32
C PHE F 62 -26.25 -31.83 15.80
N GLY F 63 -27.23 -31.69 16.67
CA GLY F 63 -27.01 -31.82 18.09
C GLY F 63 -27.69 -30.74 18.88
N PRO F 64 -27.84 -30.94 20.18
CA PRO F 64 -28.54 -29.95 21.00
C PRO F 64 -27.80 -28.62 21.03
N ALA F 65 -28.56 -27.53 20.99
CA ALA F 65 -27.94 -26.21 21.06
C ALA F 65 -27.26 -25.97 22.39
N LYS F 66 -27.89 -26.41 23.47
CA LYS F 66 -27.35 -26.30 24.82
C LYS F 66 -26.99 -27.69 25.32
N ASP F 67 -25.79 -27.82 25.87
CA ASP F 67 -25.34 -29.13 26.34
C ASP F 67 -26.23 -29.63 27.48
N TRP F 68 -26.56 -30.92 27.41
CA TRP F 68 -27.41 -31.58 28.40
C TRP F 68 -28.73 -30.84 28.57
N GLU F 69 -29.36 -30.51 27.45
CA GLU F 69 -30.66 -29.88 27.46
C GLU F 69 -31.37 -30.22 26.16
N CYS F 70 -32.65 -30.56 26.29
CA CYS F 70 -33.45 -31.00 25.15
C CYS F 70 -34.01 -29.78 24.42
N HIS F 71 -34.44 -30.00 23.18
CA HIS F 71 -35.00 -28.92 22.39
C HIS F 71 -36.32 -28.42 22.98
N CYS F 72 -37.19 -29.33 23.38
CA CYS F 72 -38.48 -28.95 23.95
C CYS F 72 -38.41 -28.61 25.44
N GLY F 73 -37.31 -28.91 26.11
CA GLY F 73 -37.21 -28.66 27.53
C GLY F 73 -37.69 -29.77 28.43
N LYS F 74 -37.96 -30.95 27.87
CA LYS F 74 -38.39 -32.09 28.69
C LYS F 74 -37.24 -32.57 29.58
N TYR F 75 -36.03 -32.60 29.05
CA TYR F 75 -34.88 -33.12 29.78
C TYR F 75 -33.85 -32.02 29.95
N LYS F 76 -33.36 -31.88 31.18
CA LYS F 76 -32.33 -30.92 31.53
C LYS F 76 -31.43 -31.56 32.59
N ARG F 77 -30.23 -31.02 32.73
CA ARG F 77 -29.23 -31.45 33.71
C ARG F 77 -28.45 -32.64 33.16
N VAL F 78 -27.28 -32.91 33.75
CA VAL F 78 -26.41 -33.98 33.26
C VAL F 78 -27.05 -35.35 33.48
N ARG F 79 -27.78 -35.51 34.59
CA ARG F 79 -28.45 -36.76 34.96
C ARG F 79 -28.98 -37.56 33.76
N HIS F 80 -29.50 -36.86 32.75
CA HIS F 80 -30.05 -37.50 31.57
C HIS F 80 -28.97 -37.48 30.49
N ARG F 81 -28.07 -38.47 30.56
CA ARG F 81 -27.04 -38.62 29.55
C ARG F 81 -27.40 -39.75 28.60
N GLY F 82 -27.34 -39.47 27.30
CA GLY F 82 -27.67 -40.48 26.31
C GLY F 82 -29.14 -40.82 26.23
N ILE F 83 -30.00 -39.92 26.70
CA ILE F 83 -31.44 -40.12 26.71
C ILE F 83 -32.03 -39.25 25.61
N VAL F 84 -32.32 -39.86 24.45
CA VAL F 84 -32.95 -39.13 23.38
C VAL F 84 -34.41 -38.89 23.74
N CYS F 85 -34.84 -37.64 23.65
CA CYS F 85 -36.21 -37.29 24.04
C CYS F 85 -37.21 -38.00 23.14
N GLU F 86 -38.47 -37.97 23.57
CA GLU F 86 -39.57 -38.56 22.82
C GLU F 86 -40.44 -37.52 22.13
N ARG F 87 -40.66 -36.37 22.75
CA ARG F 87 -41.50 -35.35 22.14
C ARG F 87 -40.87 -34.79 20.87
N CYS F 88 -39.55 -34.59 20.87
CA CYS F 88 -38.87 -34.04 19.69
C CYS F 88 -37.69 -34.86 19.22
N GLY F 89 -37.29 -35.90 19.95
CA GLY F 89 -36.23 -36.79 19.51
C GLY F 89 -34.86 -36.17 19.38
N VAL F 90 -34.47 -35.32 20.33
CA VAL F 90 -33.15 -34.72 20.37
C VAL F 90 -32.33 -35.45 21.43
N GLU F 91 -31.05 -35.65 21.16
CA GLU F 91 -30.18 -36.39 22.06
C GLU F 91 -29.61 -35.43 23.10
N VAL F 92 -29.90 -35.69 24.36
CA VAL F 92 -29.44 -34.84 25.45
C VAL F 92 -27.98 -35.18 25.70
N THR F 93 -27.08 -34.36 25.16
CA THR F 93 -25.64 -34.56 25.30
C THR F 93 -24.97 -33.21 25.25
N GLU F 94 -23.65 -33.20 25.06
CA GLU F 94 -22.92 -31.95 24.97
C GLU F 94 -23.16 -31.29 23.63
N SER F 95 -23.23 -29.96 23.64
CA SER F 95 -23.44 -29.19 22.42
C SER F 95 -22.24 -29.21 21.48
N ARG F 96 -21.08 -29.67 21.96
CA ARG F 96 -19.89 -29.70 21.12
C ARG F 96 -20.10 -30.56 19.88
N VAL F 97 -20.98 -31.54 19.95
CA VAL F 97 -21.24 -32.40 18.79
C VAL F 97 -21.82 -31.62 17.63
N ARG F 98 -22.27 -30.38 17.86
CA ARG F 98 -22.74 -29.54 16.78
C ARG F 98 -21.62 -29.11 15.84
N ARG F 99 -20.37 -29.32 16.21
CA ARG F 99 -19.27 -29.03 15.29
C ARG F 99 -18.59 -30.31 14.80
N HIS F 100 -19.26 -31.45 14.91
CA HIS F 100 -18.71 -32.68 14.38
C HIS F 100 -19.68 -33.40 13.45
N ARG F 101 -20.98 -33.36 13.75
CA ARG F 101 -21.98 -33.99 12.91
C ARG F 101 -22.28 -33.16 11.68
N MET F 102 -22.57 -33.84 10.57
CA MET F 102 -22.66 -33.20 9.26
C MET F 102 -24.07 -33.14 8.70
N GLY F 103 -24.77 -34.27 8.58
CA GLY F 103 -26.02 -34.28 7.86
C GLY F 103 -25.83 -34.09 6.36
N PHE F 104 -26.85 -34.42 5.57
CA PHE F 104 -26.73 -34.33 4.12
C PHE F 104 -28.00 -33.74 3.52
N ILE F 105 -27.92 -33.43 2.24
CA ILE F 105 -29.04 -32.94 1.43
C ILE F 105 -29.18 -33.86 0.24
N LYS F 106 -30.36 -34.43 0.05
CA LYS F 106 -30.64 -35.28 -1.09
C LYS F 106 -31.19 -34.43 -2.22
N LEU F 107 -30.64 -34.60 -3.42
CA LEU F 107 -30.99 -33.77 -4.55
C LEU F 107 -32.06 -34.44 -5.41
N ALA F 108 -33.03 -33.65 -5.86
CA ALA F 108 -34.06 -34.18 -6.74
C ALA F 108 -33.47 -34.65 -8.05
N ALA F 109 -32.53 -33.89 -8.60
CA ALA F 109 -31.83 -34.26 -9.82
C ALA F 109 -30.33 -34.23 -9.57
N PRO F 110 -29.57 -35.12 -10.22
CA PRO F 110 -28.13 -35.12 -10.02
C PRO F 110 -27.47 -33.86 -10.58
N VAL F 111 -26.37 -33.47 -9.94
CA VAL F 111 -25.58 -32.33 -10.37
C VAL F 111 -24.14 -32.80 -10.55
N ALA F 112 -23.33 -31.94 -11.13
CA ALA F 112 -21.94 -32.23 -11.41
C ALA F 112 -21.05 -31.46 -10.45
N HIS F 113 -20.04 -32.14 -9.92
CA HIS F 113 -19.08 -31.48 -9.06
C HIS F 113 -18.20 -30.56 -9.90
N VAL F 114 -18.23 -29.27 -9.58
CA VAL F 114 -17.59 -28.28 -10.47
C VAL F 114 -16.09 -28.50 -10.51
N TRP F 115 -15.51 -29.09 -9.47
CA TRP F 115 -14.07 -29.33 -9.47
C TRP F 115 -13.67 -30.29 -10.58
N TYR F 116 -14.44 -31.37 -10.77
CA TYR F 116 -14.16 -32.30 -11.84
C TYR F 116 -14.69 -31.84 -13.20
N LEU F 117 -15.46 -30.76 -13.23
CA LEU F 117 -15.95 -30.20 -14.48
C LEU F 117 -15.07 -29.06 -14.97
N LYS F 118 -14.90 -28.03 -14.14
CA LYS F 118 -14.12 -26.85 -14.49
C LYS F 118 -12.78 -26.92 -13.75
N GLY F 119 -11.82 -27.62 -14.36
CA GLY F 119 -10.48 -27.68 -13.83
C GLY F 119 -9.48 -27.54 -14.96
N ILE F 120 -8.21 -27.33 -14.59
CA ILE F 120 -7.16 -27.30 -15.60
C ILE F 120 -7.08 -28.63 -16.33
N PRO F 121 -7.00 -29.78 -15.64
CA PRO F 121 -7.41 -31.02 -16.32
C PRO F 121 -8.87 -31.29 -16.01
N SER F 122 -9.70 -31.49 -17.03
CA SER F 122 -11.11 -31.76 -16.82
C SER F 122 -11.29 -33.27 -16.79
N TYR F 123 -11.36 -33.84 -15.58
CA TYR F 123 -11.39 -35.29 -15.45
C TYR F 123 -12.64 -35.89 -16.08
N ILE F 124 -13.78 -35.21 -15.95
CA ILE F 124 -14.99 -35.70 -16.62
C ILE F 124 -14.77 -35.69 -18.14
N ALA F 125 -14.23 -34.59 -18.66
CA ALA F 125 -13.99 -34.50 -20.09
C ALA F 125 -12.94 -35.50 -20.54
N ILE F 126 -11.87 -35.66 -19.76
CA ILE F 126 -10.81 -36.60 -20.12
C ILE F 126 -11.33 -38.02 -20.16
N LEU F 127 -12.09 -38.42 -19.14
CA LEU F 127 -12.67 -39.76 -19.12
C LEU F 127 -13.65 -39.97 -20.28
N LEU F 128 -14.50 -38.98 -20.53
CA LEU F 128 -15.47 -39.10 -21.60
C LEU F 128 -14.88 -38.83 -22.98
N ASP F 129 -13.63 -38.37 -23.04
CA ASP F 129 -12.97 -38.05 -24.31
C ASP F 129 -13.81 -37.05 -25.12
N MET F 130 -14.29 -36.02 -24.44
CA MET F 130 -15.09 -34.98 -25.06
C MET F 130 -14.50 -33.62 -24.72
N PRO F 131 -14.66 -32.64 -25.60
CA PRO F 131 -14.19 -31.30 -25.30
C PRO F 131 -14.98 -30.71 -24.14
N LEU F 132 -14.33 -29.82 -23.38
CA LEU F 132 -14.96 -29.28 -22.19
C LEU F 132 -16.22 -28.48 -22.53
N ARG F 133 -16.23 -27.79 -23.68
CA ARG F 133 -17.39 -26.99 -24.04
C ARG F 133 -18.63 -27.85 -24.23
N ASP F 134 -18.48 -29.00 -24.89
CA ASP F 134 -19.61 -29.92 -25.07
C ASP F 134 -20.14 -30.42 -23.73
N VAL F 135 -19.24 -30.79 -22.83
CA VAL F 135 -19.66 -31.29 -21.52
C VAL F 135 -20.40 -30.20 -20.75
N GLU F 136 -19.88 -28.97 -20.79
CA GLU F 136 -20.55 -27.86 -20.11
C GLU F 136 -21.93 -27.60 -20.70
N GLN F 137 -22.05 -27.65 -22.03
CA GLN F 137 -23.35 -27.45 -22.66
C GLN F 137 -24.34 -28.52 -22.24
N ILE F 138 -23.90 -29.78 -22.21
CA ILE F 138 -24.77 -30.86 -21.77
C ILE F 138 -25.20 -30.66 -20.32
N VAL F 139 -24.25 -30.29 -19.46
CA VAL F 139 -24.55 -30.13 -18.03
C VAL F 139 -25.55 -29.01 -17.79
N TYR F 140 -25.37 -27.87 -18.46
CA TYR F 140 -26.17 -26.69 -18.21
C TYR F 140 -27.35 -26.57 -19.16
N PHE F 141 -27.74 -27.66 -19.81
CA PHE F 141 -28.99 -27.76 -20.56
C PHE F 141 -28.98 -26.80 -21.76
N ASN F 142 -27.92 -26.90 -22.57
CA ASN F 142 -27.84 -26.18 -23.81
C ASN F 142 -27.79 -27.08 -25.04
N SER F 143 -27.65 -28.38 -24.86
CA SER F 143 -27.62 -29.33 -25.96
C SER F 143 -27.94 -30.71 -25.43
N TYR F 144 -28.48 -31.54 -26.31
CA TYR F 144 -28.72 -32.93 -25.96
C TYR F 144 -27.50 -33.77 -26.36
N VAL F 145 -27.47 -35.01 -25.86
CA VAL F 145 -26.41 -35.93 -26.21
C VAL F 145 -27.04 -37.28 -26.52
N VAL F 146 -26.51 -37.96 -27.54
CA VAL F 146 -27.06 -39.24 -27.98
C VAL F 146 -26.53 -40.33 -27.06
N LEU F 147 -27.30 -40.66 -26.02
CA LEU F 147 -26.90 -41.73 -25.10
C LEU F 147 -26.91 -43.09 -25.77
N ASN F 148 -27.64 -43.24 -26.86
CA ASN F 148 -27.68 -44.49 -27.61
C ASN F 148 -27.98 -44.19 -29.07
N PRO F 149 -27.07 -44.50 -29.99
CA PRO F 149 -27.36 -44.27 -31.41
C PRO F 149 -28.55 -45.06 -31.90
N GLY F 150 -28.85 -46.21 -31.28
CA GLY F 150 -30.01 -46.98 -31.63
C GLY F 150 -29.97 -47.57 -33.01
N ASN F 151 -30.83 -47.08 -33.90
CA ASN F 151 -30.95 -47.58 -35.25
C ASN F 151 -30.77 -46.49 -36.30
N HIS F 152 -30.59 -45.24 -35.87
CA HIS F 152 -30.42 -44.15 -36.83
C HIS F 152 -29.09 -44.30 -37.55
N SER F 153 -29.00 -43.69 -38.72
CA SER F 153 -27.81 -43.83 -39.55
C SER F 153 -26.83 -42.69 -39.38
N GLU F 154 -27.31 -41.46 -39.19
CA GLU F 154 -26.47 -40.29 -39.06
C GLU F 154 -26.21 -39.89 -37.61
N LEU F 155 -26.69 -40.65 -36.64
CA LEU F 155 -26.48 -40.35 -35.23
C LEU F 155 -25.39 -41.24 -34.66
N GLN F 156 -24.45 -40.61 -33.96
CA GLN F 156 -23.33 -41.30 -33.33
C GLN F 156 -23.42 -41.18 -31.83
N TYR F 157 -22.83 -42.16 -31.14
CA TYR F 157 -22.81 -42.15 -29.69
C TYR F 157 -22.06 -40.92 -29.19
N LYS F 158 -22.62 -40.27 -28.16
CA LYS F 158 -22.03 -39.08 -27.55
C LYS F 158 -21.94 -37.93 -28.54
N GLN F 159 -23.02 -37.71 -29.30
CA GLN F 159 -23.10 -36.60 -30.24
C GLN F 159 -24.04 -35.52 -29.72
N LEU F 160 -23.60 -34.28 -29.83
CA LEU F 160 -24.40 -33.14 -29.38
C LEU F 160 -25.52 -32.83 -30.38
N LEU F 161 -26.74 -32.69 -29.86
CA LEU F 161 -27.91 -32.36 -30.67
C LEU F 161 -28.51 -31.04 -30.20
N ASN F 162 -28.66 -30.11 -31.12
CA ASN F 162 -29.34 -28.86 -30.83
C ASN F 162 -30.84 -29.10 -30.64
N GLU F 163 -31.54 -28.09 -30.14
CA GLU F 163 -32.98 -28.21 -29.94
C GLU F 163 -33.70 -28.46 -31.25
N ASP F 164 -33.34 -27.72 -32.31
CA ASP F 164 -33.95 -27.94 -33.61
C ASP F 164 -33.61 -29.33 -34.16
N GLN F 165 -32.36 -29.75 -33.98
CA GLN F 165 -31.97 -31.08 -34.44
C GLN F 165 -32.73 -32.16 -33.69
N TRP F 166 -32.91 -31.99 -32.38
CA TRP F 166 -33.68 -32.97 -31.62
C TRP F 166 -35.14 -32.96 -32.02
N MET F 167 -35.70 -31.80 -32.35
CA MET F 167 -37.07 -31.75 -32.86
C MET F 167 -37.20 -32.48 -34.18
N GLU F 168 -36.21 -32.31 -35.07
CA GLU F 168 -36.23 -33.04 -36.34
C GLU F 168 -36.14 -34.55 -36.10
N ILE F 169 -35.30 -34.96 -35.14
CA ILE F 169 -35.21 -36.38 -34.80
C ILE F 169 -36.54 -36.87 -34.25
N GLU F 170 -37.19 -36.06 -33.43
CA GLU F 170 -38.51 -36.41 -32.89
C GLU F 170 -39.51 -36.60 -34.02
N ASP F 171 -39.49 -35.72 -35.02
CA ASP F 171 -40.39 -35.87 -36.16
C ASP F 171 -40.09 -37.17 -36.90
N GLN F 172 -38.81 -37.50 -37.05
CA GLN F 172 -38.43 -38.73 -37.73
C GLN F 172 -38.89 -39.96 -36.96
N ILE F 173 -38.77 -39.93 -35.62
CA ILE F 173 -39.08 -41.10 -34.81
C ILE F 173 -40.58 -41.28 -34.65
N TYR F 174 -41.36 -40.21 -34.78
CA TYR F 174 -42.81 -40.29 -34.66
C TYR F 174 -43.49 -40.40 -36.02
N ALA F 175 -42.73 -40.68 -37.08
CA ALA F 175 -43.32 -40.97 -38.38
C ALA F 175 -43.83 -42.39 -38.44
N GLU F 176 -45.03 -42.55 -39.02
CA GLU F 176 -45.70 -43.85 -39.05
C GLU F 176 -44.90 -44.91 -39.80
N GLU F 177 -43.98 -44.52 -40.69
CA GLU F 177 -43.20 -45.45 -41.48
C GLU F 177 -41.78 -45.64 -40.96
N SER F 178 -41.45 -45.11 -39.78
CA SER F 178 -40.08 -45.15 -39.30
C SER F 178 -39.79 -46.52 -38.67
N ASP F 179 -38.75 -47.18 -39.18
CA ASP F 179 -38.17 -48.37 -38.56
C ASP F 179 -37.19 -48.03 -37.45
N LEU F 180 -37.10 -46.77 -37.06
CA LEU F 180 -36.10 -46.30 -36.11
C LEU F 180 -36.50 -46.74 -34.70
N GLU F 181 -35.65 -47.55 -34.06
CA GLU F 181 -35.93 -48.05 -32.73
C GLU F 181 -34.69 -47.92 -31.85
N GLY F 182 -34.93 -47.68 -30.56
CA GLY F 182 -33.87 -47.72 -29.58
C GLY F 182 -32.97 -46.53 -29.50
N ILE F 183 -33.37 -45.38 -30.03
CA ILE F 183 -32.58 -44.16 -29.93
C ILE F 183 -32.90 -43.48 -28.60
N GLU F 184 -31.86 -43.06 -27.90
CA GLU F 184 -31.98 -42.39 -26.61
C GLU F 184 -31.14 -41.13 -26.58
N VAL F 185 -31.70 -40.06 -26.03
CA VAL F 185 -30.95 -38.82 -25.84
C VAL F 185 -31.14 -38.37 -24.41
N GLY F 186 -30.21 -37.54 -23.95
CA GLY F 186 -30.27 -37.03 -22.60
C GLY F 186 -29.70 -35.62 -22.53
N ILE F 187 -30.12 -34.91 -21.49
CA ILE F 187 -29.67 -33.54 -21.26
C ILE F 187 -29.51 -33.36 -19.75
N GLY F 188 -28.47 -32.63 -19.37
CA GLY F 188 -28.22 -32.39 -17.96
C GLY F 188 -27.11 -33.27 -17.41
N ALA F 189 -26.99 -33.24 -16.09
CA ALA F 189 -26.02 -34.07 -15.40
C ALA F 189 -26.43 -35.54 -15.38
N GLU F 190 -27.71 -35.83 -15.59
CA GLU F 190 -28.13 -37.22 -15.70
C GLU F 190 -27.52 -37.89 -16.93
N ALA F 191 -27.42 -37.14 -18.03
CA ALA F 191 -26.76 -37.68 -19.21
C ALA F 191 -25.28 -37.94 -18.94
N LEU F 192 -24.62 -37.04 -18.22
CA LEU F 192 -23.22 -37.27 -17.88
C LEU F 192 -23.07 -38.48 -16.98
N GLN F 193 -23.99 -38.66 -16.04
CA GLN F 193 -23.94 -39.83 -15.16
C GLN F 193 -24.11 -41.11 -15.96
N GLN F 194 -25.02 -41.11 -16.93
CA GLN F 194 -25.20 -42.29 -17.77
C GLN F 194 -23.96 -42.58 -18.60
N LEU F 195 -23.34 -41.54 -19.16
CA LEU F 195 -22.12 -41.73 -19.93
C LEU F 195 -20.99 -42.26 -19.05
N LEU F 196 -20.88 -41.75 -17.83
CA LEU F 196 -19.84 -42.23 -16.92
C LEU F 196 -20.10 -43.66 -16.47
N GLN F 197 -21.36 -44.06 -16.33
CA GLN F 197 -21.68 -45.44 -16.03
C GLN F 197 -21.45 -46.37 -17.21
N ASP F 198 -21.48 -45.83 -18.43
CA ASP F 198 -21.24 -46.66 -19.61
C ASP F 198 -19.78 -47.11 -19.72
N LEU F 199 -18.84 -46.27 -19.28
CA LEU F 199 -17.42 -46.56 -19.42
C LEU F 199 -17.04 -47.87 -18.73
N ASN F 200 -16.47 -48.79 -19.50
CA ASN F 200 -15.88 -50.02 -18.97
C ASN F 200 -14.38 -49.78 -18.88
N LEU F 201 -13.88 -49.60 -17.66
CA LEU F 201 -12.50 -49.15 -17.47
C LEU F 201 -11.48 -50.16 -17.99
N ASN F 202 -11.72 -51.46 -17.80
CA ASN F 202 -10.75 -52.45 -18.24
C ASN F 202 -10.59 -52.45 -19.75
N GLU F 203 -11.71 -52.46 -20.48
CA GLU F 203 -11.64 -52.46 -21.94
C GLU F 203 -11.08 -51.15 -22.47
N GLU F 204 -11.48 -50.03 -21.85
CA GLU F 204 -10.94 -48.75 -22.27
C GLU F 204 -9.43 -48.69 -22.05
N SER F 205 -8.95 -49.25 -20.94
CA SER F 205 -7.53 -49.28 -20.66
C SER F 205 -6.78 -50.12 -21.70
N GLU F 206 -7.32 -51.30 -22.01
CA GLU F 206 -6.67 -52.16 -23.00
C GLU F 206 -6.64 -51.50 -24.37
N LYS F 207 -7.76 -50.92 -24.79
CA LYS F 207 -7.83 -50.25 -26.08
C LYS F 207 -6.87 -49.08 -26.14
N LEU F 208 -6.82 -48.27 -25.08
CA LEU F 208 -5.93 -47.12 -25.06
C LEU F 208 -4.47 -47.55 -25.09
N ARG F 209 -4.12 -48.61 -24.36
CA ARG F 209 -2.74 -49.09 -24.40
C ARG F 209 -2.36 -49.57 -25.80
N GLN F 210 -3.27 -50.32 -26.45
CA GLN F 210 -2.99 -50.81 -27.79
C GLN F 210 -2.83 -49.64 -28.76
N GLU F 211 -3.67 -48.61 -28.62
CA GLU F 211 -3.58 -47.45 -29.49
C GLU F 211 -2.32 -46.63 -29.21
N ILE F 212 -1.90 -46.57 -27.94
CA ILE F 212 -0.69 -45.83 -27.58
C ILE F 212 0.53 -46.49 -28.17
N ALA F 213 0.54 -47.83 -28.20
CA ALA F 213 1.67 -48.53 -28.81
C ALA F 213 1.88 -48.08 -30.25
N GLU F 214 0.80 -48.01 -31.02
CA GLU F 214 0.86 -47.53 -32.41
C GLU F 214 0.49 -46.05 -32.51
N SER F 215 1.23 -45.20 -31.80
CA SER F 215 0.94 -43.77 -31.82
C SER F 215 2.19 -42.99 -31.44
N LYS F 216 2.15 -41.69 -31.73
CA LYS F 216 3.25 -40.78 -31.41
C LYS F 216 2.72 -39.36 -31.48
N GLY F 217 3.53 -38.41 -31.00
CA GLY F 217 3.18 -37.01 -31.05
C GLY F 217 2.13 -36.63 -30.01
N GLN F 218 1.39 -35.57 -30.31
CA GLN F 218 0.37 -35.07 -29.38
C GLN F 218 -0.73 -36.09 -29.17
N LYS F 219 -1.03 -36.91 -30.18
CA LYS F 219 -2.03 -37.96 -30.03
C LYS F 219 -1.60 -38.91 -28.93
N ARG F 220 -0.30 -39.24 -28.91
CA ARG F 220 0.20 -40.14 -27.87
C ARG F 220 0.06 -39.49 -26.50
N ALA F 221 0.34 -38.19 -26.40
CA ALA F 221 0.28 -37.53 -25.11
C ALA F 221 -1.15 -37.51 -24.57
N LYS F 222 -2.12 -37.19 -25.43
CA LYS F 222 -3.51 -37.19 -25.00
C LYS F 222 -3.98 -38.57 -24.60
N LEU F 223 -3.63 -39.60 -25.38
CA LEU F 223 -3.99 -40.95 -24.99
C LEU F 223 -3.28 -41.38 -23.72
N ILE F 224 -2.06 -40.88 -23.49
CA ILE F 224 -1.36 -41.15 -22.24
C ILE F 224 -2.12 -40.56 -21.06
N LYS F 225 -2.59 -39.32 -21.20
CA LYS F 225 -3.34 -38.72 -20.10
C LYS F 225 -4.64 -39.48 -19.83
N ARG F 226 -5.35 -39.87 -20.89
CA ARG F 226 -6.56 -40.66 -20.69
C ARG F 226 -6.24 -41.98 -19.99
N LEU F 227 -5.18 -42.67 -20.44
CA LEU F 227 -4.81 -43.94 -19.82
C LEU F 227 -4.42 -43.76 -18.36
N ARG F 228 -3.72 -42.67 -18.04
CA ARG F 228 -3.34 -42.42 -16.66
C ARG F 228 -4.58 -42.24 -15.79
N VAL F 229 -5.54 -41.45 -16.25
CA VAL F 229 -6.76 -41.24 -15.47
C VAL F 229 -7.54 -42.55 -15.32
N ILE F 230 -7.65 -43.31 -16.40
CA ILE F 230 -8.40 -44.56 -16.36
C ILE F 230 -7.72 -45.56 -15.42
N ASP F 231 -6.39 -45.64 -15.47
CA ASP F 231 -5.67 -46.55 -14.59
C ASP F 231 -5.77 -46.12 -13.14
N ASN F 232 -5.79 -44.80 -12.89
CA ASN F 232 -6.00 -44.32 -11.53
C ASN F 232 -7.37 -44.74 -11.01
N PHE F 233 -8.40 -44.63 -11.86
CA PHE F 233 -9.72 -45.08 -11.44
C PHE F 233 -9.77 -46.59 -11.22
N ILE F 234 -9.07 -47.35 -12.06
CA ILE F 234 -9.02 -48.81 -11.88
C ILE F 234 -8.35 -49.17 -10.57
N GLY F 235 -7.22 -48.53 -10.26
CA GLY F 235 -6.52 -48.82 -9.03
C GLY F 235 -7.29 -48.41 -7.80
N THR F 236 -7.91 -47.22 -7.83
CA THR F 236 -8.67 -46.74 -6.68
C THR F 236 -9.97 -47.49 -6.47
N GLU F 237 -10.40 -48.31 -7.44
CA GLU F 237 -11.66 -49.05 -7.35
C GLU F 237 -12.84 -48.10 -7.13
N SER F 238 -12.79 -46.94 -7.76
CA SER F 238 -13.83 -45.94 -7.64
C SER F 238 -14.55 -45.79 -8.98
N ARG F 239 -15.85 -45.69 -8.93
CA ARG F 239 -16.65 -45.55 -10.13
C ARG F 239 -16.68 -44.10 -10.59
N PRO F 240 -16.37 -43.82 -11.86
CA PRO F 240 -16.28 -42.42 -12.29
C PRO F 240 -17.57 -41.64 -12.19
N GLU F 241 -18.72 -42.32 -12.14
CA GLU F 241 -19.96 -41.58 -12.06
C GLU F 241 -20.14 -40.92 -10.70
N TRP F 242 -19.24 -41.22 -9.76
CA TRP F 242 -19.26 -40.56 -8.47
C TRP F 242 -18.86 -39.10 -8.59
N MET F 243 -18.30 -38.68 -9.74
CA MET F 243 -18.06 -37.26 -9.94
C MET F 243 -19.35 -36.48 -10.14
N VAL F 244 -20.46 -37.16 -10.40
CA VAL F 244 -21.78 -36.55 -10.50
C VAL F 244 -22.49 -36.77 -9.17
N LEU F 245 -22.87 -35.69 -8.51
CA LEU F 245 -23.39 -35.76 -7.15
C LEU F 245 -24.88 -36.07 -7.13
N ASN F 246 -25.26 -37.07 -6.34
CA ASN F 246 -26.66 -37.31 -6.04
C ASN F 246 -27.07 -36.79 -4.68
N VAL F 247 -26.17 -36.80 -3.71
CA VAL F 247 -26.39 -36.18 -2.41
C VAL F 247 -25.18 -35.32 -2.09
N ILE F 248 -25.39 -34.30 -1.27
CA ILE F 248 -24.28 -33.43 -0.92
C ILE F 248 -24.18 -33.38 0.61
N PRO F 249 -23.00 -33.18 1.17
CA PRO F 249 -22.88 -33.07 2.62
C PRO F 249 -23.10 -31.65 3.11
N VAL F 250 -23.58 -31.57 4.35
CA VAL F 250 -23.80 -30.29 5.02
C VAL F 250 -22.74 -30.15 6.10
N ILE F 251 -22.06 -29.01 6.11
CA ILE F 251 -21.02 -28.72 7.09
C ILE F 251 -21.68 -28.55 8.46
N PRO F 252 -21.02 -28.91 9.56
CA PRO F 252 -21.62 -28.72 10.89
C PRO F 252 -21.95 -27.26 11.15
N PRO F 253 -23.03 -26.99 11.86
CA PRO F 253 -23.46 -25.59 12.06
C PRO F 253 -22.46 -24.72 12.79
N ASP F 254 -21.66 -25.27 13.70
CA ASP F 254 -20.67 -24.45 14.39
C ASP F 254 -19.52 -24.03 13.49
N LEU F 255 -19.33 -24.71 12.36
CA LEU F 255 -18.34 -24.28 11.36
C LEU F 255 -18.89 -23.21 10.44
N ARG F 256 -20.18 -22.93 10.51
CA ARG F 256 -20.82 -21.83 9.79
C ARG F 256 -21.67 -21.10 10.82
N PRO F 257 -21.04 -20.48 11.81
CA PRO F 257 -21.80 -20.00 12.96
C PRO F 257 -22.75 -18.89 12.59
N MET F 258 -23.89 -18.89 13.28
CA MET F 258 -24.89 -17.83 13.20
C MET F 258 -25.01 -17.22 14.59
N VAL F 259 -24.12 -16.29 14.90
CA VAL F 259 -24.07 -15.70 16.23
C VAL F 259 -24.88 -14.42 16.27
N GLN F 260 -25.20 -13.98 17.48
CA GLN F 260 -25.93 -12.74 17.71
C GLN F 260 -25.00 -11.73 18.35
N LEU F 261 -24.91 -10.55 17.75
CA LEU F 261 -24.03 -9.51 18.27
C LEU F 261 -24.59 -8.88 19.54
N ARG F 265 -27.72 -7.72 16.49
CA ARG F 265 -27.85 -8.26 15.15
C ARG F 265 -27.30 -9.67 15.10
N PHE F 266 -27.69 -10.41 14.07
CA PHE F 266 -27.21 -11.77 13.84
C PHE F 266 -26.14 -11.75 12.76
N ALA F 267 -24.96 -12.27 13.07
CA ALA F 267 -23.88 -12.38 12.10
C ALA F 267 -23.89 -13.82 11.57
N THR F 268 -24.03 -13.97 10.25
CA THR F 268 -24.16 -15.27 9.61
C THR F 268 -23.07 -15.51 8.59
N SER F 269 -22.60 -16.75 8.51
CA SER F 269 -21.66 -17.15 7.46
C SER F 269 -22.37 -17.23 6.11
N ASP F 270 -21.60 -17.01 5.05
CA ASP F 270 -22.15 -17.07 3.69
C ASP F 270 -22.58 -18.49 3.31
N LEU F 271 -22.08 -19.50 4.03
CA LEU F 271 -22.47 -20.87 3.74
C LEU F 271 -23.94 -21.09 4.01
N ASN F 272 -24.51 -20.38 5.00
CA ASN F 272 -25.93 -20.53 5.27
C ASN F 272 -26.75 -20.09 4.06
N ASP F 273 -26.38 -18.96 3.45
CA ASP F 273 -27.10 -18.48 2.28
C ASP F 273 -26.93 -19.43 1.10
N LEU F 274 -25.72 -19.94 0.89
CA LEU F 274 -25.51 -20.87 -0.21
C LEU F 274 -26.32 -22.14 -0.03
N TYR F 275 -26.33 -22.70 1.19
CA TYR F 275 -27.12 -23.88 1.46
C TYR F 275 -28.60 -23.60 1.30
N ARG F 276 -29.06 -22.42 1.74
CA ARG F 276 -30.47 -22.07 1.56
C ARG F 276 -30.84 -22.01 0.10
N ARG F 277 -29.97 -21.44 -0.75
CA ARG F 277 -30.26 -21.43 -2.18
C ARG F 277 -30.38 -22.85 -2.71
N VAL F 278 -29.46 -23.71 -2.32
CA VAL F 278 -29.50 -25.10 -2.79
C VAL F 278 -30.80 -25.78 -2.36
N ILE F 279 -31.17 -25.60 -1.09
CA ILE F 279 -32.37 -26.26 -0.57
C ILE F 279 -33.63 -25.72 -1.21
N ASN F 280 -33.72 -24.39 -1.39
CA ASN F 280 -34.89 -23.80 -2.03
C ASN F 280 -35.06 -24.33 -3.44
N ARG F 281 -33.97 -24.35 -4.22
CA ARG F 281 -34.08 -24.82 -5.60
C ARG F 281 -34.38 -26.30 -5.66
N ASN F 282 -33.82 -27.09 -4.74
CA ASN F 282 -34.11 -28.52 -4.71
C ASN F 282 -35.58 -28.79 -4.36
N ASN F 283 -36.12 -28.07 -3.38
CA ASN F 283 -37.52 -28.25 -3.03
C ASN F 283 -38.45 -27.81 -4.16
N ARG F 284 -38.13 -26.69 -4.81
CA ARG F 284 -38.94 -26.24 -5.93
C ARG F 284 -38.88 -27.25 -7.08
N LEU F 285 -37.70 -27.82 -7.33
CA LEU F 285 -37.58 -28.84 -8.37
C LEU F 285 -38.42 -30.07 -8.03
N ALA F 286 -38.42 -30.48 -6.76
CA ALA F 286 -39.25 -31.61 -6.36
C ALA F 286 -40.74 -31.31 -6.58
N ARG F 287 -41.16 -30.10 -6.23
CA ARG F 287 -42.57 -29.73 -6.47
C ARG F 287 -42.89 -29.74 -7.95
N LEU F 288 -42.00 -29.21 -8.79
CA LEU F 288 -42.24 -29.19 -10.22
C LEU F 288 -42.31 -30.61 -10.78
N GLN F 289 -41.48 -31.50 -10.28
CA GLN F 289 -41.52 -32.89 -10.68
C GLN F 289 -42.74 -33.62 -10.13
N GLU F 290 -43.39 -33.06 -9.11
CA GLU F 290 -44.58 -33.69 -8.54
C GLU F 290 -45.87 -33.27 -9.23
N ILE F 291 -45.90 -32.10 -9.85
CA ILE F 291 -47.10 -31.60 -10.51
C ILE F 291 -47.02 -31.75 -12.02
N LEU F 292 -45.95 -32.36 -12.54
CA LEU F 292 -45.74 -32.55 -13.97
C LEU F 292 -45.74 -31.20 -14.70
N ALA F 293 -44.77 -30.37 -14.33
CA ALA F 293 -44.64 -29.05 -14.89
C ALA F 293 -44.16 -29.12 -16.34
N PRO F 294 -44.31 -28.04 -17.10
CA PRO F 294 -43.75 -28.02 -18.45
C PRO F 294 -42.26 -28.27 -18.44
N GLU F 295 -41.79 -28.95 -19.49
CA GLU F 295 -40.42 -29.46 -19.49
C GLU F 295 -39.40 -28.34 -19.39
N ILE F 296 -39.66 -27.19 -20.03
CA ILE F 296 -38.70 -26.10 -19.97
C ILE F 296 -38.55 -25.59 -18.54
N ILE F 297 -39.66 -25.47 -17.81
CA ILE F 297 -39.58 -24.98 -16.44
C ILE F 297 -38.76 -25.94 -15.57
N VAL F 298 -38.99 -27.25 -15.74
CA VAL F 298 -38.24 -28.24 -14.98
C VAL F 298 -36.76 -28.19 -15.33
N ARG F 299 -36.45 -28.07 -16.62
CA ARG F 299 -35.06 -28.00 -17.04
C ARG F 299 -34.37 -26.76 -16.52
N ASN F 300 -35.08 -25.63 -16.52
CA ASN F 300 -34.52 -24.40 -15.97
C ASN F 300 -34.28 -24.54 -14.46
N GLU F 301 -35.19 -25.21 -13.76
CA GLU F 301 -34.97 -25.43 -12.33
C GLU F 301 -33.78 -26.35 -12.08
N LYS F 302 -33.59 -27.37 -12.93
CA LYS F 302 -32.42 -28.24 -12.81
C LYS F 302 -31.14 -27.45 -13.07
N ARG F 303 -31.15 -26.56 -14.05
CA ARG F 303 -30.00 -25.71 -14.30
C ARG F 303 -29.72 -24.83 -13.09
N MET F 304 -30.77 -24.31 -12.48
CA MET F 304 -30.62 -23.48 -11.28
C MET F 304 -30.02 -24.27 -10.12
N LEU F 305 -30.45 -25.52 -9.95
CA LEU F 305 -29.90 -26.36 -8.91
C LEU F 305 -28.42 -26.62 -9.16
N GLN F 306 -28.06 -26.89 -10.42
CA GLN F 306 -26.65 -27.08 -10.77
C GLN F 306 -25.84 -25.84 -10.45
N GLU F 307 -26.35 -24.66 -10.79
CA GLU F 307 -25.64 -23.42 -10.51
C GLU F 307 -25.52 -23.16 -9.01
N ALA F 308 -26.57 -23.46 -8.25
CA ALA F 308 -26.51 -23.26 -6.81
C ALA F 308 -25.48 -24.18 -6.15
N VAL F 309 -25.44 -25.45 -6.56
CA VAL F 309 -24.40 -26.35 -6.03
C VAL F 309 -23.02 -25.89 -6.46
N ASP F 310 -22.89 -25.41 -7.69
CA ASP F 310 -21.63 -24.85 -8.15
C ASP F 310 -21.17 -23.69 -7.28
N ALA F 311 -22.07 -22.75 -7.01
CA ALA F 311 -21.73 -21.60 -6.18
C ALA F 311 -21.39 -22.03 -4.77
N LEU F 312 -22.02 -23.09 -4.27
CA LEU F 312 -21.70 -23.60 -2.95
C LEU F 312 -20.29 -24.19 -2.91
N ILE F 313 -19.96 -25.05 -3.87
CA ILE F 313 -18.66 -25.71 -3.88
C ILE F 313 -17.54 -24.70 -4.14
N ASP F 314 -17.70 -23.86 -5.17
CA ASP F 314 -16.69 -22.87 -5.50
C ASP F 314 -17.40 -21.74 -6.22
N ASN F 315 -17.52 -20.59 -5.55
CA ASN F 315 -18.29 -19.47 -6.06
C ASN F 315 -17.52 -18.76 -7.17
N GLY F 316 -18.15 -18.62 -8.33
CA GLY F 316 -17.57 -17.90 -9.44
C GLY F 316 -16.63 -18.69 -10.32
N ARG F 317 -16.48 -19.99 -10.09
CA ARG F 317 -15.57 -20.79 -10.91
C ARG F 317 -16.12 -20.94 -12.33
N ARG F 318 -17.40 -21.27 -12.47
CA ARG F 318 -17.99 -21.51 -13.78
C ARG F 318 -18.81 -20.33 -14.28
N GLY F 319 -19.82 -19.92 -13.54
CA GLY F 319 -20.73 -18.89 -13.97
C GLY F 319 -20.49 -17.56 -13.28
N ARG F 320 -21.57 -16.79 -13.12
CA ARG F 320 -21.47 -15.51 -12.44
C ARG F 320 -21.23 -15.73 -10.95
N THR F 321 -20.69 -14.69 -10.31
CA THR F 321 -20.37 -14.74 -8.89
C THR F 321 -21.57 -14.27 -8.08
N VAL F 322 -21.98 -15.08 -7.11
CA VAL F 322 -23.13 -14.76 -6.27
C VAL F 322 -22.69 -13.74 -5.23
N VAL F 323 -23.16 -12.50 -5.37
CA VAL F 323 -22.84 -11.44 -4.41
C VAL F 323 -23.78 -11.52 -3.23
N GLY F 324 -23.44 -10.83 -2.15
CA GLY F 324 -24.24 -10.78 -0.94
C GLY F 324 -25.13 -9.56 -0.87
N ALA F 325 -25.45 -9.16 0.36
CA ALA F 325 -26.23 -7.95 0.58
C ALA F 325 -25.51 -6.74 0.01
N ASN F 326 -24.22 -6.63 0.28
CA ASN F 326 -23.38 -5.68 -0.43
C ASN F 326 -22.77 -6.38 -1.64
N ASN F 327 -22.32 -5.58 -2.61
CA ASN F 327 -21.81 -6.17 -3.83
C ASN F 327 -20.43 -6.77 -3.61
N ARG F 328 -20.37 -7.86 -2.84
CA ARG F 328 -19.14 -8.61 -2.64
C ARG F 328 -19.43 -10.09 -2.80
N PRO F 329 -18.47 -10.85 -3.33
CA PRO F 329 -18.67 -12.29 -3.47
C PRO F 329 -18.89 -13.00 -2.14
N LEU F 330 -19.78 -13.99 -2.15
CA LEU F 330 -19.98 -14.84 -1.00
C LEU F 330 -18.84 -15.84 -0.90
N LYS F 331 -18.38 -16.10 0.33
CA LYS F 331 -17.27 -17.03 0.54
C LYS F 331 -17.81 -18.46 0.56
N SER F 332 -17.44 -19.23 -0.46
CA SER F 332 -17.91 -20.59 -0.61
C SER F 332 -16.97 -21.56 0.10
N LEU F 333 -17.16 -22.86 -0.10
CA LEU F 333 -16.32 -23.86 0.54
C LEU F 333 -14.88 -23.80 0.04
N SER F 334 -14.70 -23.60 -1.27
CA SER F 334 -13.35 -23.57 -1.82
C SER F 334 -12.56 -22.35 -1.34
N ASP F 335 -13.24 -21.21 -1.17
CA ASP F 335 -12.57 -20.00 -0.72
C ASP F 335 -12.06 -20.10 0.71
N ILE F 336 -12.50 -21.10 1.47
CA ILE F 336 -12.06 -21.23 2.86
C ILE F 336 -10.68 -21.87 2.96
N ILE F 337 -10.34 -22.79 2.06
CA ILE F 337 -9.13 -23.58 2.18
C ILE F 337 -8.02 -23.11 1.25
N GLU F 338 -8.17 -21.96 0.60
CA GLU F 338 -7.18 -21.50 -0.34
C GLU F 338 -6.83 -20.04 -0.12
N GLY F 339 -5.65 -19.66 -0.59
CA GLY F 339 -5.18 -18.30 -0.48
C GLY F 339 -4.41 -18.04 0.79
N LYS F 340 -3.89 -16.81 0.88
CA LYS F 340 -3.15 -16.41 2.07
C LYS F 340 -4.06 -16.32 3.28
N GLN F 341 -5.35 -16.07 3.06
CA GLN F 341 -6.33 -16.05 4.13
C GLN F 341 -7.05 -17.40 4.27
N GLY F 342 -6.60 -18.42 3.55
CA GLY F 342 -7.22 -19.73 3.62
C GLY F 342 -6.89 -20.44 4.91
N ARG F 343 -7.49 -21.63 5.06
CA ARG F 343 -7.34 -22.37 6.30
C ARG F 343 -5.89 -22.78 6.53
N PHE F 344 -5.23 -23.29 5.49
CA PHE F 344 -3.89 -23.85 5.65
C PHE F 344 -2.89 -22.81 6.12
N ARG F 345 -2.93 -21.62 5.52
CA ARG F 345 -1.92 -20.61 5.81
C ARG F 345 -2.28 -19.68 6.95
N GLN F 346 -3.57 -19.60 7.32
CA GLN F 346 -4.00 -18.73 8.40
C GLN F 346 -4.21 -19.45 9.72
N ASN F 347 -4.45 -20.76 9.71
CA ASN F 347 -4.77 -21.47 10.94
C ASN F 347 -4.00 -22.75 11.17
N LEU F 348 -3.39 -23.33 10.15
CA LEU F 348 -2.64 -24.58 10.29
C LEU F 348 -1.14 -24.40 10.27
N LEU F 349 -0.61 -23.59 9.35
CA LEU F 349 0.81 -23.31 9.28
C LEU F 349 1.23 -22.13 10.16
N GLY F 350 0.29 -21.36 10.67
CA GLY F 350 0.58 -20.26 11.56
C GLY F 350 -0.61 -19.89 12.40
N LYS F 351 -0.42 -19.70 13.70
CA LYS F 351 -1.52 -19.48 14.62
C LYS F 351 -1.19 -18.34 15.57
N ARG F 352 -2.25 -17.71 16.09
CA ARG F 352 -2.11 -16.83 17.24
C ARG F 352 -2.06 -17.66 18.50
N VAL F 353 -1.03 -17.42 19.32
CA VAL F 353 -0.74 -18.28 20.45
C VAL F 353 -0.99 -17.54 21.76
N ASP F 354 -1.19 -18.31 22.82
CA ASP F 354 -1.34 -17.75 24.15
C ASP F 354 0.03 -17.48 24.75
N TYR F 355 0.02 -16.83 25.92
CA TYR F 355 1.24 -16.49 26.65
C TYR F 355 2.20 -15.70 25.77
N SER F 356 1.68 -14.66 25.14
CA SER F 356 2.46 -13.83 24.24
C SER F 356 2.13 -12.36 24.49
N GLY F 357 3.13 -11.51 24.26
CA GLY F 357 2.96 -10.08 24.42
C GLY F 357 3.70 -9.36 23.30
N ARG F 358 3.53 -8.04 23.27
CA ARG F 358 4.18 -7.23 22.26
C ARG F 358 4.37 -5.83 22.81
N SER F 359 5.57 -5.27 22.58
CA SER F 359 5.84 -3.94 23.09
C SER F 359 6.98 -3.31 22.32
N VAL F 360 7.11 -1.99 22.48
CA VAL F 360 8.20 -1.25 21.88
C VAL F 360 9.51 -1.63 22.56
N ILE F 361 10.61 -1.59 21.81
CA ILE F 361 11.92 -1.99 22.31
C ILE F 361 12.79 -0.75 22.46
N VAL F 362 13.49 -0.66 23.60
CA VAL F 362 14.50 0.34 23.84
C VAL F 362 15.82 -0.40 24.10
N VAL F 363 16.91 0.34 24.11
CA VAL F 363 18.24 -0.24 24.24
C VAL F 363 18.57 -0.35 25.72
N GLY F 364 18.94 -1.55 26.16
CA GLY F 364 19.48 -1.71 27.48
C GLY F 364 20.97 -1.95 27.39
N PRO F 365 21.76 -0.91 27.67
CA PRO F 365 23.22 -1.03 27.51
C PRO F 365 23.91 -1.77 28.65
N ASN F 366 23.31 -1.84 29.83
CA ASN F 366 23.91 -2.53 30.96
C ASN F 366 23.51 -3.99 31.04
N LEU F 367 22.61 -4.43 30.17
CA LEU F 367 22.23 -5.83 30.13
C LEU F 367 23.37 -6.68 29.58
N LYS F 368 23.29 -7.97 29.83
CA LYS F 368 24.20 -8.92 29.23
C LYS F 368 23.55 -9.51 27.98
N ILE F 369 24.36 -10.17 27.15
CA ILE F 369 23.87 -10.64 25.85
C ILE F 369 22.78 -11.68 26.02
N HIS F 370 22.77 -12.40 27.15
CA HIS F 370 21.78 -13.43 27.41
C HIS F 370 20.59 -12.93 28.23
N GLN F 371 20.45 -11.62 28.40
CA GLN F 371 19.40 -11.05 29.23
C GLN F 371 18.58 -10.07 28.42
N CYS F 372 17.32 -9.88 28.84
CA CYS F 372 16.45 -8.87 28.26
C CYS F 372 15.72 -8.17 29.39
N GLY F 373 15.27 -6.95 29.11
CA GLY F 373 14.52 -6.17 30.06
C GLY F 373 13.04 -6.27 29.73
N LEU F 374 12.27 -6.84 30.65
CA LEU F 374 10.86 -7.06 30.46
C LEU F 374 10.07 -6.17 31.39
N PRO F 375 9.11 -5.39 30.91
CA PRO F 375 8.32 -4.55 31.81
C PRO F 375 7.47 -5.39 32.76
N ARG F 376 7.22 -4.82 33.94
CA ARG F 376 6.45 -5.54 34.96
C ARG F 376 5.02 -5.81 34.51
N GLU F 377 4.42 -4.86 33.79
CA GLU F 377 3.04 -5.03 33.36
C GLU F 377 2.88 -6.23 32.43
N MET F 378 3.80 -6.40 31.49
CA MET F 378 3.75 -7.56 30.61
C MET F 378 4.04 -8.84 31.39
N ALA F 379 5.07 -8.82 32.25
CA ALA F 379 5.50 -10.03 32.93
C ALA F 379 4.43 -10.56 33.87
N ILE F 380 3.71 -9.67 34.55
CA ILE F 380 2.70 -10.13 35.49
C ILE F 380 1.54 -10.81 34.78
N GLU F 381 1.37 -10.56 33.49
CA GLU F 381 0.32 -11.22 32.73
C GLU F 381 0.82 -12.48 32.03
N LEU F 382 2.04 -12.45 31.49
CA LEU F 382 2.59 -13.62 30.82
C LEU F 382 2.82 -14.78 31.78
N PHE F 383 3.27 -14.50 33.00
CA PHE F 383 3.60 -15.53 33.98
C PHE F 383 2.54 -15.64 35.07
N GLN F 384 1.29 -15.34 34.76
CA GLN F 384 0.24 -15.40 35.78
C GLN F 384 0.03 -16.80 36.35
N PRO F 385 -0.09 -17.88 35.57
CA PRO F 385 -0.27 -19.20 36.18
C PRO F 385 0.85 -19.59 37.11
N PHE F 386 2.11 -19.27 36.75
CA PHE F 386 3.24 -19.60 37.60
C PHE F 386 3.20 -18.80 38.90
N VAL F 387 2.83 -17.52 38.82
CA VAL F 387 2.69 -16.71 40.02
C VAL F 387 1.60 -17.28 40.92
N ILE F 388 0.49 -17.71 40.32
CA ILE F 388 -0.59 -18.31 41.10
C ILE F 388 -0.12 -19.58 41.79
N HIS F 389 0.62 -20.42 41.07
CA HIS F 389 1.13 -21.65 41.67
C HIS F 389 2.05 -21.36 42.83
N ARG F 390 2.95 -20.39 42.67
CA ARG F 390 3.89 -20.12 43.77
C ARG F 390 3.20 -19.43 44.94
N LEU F 391 2.14 -18.65 44.68
CA LEU F 391 1.37 -18.08 45.78
C LEU F 391 0.63 -19.17 46.55
N ILE F 392 0.10 -20.16 45.83
CA ILE F 392 -0.62 -21.25 46.49
C ILE F 392 0.35 -22.10 47.31
N LYS F 393 1.49 -22.46 46.72
CA LYS F 393 2.41 -23.39 47.36
C LYS F 393 3.23 -22.71 48.46
N ASN F 394 4.00 -21.68 48.12
CA ASN F 394 4.98 -21.13 49.03
C ASN F 394 4.42 -20.02 49.92
N HIS F 395 3.11 -19.81 49.92
CA HIS F 395 2.50 -18.79 50.76
C HIS F 395 1.19 -19.35 51.32
N SER F 396 0.40 -18.46 51.93
CA SER F 396 -0.82 -18.85 52.62
C SER F 396 -2.06 -18.64 51.77
N ILE F 397 -1.91 -18.57 50.46
CA ILE F 397 -3.06 -18.40 49.58
C ILE F 397 -3.78 -19.74 49.45
N ASN F 398 -5.10 -19.72 49.61
CA ASN F 398 -5.90 -20.94 49.67
C ASN F 398 -6.32 -21.43 48.29
N ASN F 399 -6.93 -20.56 47.49
CA ASN F 399 -7.54 -20.94 46.23
C ASN F 399 -7.10 -19.99 45.12
N ILE F 400 -7.46 -20.35 43.89
CA ILE F 400 -7.07 -19.58 42.72
C ILE F 400 -7.74 -18.21 42.72
N LYS F 401 -8.99 -18.14 43.18
CA LYS F 401 -9.72 -16.87 43.18
C LYS F 401 -9.04 -15.85 44.08
N GLN F 402 -8.59 -16.27 45.26
CA GLN F 402 -7.89 -15.35 46.16
C GLN F 402 -6.59 -14.85 45.55
N ALA F 403 -5.84 -15.75 44.91
CA ALA F 403 -4.61 -15.33 44.24
C ALA F 403 -4.90 -14.34 43.12
N LYS F 404 -5.95 -14.60 42.34
CA LYS F 404 -6.31 -13.69 41.26
C LYS F 404 -6.70 -12.32 41.77
N LYS F 405 -7.47 -12.26 42.85
CA LYS F 405 -7.84 -10.96 43.40
C LYS F 405 -6.63 -10.26 44.01
N LEU F 406 -5.70 -11.03 44.58
CA LEU F 406 -4.46 -10.43 45.08
C LEU F 406 -3.64 -9.83 43.95
N ILE F 407 -3.56 -10.54 42.82
CA ILE F 407 -2.86 -10.01 41.64
C ILE F 407 -3.57 -8.76 41.12
N GLN F 408 -4.91 -8.79 41.08
CA GLN F 408 -5.67 -7.65 40.58
C GLN F 408 -5.44 -6.41 41.45
N LYS F 409 -5.34 -6.57 42.75
CA LYS F 409 -5.12 -5.45 43.65
C LYS F 409 -3.66 -5.02 43.72
N ASN F 410 -2.76 -5.70 43.00
CA ASN F 410 -1.35 -5.32 42.92
C ASN F 410 -0.72 -5.34 44.32
N ASP F 411 -0.75 -6.51 44.94
CA ASP F 411 -0.14 -6.69 46.24
C ASP F 411 1.38 -6.64 46.12
N PRO F 412 2.07 -6.13 47.14
CA PRO F 412 3.55 -6.15 47.10
C PRO F 412 4.13 -7.55 46.99
N LEU F 413 3.50 -8.55 47.58
CA LEU F 413 4.00 -9.92 47.51
C LEU F 413 4.00 -10.43 46.07
N ILE F 414 3.11 -9.90 45.23
CA ILE F 414 3.01 -10.34 43.85
C ILE F 414 4.31 -10.12 43.11
N TRP F 415 4.92 -8.96 43.29
CA TRP F 415 6.15 -8.65 42.56
C TRP F 415 7.32 -9.50 43.04
N ASP F 416 7.38 -9.77 44.34
CA ASP F 416 8.42 -10.66 44.85
C ASP F 416 8.27 -12.07 44.28
N VAL F 417 7.03 -12.57 44.24
CA VAL F 417 6.78 -13.90 43.68
C VAL F 417 7.13 -13.93 42.21
N LEU F 418 6.75 -12.90 41.46
CA LEU F 418 7.07 -12.85 40.03
C LEU F 418 8.58 -12.81 39.81
N GLU F 419 9.30 -12.04 40.63
CA GLU F 419 10.73 -11.94 40.49
C GLU F 419 11.42 -13.26 40.80
N GLU F 420 10.90 -14.02 41.77
CA GLU F 420 11.47 -15.33 42.06
C GLU F 420 10.91 -16.42 41.17
N VAL F 421 9.95 -16.09 40.30
CA VAL F 421 9.43 -17.05 39.34
C VAL F 421 10.17 -16.96 38.02
N ILE F 422 10.39 -15.73 37.52
CA ILE F 422 10.94 -15.59 36.18
C ILE F 422 12.44 -15.82 36.09
N GLU F 423 13.14 -15.86 37.23
CA GLU F 423 14.58 -16.11 37.19
C GLU F 423 14.85 -17.53 36.70
N GLY F 424 15.76 -17.66 35.74
CA GLY F 424 16.04 -18.95 35.16
C GLY F 424 14.99 -19.47 34.21
N HIS F 425 14.05 -18.63 33.80
CA HIS F 425 12.96 -19.03 32.92
C HIS F 425 13.15 -18.33 31.58
N PRO F 426 13.66 -19.01 30.56
CA PRO F 426 13.93 -18.32 29.30
C PRO F 426 12.66 -17.83 28.62
N VAL F 427 12.79 -16.73 27.91
CA VAL F 427 11.68 -16.11 27.19
C VAL F 427 12.17 -15.76 25.79
N MET F 428 11.34 -16.04 24.78
CA MET F 428 11.73 -15.86 23.39
C MET F 428 11.25 -14.51 22.89
N LEU F 429 12.15 -13.75 22.28
CA LEU F 429 11.85 -12.47 21.66
C LEU F 429 11.95 -12.61 20.15
N ASN F 430 10.98 -12.02 19.45
CA ASN F 430 10.91 -12.09 18.01
C ASN F 430 10.57 -10.72 17.44
N ARG F 431 11.17 -10.38 16.31
CA ARG F 431 10.81 -9.18 15.58
C ARG F 431 9.87 -9.54 14.44
N ALA F 432 9.02 -8.58 14.06
CA ALA F 432 7.92 -8.88 13.15
C ALA F 432 8.35 -9.51 11.83
N PRO F 433 9.33 -8.96 11.07
CA PRO F 433 9.83 -9.71 9.92
C PRO F 433 10.90 -10.71 10.36
N THR F 434 10.56 -11.99 10.32
CA THR F 434 11.47 -13.05 10.72
C THR F 434 12.06 -13.63 9.44
N LEU F 435 13.19 -13.07 9.02
CA LEU F 435 13.82 -13.48 7.77
C LEU F 435 14.72 -14.69 7.94
N HIS F 436 15.26 -14.92 9.14
CA HIS F 436 16.12 -16.06 9.38
C HIS F 436 15.94 -16.49 10.83
N ARG F 437 16.58 -17.61 11.19
CA ARG F 437 16.34 -18.19 12.50
C ARG F 437 16.85 -17.33 13.64
N LEU F 438 17.67 -16.33 13.38
CA LEU F 438 18.12 -15.43 14.43
C LEU F 438 17.11 -14.33 14.71
N GLY F 439 16.00 -14.30 13.99
CA GLY F 439 14.93 -13.37 14.28
C GLY F 439 14.12 -13.74 15.51
N ILE F 440 14.32 -14.94 16.04
CA ILE F 440 13.72 -15.37 17.29
C ILE F 440 14.84 -15.87 18.18
N GLN F 441 15.05 -15.20 19.31
CA GLN F 441 16.14 -15.59 20.21
C GLN F 441 15.67 -15.59 21.65
N ALA F 442 16.23 -16.49 22.44
CA ALA F 442 15.84 -16.64 23.84
C ALA F 442 16.75 -15.80 24.73
N PHE F 443 16.14 -15.18 25.74
CA PHE F 443 16.83 -14.37 26.72
C PHE F 443 16.35 -14.75 28.11
N GLU F 444 16.96 -14.15 29.12
CA GLU F 444 16.48 -14.29 30.48
C GLU F 444 15.85 -12.97 30.92
N PRO F 445 14.63 -13.00 31.44
CA PRO F 445 13.94 -11.75 31.76
C PRO F 445 14.49 -11.09 33.00
N ILE F 446 14.51 -9.75 32.97
CA ILE F 446 14.81 -8.94 34.14
C ILE F 446 13.68 -7.92 34.25
N LEU F 447 13.03 -7.87 35.40
CA LEU F 447 11.91 -6.97 35.58
C LEU F 447 12.40 -5.52 35.54
N VAL F 448 11.82 -4.73 34.65
CA VAL F 448 12.17 -3.33 34.51
C VAL F 448 10.89 -2.51 34.62
N GLU F 449 11.03 -1.26 35.03
CA GLU F 449 9.91 -0.36 35.19
C GLU F 449 9.76 0.48 33.93
N GLY F 450 8.62 0.35 33.27
CA GLY F 450 8.37 1.07 32.04
C GLY F 450 7.37 0.31 31.20
N ARG F 451 7.21 0.77 29.97
CA ARG F 451 6.34 0.12 29.01
C ARG F 451 7.10 -0.48 27.83
N ALA F 452 8.42 -0.34 27.81
CA ALA F 452 9.22 -0.78 26.67
C ALA F 452 10.14 -1.93 27.06
N ILE F 453 10.39 -2.81 26.10
CA ILE F 453 11.27 -3.95 26.30
C ILE F 453 12.71 -3.48 26.09
N GLN F 454 13.57 -3.77 27.07
CA GLN F 454 14.97 -3.40 26.98
C GLN F 454 15.75 -4.51 26.28
N LEU F 455 16.36 -4.18 25.15
CA LEU F 455 17.06 -5.13 24.30
C LEU F 455 18.55 -4.87 24.36
N HIS F 456 19.33 -5.94 24.34
CA HIS F 456 20.79 -5.81 24.34
C HIS F 456 21.25 -5.25 23.00
N PRO F 457 22.17 -4.27 22.99
CA PRO F 457 22.56 -3.65 21.72
C PRO F 457 23.33 -4.59 20.79
N LEU F 458 23.88 -5.68 21.28
CA LEU F 458 24.66 -6.58 20.43
C LEU F 458 23.80 -7.53 19.62
N VAL F 459 22.50 -7.65 19.92
CA VAL F 459 21.61 -8.52 19.17
C VAL F 459 20.77 -7.76 18.15
N CYS F 460 20.90 -6.44 18.09
CA CYS F 460 20.14 -5.65 17.13
C CYS F 460 20.42 -6.03 15.68
N PRO F 461 21.67 -6.19 15.23
CA PRO F 461 21.87 -6.62 13.83
C PRO F 461 21.27 -7.97 13.51
N ALA F 462 21.23 -8.90 14.47
CA ALA F 462 20.59 -10.19 14.21
C ALA F 462 19.10 -10.03 13.96
N PHE F 463 18.45 -9.16 14.73
CA PHE F 463 17.04 -8.85 14.55
C PHE F 463 16.80 -7.78 13.50
N ASN F 464 17.85 -7.07 13.06
CA ASN F 464 17.69 -5.90 12.19
C ASN F 464 16.76 -4.87 12.83
N ALA F 465 16.99 -4.62 14.12
CA ALA F 465 16.13 -3.75 14.90
C ALA F 465 16.88 -2.50 15.33
N ASP F 466 16.20 -1.35 15.21
CA ASP F 466 16.69 -0.08 15.70
C ASP F 466 15.61 0.53 16.59
N PHE F 467 16.03 1.43 17.47
CA PHE F 467 15.14 1.97 18.49
C PHE F 467 14.55 3.30 18.03
N ASP F 468 13.70 3.20 17.01
CA ASP F 468 12.97 4.35 16.49
C ASP F 468 11.50 4.03 16.28
N GLY F 469 10.96 3.10 17.08
CA GLY F 469 9.58 2.70 16.96
C GLY F 469 9.38 1.22 16.71
N ASP F 470 10.44 0.43 16.60
CA ASP F 470 10.29 -1.00 16.37
C ASP F 470 9.66 -1.67 17.57
N GLN F 471 8.95 -2.76 17.31
CA GLN F 471 8.28 -3.52 18.37
C GLN F 471 8.68 -4.98 18.28
N MET F 472 8.63 -5.66 19.41
CA MET F 472 8.94 -7.09 19.47
C MET F 472 7.84 -7.83 20.20
N ALA F 473 7.76 -9.11 19.88
CA ALA F 473 6.81 -10.04 20.48
C ALA F 473 7.56 -10.98 21.41
N VAL F 474 6.94 -11.26 22.55
CA VAL F 474 7.52 -12.05 23.62
C VAL F 474 6.66 -13.30 23.81
N HIS F 475 7.31 -14.46 23.79
CA HIS F 475 6.65 -15.73 24.07
C HIS F 475 7.36 -16.39 25.24
N VAL F 476 6.63 -17.21 25.99
CA VAL F 476 7.19 -17.89 27.16
C VAL F 476 6.95 -19.38 27.02
N PRO F 477 8.00 -20.20 27.01
CA PRO F 477 7.81 -21.66 27.01
C PRO F 477 7.19 -22.13 28.31
N LEU F 478 6.42 -23.21 28.21
CA LEU F 478 5.70 -23.74 29.37
C LEU F 478 6.30 -25.02 29.92
N SER F 479 6.45 -26.05 29.08
CA SER F 479 6.93 -27.33 29.55
C SER F 479 8.42 -27.28 29.85
N ILE F 480 8.87 -28.29 30.60
CA ILE F 480 10.30 -28.40 30.92
C ILE F 480 11.11 -28.60 29.66
N GLU F 481 10.61 -29.43 28.73
CA GLU F 481 11.34 -29.63 27.49
C GLU F 481 11.46 -28.33 26.72
N ALA F 482 10.40 -27.53 26.69
CA ALA F 482 10.43 -26.26 25.98
C ALA F 482 11.45 -25.30 26.59
N GLN F 483 11.46 -25.19 27.91
CA GLN F 483 12.43 -24.31 28.56
C GLN F 483 13.86 -24.80 28.33
N ALA F 484 14.07 -26.11 28.40
CA ALA F 484 15.40 -26.66 28.15
C ALA F 484 15.84 -26.37 26.72
N GLU F 485 14.94 -26.52 25.75
CA GLU F 485 15.27 -26.24 24.37
C GLU F 485 15.58 -24.76 24.16
N ALA F 486 14.81 -23.89 24.79
CA ALA F 486 15.06 -22.46 24.67
C ALA F 486 16.41 -22.09 25.26
N ARG F 487 16.76 -22.66 26.40
CA ARG F 487 18.02 -22.32 27.04
C ARG F 487 19.21 -22.92 26.31
N MET F 488 19.08 -24.14 25.81
CA MET F 488 20.20 -24.87 25.23
C MET F 488 20.38 -24.60 23.74
N LEU F 489 19.33 -24.23 23.03
CA LEU F 489 19.41 -24.04 21.59
C LEU F 489 19.22 -22.59 21.17
N MET F 490 18.19 -21.93 21.69
CA MET F 490 17.81 -20.61 21.22
C MET F 490 18.38 -19.47 22.05
N LEU F 491 19.20 -19.76 23.06
CA LEU F 491 19.72 -18.70 23.91
C LEU F 491 20.61 -17.76 23.13
N ALA F 492 20.49 -16.46 23.42
CA ALA F 492 21.20 -15.44 22.64
C ALA F 492 22.70 -15.51 22.84
N SER F 493 23.16 -15.95 24.02
CA SER F 493 24.59 -16.02 24.26
C SER F 493 25.27 -17.15 23.48
N GLY F 494 24.49 -18.05 22.89
CA GLY F 494 25.03 -19.13 22.10
C GLY F 494 24.97 -18.92 20.61
N ASN F 495 24.36 -17.83 20.15
CA ASN F 495 24.25 -17.51 18.73
C ASN F 495 25.33 -16.49 18.40
N ILE F 496 26.53 -16.98 18.10
CA ILE F 496 27.67 -16.12 17.82
C ILE F 496 27.92 -16.01 16.32
N LEU F 497 27.93 -17.13 15.62
CA LEU F 497 28.23 -17.15 14.20
C LEU F 497 26.95 -17.14 13.38
N SER F 498 27.04 -16.55 12.20
CA SER F 498 25.88 -16.50 11.31
C SER F 498 25.66 -17.87 10.67
N PRO F 499 24.47 -18.46 10.78
CA PRO F 499 24.24 -19.78 10.20
C PRO F 499 24.27 -19.78 8.68
N ALA F 500 24.29 -18.62 8.05
CA ALA F 500 24.30 -18.51 6.60
C ALA F 500 25.69 -18.39 6.02
N THR F 501 26.64 -17.88 6.78
CA THR F 501 28.00 -17.73 6.28
C THR F 501 29.09 -18.16 7.25
N GLY F 502 28.79 -18.38 8.53
CA GLY F 502 29.78 -18.76 9.50
C GLY F 502 30.56 -17.60 10.13
N GLN F 503 30.33 -16.39 9.66
CA GLN F 503 30.99 -15.20 10.18
C GLN F 503 30.36 -14.77 11.50
N PRO F 504 31.11 -14.09 12.36
CA PRO F 504 30.54 -13.63 13.63
C PRO F 504 29.41 -12.65 13.38
N ILE F 505 28.40 -12.70 14.24
CA ILE F 505 27.25 -11.81 14.12
C ILE F 505 27.01 -10.99 15.38
N VAL F 506 27.74 -11.25 16.46
CA VAL F 506 27.62 -10.49 17.70
C VAL F 506 28.75 -9.46 17.84
N THR F 507 29.38 -9.08 16.74
CA THR F 507 30.48 -8.12 16.81
C THR F 507 29.97 -6.75 17.23
N PRO F 508 30.73 -6.02 18.04
CA PRO F 508 30.35 -4.65 18.39
C PRO F 508 30.23 -3.77 17.16
N SER F 509 29.26 -2.85 17.19
CA SER F 509 29.01 -1.98 16.05
C SER F 509 28.64 -0.59 16.53
N GLN F 510 28.69 0.36 15.59
CA GLN F 510 28.30 1.76 15.82
C GLN F 510 29.10 2.34 16.97
N ASP F 511 28.48 2.80 18.06
CA ASP F 511 29.19 3.56 19.08
C ASP F 511 30.31 2.75 19.72
N MET F 512 30.14 1.42 19.82
CA MET F 512 31.21 0.60 20.36
C MET F 512 32.44 0.63 19.47
N VAL F 513 32.24 0.54 18.16
CA VAL F 513 33.34 0.62 17.21
C VAL F 513 34.00 1.98 17.28
N LEU F 514 33.20 3.04 17.35
CA LEU F 514 33.75 4.39 17.42
C LEU F 514 34.57 4.58 18.70
N GLY F 515 34.07 4.09 19.83
CA GLY F 515 34.81 4.20 21.07
C GLY F 515 36.12 3.44 21.04
N CYS F 516 36.09 2.20 20.54
CA CYS F 516 37.31 1.43 20.45
C CYS F 516 38.31 2.08 19.50
N TYR F 517 37.83 2.60 18.37
CA TYR F 517 38.70 3.26 17.41
C TYR F 517 39.36 4.49 18.02
N TYR F 518 38.56 5.33 18.70
CA TYR F 518 39.12 6.51 19.35
C TYR F 518 40.12 6.12 20.43
N LEU F 519 39.83 5.09 21.19
CA LEU F 519 40.74 4.65 22.25
C LEU F 519 42.08 4.20 21.67
N THR F 520 42.03 3.44 20.58
CA THR F 520 43.22 2.80 20.03
C THR F 520 43.88 3.59 18.91
N ALA F 521 43.38 4.78 18.58
CA ALA F 521 43.94 5.56 17.50
C ALA F 521 45.21 6.27 17.95
N GLU F 522 45.83 7.00 17.03
CA GLU F 522 47.01 7.79 17.34
C GLU F 522 46.70 9.25 17.12
N ASN F 523 47.00 10.07 18.11
CA ASN F 523 46.75 11.51 18.09
C ASN F 523 48.05 12.26 18.36
N PRO F 524 48.76 12.71 17.32
CA PRO F 524 50.00 13.45 17.55
C PRO F 524 49.81 14.75 18.32
N GLY F 525 48.62 15.33 18.30
CA GLY F 525 48.41 16.58 19.01
C GLY F 525 48.53 16.48 20.52
N ALA F 526 47.97 15.42 21.10
CA ALA F 526 47.96 15.24 22.54
C ALA F 526 48.81 14.02 22.91
N GLN F 527 50.05 14.28 23.31
CA GLN F 527 51.00 13.23 23.70
C GLN F 527 51.71 13.61 24.99
N LYS F 528 50.97 14.06 25.98
CA LYS F 528 51.56 14.39 27.27
C LYS F 528 52.05 13.13 27.96
N GLY F 529 53.29 13.16 28.42
CA GLY F 529 53.88 12.01 29.06
C GLY F 529 54.42 10.97 28.13
N ALA F 530 54.74 11.33 26.88
CA ALA F 530 55.23 10.38 25.92
C ALA F 530 56.65 9.95 26.25
N GLY F 531 56.97 8.69 25.94
CA GLY F 531 58.30 8.16 26.10
C GLY F 531 58.58 7.50 27.44
N ARG F 532 57.67 7.62 28.40
CA ARG F 532 57.90 7.01 29.71
C ARG F 532 57.80 5.50 29.63
N TYR F 533 58.56 4.82 30.48
CA TYR F 533 58.58 3.37 30.57
C TYR F 533 57.70 2.89 31.71
N PHE F 534 57.08 1.73 31.53
CA PHE F 534 56.20 1.15 32.52
C PHE F 534 56.54 -0.31 32.75
N ALA F 535 56.32 -0.75 33.98
CA ALA F 535 56.66 -2.11 34.38
C ALA F 535 55.77 -3.13 33.68
N ASN F 536 54.49 -2.85 33.55
CA ASN F 536 53.55 -3.79 32.95
C ASN F 536 52.31 -3.01 32.51
N LEU F 537 51.33 -3.74 31.99
CA LEU F 537 50.12 -3.11 31.47
C LEU F 537 49.32 -2.41 32.58
N GLU F 538 49.25 -3.04 33.76
CA GLU F 538 48.55 -2.43 34.89
C GLU F 538 49.19 -1.12 35.31
N ASP F 539 50.52 -1.06 35.31
CA ASP F 539 51.19 0.18 35.67
C ASP F 539 50.86 1.29 34.69
N ALA F 540 50.86 1.00 33.39
CA ALA F 540 50.51 1.99 32.38
C ALA F 540 49.07 2.44 32.54
N ILE F 541 48.15 1.50 32.79
CA ILE F 541 46.76 1.86 32.96
C ILE F 541 46.56 2.74 34.18
N ARG F 542 47.25 2.43 35.28
CA ARG F 542 47.14 3.26 36.48
C ARG F 542 47.70 4.66 36.24
N ALA F 543 48.82 4.74 35.50
CA ALA F 543 49.37 6.05 35.17
C ALA F 543 48.41 6.86 34.31
N PHE F 544 47.74 6.21 33.35
CA PHE F 544 46.76 6.93 32.55
C PHE F 544 45.56 7.34 33.39
N GLU F 545 45.12 6.49 34.31
CA GLU F 545 43.95 6.78 35.11
C GLU F 545 44.19 8.02 35.96
N GLN F 546 45.40 8.15 36.49
CA GLN F 546 45.71 9.34 37.28
C GLN F 546 45.73 10.60 36.43
N GLY F 547 46.24 10.51 35.21
CA GLY F 547 46.39 11.65 34.35
C GLY F 547 47.82 12.02 34.06
N SER F 548 48.78 11.22 34.52
CA SER F 548 50.19 11.49 34.27
C SER F 548 50.50 11.41 32.78
N VAL F 549 49.92 10.44 32.08
CA VAL F 549 50.17 10.21 30.67
C VAL F 549 48.87 10.36 29.90
N ASP F 550 48.94 11.06 28.77
CA ASP F 550 47.76 11.28 27.94
C ASP F 550 47.31 9.97 27.31
N LEU F 551 46.07 9.97 26.80
CA LEU F 551 45.50 8.73 26.28
C LEU F 551 46.25 8.22 25.08
N HIS F 552 46.69 9.11 24.18
CA HIS F 552 47.33 8.70 22.94
C HIS F 552 48.84 8.94 22.93
N ALA F 553 49.46 8.99 24.10
CA ALA F 553 50.90 9.17 24.18
C ALA F 553 51.62 7.90 23.77
N TRP F 554 52.80 8.07 23.16
CA TRP F 554 53.64 6.94 22.77
C TRP F 554 54.60 6.62 23.90
N VAL F 555 54.27 5.61 24.69
CA VAL F 555 55.07 5.19 25.84
C VAL F 555 55.61 3.79 25.56
N TRP F 556 56.45 3.31 26.47
CA TRP F 556 57.02 1.97 26.39
C TRP F 556 56.57 1.16 27.58
N VAL F 557 56.11 -0.07 27.33
CA VAL F 557 55.65 -0.95 28.39
C VAL F 557 56.37 -2.28 28.28
N ARG F 558 56.76 -2.84 29.42
CA ARG F 558 57.48 -4.10 29.47
C ARG F 558 56.46 -5.23 29.37
N PHE F 559 56.18 -5.63 28.14
CA PHE F 559 55.23 -6.69 27.85
C PHE F 559 55.96 -7.86 27.21
N ASP F 560 55.83 -9.05 27.80
CA ASP F 560 56.44 -10.26 27.27
C ASP F 560 55.34 -11.11 26.66
N GLY F 561 55.33 -11.20 25.34
CA GLY F 561 54.32 -11.96 24.65
C GLY F 561 54.32 -11.64 23.17
N GLU F 562 53.36 -12.25 22.47
CA GLU F 562 53.21 -12.01 21.04
C GLU F 562 52.64 -10.62 20.80
N VAL F 563 53.28 -9.86 19.91
CA VAL F 563 52.89 -8.49 19.62
C VAL F 563 52.70 -8.36 18.12
N GLU F 564 51.57 -7.78 17.71
CA GLU F 564 51.26 -7.49 16.33
C GLU F 564 51.11 -5.98 16.19
N SER F 565 52.05 -5.35 15.51
CA SER F 565 52.08 -3.89 15.34
C SER F 565 52.05 -3.57 13.86
N GLU F 566 50.99 -2.88 13.42
CA GLU F 566 50.95 -2.47 12.03
C GLU F 566 52.00 -1.39 11.78
N GLY F 567 52.49 -1.33 10.55
CA GLY F 567 53.51 -0.36 10.22
C GLY F 567 54.86 -0.65 10.84
N GLU F 568 55.17 -1.92 11.07
CA GLU F 568 56.45 -2.29 11.66
C GLU F 568 57.42 -2.74 10.57
N SER F 569 58.60 -3.18 11.02
CA SER F 569 59.61 -3.69 10.11
C SER F 569 60.22 -4.96 10.70
N ASP F 570 60.27 -6.02 9.90
CA ASP F 570 60.90 -7.26 10.36
C ASP F 570 62.40 -7.10 10.56
N GLU F 571 63.01 -6.09 9.94
CA GLU F 571 64.44 -5.83 10.12
C GLU F 571 64.64 -4.93 11.33
N PRO F 572 65.45 -5.35 12.31
CA PRO F 572 65.73 -4.48 13.45
C PRO F 572 66.31 -3.14 13.01
N GLU F 573 65.75 -2.06 13.56
CA GLU F 573 66.22 -0.72 13.19
C GLU F 573 67.64 -0.48 13.66
N SER F 574 67.93 -0.80 14.92
CA SER F 574 69.27 -0.58 15.47
C SER F 574 69.67 -1.76 16.33
N VAL F 575 70.85 -2.32 16.08
CA VAL F 575 71.36 -3.43 16.87
C VAL F 575 72.62 -2.96 17.60
N VAL F 576 72.60 -3.08 18.92
CA VAL F 576 73.69 -2.63 19.77
C VAL F 576 74.13 -3.80 20.64
N ALA F 577 75.40 -4.20 20.53
CA ALA F 577 75.99 -5.20 21.40
C ALA F 577 76.74 -4.48 22.50
N ALA F 578 76.39 -4.77 23.75
CA ALA F 578 77.03 -4.10 24.89
C ALA F 578 78.36 -4.78 25.20
N ASP F 579 78.97 -4.42 26.33
CA ASP F 579 80.23 -5.02 26.75
C ASP F 579 79.96 -6.37 27.42
N ASP F 580 79.27 -7.23 26.67
CA ASP F 580 78.84 -8.55 27.12
C ASP F 580 78.17 -9.27 25.96
N GLY F 581 77.81 -10.54 26.17
CA GLY F 581 77.10 -11.27 25.14
C GLY F 581 75.62 -10.97 25.12
N THR F 582 75.25 -9.71 24.99
CA THR F 582 73.85 -9.30 24.97
C THR F 582 73.65 -8.23 23.90
N VAL F 583 72.71 -8.47 22.99
CA VAL F 583 72.39 -7.53 21.93
C VAL F 583 70.98 -6.99 22.15
N THR F 584 70.81 -5.69 21.99
CA THR F 584 69.52 -5.05 22.20
C THR F 584 69.01 -4.54 20.84
N LYS F 585 68.26 -5.38 20.14
CA LYS F 585 67.70 -4.98 18.86
C LYS F 585 66.49 -4.09 19.09
N THR F 586 66.53 -2.90 18.50
CA THR F 586 65.48 -1.89 18.63
C THR F 586 64.76 -1.79 17.30
N TYR F 587 63.54 -2.33 17.26
CA TYR F 587 62.66 -2.24 16.12
C TYR F 587 61.94 -0.90 16.16
N ARG F 588 60.94 -0.72 15.29
CA ARG F 588 60.17 0.52 15.31
C ARG F 588 59.26 0.59 16.53
N PHE F 589 58.67 -0.53 16.93
CA PHE F 589 57.76 -0.56 18.06
C PHE F 589 58.19 -1.54 19.15
N ARG F 590 59.41 -2.07 19.09
CA ARG F 590 59.87 -3.04 20.06
C ARG F 590 61.33 -2.78 20.40
N ARG F 591 61.74 -3.33 21.54
CA ARG F 591 63.14 -3.30 21.98
C ARG F 591 63.40 -4.62 22.70
N ILE F 592 64.10 -5.53 22.04
CA ILE F 592 64.31 -6.88 22.52
C ILE F 592 65.78 -7.03 22.91
N ARG F 593 66.02 -7.41 24.16
CA ARG F 593 67.34 -7.78 24.65
C ARG F 593 67.50 -9.29 24.55
N GLU F 594 68.49 -9.75 23.80
CA GLU F 594 68.70 -11.16 23.58
C GLU F 594 70.14 -11.53 23.93
N THR F 595 70.31 -12.64 24.63
CA THR F 595 71.64 -13.14 24.93
C THR F 595 72.34 -13.56 23.64
N GLU F 596 73.66 -13.34 23.62
CA GLU F 596 74.45 -13.76 22.46
C GLU F 596 74.27 -15.26 22.24
N ASP F 597 73.95 -15.62 21.00
CA ASP F 597 73.53 -16.99 20.65
C ASP F 597 72.64 -17.59 21.73
N GLY F 598 71.64 -16.82 22.13
CA GLY F 598 70.76 -17.23 23.21
C GLY F 598 69.31 -16.84 23.03
N GLN F 599 68.58 -16.76 24.14
CA GLN F 599 67.16 -16.50 24.13
C GLN F 599 66.86 -15.07 24.58
N ARG F 600 65.59 -14.71 24.49
CA ARG F 600 65.14 -13.38 24.88
C ARG F 600 65.20 -13.20 26.39
N LEU F 601 65.60 -12.01 26.83
CA LEU F 601 65.64 -11.63 28.22
C LEU F 601 64.58 -10.61 28.60
N SER F 602 64.15 -9.76 27.65
CA SER F 602 63.13 -8.76 27.92
C SER F 602 62.57 -8.25 26.60
N GLN F 603 61.36 -7.71 26.65
CA GLN F 603 60.68 -7.15 25.49
C GLN F 603 59.90 -5.91 25.91
N TYR F 604 60.22 -4.78 25.30
CA TYR F 604 59.51 -3.53 25.53
C TYR F 604 58.75 -3.12 24.28
N VAL F 605 57.44 -2.97 24.41
CA VAL F 605 56.57 -2.59 23.30
C VAL F 605 56.29 -1.10 23.39
N LYS F 606 56.46 -0.42 22.26
CA LYS F 606 56.12 1.00 22.14
C LYS F 606 54.67 1.11 21.70
N THR F 607 53.83 1.61 22.59
CA THR F 607 52.39 1.64 22.32
C THR F 607 51.79 2.85 23.05
N THR F 608 50.49 3.01 22.88
CA THR F 608 49.53 3.99 23.36
C THR F 608 48.75 3.42 24.54
N PRO F 609 48.55 4.18 25.61
CA PRO F 609 47.80 3.65 26.76
C PRO F 609 46.39 3.21 26.42
N GLY F 610 45.79 3.77 25.37
CA GLY F 610 44.51 3.26 24.90
C GLY F 610 44.58 1.84 24.36
N ARG F 611 45.61 1.56 23.55
CA ARG F 611 45.82 0.19 23.09
C ARG F 611 46.14 -0.74 24.25
N ILE F 612 46.88 -0.25 25.24
CA ILE F 612 47.14 -1.04 26.43
C ILE F 612 45.84 -1.38 27.14
N LEU F 613 44.95 -0.39 27.26
CA LEU F 613 43.66 -0.62 27.89
C LEU F 613 42.82 -1.63 27.11
N PHE F 614 42.80 -1.51 25.78
CA PHE F 614 42.03 -2.44 24.96
C PHE F 614 42.54 -3.87 25.12
N ASN F 615 43.85 -4.05 24.96
CA ASN F 615 44.41 -5.40 25.06
C ASN F 615 44.27 -5.96 26.47
N ASN F 616 44.41 -5.11 27.48
CA ASN F 616 44.24 -5.58 28.85
C ASN F 616 42.79 -6.00 29.11
N THR F 617 41.83 -5.28 28.53
CA THR F 617 40.43 -5.70 28.67
C THR F 617 40.20 -7.05 28.02
N VAL F 618 40.75 -7.25 26.82
CA VAL F 618 40.58 -8.53 26.13
C VAL F 618 41.22 -9.66 26.95
N GLN F 619 42.43 -9.43 27.45
CA GLN F 619 43.13 -10.45 28.22
C GLN F 619 42.42 -10.76 29.52
N THR F 620 41.90 -9.75 30.20
CA THR F 620 41.15 -9.98 31.43
C THR F 620 39.88 -10.77 31.16
N ALA F 621 39.18 -10.45 30.07
CA ALA F 621 37.98 -11.22 29.72
C ALA F 621 38.31 -12.67 29.43
N LEU F 622 39.41 -12.92 28.70
CA LEU F 622 39.76 -14.29 28.36
C LEU F 622 40.26 -15.08 29.56
N ILE F 623 41.10 -14.47 30.39
CA ILE F 623 41.70 -15.18 31.51
C ILE F 623 40.63 -15.55 32.55
N HIS F 624 39.80 -14.59 32.91
CA HIS F 624 38.76 -14.82 33.92
C HIS F 624 37.75 -15.86 33.44
N ASP G 8 25.97 -18.54 39.49
CA ASP G 8 25.53 -17.36 38.77
C ASP G 8 25.06 -17.72 37.37
N SER G 9 24.45 -16.75 36.68
CA SER G 9 24.03 -16.96 35.29
C SER G 9 25.23 -17.34 34.42
N GLN G 10 26.34 -16.62 34.57
CA GLN G 10 27.54 -16.94 33.79
C GLN G 10 27.98 -18.38 34.04
N ASP G 11 27.91 -18.84 35.28
CA ASP G 11 28.32 -20.21 35.60
C ASP G 11 27.47 -21.20 34.84
N LEU G 12 26.15 -20.97 34.85
CA LEU G 12 25.24 -21.85 34.12
C LEU G 12 25.54 -21.82 32.63
N LEU G 13 25.89 -20.66 32.10
CA LEU G 13 26.20 -20.56 30.67
C LEU G 13 27.46 -21.37 30.33
N PHE G 14 28.49 -21.30 31.19
CA PHE G 14 29.69 -22.08 30.95
C PHE G 14 29.40 -23.57 31.06
N LYS G 15 28.59 -23.97 32.03
CA LYS G 15 28.27 -25.38 32.18
C LYS G 15 27.46 -25.88 31.00
N ALA G 16 26.51 -25.06 30.51
CA ALA G 16 25.76 -25.40 29.32
C ALA G 16 26.69 -25.65 28.14
N GLU G 17 27.58 -24.68 27.86
CA GLU G 17 28.52 -24.87 26.76
C GLU G 17 29.35 -26.13 26.97
N SER G 18 29.73 -26.41 28.22
CA SER G 18 30.53 -27.60 28.50
C SER G 18 29.78 -28.87 28.15
N LEU G 19 28.47 -28.90 28.43
CA LEU G 19 27.69 -30.09 28.13
C LEU G 19 27.39 -30.22 26.65
N ILE G 20 27.22 -29.09 25.94
CA ILE G 20 26.96 -29.16 24.52
C ILE G 20 28.13 -29.83 23.80
N VAL G 21 29.34 -29.55 24.25
CA VAL G 21 30.51 -30.26 23.75
C VAL G 21 30.66 -31.55 24.54
N ASN G 22 31.40 -32.51 23.96
CA ASN G 22 31.59 -33.86 24.48
C ASN G 22 30.32 -34.69 24.37
N SER G 23 29.24 -34.13 23.83
CA SER G 23 27.99 -34.84 23.61
C SER G 23 27.78 -35.25 22.16
N THR G 24 28.33 -34.48 21.21
CA THR G 24 28.28 -34.73 19.78
C THR G 24 26.86 -34.65 19.21
N ASN G 25 25.87 -34.24 20.00
CA ASN G 25 24.52 -34.07 19.48
C ASN G 25 23.78 -33.12 20.44
N ARG G 26 23.68 -31.85 20.03
CA ARG G 26 23.03 -30.84 20.85
C ARG G 26 21.59 -31.21 21.16
N TYR G 27 20.91 -31.84 20.20
CA TYR G 27 19.52 -32.25 20.41
C TYR G 27 19.43 -33.35 21.46
N HIS G 28 20.28 -34.37 21.33
CA HIS G 28 20.24 -35.48 22.28
C HIS G 28 20.54 -34.99 23.69
N VAL G 29 21.48 -34.05 23.83
CA VAL G 29 21.82 -33.59 25.17
C VAL G 29 20.77 -32.62 25.69
N THR G 30 19.99 -32.01 24.80
CA THR G 30 18.89 -31.18 25.27
C THR G 30 17.77 -32.08 25.77
N LEU G 31 17.57 -33.20 25.09
CA LEU G 31 16.56 -34.17 25.52
C LEU G 31 16.95 -34.76 26.87
N GLN G 32 18.23 -35.10 27.05
CA GLN G 32 18.68 -35.63 28.33
C GLN G 32 18.50 -34.61 29.45
N ILE G 33 18.82 -33.34 29.19
CA ILE G 33 18.63 -32.32 30.22
C ILE G 33 17.16 -32.18 30.57
N ALA G 34 16.28 -32.21 29.56
CA ALA G 34 14.85 -32.13 29.82
C ALA G 34 14.38 -33.29 30.69
N ARG G 35 14.75 -34.52 30.31
CA ARG G 35 14.36 -35.70 31.09
C ARG G 35 14.84 -35.58 32.52
N ARG G 36 16.14 -35.31 32.70
CA ARG G 36 16.72 -35.20 34.04
C ARG G 36 15.96 -34.17 34.87
N ALA G 37 15.72 -32.98 34.31
CA ALA G 37 15.02 -31.95 35.07
C ALA G 37 13.60 -32.39 35.42
N LYS G 38 12.96 -33.13 34.53
CA LYS G 38 11.62 -33.64 34.81
C LYS G 38 11.64 -34.57 36.02
N GLN G 39 12.55 -35.54 35.99
CA GLN G 39 12.69 -36.46 37.11
C GLN G 39 13.00 -35.69 38.38
N ALA G 40 13.89 -34.70 38.29
CA ALA G 40 14.28 -33.87 39.43
C ALA G 40 13.05 -33.26 40.10
N ARG G 41 12.28 -32.48 39.34
CA ARG G 41 11.10 -31.85 39.90
C ARG G 41 10.11 -32.88 40.43
N TYR G 42 9.94 -34.00 39.71
CA TYR G 42 8.99 -35.02 40.15
C TYR G 42 9.38 -35.57 41.51
N GLU G 43 10.63 -36.00 41.67
CA GLU G 43 11.10 -36.55 42.94
C GLU G 43 11.54 -35.47 43.92
N GLU G 44 11.20 -34.21 43.65
CA GLU G 44 11.46 -33.13 44.58
C GLU G 44 10.21 -32.47 45.14
N MET G 45 9.11 -32.45 44.37
CA MET G 45 7.86 -31.92 44.90
C MET G 45 7.40 -32.69 46.14
N GLU G 46 7.62 -34.01 46.14
CA GLU G 46 7.31 -34.94 47.24
C GLU G 46 6.71 -34.35 48.52
N ILE G 54 15.69 -23.10 43.53
CA ILE G 54 16.31 -23.58 42.28
C ILE G 54 15.19 -24.08 41.37
N LYS G 55 15.46 -24.10 40.07
CA LYS G 55 14.53 -24.60 39.06
C LYS G 55 15.04 -25.88 38.44
N PRO G 56 14.13 -26.80 38.07
CA PRO G 56 14.56 -28.12 37.57
C PRO G 56 15.65 -28.09 36.50
N VAL G 57 15.47 -27.35 35.41
CA VAL G 57 16.45 -27.38 34.32
C VAL G 57 17.82 -26.92 34.83
N LEU G 58 17.84 -25.92 35.71
CA LEU G 58 19.10 -25.42 36.25
C LEU G 58 19.80 -26.50 37.06
N ARG G 59 19.07 -27.14 37.98
CA ARG G 59 19.66 -28.20 38.79
C ARG G 59 20.13 -29.34 37.91
N ALA G 60 19.36 -29.67 36.87
CA ALA G 60 19.75 -30.71 35.94
C ALA G 60 21.09 -30.40 35.30
N ILE G 61 21.26 -29.15 34.85
CA ILE G 61 22.51 -28.79 34.19
C ILE G 61 23.66 -28.80 35.19
N LEU G 62 23.43 -28.28 36.40
CA LEU G 62 24.45 -28.34 37.44
C LEU G 62 24.89 -29.79 37.69
N GLU G 63 23.93 -30.68 37.88
CA GLU G 63 24.24 -32.08 38.18
C GLU G 63 25.02 -32.70 37.03
N MET G 64 24.55 -32.51 35.80
CA MET G 64 25.19 -33.14 34.65
C MET G 64 26.60 -32.60 34.45
N SER G 65 26.82 -31.32 34.73
CA SER G 65 28.16 -30.75 34.65
C SER G 65 29.06 -31.36 35.71
N ASP G 66 28.56 -31.46 36.95
CA ASP G 66 29.36 -32.02 38.03
C ASP G 66 29.64 -33.50 37.83
N GLU G 67 28.86 -34.18 36.99
CA GLU G 67 29.05 -35.59 36.70
C GLU G 67 30.02 -35.82 35.55
N LEU G 68 30.37 -34.78 34.79
CA LEU G 68 31.27 -34.92 33.66
C LEU G 68 32.74 -34.95 34.07
N ASN G 69 33.04 -34.62 35.33
CA ASN G 69 34.40 -34.65 35.90
C ASN G 69 35.50 -34.24 34.92
N ALA H 4 40.95 -22.85 25.10
CA ALA H 4 41.85 -22.15 26.00
C ALA H 4 43.30 -22.35 25.59
N LYS H 5 44.23 -21.95 26.47
CA LYS H 5 45.65 -22.23 26.35
C LYS H 5 46.30 -21.38 25.27
N SER H 6 45.48 -20.63 24.52
CA SER H 6 45.96 -19.79 23.44
C SER H 6 46.07 -18.37 23.96
N ALA H 7 47.29 -17.90 24.14
CA ALA H 7 47.48 -16.56 24.68
C ALA H 7 47.14 -15.52 23.61
N PRO H 8 46.43 -14.47 23.97
CA PRO H 8 46.08 -13.45 22.97
C PRO H 8 47.30 -12.68 22.52
N ILE H 9 47.24 -12.21 21.29
CA ILE H 9 48.30 -11.40 20.73
C ILE H 9 48.03 -9.95 21.11
N PHE H 10 49.09 -9.20 21.37
CA PHE H 10 48.94 -7.79 21.71
C PHE H 10 48.74 -7.02 20.41
N ARG H 11 47.50 -6.66 20.13
CA ARG H 11 47.18 -5.94 18.90
C ARG H 11 47.60 -4.49 19.10
N ASN H 12 48.76 -4.13 18.57
CA ASN H 12 49.30 -2.78 18.68
C ASN H 12 48.98 -2.02 17.40
N ARG H 13 47.70 -1.75 17.22
CA ARG H 13 47.22 -1.15 15.99
C ARG H 13 45.87 -0.52 16.25
N VAL H 14 45.36 0.22 15.26
CA VAL H 14 44.03 0.78 15.36
C VAL H 14 43.01 -0.33 15.18
N ILE H 15 41.83 -0.15 15.77
CA ILE H 15 40.81 -1.19 15.85
C ILE H 15 39.55 -0.64 15.20
N ASP H 16 39.30 -1.04 13.96
CA ASP H 16 38.06 -0.74 13.27
C ASP H 16 37.10 -1.90 13.45
N LYS H 17 36.03 -1.91 12.65
CA LYS H 17 35.07 -3.01 12.77
C LYS H 17 35.67 -4.32 12.30
N LYS H 18 36.52 -4.27 11.28
CA LYS H 18 37.13 -5.49 10.77
C LYS H 18 38.01 -6.14 11.82
N GLN H 19 38.79 -5.34 12.55
CA GLN H 19 39.63 -5.90 13.61
C GLN H 19 38.79 -6.49 14.73
N LEU H 20 37.68 -5.84 15.09
CA LEU H 20 36.82 -6.38 16.13
C LEU H 20 36.18 -7.70 15.69
N LYS H 21 35.72 -7.76 14.44
CA LYS H 21 35.14 -8.99 13.92
C LYS H 21 36.18 -10.10 13.87
N LYS H 22 37.41 -9.78 13.47
CA LYS H 22 38.48 -10.75 13.45
C LYS H 22 38.78 -11.26 14.86
N LEU H 23 38.80 -10.35 15.84
CA LEU H 23 39.06 -10.75 17.22
C LEU H 23 37.95 -11.65 17.76
N ILE H 24 36.69 -11.31 17.45
CA ILE H 24 35.57 -12.14 17.89
C ILE H 24 35.64 -13.52 17.26
N GLY H 25 35.96 -13.60 15.96
CA GLY H 25 36.11 -14.88 15.32
C GLY H 25 37.23 -15.71 15.93
N TRP H 26 38.37 -15.07 16.20
CA TRP H 26 39.49 -15.77 16.83
C TRP H 26 39.09 -16.28 18.21
N THR H 27 38.40 -15.45 18.99
CA THR H 27 37.99 -15.85 20.32
C THR H 27 37.03 -17.04 20.26
N PHE H 28 36.09 -17.02 19.32
CA PHE H 28 35.19 -18.17 19.20
C PHE H 28 35.96 -19.42 18.78
N ALA H 29 36.90 -19.28 17.85
CA ALA H 29 37.62 -20.44 17.36
C ALA H 29 38.51 -21.06 18.42
N HIS H 30 39.04 -20.25 19.34
CA HIS H 30 40.03 -20.75 20.28
C HIS H 30 39.49 -20.99 21.69
N TYR H 31 38.43 -20.28 22.10
CA TYR H 31 38.01 -20.27 23.48
C TYR H 31 36.60 -20.79 23.72
N GLY H 32 35.72 -20.76 22.74
CA GLY H 32 34.37 -21.26 22.91
C GLY H 32 33.35 -20.15 22.70
N THR H 33 32.09 -20.46 23.02
CA THR H 33 31.02 -19.53 22.72
C THR H 33 30.64 -18.65 23.91
N ALA H 34 31.01 -19.04 25.13
CA ALA H 34 30.65 -18.21 26.28
C ALA H 34 31.77 -17.25 26.64
N LYS H 35 33.00 -17.58 26.26
CA LYS H 35 34.06 -16.60 26.41
C LYS H 35 33.97 -15.59 25.27
N THR H 36 33.49 -16.02 24.11
CA THR H 36 33.21 -15.06 23.05
C THR H 36 32.10 -14.12 23.47
N ALA H 37 31.07 -14.63 24.14
CA ALA H 37 30.03 -13.75 24.65
C ALA H 37 30.59 -12.76 25.69
N VAL H 38 31.44 -13.24 26.60
CA VAL H 38 32.03 -12.36 27.61
C VAL H 38 32.90 -11.29 26.96
N VAL H 39 33.72 -11.68 25.98
CA VAL H 39 34.59 -10.73 25.30
C VAL H 39 33.77 -9.68 24.57
N ALA H 40 32.69 -10.11 23.91
CA ALA H 40 31.85 -9.14 23.21
C ALA H 40 31.21 -8.15 24.17
N ASP H 41 30.75 -8.63 25.32
CA ASP H 41 30.19 -7.71 26.31
C ASP H 41 31.23 -6.73 26.84
N ASP H 42 32.44 -7.22 27.11
CA ASP H 42 33.50 -6.34 27.61
C ASP H 42 33.86 -5.28 26.57
N LEU H 43 33.97 -5.68 25.30
CA LEU H 43 34.28 -4.74 24.24
C LEU H 43 33.16 -3.72 24.08
N LYS H 44 31.91 -4.16 24.20
CA LYS H 44 30.78 -3.24 24.14
C LYS H 44 30.86 -2.20 25.25
N ALA H 45 31.15 -2.64 26.47
CA ALA H 45 31.28 -1.70 27.58
C ALA H 45 32.40 -0.71 27.36
N LEU H 46 33.56 -1.20 26.91
CA LEU H 46 34.71 -0.32 26.69
C LEU H 46 34.41 0.70 25.60
N GLY H 47 33.82 0.25 24.49
CA GLY H 47 33.50 1.17 23.41
C GLY H 47 32.48 2.20 23.81
N PHE H 48 31.43 1.79 24.53
CA PHE H 48 30.43 2.73 25.00
C PHE H 48 31.03 3.76 25.95
N ARG H 49 31.98 3.34 26.79
CA ARG H 49 32.59 4.27 27.73
C ARG H 49 33.48 5.28 27.03
N TYR H 50 34.29 4.83 26.07
CA TYR H 50 35.26 5.74 25.48
C TYR H 50 34.75 6.42 24.23
N ALA H 51 33.55 6.10 23.77
CA ALA H 51 32.89 6.96 22.80
C ALA H 51 32.18 8.10 23.50
N THR H 52 31.97 7.98 24.81
CA THR H 52 31.36 9.03 25.61
C THR H 52 32.44 9.94 26.20
N ARG H 53 33.58 9.39 26.59
CA ARG H 53 34.67 10.25 27.06
C ARG H 53 35.26 11.07 25.93
N ALA H 54 35.16 10.58 24.70
CA ALA H 54 35.73 11.29 23.56
C ALA H 54 34.98 12.58 23.26
N GLY H 55 33.66 12.57 23.44
CA GLY H 55 32.87 13.72 23.05
C GLY H 55 32.77 13.85 21.55
N VAL H 56 32.53 12.74 20.86
CA VAL H 56 32.35 12.79 19.41
C VAL H 56 31.05 13.51 19.10
N SER H 57 31.10 14.45 18.17
CA SER H 57 29.94 15.25 17.84
C SER H 57 29.94 15.51 16.34
N ILE H 58 28.95 16.30 15.90
CA ILE H 58 28.80 16.64 14.50
C ILE H 58 28.48 18.12 14.43
N SER H 59 29.12 18.82 13.50
CA SER H 59 28.92 20.25 13.33
C SER H 59 28.87 20.55 11.84
N ILE H 60 28.81 21.83 11.51
CA ILE H 60 28.82 22.23 10.12
C ILE H 60 30.25 22.38 9.62
N ASP H 61 31.16 22.83 10.48
CA ASP H 61 32.56 22.89 10.12
C ASP H 61 33.23 21.53 10.20
N ASP H 62 32.61 20.57 10.88
CA ASP H 62 33.13 19.21 10.86
C ASP H 62 32.95 18.58 9.48
N LEU H 63 32.06 19.14 8.67
CA LEU H 63 31.84 18.68 7.30
C LEU H 63 32.77 19.50 6.43
N LYS H 64 33.99 19.01 6.25
CA LYS H 64 35.03 19.78 5.59
C LYS H 64 35.03 19.48 4.10
N VAL H 65 34.85 20.53 3.31
CA VAL H 65 34.88 20.44 1.85
C VAL H 65 36.28 20.86 1.41
N PRO H 66 36.93 20.13 0.50
CA PRO H 66 38.27 20.55 0.07
C PRO H 66 38.24 21.93 -0.56
N GLY H 67 39.36 22.64 -0.41
CA GLY H 67 39.42 24.00 -0.88
C GLY H 67 39.62 24.12 -2.36
N SER H 68 39.75 22.98 -3.04
CA SER H 68 39.96 22.93 -4.48
C SER H 68 38.68 22.58 -5.21
N LYS H 69 37.54 22.58 -4.50
CA LYS H 69 36.28 22.24 -5.14
C LYS H 69 35.90 23.31 -6.15
N ALA H 70 36.13 24.57 -5.82
CA ALA H 70 35.74 25.67 -6.70
C ALA H 70 36.56 25.64 -7.99
N GLU H 71 37.87 25.42 -7.88
CA GLU H 71 38.71 25.40 -9.07
C GLU H 71 38.42 24.16 -9.93
N LEU H 72 38.12 23.03 -9.29
CA LEU H 72 37.76 21.84 -10.04
C LEU H 72 36.47 22.06 -10.81
N LEU H 73 35.47 22.65 -10.16
CA LEU H 73 34.21 22.94 -10.84
C LEU H 73 34.42 23.95 -11.96
N GLU H 74 35.28 24.94 -11.74
CA GLU H 74 35.55 25.92 -12.80
C GLU H 74 36.20 25.25 -14.01
N SER H 75 37.18 24.38 -13.77
CA SER H 75 37.82 23.68 -14.88
C SER H 75 36.83 22.79 -15.61
N ALA H 76 35.99 22.07 -14.85
CA ALA H 76 34.99 21.22 -15.47
C ALA H 76 34.02 22.05 -16.31
N GLU H 77 33.58 23.19 -15.79
CA GLU H 77 32.66 24.04 -16.52
C GLU H 77 33.31 24.63 -17.77
N LYS H 78 34.61 24.95 -17.71
CA LYS H 78 35.32 25.41 -18.89
C LYS H 78 35.35 24.32 -19.96
N ARG H 79 35.62 23.08 -19.56
CA ARG H 79 35.58 21.97 -20.51
C ARG H 79 34.18 21.81 -21.09
N ILE H 80 33.16 21.94 -20.26
CA ILE H 80 31.79 21.81 -20.73
C ILE H 80 31.47 22.92 -21.74
N GLN H 81 31.94 24.13 -21.47
CA GLN H 81 31.72 25.23 -22.40
C GLN H 81 32.40 24.97 -23.73
N GLU H 82 33.63 24.46 -23.71
CA GLU H 82 34.28 24.09 -24.96
C GLU H 82 33.48 23.03 -25.71
N THR H 83 33.00 22.02 -24.99
CA THR H 83 32.22 20.96 -25.62
C THR H 83 30.96 21.50 -26.27
N GLU H 84 30.23 22.35 -25.55
CA GLU H 84 28.99 22.90 -26.09
C GLU H 84 29.24 23.87 -27.23
N ASP H 85 30.35 24.62 -27.19
CA ASP H 85 30.70 25.46 -28.33
C ASP H 85 31.05 24.63 -29.55
N ARG H 86 31.72 23.49 -29.35
CA ARG H 86 31.95 22.56 -30.45
C ARG H 86 30.63 22.04 -31.01
N TYR H 87 29.69 21.71 -30.12
CA TYR H 87 28.40 21.19 -30.58
C TYR H 87 27.65 22.26 -31.38
N THR H 88 27.67 23.51 -30.90
CA THR H 88 26.94 24.58 -31.57
C THR H 88 27.50 24.87 -32.94
N ARG H 89 28.80 24.63 -33.15
CA ARG H 89 29.43 24.92 -34.42
C ARG H 89 29.39 23.75 -35.39
N GLY H 90 28.75 22.64 -35.00
CA GLY H 90 28.60 21.51 -35.89
C GLY H 90 29.77 20.55 -35.92
N GLU H 91 30.78 20.74 -35.07
CA GLU H 91 31.94 19.86 -35.11
C GLU H 91 31.62 18.48 -34.56
N ILE H 92 30.68 18.40 -33.61
CA ILE H 92 30.29 17.14 -32.99
C ILE H 92 28.78 17.03 -33.04
N THR H 93 28.30 15.80 -32.94
CA THR H 93 26.87 15.54 -32.94
C THR H 93 26.33 15.64 -31.53
N GLU H 94 25.02 15.44 -31.37
CA GLU H 94 24.42 15.68 -30.06
C GLU H 94 24.74 14.58 -29.05
N VAL H 95 24.85 13.33 -29.50
CA VAL H 95 25.13 12.28 -28.54
C VAL H 95 26.59 12.24 -28.16
N GLU H 96 27.43 12.99 -28.86
CA GLU H 96 28.83 13.07 -28.49
C GLU H 96 29.03 14.21 -27.52
N ARG H 97 28.27 15.29 -27.69
CA ARG H 97 28.23 16.31 -26.66
C ARG H 97 27.70 15.73 -25.36
N PHE H 98 26.63 14.92 -25.44
CA PHE H 98 26.08 14.29 -24.26
C PHE H 98 27.07 13.34 -23.61
N GLN H 99 27.74 12.50 -24.40
CA GLN H 99 28.72 11.59 -23.83
C GLN H 99 29.87 12.35 -23.19
N LYS H 100 30.36 13.38 -23.85
CA LYS H 100 31.49 14.13 -23.32
C LYS H 100 31.12 14.82 -22.01
N VAL H 101 29.95 15.45 -21.94
CA VAL H 101 29.61 16.15 -20.70
C VAL H 101 29.31 15.17 -19.58
N ILE H 102 28.80 13.97 -19.92
CA ILE H 102 28.58 12.98 -18.89
C ILE H 102 29.90 12.46 -18.35
N ASP H 103 30.86 12.19 -19.24
CA ASP H 103 32.14 11.68 -18.80
C ASP H 103 32.90 12.75 -18.03
N THR H 104 32.79 14.01 -18.47
CA THR H 104 33.43 15.11 -17.76
C THR H 104 32.92 15.19 -16.33
N TRP H 105 31.60 15.15 -16.13
CA TRP H 105 31.11 15.26 -14.77
C TRP H 105 31.33 14.00 -13.95
N ALA H 106 31.46 12.84 -14.58
CA ALA H 106 31.80 11.64 -13.81
C ALA H 106 33.26 11.65 -13.37
N ASN H 107 34.13 12.24 -14.19
CA ASN H 107 35.53 12.30 -13.81
C ASN H 107 35.75 13.38 -12.77
N THR H 108 35.01 14.50 -12.89
CA THR H 108 35.09 15.52 -11.88
C THR H 108 34.60 14.98 -10.53
N ASN H 109 33.55 14.16 -10.55
CA ASN H 109 33.05 13.58 -9.31
C ASN H 109 34.06 12.61 -8.70
N ASP H 110 34.70 11.77 -9.52
CA ASP H 110 35.70 10.86 -8.97
C ASP H 110 36.90 11.62 -8.40
N GLU H 111 37.39 12.63 -9.12
CA GLU H 111 38.50 13.43 -8.62
C GLU H 111 38.12 14.13 -7.31
N LEU H 112 36.91 14.68 -7.25
CA LEU H 112 36.49 15.36 -6.03
C LEU H 112 36.39 14.38 -4.86
N THR H 113 35.91 13.17 -5.11
CA THR H 113 35.85 12.18 -4.04
C THR H 113 37.24 11.82 -3.53
N ASP H 114 38.20 11.64 -4.45
CA ASP H 114 39.57 11.39 -4.04
C ASP H 114 40.13 12.54 -3.21
N ARG H 115 39.88 13.78 -3.65
CA ARG H 115 40.36 14.94 -2.92
C ARG H 115 39.72 15.02 -1.54
N VAL H 116 38.44 14.68 -1.44
CA VAL H 116 37.75 14.68 -0.15
C VAL H 116 38.43 13.71 0.80
N VAL H 117 38.67 12.49 0.33
CA VAL H 117 39.28 11.47 1.19
C VAL H 117 40.69 11.89 1.60
N LYS H 118 41.47 12.43 0.66
CA LYS H 118 42.83 12.86 0.99
C LYS H 118 42.81 14.04 1.97
N ASN H 119 41.87 14.96 1.81
CA ASN H 119 41.80 16.10 2.72
C ASN H 119 41.42 15.64 4.12
N PHE H 120 40.53 14.67 4.20
CA PHE H 120 40.15 14.13 5.50
C PHE H 120 41.33 13.41 6.15
N ARG H 121 42.07 12.63 5.37
CA ARG H 121 43.17 11.83 5.91
C ARG H 121 44.44 12.64 6.11
N GLU H 122 44.47 13.90 5.68
CA GLU H 122 45.68 14.70 5.76
C GLU H 122 45.57 15.85 6.74
N SER H 123 44.51 16.66 6.66
CA SER H 123 44.38 17.80 7.54
C SER H 123 43.95 17.36 8.94
N ASP H 124 42.77 16.75 9.04
CA ASP H 124 42.19 16.36 10.31
C ASP H 124 41.87 14.87 10.27
N PRO H 125 42.82 14.01 10.66
CA PRO H 125 42.56 12.57 10.68
C PRO H 125 41.74 12.11 11.87
N LEU H 126 41.48 12.99 12.84
CA LEU H 126 40.59 12.67 13.94
C LEU H 126 39.26 13.40 13.83
N ASN H 127 38.91 13.86 12.62
CA ASN H 127 37.59 14.45 12.40
C ASN H 127 36.50 13.45 12.71
N SER H 128 35.40 13.94 13.29
CA SER H 128 34.33 13.06 13.71
C SER H 128 33.69 12.33 12.53
N VAL H 129 33.44 13.05 11.44
CA VAL H 129 32.85 12.42 10.26
C VAL H 129 33.81 11.38 9.68
N TYR H 130 35.07 11.77 9.54
CA TYR H 130 36.08 10.83 9.04
C TYR H 130 36.26 9.67 10.01
N MET H 131 36.28 9.96 11.30
CA MET H 131 36.49 8.90 12.29
C MET H 131 35.36 7.88 12.27
N MET H 132 34.13 8.35 12.14
CA MET H 132 32.98 7.46 12.19
C MET H 132 32.64 6.85 10.84
N ALA H 133 33.20 7.34 9.73
CA ALA H 133 33.02 6.68 8.45
C ALA H 133 34.18 5.74 8.10
N PHE H 134 35.41 6.09 8.48
CA PHE H 134 36.57 5.27 8.17
C PHE H 134 36.67 4.06 9.08
N SER H 135 36.24 4.19 10.34
CA SER H 135 36.28 3.07 11.27
C SER H 135 35.21 2.04 10.95
N GLY H 136 34.25 2.38 10.11
CA GLY H 136 33.17 1.47 9.77
C GLY H 136 32.04 1.41 10.76
N ALA H 137 31.84 2.46 11.56
CA ALA H 137 30.78 2.42 12.56
C ALA H 137 29.42 2.77 11.95
N ARG H 138 29.24 4.02 11.50
CA ARG H 138 28.00 4.48 10.87
C ARG H 138 28.23 5.35 9.64
N GLY H 139 28.39 4.73 8.48
CA GLY H 139 28.73 5.52 7.30
C GLY H 139 29.27 4.69 6.17
N ASN H 140 29.54 5.41 5.07
CA ASN H 140 30.01 4.83 3.83
C ASN H 140 30.93 5.84 3.15
N ILE H 141 31.19 5.64 1.87
CA ILE H 141 31.86 6.64 1.06
C ILE H 141 30.89 7.33 0.09
N SER H 142 29.79 6.67 -0.28
CA SER H 142 28.77 7.34 -1.08
C SER H 142 27.94 8.32 -0.28
N GLN H 143 28.08 8.35 1.05
CA GLN H 143 27.36 9.31 1.87
C GLN H 143 28.23 10.48 2.30
N VAL H 144 29.52 10.26 2.56
CA VAL H 144 30.42 11.39 2.79
C VAL H 144 30.57 12.19 1.50
N ARG H 145 30.46 11.50 0.35
CA ARG H 145 30.52 12.17 -0.93
C ARG H 145 29.42 13.20 -1.07
N GLN H 146 28.22 12.85 -0.63
CA GLN H 146 27.08 13.74 -0.77
C GLN H 146 26.98 14.73 0.38
N LEU H 147 27.82 14.59 1.41
CA LEU H 147 27.83 15.54 2.52
C LEU H 147 28.89 16.63 2.33
N VAL H 148 30.05 16.29 1.78
CA VAL H 148 31.14 17.26 1.65
C VAL H 148 31.73 17.30 0.24
N GLY H 149 31.19 16.53 -0.69
CA GLY H 149 31.75 16.50 -2.02
C GLY H 149 30.81 17.06 -3.06
N MET H 150 30.12 16.17 -3.75
CA MET H 150 29.29 16.53 -4.89
C MET H 150 28.34 15.38 -5.16
N ARG H 151 27.07 15.69 -5.40
CA ARG H 151 26.08 14.65 -5.50
C ARG H 151 26.23 13.88 -6.81
N GLY H 152 26.52 14.59 -7.89
CA GLY H 152 26.83 13.96 -9.15
C GLY H 152 25.66 13.92 -10.09
N LEU H 153 25.76 13.03 -11.07
CA LEU H 153 24.75 12.90 -12.11
C LEU H 153 23.65 11.98 -11.61
N MET H 154 22.40 12.40 -11.78
CA MET H 154 21.24 11.63 -11.39
C MET H 154 20.46 11.25 -12.64
N ALA H 155 19.33 10.59 -12.43
CA ALA H 155 18.57 10.04 -13.54
C ALA H 155 17.12 10.50 -13.48
N ASN H 156 16.48 10.47 -14.65
CA ASN H 156 15.10 10.84 -14.80
C ASN H 156 14.22 9.80 -14.12
N PRO H 157 12.91 10.07 -13.97
CA PRO H 157 12.02 9.02 -13.46
C PRO H 157 11.89 7.84 -14.40
N GLN H 158 12.46 7.93 -15.60
CA GLN H 158 12.39 6.89 -16.61
C GLN H 158 13.70 6.14 -16.77
N GLY H 159 14.82 6.73 -16.36
CA GLY H 159 16.11 6.08 -16.42
C GLY H 159 17.16 6.88 -17.17
N GLU H 160 16.73 7.94 -17.85
CA GLU H 160 17.67 8.72 -18.64
C GLU H 160 18.52 9.59 -17.72
N ILE H 161 19.81 9.68 -18.04
CA ILE H 161 20.74 10.46 -17.22
C ILE H 161 20.58 11.93 -17.55
N ILE H 162 20.16 12.72 -16.56
CA ILE H 162 20.04 14.16 -16.77
C ILE H 162 21.43 14.76 -16.89
N ASP H 163 21.68 15.46 -18.00
CA ASP H 163 23.00 16.02 -18.24
C ASP H 163 23.35 17.16 -17.29
N LEU H 164 22.38 17.66 -16.53
CA LEU H 164 22.68 18.63 -15.49
C LEU H 164 23.04 17.89 -14.22
N PRO H 165 24.26 18.04 -13.71
CA PRO H 165 24.63 17.35 -12.48
C PRO H 165 24.32 18.23 -11.26
N ILE H 166 24.33 17.59 -10.10
CA ILE H 166 24.21 18.32 -8.85
C ILE H 166 25.61 18.64 -8.39
N LYS H 167 25.93 19.94 -8.30
CA LYS H 167 27.27 20.39 -7.98
C LYS H 167 27.36 20.93 -6.56
N THR H 168 26.41 20.58 -5.71
CA THR H 168 26.41 21.01 -4.32
C THR H 168 26.28 19.78 -3.43
N ASN H 169 26.67 19.95 -2.17
CA ASN H 169 26.52 18.92 -1.16
C ASN H 169 25.33 19.27 -0.28
N PHE H 170 25.15 18.51 0.79
CA PHE H 170 24.16 18.87 1.79
C PHE H 170 24.68 19.94 2.75
N ARG H 171 25.99 20.18 2.76
CA ARG H 171 26.54 21.27 3.55
C ARG H 171 26.28 22.62 2.89
N GLU H 172 26.39 22.68 1.56
CA GLU H 172 26.18 23.94 0.85
C GLU H 172 24.71 24.20 0.59
N GLY H 173 23.94 23.16 0.34
CA GLY H 173 22.51 23.28 0.14
C GLY H 173 22.14 23.20 -1.32
N LEU H 174 21.20 22.34 -1.65
CA LEU H 174 20.78 22.18 -3.02
C LEU H 174 19.88 23.35 -3.43
N THR H 175 19.63 23.43 -4.74
CA THR H 175 18.71 24.41 -5.29
C THR H 175 17.36 23.73 -5.50
N VAL H 176 16.40 24.48 -6.03
CA VAL H 176 15.09 23.90 -6.29
C VAL H 176 15.20 22.82 -7.35
N THR H 177 16.04 23.05 -8.36
CA THR H 177 16.17 22.09 -9.44
C THR H 177 16.88 20.84 -8.96
N GLU H 178 17.89 21.01 -8.11
CA GLU H 178 18.60 19.84 -7.62
C GLU H 178 17.77 19.09 -6.60
N TYR H 179 16.91 19.80 -5.86
CA TYR H 179 16.00 19.11 -4.95
C TYR H 179 15.01 18.25 -5.72
N ILE H 180 14.48 18.74 -6.84
CA ILE H 180 13.57 17.91 -7.63
C ILE H 180 14.31 16.70 -8.22
N ILE H 181 15.51 16.93 -8.76
CA ILE H 181 16.25 15.83 -9.35
C ILE H 181 16.61 14.78 -8.31
N SER H 182 16.88 15.19 -7.07
CA SER H 182 17.14 14.24 -6.00
C SER H 182 15.87 13.52 -5.57
N SER H 183 14.74 14.23 -5.54
CA SER H 183 13.50 13.62 -5.11
C SER H 183 13.07 12.52 -6.07
N TYR H 184 13.43 12.66 -7.35
CA TYR H 184 13.19 11.57 -8.30
C TYR H 184 13.72 10.24 -7.76
N GLY H 185 15.02 10.17 -7.51
CA GLY H 185 15.62 8.93 -7.02
C GLY H 185 15.15 8.55 -5.63
N ALA H 186 14.89 9.53 -4.77
CA ALA H 186 14.37 9.21 -3.44
C ALA H 186 13.05 8.45 -3.56
N ARG H 187 12.14 8.93 -4.40
CA ARG H 187 10.87 8.25 -4.57
C ARG H 187 11.10 6.87 -5.16
N LYS H 188 11.95 6.79 -6.18
CA LYS H 188 12.21 5.51 -6.83
C LYS H 188 12.63 4.48 -5.79
N GLY H 189 13.56 4.86 -4.90
CA GLY H 189 13.98 3.95 -3.84
C GLY H 189 12.89 3.59 -2.87
N LEU H 190 12.06 4.58 -2.48
CA LEU H 190 10.97 4.30 -1.54
C LEU H 190 10.00 3.27 -2.13
N VAL H 191 9.61 3.46 -3.38
CA VAL H 191 8.67 2.56 -4.02
C VAL H 191 9.33 1.20 -4.24
N ASP H 192 10.63 1.20 -4.56
CA ASP H 192 11.37 -0.05 -4.67
C ASP H 192 11.28 -0.86 -3.38
N THR H 193 11.54 -0.24 -2.23
CA THR H 193 11.46 -0.99 -0.98
C THR H 193 10.05 -1.49 -0.72
N ALA H 194 9.06 -0.63 -0.95
CA ALA H 194 7.68 -1.00 -0.70
C ALA H 194 7.27 -2.20 -1.52
N LEU H 195 7.71 -2.25 -2.79
CA LEU H 195 7.30 -3.32 -3.67
C LEU H 195 8.24 -4.52 -3.59
N ARG H 196 9.44 -4.33 -3.04
CA ARG H 196 10.41 -5.41 -2.92
C ARG H 196 10.10 -6.33 -1.76
N THR H 197 9.44 -5.82 -0.71
CA THR H 197 9.26 -6.65 0.47
C THR H 197 8.40 -7.87 0.17
N ALA H 198 7.34 -7.69 -0.62
CA ALA H 198 6.46 -8.81 -0.97
C ALA H 198 7.17 -9.85 -1.83
N ASP H 199 7.96 -9.41 -2.81
CA ASP H 199 8.71 -10.35 -3.64
C ASP H 199 9.71 -11.13 -2.80
N SER H 200 10.41 -10.46 -1.88
CA SER H 200 11.37 -11.18 -1.04
C SER H 200 10.66 -12.25 -0.20
N GLY H 201 9.50 -11.90 0.36
CA GLY H 201 8.76 -12.88 1.15
C GLY H 201 8.28 -14.05 0.32
N TYR H 202 7.78 -13.77 -0.88
CA TYR H 202 7.34 -14.83 -1.78
C TYR H 202 8.49 -15.76 -2.16
N LEU H 203 9.66 -15.19 -2.47
CA LEU H 203 10.81 -16.01 -2.80
C LEU H 203 11.19 -16.91 -1.63
N THR H 204 11.20 -16.36 -0.42
CA THR H 204 11.57 -17.17 0.74
C THR H 204 10.57 -18.30 0.96
N ARG H 205 9.28 -18.02 0.78
CA ARG H 205 8.28 -19.07 0.93
C ARG H 205 8.46 -20.17 -0.11
N ARG H 206 8.68 -19.80 -1.36
CA ARG H 206 8.88 -20.80 -2.41
C ARG H 206 10.13 -21.64 -2.12
N LEU H 207 11.19 -20.99 -1.66
CA LEU H 207 12.41 -21.73 -1.32
C LEU H 207 12.15 -22.71 -0.18
N VAL H 208 11.39 -22.28 0.83
CA VAL H 208 11.11 -23.17 1.95
C VAL H 208 10.32 -24.39 1.48
N ASP H 209 9.32 -24.19 0.62
CA ASP H 209 8.54 -25.34 0.18
C ASP H 209 9.29 -26.23 -0.79
N VAL H 210 10.24 -25.70 -1.56
CA VAL H 210 10.96 -26.57 -2.49
C VAL H 210 11.88 -27.52 -1.74
N SER H 211 12.38 -27.11 -0.58
CA SER H 211 13.48 -27.81 0.08
C SER H 211 13.18 -27.98 1.56
N GLN H 212 11.97 -28.40 1.88
CA GLN H 212 11.59 -28.58 3.27
C GLN H 212 11.93 -29.97 3.78
N ASP H 213 12.07 -30.95 2.90
CA ASP H 213 12.27 -32.33 3.29
C ASP H 213 13.75 -32.69 3.35
N VAL H 214 14.63 -31.71 3.18
CA VAL H 214 16.07 -31.95 3.22
C VAL H 214 16.45 -31.88 4.69
N ILE H 215 16.50 -33.03 5.32
CA ILE H 215 16.90 -33.19 6.71
C ILE H 215 18.04 -34.20 6.72
N ILE H 216 18.94 -34.07 7.69
CA ILE H 216 20.09 -34.96 7.72
C ILE H 216 19.65 -36.25 8.40
N HIS H 217 19.69 -37.35 7.65
CA HIS H 217 19.25 -38.65 8.13
C HIS H 217 20.36 -39.68 8.15
N GLU H 218 21.37 -39.52 7.32
CA GLU H 218 22.44 -40.49 7.16
C GLU H 218 23.75 -39.90 7.64
N VAL H 219 24.73 -40.77 7.83
CA VAL H 219 26.07 -40.37 8.23
C VAL H 219 27.00 -40.32 7.04
N ASP H 220 26.81 -41.23 6.10
CA ASP H 220 27.68 -41.35 4.94
C ASP H 220 26.93 -42.18 3.90
N CYS H 221 26.95 -41.72 2.66
CA CYS H 221 26.39 -42.48 1.56
C CYS H 221 27.44 -43.32 0.87
N GLY H 222 28.71 -43.11 1.20
CA GLY H 222 29.80 -43.89 0.66
C GLY H 222 29.97 -43.71 -0.84
N THR H 223 30.37 -42.51 -1.24
CA THR H 223 30.58 -42.19 -2.64
C THR H 223 32.01 -41.75 -2.86
N SER H 224 32.30 -41.38 -4.11
CA SER H 224 33.58 -40.83 -4.49
C SER H 224 33.38 -39.68 -5.46
N ARG H 225 32.25 -39.00 -5.35
CA ARG H 225 31.90 -37.91 -6.24
C ARG H 225 31.77 -36.61 -5.45
N GLY H 226 32.02 -35.52 -6.14
CA GLY H 226 31.92 -34.19 -5.57
C GLY H 226 32.21 -33.20 -6.66
N LEU H 227 32.23 -31.93 -6.31
CA LEU H 227 32.60 -30.95 -7.32
C LEU H 227 33.95 -30.35 -7.00
N PHE H 228 34.41 -29.52 -7.93
CA PHE H 228 35.69 -28.86 -7.82
C PHE H 228 35.43 -27.42 -7.40
N VAL H 229 35.98 -27.05 -6.25
CA VAL H 229 35.87 -25.71 -5.70
C VAL H 229 37.11 -24.95 -6.09
N GLU H 230 36.91 -23.77 -6.65
CA GLU H 230 37.97 -22.87 -7.04
C GLU H 230 37.52 -21.46 -6.73
N ALA H 231 38.47 -20.53 -6.72
CA ALA H 231 38.13 -19.15 -6.40
C ALA H 231 37.25 -18.56 -7.49
N MET H 232 36.45 -17.57 -7.09
CA MET H 232 35.58 -16.86 -8.01
C MET H 232 36.29 -15.59 -8.44
N THR H 233 36.65 -15.53 -9.72
CA THR H 233 37.48 -14.46 -10.25
C THR H 233 36.81 -13.82 -11.45
N ASP H 234 36.95 -12.51 -11.57
CA ASP H 234 36.50 -11.76 -12.74
C ASP H 234 37.67 -11.50 -13.68
N GLY H 235 38.22 -12.60 -14.21
CA GLY H 235 39.34 -12.51 -15.12
C GLY H 235 40.65 -12.28 -14.40
N ASP H 236 41.17 -11.05 -14.49
CA ASP H 236 42.42 -10.73 -13.81
C ASP H 236 42.23 -10.67 -12.29
N ARG H 237 41.11 -10.13 -11.86
CA ARG H 237 40.84 -9.95 -10.44
C ARG H 237 40.03 -11.13 -9.90
N ILE H 238 40.25 -11.45 -8.64
CA ILE H 238 39.46 -12.47 -7.94
C ILE H 238 38.43 -11.78 -7.07
N LEU H 239 37.26 -12.39 -6.97
CA LEU H 239 36.14 -11.85 -6.20
C LEU H 239 35.95 -12.57 -4.87
N ILE H 240 36.05 -13.89 -4.87
CA ILE H 240 35.92 -14.70 -3.66
C ILE H 240 37.09 -15.67 -3.62
N PRO H 241 37.95 -15.62 -2.60
CA PRO H 241 39.10 -16.52 -2.58
C PRO H 241 38.69 -17.95 -2.32
N ILE H 242 39.61 -18.87 -2.64
CA ILE H 242 39.29 -20.29 -2.51
C ILE H 242 39.17 -20.69 -1.05
N SER H 243 39.87 -20.00 -0.15
CA SER H 243 39.82 -20.37 1.26
C SER H 243 38.45 -20.09 1.85
N GLN H 244 37.80 -19.00 1.41
CA GLN H 244 36.47 -18.70 1.90
C GLN H 244 35.43 -19.66 1.33
N ARG H 245 35.72 -20.28 0.18
CA ARG H 245 34.81 -21.20 -0.48
C ARG H 245 35.06 -22.64 -0.06
N LEU H 246 36.07 -22.87 0.77
CA LEU H 246 36.53 -24.21 1.12
C LEU H 246 36.33 -24.47 2.61
N LEU H 247 35.50 -23.69 3.28
CA LEU H 247 35.35 -23.74 4.72
C LEU H 247 34.10 -24.54 5.06
N GLY H 248 34.28 -25.61 5.83
CA GLY H 248 33.20 -26.48 6.19
C GLY H 248 32.96 -27.63 5.25
N ARG H 249 33.64 -27.65 4.11
CA ARG H 249 33.47 -28.72 3.14
C ARG H 249 34.22 -29.97 3.59
N VAL H 250 33.93 -31.08 2.92
CA VAL H 250 34.58 -32.36 3.18
C VAL H 250 35.25 -32.82 1.90
N THR H 251 36.53 -33.15 1.98
CA THR H 251 37.28 -33.52 0.79
C THR H 251 36.88 -34.91 0.32
N ALA H 252 36.64 -35.05 -0.98
CA ALA H 252 36.32 -36.35 -1.55
C ALA H 252 37.54 -37.09 -2.07
N GLU H 253 38.71 -36.44 -2.05
CA GLU H 253 39.97 -37.05 -2.44
C GLU H 253 41.08 -36.30 -1.75
N ALA H 254 42.17 -37.01 -1.45
CA ALA H 254 43.27 -36.41 -0.71
C ALA H 254 43.97 -35.35 -1.55
N VAL H 255 44.13 -34.16 -0.99
CA VAL H 255 44.77 -33.06 -1.68
C VAL H 255 46.27 -33.12 -1.41
N LEU H 256 47.06 -32.59 -2.35
CA LEU H 256 48.51 -32.63 -2.25
C LEU H 256 49.08 -31.28 -2.63
N ASP H 257 50.13 -30.88 -1.92
CA ASP H 257 50.83 -29.65 -2.24
C ASP H 257 51.48 -29.79 -3.62
N PRO H 258 51.37 -28.78 -4.48
CA PRO H 258 51.93 -28.90 -5.83
C PRO H 258 53.42 -28.65 -5.94
N SER H 259 54.14 -28.59 -4.81
CA SER H 259 55.58 -28.44 -4.82
C SER H 259 56.31 -29.73 -4.51
N THR H 260 55.74 -30.59 -3.66
CA THR H 260 56.36 -31.85 -3.29
C THR H 260 55.23 -32.85 -3.00
N ASP H 261 55.56 -33.93 -2.29
CA ASP H 261 54.60 -34.99 -1.99
C ASP H 261 54.03 -34.88 -0.58
N GLU H 262 53.91 -33.67 -0.05
CA GLU H 262 53.35 -33.47 1.27
C GLU H 262 51.83 -33.42 1.18
N VAL H 263 51.17 -34.28 1.94
CA VAL H 263 49.71 -34.32 1.92
C VAL H 263 49.19 -33.24 2.87
N LEU H 264 48.08 -32.61 2.48
CA LEU H 264 47.47 -31.57 3.30
C LEU H 264 46.12 -31.98 3.85
N ALA H 265 45.48 -33.00 3.28
CA ALA H 265 44.21 -33.51 3.75
C ALA H 265 43.99 -34.87 3.13
N GLU H 266 43.36 -35.77 3.88
CA GLU H 266 43.05 -37.10 3.37
C GLU H 266 41.63 -37.09 2.81
N ALA H 267 41.12 -38.26 2.45
CA ALA H 267 39.78 -38.36 1.92
C ALA H 267 38.77 -38.34 3.07
N GLY H 268 37.72 -37.55 2.93
CA GLY H 268 36.72 -37.42 3.97
C GLY H 268 37.24 -36.72 5.20
N GLN H 269 37.56 -35.43 5.05
CA GLN H 269 38.07 -34.63 6.15
C GLN H 269 37.50 -33.22 6.03
N ASP H 270 36.84 -32.75 7.08
CA ASP H 270 36.30 -31.41 7.06
C ASP H 270 37.42 -30.39 7.14
N ILE H 271 37.21 -29.24 6.51
CA ILE H 271 38.22 -28.20 6.38
C ILE H 271 37.84 -27.05 7.30
N ASN H 272 38.76 -26.67 8.17
CA ASN H 272 38.59 -25.52 9.04
C ASN H 272 39.28 -24.32 8.41
N GLU H 273 39.31 -23.21 9.15
CA GLU H 273 39.90 -21.98 8.63
C GLU H 273 41.39 -22.16 8.39
N ASP H 274 42.08 -22.85 9.30
CA ASP H 274 43.51 -23.05 9.14
C ASP H 274 43.84 -23.85 7.88
N LEU H 275 43.10 -24.93 7.64
CA LEU H 275 43.38 -25.73 6.44
C LEU H 275 43.00 -24.98 5.17
N ALA H 276 41.92 -24.20 5.21
CA ALA H 276 41.56 -23.39 4.05
C ALA H 276 42.64 -22.37 3.74
N ASN H 277 43.17 -21.71 4.77
CA ASN H 277 44.25 -20.76 4.56
C ASN H 277 45.50 -21.45 4.03
N ARG H 278 45.81 -22.64 4.54
CA ARG H 278 46.98 -23.36 4.04
C ARG H 278 46.82 -23.73 2.57
N ILE H 279 45.63 -24.17 2.18
CA ILE H 279 45.38 -24.51 0.77
C ILE H 279 45.51 -23.27 -0.09
N GLU H 280 44.94 -22.14 0.36
CA GLU H 280 45.05 -20.91 -0.41
C GLU H 280 46.51 -20.50 -0.53
N LYS H 281 47.26 -20.61 0.57
CA LYS H 281 48.65 -20.17 0.59
C LYS H 281 49.49 -21.00 -0.37
N ALA H 282 49.20 -22.29 -0.48
CA ALA H 282 50.01 -23.17 -1.30
C ALA H 282 49.58 -23.14 -2.76
N GLY H 283 48.48 -22.46 -3.08
CA GLY H 283 48.02 -22.29 -4.44
C GLY H 283 47.58 -23.57 -5.13
N ILE H 284 46.68 -24.32 -4.49
CA ILE H 284 46.15 -25.52 -5.14
C ILE H 284 45.27 -25.12 -6.31
N LYS H 285 44.45 -24.09 -6.12
CA LYS H 285 43.50 -23.51 -7.08
C LYS H 285 42.28 -24.38 -7.37
N LYS H 286 42.30 -25.66 -7.01
CA LYS H 286 41.14 -26.51 -7.20
C LYS H 286 41.14 -27.58 -6.11
N VAL H 287 39.99 -27.79 -5.46
CA VAL H 287 39.86 -28.87 -4.48
C VAL H 287 38.55 -29.61 -4.74
N LYS H 288 38.63 -30.93 -4.78
CA LYS H 288 37.43 -31.75 -4.98
C LYS H 288 36.81 -32.05 -3.63
N VAL H 289 35.55 -31.69 -3.46
CA VAL H 289 34.88 -31.83 -2.18
C VAL H 289 33.54 -32.51 -2.39
N ARG H 290 33.03 -33.09 -1.30
CA ARG H 290 31.68 -33.62 -1.30
C ARG H 290 30.67 -32.49 -1.28
N SER H 291 29.43 -32.81 -1.60
CA SER H 291 28.43 -31.77 -1.75
C SER H 291 27.02 -32.35 -1.79
N PRO H 292 26.00 -31.58 -1.43
CA PRO H 292 24.63 -32.03 -1.67
C PRO H 292 24.29 -32.15 -3.15
N LEU H 293 25.08 -31.55 -4.03
CA LEU H 293 24.80 -31.67 -5.46
C LEU H 293 25.07 -33.08 -5.95
N THR H 294 26.04 -33.78 -5.37
CA THR H 294 26.54 -35.04 -5.90
C THR H 294 26.41 -36.20 -4.94
N CYS H 295 25.68 -36.04 -3.83
CA CYS H 295 25.53 -37.12 -2.87
C CYS H 295 24.32 -37.96 -3.24
N GLU H 296 24.49 -39.28 -3.21
CA GLU H 296 23.42 -40.20 -3.58
C GLU H 296 22.91 -40.82 -2.28
N ALA H 297 21.96 -40.14 -1.64
CA ALA H 297 21.31 -40.62 -0.44
C ALA H 297 19.82 -40.78 -0.71
N ALA H 298 19.07 -41.08 0.33
CA ALA H 298 17.62 -41.28 0.23
C ALA H 298 16.94 -39.93 0.38
N ARG H 299 16.58 -39.33 -0.75
CA ARG H 299 15.80 -38.07 -0.84
C ARG H 299 16.30 -37.01 0.13
N SER H 300 17.60 -36.99 0.40
CA SER H 300 18.19 -35.97 1.25
C SER H 300 19.69 -35.97 1.03
N VAL H 301 20.41 -35.27 1.89
CA VAL H 301 21.86 -35.29 1.91
C VAL H 301 22.28 -36.06 3.16
N CYS H 302 23.55 -36.43 3.21
CA CYS H 302 24.11 -37.09 4.38
C CYS H 302 25.06 -36.14 5.09
N GLN H 303 25.52 -36.58 6.26
CA GLN H 303 26.33 -35.72 7.10
C GLN H 303 27.70 -35.44 6.48
N LYS H 304 28.26 -36.43 5.77
CA LYS H 304 29.58 -36.24 5.16
C LYS H 304 29.53 -35.37 3.92
N CYS H 305 28.46 -35.46 3.13
CA CYS H 305 28.37 -34.63 1.93
C CYS H 305 28.04 -33.19 2.27
N TYR H 306 27.28 -32.96 3.34
CA TYR H 306 26.99 -31.59 3.75
C TYR H 306 28.23 -30.94 4.33
N GLY H 307 28.74 -31.47 5.43
CA GLY H 307 29.93 -30.93 6.04
C GLY H 307 29.65 -30.22 7.34
N TRP H 308 30.15 -29.00 7.46
CA TRP H 308 29.96 -28.23 8.68
C TRP H 308 28.61 -27.56 8.71
N SER H 309 28.13 -27.31 9.92
CA SER H 309 27.04 -26.38 10.16
C SER H 309 27.69 -25.05 10.55
N LEU H 310 27.43 -24.01 9.78
CA LEU H 310 28.23 -22.80 9.87
C LEU H 310 27.96 -22.01 11.13
N ALA H 311 26.82 -22.23 11.77
CA ALA H 311 26.53 -21.52 13.01
C ALA H 311 27.34 -22.06 14.18
N HIS H 312 27.88 -23.27 14.06
CA HIS H 312 28.57 -23.91 15.15
C HIS H 312 30.03 -24.25 14.84
N ALA H 313 30.44 -24.22 13.58
CA ALA H 313 31.79 -24.59 13.17
C ALA H 313 32.07 -26.05 13.54
N GLN H 314 31.15 -26.92 13.16
CA GLN H 314 31.24 -28.34 13.44
C GLN H 314 30.45 -29.07 12.37
N MET H 315 30.65 -30.39 12.30
CA MET H 315 29.84 -31.20 11.41
C MET H 315 28.38 -31.17 11.84
N VAL H 316 27.48 -31.24 10.85
CA VAL H 316 26.06 -31.12 11.14
C VAL H 316 25.63 -32.24 12.06
N ASP H 317 24.63 -31.95 12.89
CA ASP H 317 24.07 -32.96 13.77
C ASP H 317 23.08 -33.82 12.99
N MET H 318 22.60 -34.85 13.65
CA MET H 318 21.61 -35.72 13.05
C MET H 318 20.23 -35.08 13.15
N GLY H 319 19.45 -35.21 12.09
CA GLY H 319 18.12 -34.63 12.09
C GLY H 319 18.11 -33.11 12.12
N GLU H 320 18.96 -32.47 11.31
CA GLU H 320 18.99 -31.03 11.20
C GLU H 320 18.33 -30.63 9.89
N ALA H 321 17.42 -29.67 9.96
CA ALA H 321 16.70 -29.25 8.77
C ALA H 321 17.57 -28.26 8.03
N VAL H 322 18.40 -28.77 7.11
CA VAL H 322 19.32 -27.93 6.39
C VAL H 322 18.64 -27.24 5.22
N GLY H 323 17.52 -27.79 4.74
CA GLY H 323 16.77 -27.12 3.69
C GLY H 323 16.16 -25.82 4.15
N ILE H 324 15.57 -25.82 5.35
CA ILE H 324 15.02 -24.59 5.91
C ILE H 324 16.12 -23.56 6.12
N ILE H 325 17.27 -24.00 6.63
CA ILE H 325 18.39 -23.09 6.84
C ILE H 325 18.87 -22.52 5.51
N ALA H 326 18.95 -23.36 4.48
CA ALA H 326 19.37 -22.88 3.17
C ALA H 326 18.38 -21.86 2.62
N ALA H 327 17.09 -22.15 2.73
CA ALA H 327 16.07 -21.22 2.24
C ALA H 327 16.14 -19.90 2.98
N GLN H 328 16.28 -19.94 4.31
CA GLN H 328 16.38 -18.71 5.08
C GLN H 328 17.64 -17.93 4.74
N SER H 329 18.76 -18.64 4.54
CA SER H 329 20.02 -17.97 4.21
C SER H 329 19.94 -17.29 2.85
N ILE H 330 19.30 -17.93 1.88
CA ILE H 330 19.14 -17.30 0.57
C ILE H 330 18.15 -16.15 0.63
N GLY H 331 17.09 -16.30 1.43
CA GLY H 331 16.04 -15.29 1.42
C GLY H 331 16.28 -14.10 2.31
N GLU H 332 17.15 -14.21 3.31
CA GLU H 332 17.36 -13.08 4.22
C GLU H 332 17.93 -11.87 3.51
N PRO H 333 18.98 -11.97 2.68
CA PRO H 333 19.51 -10.75 2.05
C PRO H 333 18.71 -10.35 0.82
N GLY H 334 17.52 -10.90 0.68
CA GLY H 334 16.71 -10.59 -0.49
C GLY H 334 16.29 -9.14 -0.50
N THR H 335 16.02 -8.58 0.67
CA THR H 335 15.59 -7.19 0.80
C THR H 335 16.76 -6.22 0.73
N GLN H 336 18.00 -6.71 0.73
CA GLN H 336 19.17 -5.89 0.58
C GLN H 336 19.57 -5.71 -0.88
N LEU H 337 18.85 -6.35 -1.80
CA LEU H 337 19.13 -6.20 -3.22
C LEU H 337 18.57 -4.90 -3.78
N VAL H 347 25.77 8.47 -14.94
CA VAL H 347 27.07 7.85 -14.72
C VAL H 347 27.40 6.93 -15.90
N PHE H 348 28.64 7.01 -16.36
CA PHE H 348 29.08 6.25 -17.53
C PHE H 348 30.56 5.90 -17.32
N THR H 349 31.26 5.60 -18.42
CA THR H 349 32.64 5.12 -18.34
C THR H 349 33.50 6.07 -17.53
N GLY H 350 33.93 5.63 -16.34
CA GLY H 350 34.79 6.41 -15.48
C GLY H 350 36.16 5.81 -15.34
N GLU H 351 36.38 5.10 -14.24
CA GLU H 351 37.62 4.38 -14.00
C GLU H 351 37.55 2.94 -14.52
N THR H 352 36.47 2.55 -15.18
CA THR H 352 36.44 1.25 -15.85
C THR H 352 37.36 1.22 -17.06
N ALA H 353 37.72 2.38 -17.59
CA ALA H 353 38.82 2.52 -18.52
C ALA H 353 40.03 3.06 -17.76
N ARG H 354 41.09 3.42 -18.49
CA ARG H 354 42.25 4.03 -17.85
C ARG H 354 42.87 4.99 -18.85
N LEU H 355 42.81 6.29 -18.56
CA LEU H 355 43.55 7.25 -19.36
C LEU H 355 45.05 7.16 -19.04
N LEU H 356 45.87 7.23 -20.08
CA LEU H 356 47.32 7.22 -19.96
C LEU H 356 47.82 8.61 -20.30
N ARG H 357 48.38 9.30 -19.31
CA ARG H 357 48.92 10.64 -19.45
C ARG H 357 50.42 10.58 -19.18
N ALA H 358 51.21 11.13 -20.09
CA ALA H 358 52.65 11.12 -19.92
C ALA H 358 53.09 12.38 -19.18
N PRO H 359 53.74 12.26 -18.01
CA PRO H 359 54.23 13.44 -17.27
C PRO H 359 55.61 13.88 -17.74
N VAL H 360 55.80 13.94 -19.06
CA VAL H 360 57.07 14.32 -19.65
C VAL H 360 56.79 15.11 -20.93
N ALA H 361 57.79 15.86 -21.39
CA ALA H 361 57.69 16.64 -22.61
C ALA H 361 58.72 16.12 -23.59
N GLY H 362 58.25 15.47 -24.65
CA GLY H 362 59.15 14.91 -25.65
C GLY H 362 58.43 14.61 -26.94
N THR H 363 59.24 14.39 -27.98
CA THR H 363 58.70 14.12 -29.30
C THR H 363 58.09 12.73 -29.37
N ILE H 364 57.33 12.49 -30.44
CA ILE H 364 56.59 11.25 -30.62
C ILE H 364 57.38 10.32 -31.52
N LYS H 365 57.55 9.07 -31.09
CA LYS H 365 58.29 8.08 -31.86
C LYS H 365 57.41 6.88 -32.21
N LEU H 366 56.11 7.11 -32.40
CA LEU H 366 55.21 6.01 -32.72
C LEU H 366 55.53 5.40 -34.07
N GLY H 367 55.80 6.24 -35.07
CA GLY H 367 56.09 5.72 -36.41
C GLY H 367 54.91 4.97 -36.98
N LYS H 368 55.19 3.79 -37.54
CA LYS H 368 54.18 2.94 -38.16
C LYS H 368 54.37 1.50 -37.71
N LYS H 369 54.58 1.29 -36.41
CA LYS H 369 54.81 -0.06 -35.89
C LYS H 369 53.49 -0.75 -35.54
N ALA H 370 52.73 -0.16 -34.62
CA ALA H 370 51.44 -0.72 -34.26
C ALA H 370 50.40 -0.45 -35.36
N ARG H 371 49.35 -1.25 -35.36
CA ARG H 371 48.28 -1.11 -36.35
C ARG H 371 47.33 0.00 -35.88
N THR H 372 47.51 1.19 -36.42
CA THR H 372 46.72 2.37 -36.06
C THR H 372 45.67 2.58 -37.14
N ARG H 373 44.42 2.24 -36.84
CA ARG H 373 43.38 2.56 -37.81
C ARG H 373 42.62 3.80 -37.37
N PRO H 374 42.37 4.78 -38.25
CA PRO H 374 41.64 5.97 -37.83
C PRO H 374 40.27 5.60 -37.27
N TYR H 375 39.85 6.34 -36.24
CA TYR H 375 38.65 5.99 -35.49
C TYR H 375 38.06 7.25 -34.89
N ARG H 376 36.74 7.24 -34.72
CA ARG H 376 36.01 8.32 -34.06
C ARG H 376 35.49 7.80 -32.73
N THR H 377 36.00 8.36 -31.63
CA THR H 377 35.75 7.80 -30.32
C THR H 377 34.32 8.13 -29.88
N ARG H 378 33.99 7.74 -28.66
CA ARG H 378 32.64 7.96 -28.14
C ARG H 378 32.33 9.44 -28.00
N HIS H 379 33.35 10.28 -27.85
CA HIS H 379 33.20 11.72 -27.90
C HIS H 379 33.36 12.18 -29.35
N GLY H 380 33.51 13.47 -29.55
CA GLY H 380 33.64 13.98 -30.90
C GLY H 380 35.03 13.92 -31.48
N GLU H 381 36.02 13.50 -30.71
CA GLU H 381 37.40 13.51 -31.17
C GLU H 381 37.68 12.34 -32.10
N GLU H 382 38.75 12.48 -32.89
CA GLU H 382 39.25 11.41 -33.74
C GLU H 382 40.61 10.98 -33.25
N ALA H 383 40.81 9.67 -33.18
CA ALA H 383 42.03 9.08 -32.65
C ALA H 383 42.36 7.86 -33.49
N LEU H 384 43.26 7.00 -32.99
CA LEU H 384 43.65 5.80 -33.69
C LEU H 384 43.31 4.59 -32.83
N LEU H 385 42.52 3.67 -33.38
CA LEU H 385 42.15 2.44 -32.71
C LEU H 385 43.18 1.37 -33.02
N ALA H 386 43.61 0.66 -31.98
CA ALA H 386 44.65 -0.35 -32.09
C ALA H 386 44.13 -1.67 -31.52
N GLU H 387 44.40 -2.76 -32.25
CA GLU H 387 44.09 -4.11 -31.80
C GLU H 387 45.32 -4.96 -31.56
N ALA H 388 46.47 -4.60 -32.13
CA ALA H 388 47.70 -5.34 -31.93
C ALA H 388 48.40 -4.84 -30.68
N ASN H 389 48.52 -5.71 -29.68
CA ASN H 389 49.19 -5.35 -28.43
C ASN H 389 50.64 -4.99 -28.72
N PHE H 390 50.99 -3.72 -28.55
CA PHE H 390 52.33 -3.25 -28.88
C PHE H 390 52.80 -2.27 -27.81
N ASP H 391 54.09 -2.33 -27.49
CA ASP H 391 54.67 -1.47 -26.47
C ASP H 391 54.96 -0.10 -27.05
N LEU H 392 54.36 0.94 -26.47
CA LEU H 392 54.53 2.28 -26.99
C LEU H 392 55.99 2.72 -26.91
N VAL H 393 56.47 3.31 -27.99
CA VAL H 393 57.82 3.86 -28.05
C VAL H 393 57.70 5.35 -28.34
N LEU H 394 58.15 6.17 -27.40
CA LEU H 394 58.08 7.61 -27.55
C LEU H 394 59.31 8.23 -26.91
N GLU H 395 59.87 9.26 -27.55
CA GLU H 395 61.02 9.97 -27.01
C GLU H 395 60.55 10.83 -25.82
N GLY H 396 60.48 10.19 -24.65
CA GLY H 396 60.04 10.87 -23.46
C GLY H 396 61.12 11.70 -22.80
N LYS H 397 61.67 12.68 -23.54
CA LYS H 397 62.74 13.55 -23.06
C LYS H 397 63.93 12.67 -22.66
N GLY H 398 64.40 12.72 -21.41
CA GLY H 398 65.54 11.96 -20.93
C GLY H 398 65.62 10.53 -21.41
N ARG H 399 64.55 9.76 -21.22
CA ARG H 399 64.53 8.35 -21.57
C ARG H 399 63.24 8.03 -22.32
N LYS H 400 63.24 6.87 -22.96
CA LYS H 400 62.16 6.47 -23.86
C LYS H 400 60.94 6.03 -23.05
N GLU H 401 59.92 5.54 -23.76
CA GLU H 401 58.65 5.16 -23.17
C GLU H 401 58.49 3.65 -23.19
N THR H 402 57.95 3.10 -22.11
CA THR H 402 57.72 1.66 -22.00
C THR H 402 56.23 1.36 -21.83
N PHE H 403 55.38 2.24 -22.34
CA PHE H 403 53.94 2.08 -22.15
C PHE H 403 53.41 0.93 -22.98
N ALA H 404 52.46 0.18 -22.43
CA ALA H 404 51.90 -0.99 -23.08
C ALA H 404 50.43 -0.75 -23.39
N ILE H 405 50.06 -0.92 -24.66
CA ILE H 405 48.68 -0.80 -25.09
C ILE H 405 48.01 -2.16 -24.94
N LEU H 406 46.68 -2.18 -25.04
CA LEU H 406 45.90 -3.41 -25.00
C LEU H 406 45.12 -3.53 -26.31
N GLN H 407 44.59 -4.73 -26.55
CA GLN H 407 43.76 -4.93 -27.73
C GLN H 407 42.51 -4.06 -27.65
N GLY H 408 42.21 -3.36 -28.74
CA GLY H 408 41.05 -2.49 -28.77
C GLY H 408 41.26 -1.13 -28.15
N SER H 409 42.51 -0.73 -27.90
CA SER H 409 42.78 0.54 -27.24
C SER H 409 42.61 1.70 -28.22
N THR H 410 42.56 2.91 -27.67
CA THR H 410 42.38 4.13 -28.45
C THR H 410 43.47 5.12 -28.07
N ILE H 411 44.38 5.41 -29.00
CA ILE H 411 45.48 6.32 -28.77
C ILE H 411 45.15 7.66 -29.41
N PHE H 412 45.37 8.74 -28.68
CA PHE H 412 45.07 10.08 -29.17
C PHE H 412 46.27 10.74 -29.83
N VAL H 413 47.48 10.43 -29.37
CA VAL H 413 48.69 11.10 -29.83
C VAL H 413 49.26 10.32 -31.00
N GLN H 414 49.49 11.02 -32.11
CA GLN H 414 50.14 10.47 -33.29
C GLN H 414 51.54 11.06 -33.43
N ASP H 415 52.27 10.57 -34.43
CA ASP H 415 53.65 10.99 -34.63
C ASP H 415 53.74 12.46 -35.04
N GLY H 416 54.91 13.04 -34.81
CA GLY H 416 55.13 14.43 -35.15
C GLY H 416 54.33 15.39 -34.30
N ASP H 417 54.25 15.14 -32.99
CA ASP H 417 53.53 16.02 -32.07
C ASP H 417 54.42 16.36 -30.89
N LYS H 418 54.02 17.39 -30.16
CA LYS H 418 54.74 17.84 -28.97
C LYS H 418 53.86 17.61 -27.75
N VAL H 419 54.24 16.64 -26.93
CA VAL H 419 53.54 16.31 -25.70
C VAL H 419 54.07 17.20 -24.58
N ALA H 420 53.17 17.66 -23.71
CA ALA H 420 53.55 18.52 -22.61
C ALA H 420 53.32 17.77 -21.29
N ALA H 421 53.48 18.49 -20.17
CA ALA H 421 53.36 17.88 -18.86
C ALA H 421 51.93 17.45 -18.61
N GLU H 422 51.75 16.16 -18.28
CA GLU H 422 50.44 15.59 -17.97
C GLU H 422 49.45 15.81 -19.11
N ALA H 423 49.93 15.70 -20.34
CA ALA H 423 49.06 15.78 -21.50
C ALA H 423 48.46 14.41 -21.80
N ILE H 424 47.23 14.42 -22.30
CA ILE H 424 46.54 13.17 -22.59
C ILE H 424 47.23 12.45 -23.73
N LEU H 425 47.58 11.19 -23.50
CA LEU H 425 48.33 10.41 -24.49
C LEU H 425 47.53 9.26 -25.06
N ALA H 426 46.84 8.48 -24.24
CA ALA H 426 46.11 7.33 -24.75
C ALA H 426 44.99 6.95 -23.78
N GLU H 427 44.22 5.94 -24.17
CA GLU H 427 43.18 5.38 -23.31
C GLU H 427 43.18 3.87 -23.49
N VAL H 428 43.17 3.12 -22.39
CA VAL H 428 43.24 1.67 -22.41
C VAL H 428 42.00 1.12 -21.72
N PRO H 429 41.25 0.23 -22.35
CA PRO H 429 40.11 -0.42 -21.68
C PRO H 429 40.58 -1.52 -20.73
N VAL H 430 40.06 -1.50 -19.51
CA VAL H 430 40.38 -2.52 -18.53
C VAL H 430 39.38 -3.67 -18.67
N SER H 431 39.84 -4.88 -18.37
CA SER H 431 38.98 -6.06 -18.46
C SER H 431 38.27 -6.34 -17.15
N LYS H 440 22.99 -1.03 -30.25
CA LYS H 440 22.65 0.17 -31.00
C LYS H 440 21.52 0.93 -30.34
N ALA H 441 21.69 2.24 -30.18
CA ALA H 441 20.68 3.10 -29.60
C ALA H 441 20.33 4.23 -30.57
N THR H 442 19.30 5.00 -30.20
CA THR H 442 18.81 6.09 -31.01
C THR H 442 18.61 7.32 -30.15
N LYS H 443 18.65 8.49 -30.80
CA LYS H 443 18.43 9.76 -30.12
C LYS H 443 17.89 10.78 -31.11
N ASP H 444 16.83 11.49 -30.73
CA ASP H 444 16.25 12.52 -31.59
C ASP H 444 16.92 13.86 -31.33
N VAL H 445 17.35 14.52 -32.41
CA VAL H 445 17.91 15.86 -32.39
C VAL H 445 16.85 16.80 -32.97
N ALA H 446 16.50 17.82 -32.19
CA ALA H 446 15.46 18.77 -32.53
C ALA H 446 16.04 20.19 -32.51
N THR H 447 15.59 21.00 -33.46
CA THR H 447 16.13 22.34 -33.62
C THR H 447 15.64 23.26 -32.52
N ASP H 448 16.39 24.35 -32.30
CA ASP H 448 15.98 25.42 -31.42
C ASP H 448 15.84 26.75 -32.15
N LEU H 449 16.14 26.79 -33.44
CA LEU H 449 15.96 27.96 -34.28
C LEU H 449 14.89 27.66 -35.33
N ALA H 450 13.95 28.59 -35.49
CA ALA H 450 12.90 28.46 -36.50
C ALA H 450 13.40 29.05 -37.81
N GLY H 451 13.31 28.27 -38.88
CA GLY H 451 13.79 28.76 -40.17
C GLY H 451 13.83 27.65 -41.20
N GLU H 452 14.58 27.91 -42.27
CA GLU H 452 14.64 27.01 -43.41
C GLU H 452 15.80 26.04 -43.29
N ILE H 453 15.51 24.76 -43.51
CA ILE H 453 16.54 23.73 -43.51
C ILE H 453 17.33 23.74 -44.81
N ARG H 454 18.63 23.50 -44.72
CA ARG H 454 19.52 23.48 -45.88
C ARG H 454 20.54 22.37 -45.72
N PHE H 455 20.51 21.39 -46.61
CA PHE H 455 21.49 20.31 -46.52
C PHE H 455 22.89 20.84 -46.86
N GLN H 456 23.91 20.14 -46.38
CA GLN H 456 25.29 20.37 -46.81
C GLN H 456 25.99 19.03 -46.82
N ASP H 457 26.25 18.51 -48.02
CA ASP H 457 26.90 17.23 -48.29
C ASP H 457 26.05 16.04 -47.86
N ILE H 458 24.86 16.25 -47.33
CA ILE H 458 24.01 15.15 -46.88
C ILE H 458 23.39 14.50 -48.11
N VAL H 459 23.52 13.18 -48.21
CA VAL H 459 22.96 12.46 -49.35
C VAL H 459 21.90 11.51 -48.81
N PRO H 460 20.63 11.93 -48.78
CA PRO H 460 19.57 11.03 -48.33
C PRO H 460 19.31 9.92 -49.34
N GLU H 461 19.00 8.74 -48.82
CA GLU H 461 18.60 7.60 -49.63
C GLU H 461 17.22 7.14 -49.15
N GLU H 462 16.29 6.99 -50.08
CA GLU H 462 14.93 6.61 -49.74
C GLU H 462 14.83 5.09 -49.62
N LYS H 463 14.48 4.61 -48.42
CA LYS H 463 14.18 3.20 -48.21
C LYS H 463 12.69 3.07 -47.93
N THR H 464 12.00 2.37 -48.82
CA THR H 464 10.54 2.27 -48.79
C THR H 464 10.13 1.06 -47.97
N ASP H 465 9.43 1.30 -46.87
CA ASP H 465 8.88 0.21 -46.08
C ASP H 465 7.76 -0.48 -46.86
N ARG H 466 7.47 -1.72 -46.46
CA ARG H 466 6.48 -2.52 -47.19
C ARG H 466 5.11 -1.87 -47.21
N GLN H 467 4.81 -0.98 -46.27
CA GLN H 467 3.58 -0.20 -46.29
C GLN H 467 3.70 1.09 -47.09
N GLY H 468 4.87 1.38 -47.67
CA GLY H 468 5.07 2.63 -48.36
C GLY H 468 5.69 3.73 -47.55
N ASN H 469 6.18 3.44 -46.34
CA ASN H 469 6.79 4.46 -45.47
C ASN H 469 8.19 4.76 -46.00
N THR H 470 8.32 5.89 -46.69
CA THR H 470 9.59 6.33 -47.25
C THR H 470 10.43 6.97 -46.14
N THR H 471 11.39 6.21 -45.62
CA THR H 471 12.29 6.68 -44.58
C THR H 471 13.57 7.18 -45.23
N ARG H 472 13.94 8.43 -44.94
CA ARG H 472 15.13 9.04 -45.51
C ARG H 472 16.33 8.78 -44.61
N ILE H 473 17.28 7.98 -45.10
CA ILE H 473 18.50 7.64 -44.38
C ILE H 473 19.67 8.26 -45.14
N ALA H 474 20.54 8.96 -44.41
CA ALA H 474 21.65 9.67 -45.03
C ALA H 474 22.78 8.69 -45.32
N GLN H 475 23.17 8.58 -46.59
CA GLN H 475 24.32 7.77 -46.93
C GLN H 475 25.63 8.49 -46.61
N ARG H 476 25.67 9.80 -46.80
CA ARG H 476 26.87 10.60 -46.54
C ARG H 476 26.60 11.48 -45.33
N GLY H 477 27.40 11.30 -44.28
CA GLY H 477 27.24 12.10 -43.08
C GLY H 477 27.72 13.52 -43.30
N GLY H 478 26.82 14.49 -43.17
CA GLY H 478 27.14 15.88 -43.44
C GLY H 478 26.54 16.82 -42.43
N LEU H 479 26.10 18.00 -42.88
CA LEU H 479 25.51 18.99 -42.01
C LEU H 479 24.08 19.29 -42.46
N LEU H 480 23.22 19.56 -41.49
CA LEU H 480 21.88 20.08 -41.73
C LEU H 480 21.85 21.49 -41.14
N TRP H 481 22.00 22.50 -41.99
CA TRP H 481 21.96 23.86 -41.49
C TRP H 481 20.51 24.29 -41.31
N VAL H 482 20.30 25.21 -40.36
CA VAL H 482 19.05 25.92 -40.23
C VAL H 482 19.36 27.39 -40.44
N LEU H 483 18.75 27.99 -41.46
CA LEU H 483 18.86 29.42 -41.71
C LEU H 483 17.70 30.11 -41.00
N ALA H 484 18.04 30.99 -40.06
CA ALA H 484 17.05 31.53 -39.14
C ALA H 484 16.02 32.39 -39.86
N GLY H 485 14.85 32.49 -39.27
CA GLY H 485 13.78 33.27 -39.84
C GLY H 485 12.55 33.22 -38.95
N ASP H 486 11.43 33.64 -39.52
CA ASP H 486 10.12 33.56 -38.87
C ASP H 486 9.25 32.63 -39.70
N VAL H 487 8.87 31.49 -39.13
CA VAL H 487 8.11 30.49 -39.87
C VAL H 487 6.63 30.68 -39.54
N TYR H 488 5.82 30.88 -40.57
CA TYR H 488 4.39 31.05 -40.46
C TYR H 488 3.68 29.78 -40.91
N ASN H 489 2.67 29.37 -40.15
CA ASN H 489 1.86 28.20 -40.46
C ASN H 489 0.58 28.63 -41.17
N LEU H 490 0.27 27.98 -42.28
CA LEU H 490 -0.89 28.32 -43.09
C LEU H 490 -2.01 27.31 -42.87
N LEU H 491 -3.24 27.81 -42.77
CA LEU H 491 -4.39 26.97 -42.57
C LEU H 491 -4.65 26.12 -43.81
N PRO H 492 -5.35 24.99 -43.65
CA PRO H 492 -5.74 24.19 -44.82
C PRO H 492 -6.55 25.01 -45.82
N GLY H 493 -6.18 24.88 -47.09
CA GLY H 493 -6.83 25.62 -48.15
C GLY H 493 -6.38 27.06 -48.30
N ALA H 494 -5.44 27.52 -47.48
CA ALA H 494 -4.93 28.88 -47.61
C ALA H 494 -3.98 28.98 -48.78
N GLU H 495 -4.10 30.07 -49.53
CA GLU H 495 -3.30 30.29 -50.73
C GLU H 495 -2.45 31.54 -50.55
N PRO H 496 -1.13 31.44 -50.60
CA PRO H 496 -0.29 32.63 -50.46
C PRO H 496 -0.56 33.63 -51.57
N THR H 497 -0.50 34.92 -51.22
CA THR H 497 -0.74 35.98 -52.18
C THR H 497 0.53 36.54 -52.79
N VAL H 498 1.69 36.10 -52.31
CA VAL H 498 2.98 36.64 -52.73
C VAL H 498 3.82 35.51 -53.30
N LYS H 499 4.92 35.88 -53.95
CA LYS H 499 5.88 34.92 -54.46
C LYS H 499 7.15 34.97 -53.62
N ASN H 500 8.03 34.01 -53.85
CA ASN H 500 9.32 34.02 -53.17
C ASN H 500 10.07 35.31 -53.48
N GLY H 501 10.57 35.97 -52.44
CA GLY H 501 11.37 37.16 -52.61
C GLY H 501 10.61 38.46 -52.47
N ASP H 502 9.28 38.41 -52.51
CA ASP H 502 8.46 39.61 -52.33
C ASP H 502 8.75 40.23 -50.97
N ARG H 503 9.23 41.48 -50.98
CA ARG H 503 9.49 42.21 -49.76
C ARG H 503 8.19 42.84 -49.28
N VAL H 504 7.67 42.35 -48.16
CA VAL H 504 6.38 42.78 -47.64
C VAL H 504 6.61 43.62 -46.40
N GLU H 505 5.58 44.37 -46.03
CA GLU H 505 5.58 45.17 -44.81
C GLU H 505 4.65 44.55 -43.77
N VAL H 506 4.69 45.10 -42.56
CA VAL H 506 3.89 44.59 -41.46
C VAL H 506 2.41 44.83 -41.76
N GLY H 507 1.60 43.80 -41.54
CA GLY H 507 0.17 43.91 -41.76
C GLY H 507 -0.28 43.56 -43.17
N ASP H 508 0.65 43.42 -44.11
CA ASP H 508 0.27 43.10 -45.47
C ASP H 508 -0.20 41.65 -45.59
N VAL H 509 -1.02 41.40 -46.60
CA VAL H 509 -1.62 40.08 -46.77
C VAL H 509 -0.57 39.12 -47.31
N LEU H 510 -0.42 37.97 -46.66
CA LEU H 510 0.44 36.92 -47.16
C LEU H 510 -0.34 35.78 -47.80
N ALA H 511 -1.35 35.26 -47.10
CA ALA H 511 -2.15 34.14 -47.57
C ALA H 511 -3.62 34.43 -47.34
N GLU H 512 -4.47 33.76 -48.11
CA GLU H 512 -5.90 33.99 -48.03
C GLU H 512 -6.65 32.67 -48.14
N THR H 513 -7.78 32.63 -47.44
CA THR H 513 -8.74 31.52 -47.54
C THR H 513 -10.05 32.09 -48.04
N LYS H 514 -10.57 31.53 -49.14
CA LYS H 514 -11.78 32.02 -49.77
C LYS H 514 -12.92 31.04 -49.51
N LEU H 515 -13.98 31.53 -48.89
CA LEU H 515 -15.20 30.77 -48.68
C LEU H 515 -16.22 31.22 -49.72
N THR H 516 -16.79 30.26 -50.44
CA THR H 516 -17.74 30.50 -51.51
C THR H 516 -19.05 29.76 -51.24
N THR H 517 -20.13 30.30 -51.79
CA THR H 517 -21.43 29.65 -51.69
C THR H 517 -21.51 28.48 -52.68
N GLU H 518 -21.88 27.31 -52.18
CA GLU H 518 -21.93 26.13 -53.04
C GLU H 518 -23.02 26.24 -54.10
N ARG H 519 -24.19 26.78 -53.74
CA ARG H 519 -25.33 26.78 -54.63
C ARG H 519 -25.96 28.15 -54.83
N GLY H 520 -25.57 29.17 -54.07
CA GLY H 520 -26.11 30.49 -54.26
C GLY H 520 -27.49 30.62 -53.64
N GLY H 521 -28.02 31.82 -53.70
CA GLY H 521 -29.30 32.11 -53.08
C GLY H 521 -29.31 33.52 -52.52
N THR H 522 -30.04 33.70 -51.43
CA THR H 522 -30.14 34.98 -50.76
C THR H 522 -29.29 34.96 -49.49
N VAL H 523 -28.58 36.07 -49.25
CA VAL H 523 -27.76 36.22 -48.06
C VAL H 523 -28.64 36.53 -46.86
N ARG H 524 -28.32 35.92 -45.73
CA ARG H 524 -28.94 36.24 -44.45
C ARG H 524 -27.84 36.44 -43.42
N MET H 525 -27.76 37.65 -42.88
CA MET H 525 -26.76 37.97 -41.87
C MET H 525 -27.37 37.80 -40.50
N GLY H 526 -26.65 37.11 -39.61
CA GLY H 526 -27.09 37.00 -38.24
C GLY H 526 -27.00 38.34 -37.52
N GLU H 527 -27.90 38.52 -36.56
CA GLU H 527 -27.94 39.77 -35.81
C GLU H 527 -26.67 39.92 -34.97
N ASP H 528 -26.31 41.17 -34.71
CA ASP H 528 -25.13 41.48 -33.91
C ASP H 528 -25.44 41.21 -32.43
N ASN H 529 -25.29 39.94 -32.05
CA ASN H 529 -25.54 39.51 -30.67
C ASN H 529 -24.29 39.82 -29.84
N GLY H 530 -24.02 41.12 -29.69
CA GLY H 530 -22.86 41.56 -28.95
C GLY H 530 -21.56 41.41 -29.70
N SER H 531 -21.61 41.02 -30.97
CA SER H 531 -20.43 40.87 -31.81
C SER H 531 -20.61 41.68 -33.09
N SER H 532 -19.61 42.48 -33.43
CA SER H 532 -19.65 43.24 -34.67
C SER H 532 -19.21 42.42 -35.87
N THR H 533 -18.82 41.17 -35.65
CA THR H 533 -18.41 40.26 -36.72
C THR H 533 -19.38 39.09 -36.74
N HIS H 534 -20.05 38.89 -37.87
CA HIS H 534 -20.98 37.78 -38.01
C HIS H 534 -20.20 36.48 -38.14
N ARG H 535 -20.37 35.59 -37.15
CA ARG H 535 -19.68 34.31 -37.15
C ARG H 535 -20.33 33.30 -38.09
N GLU H 536 -21.53 33.56 -38.58
CA GLU H 536 -22.19 32.67 -39.52
C GLU H 536 -23.09 33.50 -40.43
N VAL H 537 -23.10 33.13 -41.71
CA VAL H 537 -23.99 33.73 -42.70
C VAL H 537 -24.77 32.62 -43.38
N GLU H 538 -26.06 32.83 -43.56
CA GLU H 538 -26.96 31.79 -44.03
C GLU H 538 -27.35 32.05 -45.47
N ILE H 539 -27.67 30.97 -46.19
CA ILE H 539 -28.07 31.02 -47.58
C ILE H 539 -29.52 30.56 -47.66
N ILE H 540 -30.33 31.29 -48.41
CA ILE H 540 -31.76 31.07 -48.41
C ILE H 540 -32.24 30.82 -49.84
N VAL H 544 -36.08 30.11 -50.85
CA VAL H 544 -37.16 30.97 -51.29
C VAL H 544 -38.14 31.18 -50.14
N VAL H 545 -39.04 32.14 -50.27
CA VAL H 545 -39.94 32.52 -49.19
C VAL H 545 -41.38 32.51 -49.71
N LEU H 546 -42.31 32.11 -48.84
CA LEU H 546 -43.74 32.11 -49.13
C LEU H 546 -44.44 32.72 -47.92
N ASP H 547 -45.38 33.63 -48.17
CA ASP H 547 -45.96 34.40 -47.07
C ASP H 547 -47.46 34.60 -47.12
N THR H 548 -48.14 34.38 -48.27
CA THR H 548 -49.46 34.97 -48.49
C THR H 548 -50.55 34.21 -47.74
N ALA H 549 -50.36 34.09 -46.42
CA ALA H 549 -51.38 33.55 -45.54
C ALA H 549 -51.36 34.33 -44.24
N THR H 550 -52.03 33.79 -43.22
CA THR H 550 -51.92 34.29 -41.86
C THR H 550 -51.72 33.09 -40.94
N VAL H 551 -51.01 33.30 -39.83
CA VAL H 551 -50.74 32.25 -38.87
C VAL H 551 -50.90 32.80 -37.46
N LYS H 552 -51.58 32.04 -36.61
CA LYS H 552 -51.72 32.40 -35.20
C LYS H 552 -51.39 31.19 -34.33
N ALA H 553 -50.66 31.42 -33.24
CA ALA H 553 -50.29 30.37 -32.30
C ALA H 553 -51.29 30.38 -31.15
N GLU H 554 -52.12 29.33 -31.07
CA GLU H 554 -53.13 29.20 -30.04
C GLU H 554 -52.77 28.07 -29.09
N ALA H 555 -53.05 28.27 -27.81
CA ALA H 555 -52.75 27.28 -26.78
C ALA H 555 -54.02 26.52 -26.43
N SER H 556 -53.99 25.21 -26.63
CA SER H 556 -55.09 24.32 -26.29
C SER H 556 -54.55 23.19 -25.42
N GLN H 557 -55.09 23.05 -24.21
CA GLN H 557 -54.66 22.02 -23.26
C GLN H 557 -53.16 22.06 -23.03
N GLY H 558 -52.60 23.27 -22.96
CA GLY H 558 -51.18 23.44 -22.73
C GLY H 558 -50.30 23.19 -23.93
N ARG H 559 -50.89 22.89 -25.09
CA ARG H 559 -50.14 22.63 -26.31
C ARG H 559 -50.29 23.82 -27.25
N GLU H 560 -49.17 24.33 -27.73
CA GLU H 560 -49.16 25.46 -28.66
C GLU H 560 -49.30 24.90 -30.07
N HIS H 561 -50.49 25.04 -30.64
CA HIS H 561 -50.77 24.60 -31.99
C HIS H 561 -50.97 25.82 -32.87
N TYR H 562 -50.47 25.74 -34.10
CA TYR H 562 -50.49 26.87 -35.01
C TYR H 562 -51.63 26.70 -36.01
N VAL H 563 -52.47 27.73 -36.10
CA VAL H 563 -53.61 27.73 -37.01
C VAL H 563 -53.26 28.64 -38.17
N ILE H 564 -53.29 28.08 -39.37
CA ILE H 564 -52.99 28.80 -40.60
C ILE H 564 -54.33 29.20 -41.20
N GLU H 565 -54.65 30.49 -41.11
CA GLU H 565 -55.85 31.04 -41.73
C GLU H 565 -55.50 31.57 -43.12
N THR H 566 -56.09 30.96 -44.14
CA THR H 566 -55.88 31.40 -45.51
C THR H 566 -56.67 32.67 -45.78
N LYS H 567 -56.33 33.34 -46.89
CA LYS H 567 -57.05 34.54 -47.29
C LYS H 567 -58.48 34.23 -47.69
N GLY H 568 -58.79 32.98 -48.02
CA GLY H 568 -60.14 32.53 -48.26
C GLY H 568 -60.93 32.13 -47.04
N GLY H 569 -60.33 32.21 -45.86
CA GLY H 569 -61.01 31.88 -44.62
C GLY H 569 -60.83 30.44 -44.15
N GLN H 570 -60.15 29.60 -44.90
CA GLN H 570 -59.93 28.22 -44.47
C GLN H 570 -58.90 28.17 -43.35
N ARG H 571 -58.95 27.08 -42.58
CA ARG H 571 -58.09 26.92 -41.41
C ARG H 571 -57.32 25.61 -41.50
N PHE H 572 -56.03 25.68 -41.18
CA PHE H 572 -55.17 24.50 -41.16
C PHE H 572 -54.52 24.40 -39.79
N ASN H 573 -54.19 23.16 -39.38
CA ASN H 573 -53.43 22.91 -38.17
C ASN H 573 -52.01 22.52 -38.54
N LEU H 574 -51.03 23.11 -37.85
CA LEU H 574 -49.63 22.92 -38.18
C LEU H 574 -49.12 21.68 -37.45
N LEU H 575 -48.95 20.58 -38.20
CA LEU H 575 -48.50 19.33 -37.63
C LEU H 575 -47.00 19.32 -37.33
N ALA H 576 -46.25 20.25 -37.90
CA ALA H 576 -44.80 20.32 -37.73
C ALA H 576 -44.44 21.53 -36.87
N ALA H 577 -43.60 21.32 -35.87
CA ALA H 577 -43.26 22.36 -34.93
C ALA H 577 -42.14 23.23 -35.47
N PRO H 578 -42.04 24.47 -34.97
CA PRO H 578 -40.91 25.33 -35.37
C PRO H 578 -39.57 24.70 -35.00
N GLY H 579 -38.58 24.93 -35.86
CA GLY H 579 -37.27 24.36 -35.69
C GLY H 579 -37.08 22.97 -36.28
N THR H 580 -38.10 22.42 -36.93
CA THR H 580 -38.04 21.06 -37.45
C THR H 580 -37.69 21.10 -38.93
N LYS H 581 -36.79 20.21 -39.33
CA LYS H 581 -36.39 20.06 -40.73
C LYS H 581 -37.14 18.88 -41.36
N VAL H 582 -37.80 19.13 -42.48
CA VAL H 582 -38.57 18.11 -43.19
C VAL H 582 -38.13 18.11 -44.64
N THR H 583 -38.06 16.92 -45.23
CA THR H 583 -37.70 16.77 -46.63
C THR H 583 -38.94 16.91 -47.51
N THR H 584 -38.75 16.72 -48.81
CA THR H 584 -39.86 16.76 -49.75
C THR H 584 -40.81 15.60 -49.51
N GLY H 585 -42.11 15.89 -49.56
CA GLY H 585 -43.15 14.89 -49.45
C GLY H 585 -43.78 14.79 -48.09
N HIS H 586 -43.12 15.30 -47.05
CA HIS H 586 -43.64 15.20 -45.69
C HIS H 586 -44.78 16.17 -45.47
N VAL H 587 -45.80 15.72 -44.73
CA VAL H 587 -46.95 16.56 -44.44
C VAL H 587 -46.56 17.64 -43.45
N VAL H 588 -46.91 18.88 -43.76
CA VAL H 588 -46.61 20.01 -42.88
C VAL H 588 -47.84 20.46 -42.10
N ALA H 589 -49.00 20.53 -42.75
CA ALA H 589 -50.22 20.94 -42.09
C ALA H 589 -51.38 20.05 -42.54
N GLU H 590 -52.40 20.00 -41.70
CA GLU H 590 -53.60 19.21 -41.93
C GLU H 590 -54.83 20.10 -41.94
N LEU H 591 -55.68 19.94 -42.93
CA LEU H 591 -56.91 20.73 -42.98
C LEU H 591 -57.79 20.38 -41.79
N ILE H 592 -58.27 21.39 -41.08
CA ILE H 592 -59.17 21.18 -39.96
C ILE H 592 -60.58 20.97 -40.50
N ASP H 593 -60.94 19.71 -40.74
CA ASP H 593 -62.19 19.37 -41.39
C ASP H 593 -62.94 18.34 -40.57
N SER H 594 -64.26 18.44 -40.60
CA SER H 594 -65.14 17.48 -39.93
C SER H 594 -66.21 16.89 -40.83
N ARG H 595 -66.40 17.41 -42.05
CA ARG H 595 -67.45 16.91 -42.92
C ARG H 595 -67.23 15.45 -43.28
N TYR H 596 -65.98 15.07 -43.56
CA TYR H 596 -65.65 13.73 -44.01
C TYR H 596 -65.31 12.80 -42.84
N ARG H 597 -65.82 13.10 -41.64
CA ARG H 597 -65.62 12.27 -40.46
C ARG H 597 -66.91 11.50 -40.18
N THR H 598 -66.85 10.18 -40.29
CA THR H 598 -68.02 9.35 -40.06
C THR H 598 -68.30 9.22 -38.57
N GLN H 599 -69.51 8.74 -38.25
CA GLN H 599 -69.88 8.48 -36.87
C GLN H 599 -69.40 7.11 -36.42
N THR H 600 -69.51 6.10 -37.29
CA THR H 600 -69.10 4.74 -37.00
C THR H 600 -68.37 4.20 -38.23
N GLY H 601 -68.11 2.90 -38.23
CA GLY H 601 -67.52 2.24 -39.37
C GLY H 601 -68.55 1.99 -40.45
N GLY H 602 -68.11 1.27 -41.48
CA GLY H 602 -69.03 0.93 -42.55
C GLY H 602 -68.30 0.47 -43.80
N LEU H 603 -68.97 0.64 -44.93
CA LEU H 603 -68.45 0.29 -46.23
C LEU H 603 -68.33 1.52 -47.12
N LEU H 604 -67.31 1.52 -47.99
CA LEU H 604 -67.00 2.66 -48.84
C LEU H 604 -67.14 2.28 -50.31
N LYS H 605 -67.75 3.17 -51.09
CA LYS H 605 -67.91 2.99 -52.53
C LYS H 605 -67.46 4.26 -53.24
N TYR H 606 -66.86 4.08 -54.42
CA TYR H 606 -66.42 5.20 -55.23
C TYR H 606 -67.38 5.46 -56.38
N SER H 607 -67.47 6.72 -56.80
CA SER H 607 -68.27 7.12 -57.96
C SER H 607 -67.45 8.17 -58.71
N GLY H 608 -66.76 7.74 -59.76
CA GLY H 608 -65.93 8.64 -60.55
C GLY H 608 -64.67 9.12 -59.87
N VAL H 609 -64.50 8.87 -58.58
CA VAL H 609 -63.30 9.33 -57.88
C VAL H 609 -62.11 8.47 -58.29
N GLU H 610 -60.99 9.11 -58.56
CA GLU H 610 -59.79 8.42 -59.00
C GLU H 610 -58.60 8.84 -58.14
N ILE H 611 -57.65 7.93 -57.99
CA ILE H 611 -56.51 8.12 -57.11
C ILE H 611 -55.24 7.75 -57.85
N SER H 612 -54.11 8.17 -57.30
CA SER H 612 -52.81 7.78 -57.82
C SER H 612 -52.49 6.37 -57.37
N LYS H 613 -51.85 5.60 -58.26
CA LYS H 613 -51.59 4.19 -58.03
C LYS H 613 -50.15 3.93 -57.61
N LYS H 614 -49.42 4.96 -57.20
CA LYS H 614 -48.01 4.85 -56.86
C LYS H 614 -47.87 4.45 -55.40
N GLY H 615 -47.37 3.24 -55.17
CA GLY H 615 -46.90 2.84 -53.85
C GLY H 615 -47.96 2.25 -52.94
N ARG H 616 -47.75 1.00 -52.52
CA ARG H 616 -48.57 0.41 -51.47
C ARG H 616 -48.12 0.85 -50.08
N ALA H 617 -46.83 1.12 -49.88
CA ALA H 617 -46.33 1.48 -48.56
C ALA H 617 -46.96 2.78 -48.05
N LYS H 618 -47.41 3.65 -48.95
CA LYS H 618 -48.07 4.89 -48.55
C LYS H 618 -49.53 4.68 -48.14
N ALA H 619 -49.98 3.43 -48.00
CA ALA H 619 -51.36 3.17 -47.61
C ALA H 619 -51.67 3.78 -46.25
N LYS H 620 -50.76 3.63 -45.29
CA LYS H 620 -50.95 4.27 -43.99
C LYS H 620 -51.07 5.79 -44.12
N GLN H 621 -50.43 6.37 -45.12
CA GLN H 621 -50.54 7.80 -45.38
C GLN H 621 -51.72 8.14 -46.29
N GLY H 622 -52.45 7.15 -46.77
CA GLY H 622 -53.61 7.38 -47.60
C GLY H 622 -53.30 7.27 -49.08
N TYR H 623 -54.31 7.60 -49.88
CA TYR H 623 -54.23 7.49 -51.33
C TYR H 623 -54.50 8.86 -51.94
N GLU H 624 -53.52 9.38 -52.67
CA GLU H 624 -53.66 10.69 -53.29
C GLU H 624 -54.69 10.63 -54.42
N VAL H 625 -55.67 11.52 -54.36
CA VAL H 625 -56.75 11.53 -55.34
C VAL H 625 -56.27 12.21 -56.61
N THR H 626 -56.46 11.54 -57.75
CA THR H 626 -56.17 12.13 -59.05
C THR H 626 -57.38 12.73 -59.74
N LYS H 627 -58.58 12.53 -59.19
CA LYS H 627 -59.79 13.08 -59.76
C LYS H 627 -60.90 13.01 -58.72
N GLY H 628 -61.64 14.11 -58.57
CA GLY H 628 -62.71 14.14 -57.61
C GLY H 628 -63.93 13.36 -58.07
N GLY H 629 -64.87 13.19 -57.15
CA GLY H 629 -66.06 12.41 -57.43
C GLY H 629 -67.01 12.33 -56.25
N THR H 630 -67.62 11.17 -56.05
CA THR H 630 -68.57 10.99 -54.97
C THR H 630 -68.22 9.73 -54.18
N LEU H 631 -68.16 9.86 -52.86
CA LEU H 631 -67.97 8.73 -51.97
C LEU H 631 -69.32 8.32 -51.40
N LEU H 632 -69.64 7.04 -51.49
CA LEU H 632 -70.85 6.47 -50.92
C LEU H 632 -70.46 5.75 -49.64
N TRP H 633 -71.07 6.15 -48.54
CA TRP H 633 -70.75 5.63 -47.22
C TRP H 633 -71.93 4.85 -46.69
N ILE H 634 -71.74 3.56 -46.44
CA ILE H 634 -72.81 2.69 -45.95
C ILE H 634 -72.51 2.41 -44.48
N PRO H 635 -73.28 2.98 -43.56
CA PRO H 635 -72.93 2.88 -42.13
C PRO H 635 -73.09 1.45 -41.61
N GLU H 636 -72.34 1.16 -40.55
CA GLU H 636 -72.47 -0.08 -39.80
C GLU H 636 -71.59 0.04 -38.57
N GLU H 637 -71.93 -0.75 -37.55
CA GLU H 637 -71.18 -0.79 -36.29
C GLU H 637 -70.74 -2.23 -36.06
N THR H 638 -69.43 -2.44 -35.97
CA THR H 638 -68.85 -3.76 -35.88
C THR H 638 -68.12 -3.89 -34.56
N HIS H 639 -68.52 -4.86 -33.75
CA HIS H 639 -67.86 -5.17 -32.50
C HIS H 639 -67.08 -6.47 -32.73
N GLU H 640 -65.77 -6.37 -32.69
CA GLU H 640 -64.90 -7.52 -32.96
C GLU H 640 -64.34 -8.02 -31.64
N VAL H 641 -64.64 -9.27 -31.32
CA VAL H 641 -64.30 -9.86 -30.03
C VAL H 641 -63.95 -11.32 -30.30
N ASN H 642 -63.31 -11.94 -29.33
CA ASN H 642 -62.94 -13.34 -29.53
C ASN H 642 -63.42 -14.19 -28.37
N LYS H 643 -64.65 -13.94 -27.94
CA LYS H 643 -65.23 -14.41 -26.68
C LYS H 643 -66.12 -15.62 -26.91
N ASP H 644 -66.42 -16.32 -25.82
CA ASP H 644 -67.14 -17.59 -25.91
C ASP H 644 -68.62 -17.33 -26.22
N ILE H 645 -69.29 -18.40 -26.67
CA ILE H 645 -70.67 -18.28 -27.13
C ILE H 645 -71.60 -17.91 -25.97
N SER H 646 -71.45 -18.57 -24.84
CA SER H 646 -72.45 -18.46 -23.79
C SER H 646 -72.52 -17.08 -23.15
N LEU H 647 -71.73 -16.12 -23.62
CA LEU H 647 -71.86 -14.74 -23.17
C LEU H 647 -72.85 -13.94 -24.00
N LEU H 648 -73.39 -14.55 -25.06
CA LEU H 648 -74.23 -13.83 -25.99
C LEU H 648 -75.60 -13.58 -25.39
N ASN H 649 -76.18 -12.41 -25.68
CA ASN H 649 -77.52 -12.09 -25.21
C ASN H 649 -78.54 -11.97 -26.32
N VAL H 650 -78.12 -11.68 -27.54
CA VAL H 650 -79.04 -11.32 -28.61
C VAL H 650 -79.00 -12.38 -29.70
N GLU H 651 -80.15 -12.55 -30.36
CA GLU H 651 -80.30 -13.55 -31.40
C GLU H 651 -79.74 -13.05 -32.72
N ASP H 652 -79.33 -13.99 -33.58
CA ASP H 652 -78.91 -13.65 -34.93
C ASP H 652 -80.08 -13.03 -35.69
N GLY H 653 -79.91 -11.77 -36.09
CA GLY H 653 -80.91 -11.08 -36.87
C GLY H 653 -81.97 -10.36 -36.06
N GLN H 654 -81.84 -10.32 -34.74
CA GLN H 654 -82.79 -9.60 -33.90
C GLN H 654 -82.70 -8.11 -34.18
N LEU H 655 -83.87 -7.48 -34.35
CA LEU H 655 -83.94 -6.03 -34.45
C LEU H 655 -83.84 -5.40 -33.06
N VAL H 656 -82.82 -4.57 -32.85
CA VAL H 656 -82.46 -4.10 -31.52
C VAL H 656 -82.47 -2.58 -31.53
N GLU H 657 -82.43 -2.01 -30.33
CA GLU H 657 -82.17 -0.59 -30.12
C GLU H 657 -80.76 -0.41 -29.57
N ALA H 658 -80.21 0.78 -29.75
CA ALA H 658 -78.89 1.06 -29.21
C ALA H 658 -78.93 1.05 -27.70
N GLY H 659 -77.85 0.56 -27.08
CA GLY H 659 -77.71 0.50 -25.65
C GLY H 659 -77.90 -0.88 -25.06
N THR H 660 -78.50 -1.80 -25.82
CA THR H 660 -78.69 -3.16 -25.36
C THR H 660 -77.35 -3.87 -25.22
N GLU H 661 -77.16 -4.56 -24.10
CA GLU H 661 -75.94 -5.32 -23.85
C GLU H 661 -75.95 -6.58 -24.72
N VAL H 662 -75.53 -6.42 -25.98
CA VAL H 662 -75.58 -7.53 -26.93
C VAL H 662 -74.69 -8.68 -26.46
N VAL H 663 -73.49 -8.35 -26.00
CA VAL H 663 -72.58 -9.31 -25.40
C VAL H 663 -72.17 -8.75 -24.04
N LYS H 664 -72.01 -9.64 -23.06
CA LYS H 664 -71.66 -9.23 -21.69
C LYS H 664 -70.52 -8.22 -21.70
N ASP H 665 -70.80 -7.04 -21.14
CA ASP H 665 -69.89 -5.90 -21.07
C ASP H 665 -69.66 -5.24 -22.41
N ILE H 666 -70.55 -5.47 -23.39
CA ILE H 666 -70.47 -4.84 -24.69
C ILE H 666 -71.82 -4.20 -24.98
N PHE H 667 -71.81 -2.93 -25.37
CA PHE H 667 -73.03 -2.16 -25.56
C PHE H 667 -73.10 -1.64 -26.99
N CYS H 668 -74.22 -1.93 -27.65
CA CYS H 668 -74.43 -1.44 -29.01
C CYS H 668 -74.63 0.06 -29.00
N GLN H 669 -74.25 0.70 -30.11
CA GLN H 669 -74.36 2.14 -30.23
C GLN H 669 -75.28 2.56 -31.39
N THR H 670 -75.76 1.63 -32.20
CA THR H 670 -76.57 1.94 -33.36
C THR H 670 -77.81 1.08 -33.34
N THR H 671 -78.94 1.68 -33.72
CA THR H 671 -80.24 1.00 -33.74
C THR H 671 -80.40 0.28 -35.08
N GLY H 672 -80.33 -1.04 -35.05
CA GLY H 672 -80.43 -1.78 -36.29
C GLY H 672 -80.53 -3.27 -36.05
N ILE H 673 -80.24 -4.03 -37.10
CA ILE H 673 -80.28 -5.49 -37.07
C ILE H 673 -78.92 -6.01 -36.69
N VAL H 674 -78.88 -7.04 -35.84
CA VAL H 674 -77.65 -7.62 -35.35
C VAL H 674 -77.38 -8.91 -36.10
N SER H 675 -76.22 -9.00 -36.72
CA SER H 675 -75.76 -10.20 -37.40
C SER H 675 -74.53 -10.74 -36.71
N VAL H 676 -74.55 -12.02 -36.36
CA VAL H 676 -73.62 -12.61 -35.41
C VAL H 676 -72.73 -13.61 -36.14
N THR H 677 -71.43 -13.58 -35.85
CA THR H 677 -70.47 -14.51 -36.41
C THR H 677 -69.84 -15.32 -35.28
N GLN H 678 -69.88 -16.64 -35.41
CA GLN H 678 -69.26 -17.51 -34.42
C GLN H 678 -68.47 -18.60 -35.12
N ASN H 679 -67.41 -19.05 -34.43
CA ASN H 679 -66.56 -20.14 -34.90
C ASN H 679 -66.40 -21.12 -33.76
N ASN H 680 -66.87 -22.35 -33.96
CA ASN H 680 -66.76 -23.44 -32.99
C ASN H 680 -67.04 -22.96 -31.56
N ASP H 681 -68.27 -22.46 -31.37
CA ASP H 681 -68.76 -21.98 -30.09
C ASP H 681 -67.96 -20.80 -29.55
N ILE H 682 -67.47 -19.94 -30.44
CA ILE H 682 -66.67 -18.77 -30.04
C ILE H 682 -67.17 -17.57 -30.82
N LEU H 683 -67.63 -16.55 -30.10
CA LEU H 683 -68.11 -15.33 -30.73
C LEU H 683 -66.95 -14.55 -31.31
N ARG H 684 -67.04 -14.22 -32.60
CA ARG H 684 -65.94 -13.60 -33.34
C ARG H 684 -66.24 -12.18 -33.77
N GLU H 685 -67.40 -11.95 -34.38
CA GLU H 685 -67.70 -10.63 -34.92
C GLU H 685 -69.20 -10.39 -34.83
N ILE H 686 -69.59 -9.21 -34.34
CA ILE H 686 -71.00 -8.85 -34.23
C ILE H 686 -71.19 -7.59 -35.07
N VAL H 687 -72.31 -7.55 -35.81
CA VAL H 687 -72.57 -6.47 -36.76
C VAL H 687 -73.95 -5.91 -36.48
N ILE H 688 -74.04 -4.59 -36.34
CA ILE H 688 -75.30 -3.88 -36.17
C ILE H 688 -75.38 -2.85 -37.28
N LYS H 689 -76.40 -2.97 -38.13
CA LYS H 689 -76.50 -2.10 -39.31
C LYS H 689 -77.82 -1.35 -39.28
N PRO H 690 -77.80 -0.02 -39.33
CA PRO H 690 -79.05 0.75 -39.30
C PRO H 690 -79.82 0.63 -40.60
N GLY H 691 -80.94 1.32 -40.70
CA GLY H 691 -81.75 1.27 -41.90
C GLY H 691 -83.08 0.59 -41.65
N ASP H 692 -84.06 0.94 -42.47
CA ASP H 692 -85.41 0.38 -42.30
C ASP H 692 -85.42 -1.09 -42.72
N VAL H 693 -86.20 -1.89 -42.00
CA VAL H 693 -86.37 -3.29 -42.39
C VAL H 693 -87.79 -3.48 -42.91
N HIS H 694 -87.96 -4.47 -43.78
CA HIS H 694 -89.26 -4.70 -44.40
C HIS H 694 -89.38 -6.16 -44.78
N VAL H 695 -90.63 -6.62 -44.89
CA VAL H 695 -90.90 -8.03 -45.16
C VAL H 695 -90.58 -8.33 -46.62
N LEU H 696 -90.00 -9.50 -46.88
CA LEU H 696 -89.76 -9.97 -48.24
C LEU H 696 -90.79 -11.05 -48.57
N ASP H 697 -91.82 -10.67 -49.32
CA ASP H 697 -92.88 -11.59 -49.71
C ASP H 697 -92.62 -12.25 -51.06
N ASP H 698 -92.07 -11.50 -52.02
CA ASP H 698 -91.85 -12.03 -53.36
C ASP H 698 -90.41 -12.49 -53.50
N PRO H 699 -90.16 -13.77 -53.77
CA PRO H 699 -88.77 -14.24 -53.94
C PRO H 699 -88.04 -13.57 -55.09
N ASP H 700 -88.75 -13.08 -56.11
CA ASP H 700 -88.07 -12.46 -57.25
C ASP H 700 -87.43 -11.14 -56.88
N THR H 701 -88.10 -10.33 -56.05
CA THR H 701 -87.50 -9.10 -55.57
C THR H 701 -86.26 -9.39 -54.73
N ALA H 702 -86.33 -10.39 -53.87
CA ALA H 702 -85.15 -10.78 -53.09
C ALA H 702 -84.02 -11.24 -54.01
N ALA H 703 -84.35 -12.02 -55.04
CA ALA H 703 -83.34 -12.44 -56.00
C ALA H 703 -82.69 -11.26 -56.70
N LYS H 704 -83.46 -10.20 -56.96
CA LYS H 704 -82.86 -8.98 -57.51
C LYS H 704 -81.89 -8.35 -56.51
N TYR H 705 -82.25 -8.35 -55.23
CA TYR H 705 -81.41 -7.80 -54.17
C TYR H 705 -80.59 -8.88 -53.48
N ASP H 706 -80.24 -9.96 -54.20
CA ASP H 706 -79.43 -11.03 -53.61
C ASP H 706 -78.06 -10.51 -53.17
N GLU H 707 -77.42 -9.67 -53.99
CA GLU H 707 -76.10 -9.15 -53.70
C GLU H 707 -76.13 -7.76 -53.07
N GLY H 708 -77.31 -7.21 -52.84
CA GLY H 708 -77.43 -5.82 -52.43
C GLY H 708 -77.30 -4.85 -53.59
N ARG H 709 -77.98 -3.72 -53.49
CA ARG H 709 -78.08 -2.79 -54.60
C ARG H 709 -78.29 -1.38 -54.05
N LEU H 710 -77.99 -0.39 -54.88
CA LEU H 710 -78.31 0.99 -54.55
C LEU H 710 -79.66 1.35 -55.15
N VAL H 711 -80.41 2.18 -54.44
CA VAL H 711 -81.69 2.67 -54.94
C VAL H 711 -81.76 4.17 -54.66
N ASN H 712 -82.05 4.95 -55.69
CA ASN H 712 -82.07 6.39 -55.60
C ASN H 712 -83.32 6.89 -54.89
N ALA H 713 -83.37 8.19 -54.65
CA ALA H 713 -84.57 8.80 -54.09
C ALA H 713 -85.73 8.68 -55.07
N GLY H 714 -86.91 8.35 -54.54
CA GLY H 714 -88.11 8.27 -55.34
C GLY H 714 -88.25 7.00 -56.16
N GLU H 715 -87.16 6.33 -56.50
CA GLU H 715 -87.26 5.10 -57.27
C GLU H 715 -87.88 3.99 -56.44
N GLU H 716 -88.85 3.30 -57.02
CA GLU H 716 -89.60 2.28 -56.29
C GLU H 716 -88.72 1.05 -56.07
N VAL H 717 -88.42 0.76 -54.80
CA VAL H 717 -87.60 -0.40 -54.47
C VAL H 717 -88.31 -1.68 -54.89
N PHE H 718 -89.57 -1.82 -54.49
CA PHE H 718 -90.45 -2.86 -54.99
C PHE H 718 -91.88 -2.33 -54.89
N PRO H 719 -92.81 -2.89 -55.70
CA PRO H 719 -94.18 -2.34 -55.75
C PRO H 719 -94.79 -2.00 -54.40
N GLY H 720 -95.12 -0.71 -54.21
CA GLY H 720 -95.57 -0.20 -52.94
C GLY H 720 -94.50 0.37 -52.06
N LEU H 721 -93.23 0.26 -52.44
CA LEU H 721 -92.11 0.73 -51.63
C LEU H 721 -91.18 1.59 -52.50
N THR H 722 -91.16 2.88 -52.21
CA THR H 722 -90.28 3.82 -52.91
C THR H 722 -89.33 4.44 -51.90
N ALA H 723 -88.04 4.46 -52.24
CA ALA H 723 -87.04 5.04 -51.36
C ALA H 723 -87.10 6.56 -51.43
N GLU H 724 -87.28 7.20 -50.28
CA GLU H 724 -87.36 8.65 -50.22
C GLU H 724 -86.00 9.29 -50.47
N GLN H 725 -84.92 8.64 -50.06
CA GLN H 725 -83.56 9.08 -50.35
C GLN H 725 -82.72 7.88 -50.72
N LEU H 726 -81.55 8.14 -51.29
CA LEU H 726 -80.67 7.06 -51.72
C LEU H 726 -80.36 6.12 -50.56
N VAL H 727 -80.63 4.83 -50.77
CA VAL H 727 -80.45 3.81 -49.75
C VAL H 727 -79.83 2.57 -50.36
N TRP H 728 -79.22 1.77 -49.52
CA TRP H 728 -78.65 0.48 -49.92
C TRP H 728 -79.61 -0.60 -49.48
N ALA H 729 -80.16 -1.34 -50.45
CA ALA H 729 -81.16 -2.36 -50.19
C ALA H 729 -80.50 -3.72 -50.33
N GLU H 730 -80.52 -4.49 -49.25
CA GLU H 730 -79.89 -5.81 -49.24
C GLU H 730 -80.79 -6.81 -48.54
N ALA H 731 -80.70 -8.07 -48.96
CA ALA H 731 -81.51 -9.13 -48.39
C ALA H 731 -80.75 -9.80 -47.26
N VAL H 732 -81.38 -9.88 -46.08
CA VAL H 732 -80.76 -10.43 -44.88
C VAL H 732 -81.69 -11.46 -44.27
N ASP H 733 -81.09 -12.47 -43.62
CA ASP H 733 -81.85 -13.55 -43.02
C ASP H 733 -82.03 -13.25 -41.54
N GLY H 734 -83.20 -12.71 -41.19
CA GLY H 734 -83.54 -12.45 -39.80
C GLY H 734 -84.20 -13.65 -39.16
N THR H 735 -84.68 -13.43 -37.92
CA THR H 735 -85.17 -14.51 -37.08
C THR H 735 -86.27 -15.32 -37.75
N ASP H 736 -87.07 -14.68 -38.61
CA ASP H 736 -88.20 -15.34 -39.24
C ASP H 736 -87.95 -15.68 -40.71
N GLY H 737 -86.78 -15.33 -41.25
CA GLY H 737 -86.50 -15.62 -42.64
C GLY H 737 -86.05 -14.40 -43.40
N PRO H 738 -86.42 -14.31 -44.68
CA PRO H 738 -85.90 -13.21 -45.51
C PRO H 738 -86.47 -11.87 -45.05
N LEU H 739 -85.64 -10.83 -45.15
CA LEU H 739 -86.05 -9.46 -44.90
C LEU H 739 -85.22 -8.55 -45.79
N LEU H 740 -85.76 -7.38 -46.09
CA LEU H 740 -85.07 -6.38 -46.88
C LEU H 740 -84.63 -5.26 -45.97
N LEU H 741 -83.36 -4.88 -46.07
CA LEU H 741 -82.78 -3.82 -45.25
C LEU H 741 -82.43 -2.64 -46.15
N LEU H 742 -82.83 -1.45 -45.73
CA LEU H 742 -82.63 -0.19 -46.43
C LEU H 742 -81.72 0.68 -45.57
N ARG H 743 -80.42 0.46 -45.71
CA ARG H 743 -79.44 1.21 -44.93
C ARG H 743 -79.25 2.60 -45.55
N PRO H 744 -79.24 3.66 -44.74
CA PRO H 744 -79.12 5.01 -45.32
C PRO H 744 -77.72 5.30 -45.85
N VAL H 745 -77.61 5.44 -47.17
CA VAL H 745 -76.32 5.70 -47.79
C VAL H 745 -76.02 7.19 -47.75
N GLN H 746 -74.83 7.54 -47.30
CA GLN H 746 -74.38 8.92 -47.27
C GLN H 746 -73.57 9.22 -48.53
N GLU H 747 -73.62 10.47 -48.98
CA GLU H 747 -72.89 10.92 -50.15
C GLU H 747 -71.97 12.06 -49.76
N LEU H 748 -70.68 11.92 -50.09
CA LEU H 748 -69.68 12.95 -49.85
C LEU H 748 -69.01 13.31 -51.16
N VAL H 749 -69.23 14.52 -51.64
CA VAL H 749 -68.70 14.93 -52.94
C VAL H 749 -67.35 15.61 -52.73
N ILE H 750 -66.36 15.18 -53.49
CA ILE H 750 -64.99 15.71 -53.40
C ILE H 750 -64.66 16.40 -54.72
N PRO H 751 -64.23 17.65 -54.70
CA PRO H 751 -63.87 18.33 -55.94
C PRO H 751 -62.63 17.74 -56.56
N ASP H 752 -62.47 17.96 -57.88
CA ASP H 752 -61.35 17.38 -58.60
C ASP H 752 -60.02 17.90 -58.07
N GLU H 753 -59.96 19.20 -57.78
CA GLU H 753 -58.78 19.81 -57.20
C GLU H 753 -59.11 20.46 -55.86
N PRO H 754 -58.28 20.27 -54.83
CA PRO H 754 -58.56 20.84 -53.52
C PRO H 754 -58.64 22.36 -53.59
N PRO H 755 -59.81 22.94 -53.30
CA PRO H 755 -60.00 24.39 -53.43
C PRO H 755 -59.44 25.19 -52.25
N VAL H 756 -58.22 24.88 -51.86
CA VAL H 756 -57.51 25.57 -50.79
C VAL H 756 -56.38 26.37 -51.44
N PRO H 757 -56.34 27.69 -51.28
CA PRO H 757 -55.39 28.50 -52.05
C PRO H 757 -53.94 28.20 -51.68
N SER H 758 -53.15 27.84 -52.70
CA SER H 758 -51.72 27.68 -52.52
C SER H 758 -51.04 29.04 -52.37
N GLN H 759 -49.90 29.05 -51.69
CA GLN H 759 -49.16 30.28 -51.47
C GLN H 759 -47.85 30.22 -52.24
N ASP H 760 -47.57 31.27 -53.00
CA ASP H 760 -46.56 31.23 -54.04
C ASP H 760 -45.22 31.75 -53.53
N SER H 761 -44.15 31.08 -53.96
CA SER H 761 -42.80 31.56 -53.67
C SER H 761 -42.56 32.90 -54.36
N SER H 762 -41.80 33.78 -53.70
CA SER H 762 -41.69 35.17 -54.12
C SER H 762 -40.32 35.53 -54.67
N GLN H 763 -39.34 34.63 -54.63
CA GLN H 763 -37.97 34.93 -55.03
C GLN H 763 -37.59 34.10 -56.25
N GLU H 764 -37.14 34.78 -57.30
CA GLU H 764 -36.76 34.12 -58.54
C GLU H 764 -35.32 33.64 -58.54
N SER H 765 -34.46 34.23 -57.71
CA SER H 765 -33.04 33.88 -57.70
C SER H 765 -32.82 32.44 -57.26
N SER H 766 -33.80 31.81 -56.63
CA SER H 766 -33.75 30.39 -56.30
C SER H 766 -34.15 29.60 -57.53
N SER H 767 -33.16 28.98 -58.19
CA SER H 767 -33.46 28.17 -59.37
C SER H 767 -34.17 26.86 -59.02
N ARG H 768 -34.23 26.50 -57.75
CA ARG H 768 -34.98 25.33 -57.27
C ARG H 768 -36.07 25.84 -56.33
N SER H 769 -37.24 26.14 -56.88
CA SER H 769 -38.31 26.71 -56.08
C SER H 769 -38.90 25.67 -55.14
N ILE H 770 -39.32 26.14 -53.96
CA ILE H 770 -39.96 25.30 -52.95
C ILE H 770 -41.35 25.85 -52.70
N ARG H 771 -42.33 24.96 -52.60
CA ARG H 771 -43.72 25.38 -52.46
C ARG H 771 -44.48 24.36 -51.63
N LEU H 772 -45.69 24.74 -51.23
CA LEU H 772 -46.61 23.89 -50.49
C LEU H 772 -47.75 23.47 -51.40
N ARG H 773 -47.80 22.19 -51.75
CA ARG H 773 -48.86 21.65 -52.58
C ARG H 773 -49.92 21.02 -51.70
N ALA H 774 -51.18 21.37 -51.92
CA ALA H 774 -52.28 20.81 -51.16
C ALA H 774 -52.79 19.56 -51.88
N VAL H 775 -52.92 18.47 -51.14
CA VAL H 775 -53.32 17.18 -51.69
C VAL H 775 -54.48 16.63 -50.89
N GLN H 776 -55.29 15.80 -51.53
CA GLN H 776 -56.39 15.11 -50.89
C GLN H 776 -56.10 13.61 -50.89
N ARG H 777 -56.22 12.99 -49.72
CA ARG H 777 -55.92 11.57 -49.56
C ARG H 777 -57.10 10.85 -48.92
N LEU H 778 -57.49 9.73 -49.50
CA LEU H 778 -58.50 8.85 -48.94
C LEU H 778 -57.80 7.68 -48.27
N GLN H 779 -58.08 7.47 -46.99
CA GLN H 779 -57.32 6.55 -46.17
C GLN H 779 -57.70 5.08 -46.42
N PHE H 780 -58.68 4.82 -47.27
CA PHE H 780 -59.14 3.47 -47.51
C PHE H 780 -59.44 3.29 -48.99
N GLN H 781 -59.28 2.05 -49.46
CA GLN H 781 -59.45 1.74 -50.87
C GLN H 781 -60.93 1.59 -51.21
N ASP H 782 -61.20 1.42 -52.50
CA ASP H 782 -62.57 1.19 -52.95
C ASP H 782 -63.09 -0.13 -52.39
N GLY H 783 -64.32 -0.11 -51.89
CA GLY H 783 -64.95 -1.30 -51.36
C GLY H 783 -64.34 -1.83 -50.08
N GLU H 784 -63.46 -1.06 -49.44
CA GLU H 784 -62.80 -1.53 -48.22
C GLU H 784 -63.81 -1.60 -47.09
N ARG H 785 -64.10 -2.82 -46.63
CA ARG H 785 -65.08 -3.03 -45.57
C ARG H 785 -64.44 -2.72 -44.22
N ILE H 786 -64.85 -1.61 -43.61
CA ILE H 786 -64.20 -1.08 -42.42
C ILE H 786 -65.02 -1.48 -41.19
N LYS H 787 -64.33 -1.97 -40.16
CA LYS H 787 -64.96 -2.38 -38.91
C LYS H 787 -64.41 -1.49 -37.81
N SER H 788 -65.24 -0.59 -37.29
CA SER H 788 -64.82 0.33 -36.26
C SER H 788 -66.03 0.79 -35.46
N VAL H 789 -65.91 0.71 -34.13
CA VAL H 789 -67.00 1.15 -33.26
C VAL H 789 -67.11 2.67 -33.30
N GLU H 790 -65.99 3.38 -33.32
CA GLU H 790 -65.99 4.83 -33.35
C GLU H 790 -65.78 5.35 -34.77
N GLY H 791 -66.01 6.64 -34.94
CA GLY H 791 -65.92 7.25 -36.25
C GLY H 791 -64.50 7.30 -36.78
N VAL H 792 -64.38 7.33 -38.10
CA VAL H 792 -63.11 7.38 -38.79
C VAL H 792 -63.07 8.64 -39.64
N ASP H 793 -61.87 9.08 -39.97
CA ASP H 793 -61.67 10.15 -40.94
C ASP H 793 -61.44 9.52 -42.31
N LEU H 794 -62.27 9.90 -43.28
CA LEU H 794 -62.16 9.35 -44.64
C LEU H 794 -61.18 10.15 -45.48
N LEU H 795 -61.43 11.44 -45.65
CA LEU H 795 -60.63 12.30 -46.51
C LEU H 795 -59.78 13.21 -45.65
N ARG H 796 -58.50 13.29 -45.96
CA ARG H 796 -57.59 14.23 -45.33
C ARG H 796 -56.99 15.15 -46.37
N THR H 797 -57.02 16.45 -46.12
CA THR H 797 -56.36 17.42 -46.99
C THR H 797 -55.08 17.87 -46.32
N GLN H 798 -53.96 17.64 -46.98
CA GLN H 798 -52.64 17.83 -46.38
C GLN H 798 -51.80 18.76 -47.23
N LEU H 799 -51.16 19.73 -46.58
CA LEU H 799 -50.12 20.51 -47.23
C LEU H 799 -48.83 19.71 -47.24
N VAL H 800 -48.15 19.68 -48.38
CA VAL H 800 -46.99 18.83 -48.59
C VAL H 800 -45.88 19.68 -49.21
N LEU H 801 -44.66 19.53 -48.69
CA LEU H 801 -43.52 20.25 -49.23
C LEU H 801 -43.13 19.67 -50.58
N GLU H 802 -43.02 20.54 -51.60
CA GLU H 802 -42.64 20.13 -52.93
C GLU H 802 -41.53 21.04 -53.43
N SER H 803 -40.58 20.47 -54.17
CA SER H 803 -39.47 21.22 -54.75
C SER H 803 -39.18 20.71 -56.15
N GLU H 804 -38.46 21.52 -56.91
CA GLU H 804 -38.14 21.16 -58.28
C GLU H 804 -37.24 19.92 -58.31
N GLU H 805 -37.26 19.23 -59.45
CA GLU H 805 -36.48 18.01 -59.59
C GLU H 805 -34.99 18.30 -59.46
N GLY H 806 -34.27 17.38 -58.80
CA GLY H 806 -32.90 17.58 -58.43
C GLY H 806 -32.68 18.16 -57.05
N SER H 807 -33.72 18.73 -56.44
CA SER H 807 -33.66 19.24 -55.08
C SER H 807 -34.35 18.31 -54.09
N SER H 808 -34.58 17.06 -54.48
CA SER H 808 -35.30 16.12 -53.61
C SER H 808 -34.54 15.84 -52.31
N GLN H 809 -33.22 15.96 -52.34
CA GLN H 809 -32.41 15.70 -51.15
C GLN H 809 -32.34 16.89 -50.21
N LEU H 810 -32.94 18.02 -50.55
CA LEU H 810 -32.89 19.21 -49.72
C LEU H 810 -33.90 19.11 -48.58
N SER H 811 -33.50 19.57 -47.41
CA SER H 811 -34.35 19.59 -46.22
C SER H 811 -34.57 21.03 -45.80
N ALA H 812 -35.82 21.40 -45.54
CA ALA H 812 -36.19 22.78 -45.28
C ALA H 812 -36.59 22.96 -43.81
N ASP H 813 -35.90 23.86 -43.13
CA ASP H 813 -36.33 24.34 -41.82
C ASP H 813 -37.62 25.15 -41.95
N ILE H 814 -38.38 25.16 -40.86
CA ILE H 814 -39.70 25.80 -40.82
C ILE H 814 -39.63 26.93 -39.81
N GLU H 815 -39.97 28.14 -40.26
CA GLU H 815 -39.81 29.36 -39.48
C GLU H 815 -41.07 30.21 -39.58
N LEU H 816 -41.18 31.18 -38.68
CA LEU H 816 -42.24 32.18 -38.69
C LEU H 816 -41.65 33.54 -39.00
N LEU H 817 -42.16 34.18 -40.04
CA LEU H 817 -41.73 35.52 -40.41
C LEU H 817 -42.75 36.53 -39.92
N PRO H 818 -42.39 37.45 -39.03
CA PRO H 818 -43.30 38.56 -38.71
C PRO H 818 -43.44 39.48 -39.90
N ASP H 819 -44.70 39.79 -40.25
CA ASP H 819 -44.96 40.63 -41.41
C ASP H 819 -44.41 42.03 -41.19
N SER H 820 -43.80 42.59 -42.24
CA SER H 820 -43.22 43.93 -42.15
C SER H 820 -44.28 44.98 -41.86
N LYS H 821 -45.43 44.89 -42.52
CA LYS H 821 -46.48 45.88 -42.30
C LYS H 821 -47.13 45.70 -40.93
N ASP H 822 -47.34 44.45 -40.51
CA ASP H 822 -47.92 44.16 -39.20
C ASP H 822 -47.03 43.13 -38.50
N PRO H 823 -46.20 43.56 -37.55
CA PRO H 823 -45.35 42.59 -36.82
C PRO H 823 -46.13 41.51 -36.10
N GLU H 824 -47.34 41.82 -35.63
CA GLU H 824 -48.16 40.83 -34.93
C GLU H 824 -48.49 39.65 -35.84
N THR H 825 -48.88 39.93 -37.07
CA THR H 825 -49.24 38.86 -38.01
C THR H 825 -47.99 38.10 -38.45
N LEU H 826 -47.95 36.82 -38.13
CA LEU H 826 -46.85 35.95 -38.52
C LEU H 826 -47.25 35.13 -39.74
N ARG H 827 -46.24 34.72 -40.52
CA ARG H 827 -46.46 33.95 -41.74
C ARG H 827 -45.50 32.77 -41.78
N LEU H 828 -46.03 31.60 -42.13
CA LEU H 828 -45.21 30.40 -42.19
C LEU H 828 -44.23 30.48 -43.35
N GLN H 829 -43.03 29.93 -43.15
CA GLN H 829 -41.99 30.03 -44.15
C GLN H 829 -41.10 28.81 -44.10
N LEU H 830 -40.68 28.32 -45.27
CA LEU H 830 -39.78 27.19 -45.38
C LEU H 830 -38.49 27.67 -46.02
N VAL H 831 -37.35 27.35 -45.40
CA VAL H 831 -36.05 27.79 -45.89
C VAL H 831 -35.15 26.58 -46.06
N ILE H 832 -34.35 26.59 -47.13
CA ILE H 832 -33.30 25.58 -47.29
C ILE H 832 -31.99 26.20 -46.87
N ILE H 833 -31.90 26.56 -45.59
CA ILE H 833 -30.75 27.31 -45.07
C ILE H 833 -29.46 26.55 -45.33
N GLU H 834 -28.48 27.24 -45.92
CA GLU H 834 -27.14 26.67 -46.04
C GLU H 834 -26.19 27.50 -45.21
N PRO H 835 -25.42 26.89 -44.30
CA PRO H 835 -24.57 27.70 -43.41
C PRO H 835 -23.18 27.93 -43.94
N VAL H 836 -22.64 29.11 -43.59
CA VAL H 836 -21.24 29.43 -43.81
C VAL H 836 -20.69 29.96 -42.50
N VAL H 837 -19.68 29.28 -41.94
CA VAL H 837 -19.17 29.57 -40.61
C VAL H 837 -17.94 30.47 -40.75
N ILE H 838 -17.94 31.57 -40.01
CA ILE H 838 -16.81 32.50 -39.98
C ILE H 838 -16.07 32.31 -38.66
N ARG H 839 -14.78 31.99 -38.75
CA ARG H 839 -13.95 31.85 -37.56
C ARG H 839 -13.57 33.23 -37.03
N ARG H 840 -13.46 33.32 -35.71
CA ARG H 840 -13.03 34.58 -35.10
C ARG H 840 -11.57 34.85 -35.40
N ASP H 841 -11.22 36.13 -35.44
CA ASP H 841 -9.85 36.53 -35.77
C ASP H 841 -8.91 36.17 -34.62
N VAL H 842 -7.85 35.43 -34.95
CA VAL H 842 -6.82 35.05 -33.99
C VAL H 842 -5.48 35.54 -34.52
N ALA H 843 -4.83 36.41 -33.74
CA ALA H 843 -3.53 36.96 -34.09
C ALA H 843 -2.40 36.44 -33.21
N SER H 844 -2.66 35.45 -32.37
CA SER H 844 -1.72 35.04 -31.33
C SER H 844 -1.14 33.68 -31.66
N ASP H 845 -0.10 33.69 -32.49
CA ASP H 845 0.84 32.59 -32.71
C ASP H 845 0.17 31.32 -33.22
N THR H 846 -1.10 31.36 -33.61
CA THR H 846 -1.70 30.20 -34.28
C THR H 846 -1.14 30.07 -35.69
N THR H 847 -1.39 31.06 -36.54
CA THR H 847 -0.63 31.25 -37.77
C THR H 847 0.57 32.16 -37.56
N HIS H 848 0.75 32.67 -36.34
CA HIS H 848 1.73 33.69 -35.98
C HIS H 848 1.51 35.00 -36.73
N GLY H 849 0.38 35.14 -37.39
CA GLY H 849 0.00 36.39 -38.03
C GLY H 849 -1.45 36.67 -37.73
N SER H 850 -1.86 37.91 -37.97
CA SER H 850 -3.25 38.27 -37.69
C SER H 850 -4.15 37.81 -38.84
N THR H 851 -5.09 36.92 -38.53
CA THR H 851 -6.05 36.44 -39.52
C THR H 851 -7.33 37.27 -39.42
N HIS H 852 -7.65 38.00 -40.48
CA HIS H 852 -8.81 38.89 -40.50
C HIS H 852 -9.73 38.48 -41.64
N THR H 853 -10.99 38.20 -41.33
CA THR H 853 -11.96 37.73 -42.31
C THR H 853 -12.91 38.85 -42.68
N GLU H 854 -13.01 39.14 -43.98
CA GLU H 854 -13.88 40.18 -44.50
C GLU H 854 -14.93 39.55 -45.40
N LEU H 855 -16.18 39.95 -45.20
CA LEU H 855 -17.27 39.45 -46.04
C LEU H 855 -17.21 40.09 -47.42
N ARG H 856 -17.59 39.32 -48.43
CA ARG H 856 -17.64 39.79 -49.81
C ARG H 856 -19.03 40.17 -50.27
N VAL H 857 -20.04 40.07 -49.40
CA VAL H 857 -21.42 40.32 -49.76
C VAL H 857 -22.09 41.14 -48.66
N LYS H 858 -23.38 41.42 -48.86
CA LYS H 858 -24.18 42.17 -47.91
C LYS H 858 -25.46 41.39 -47.62
N ASP H 859 -26.08 41.70 -46.48
CA ASP H 859 -27.31 41.02 -46.09
C ASP H 859 -28.41 41.25 -47.12
N GLY H 860 -29.11 40.17 -47.47
CA GLY H 860 -30.17 40.25 -48.45
C GLY H 860 -29.72 40.21 -49.89
N GLN H 861 -28.41 40.15 -50.15
CA GLN H 861 -27.92 40.13 -51.51
C GLN H 861 -28.17 38.77 -52.17
N LYS H 862 -28.22 38.78 -53.49
CA LYS H 862 -28.44 37.59 -54.30
C LYS H 862 -27.10 37.14 -54.87
N VAL H 863 -26.75 35.89 -54.64
CA VAL H 863 -25.44 35.36 -55.03
C VAL H 863 -25.65 34.15 -55.93
N LYS H 864 -24.82 34.06 -56.96
CA LYS H 864 -24.77 32.89 -57.82
C LYS H 864 -23.94 31.80 -57.15
N PRO H 865 -24.15 30.54 -57.54
CA PRO H 865 -23.33 29.46 -56.98
C PRO H 865 -21.86 29.68 -57.32
N GLY H 866 -21.00 29.37 -56.34
CA GLY H 866 -19.57 29.54 -56.49
C GLY H 866 -19.04 30.93 -56.17
N ALA H 867 -19.93 31.91 -55.98
CA ALA H 867 -19.48 33.26 -55.66
C ALA H 867 -18.77 33.29 -54.32
N VAL H 868 -17.70 34.08 -54.23
CA VAL H 868 -16.89 34.15 -53.03
C VAL H 868 -17.68 34.83 -51.92
N ILE H 869 -17.76 34.18 -50.77
CA ILE H 869 -18.52 34.72 -49.64
C ILE H 869 -17.62 35.51 -48.70
N ALA H 870 -16.52 34.91 -48.25
CA ALA H 870 -15.65 35.56 -47.27
C ALA H 870 -14.19 35.34 -47.64
N CYS H 871 -13.35 36.33 -47.35
CA CYS H 871 -11.91 36.23 -47.56
C CYS H 871 -11.20 36.43 -46.24
N THR H 872 -10.48 35.41 -45.79
CA THR H 872 -9.66 35.49 -44.59
C THR H 872 -8.21 35.74 -45.02
N GLN H 873 -7.67 36.89 -44.62
CA GLN H 873 -6.33 37.30 -44.99
C GLN H 873 -5.42 37.21 -43.77
N ILE H 874 -4.24 36.62 -43.95
CA ILE H 874 -3.24 36.52 -42.89
C ILE H 874 -2.23 37.66 -43.07
N GLN H 875 -2.08 38.47 -42.03
CA GLN H 875 -1.21 39.65 -42.04
C GLN H 875 0.06 39.35 -41.26
N CYS H 876 1.20 39.68 -41.88
CA CYS H 876 2.51 39.37 -41.35
C CYS H 876 2.88 40.30 -40.21
N LYS H 877 3.46 39.73 -39.15
CA LYS H 877 3.84 40.52 -37.98
C LYS H 877 5.11 41.34 -38.21
N GLU H 878 6.05 40.85 -39.01
CA GLU H 878 7.34 41.52 -39.17
C GLU H 878 7.73 41.55 -40.63
N ALA H 879 8.14 42.73 -41.11
CA ALA H 879 8.55 42.87 -42.50
C ALA H 879 9.82 42.08 -42.78
N GLY H 880 10.03 41.78 -44.06
CA GLY H 880 11.21 41.06 -44.50
C GLY H 880 11.06 40.52 -45.90
N VAL H 881 11.49 39.29 -46.10
CA VAL H 881 11.45 38.64 -47.41
C VAL H 881 10.76 37.30 -47.24
N VAL H 882 9.89 36.96 -48.19
CA VAL H 882 9.12 35.73 -48.15
C VAL H 882 9.84 34.64 -48.93
N ARG H 883 10.08 33.51 -48.29
CA ARG H 883 10.74 32.37 -48.91
C ARG H 883 10.10 31.09 -48.41
N GLY H 884 10.65 29.96 -48.87
CA GLY H 884 10.23 28.64 -48.44
C GLY H 884 8.95 28.15 -49.09
N ILE H 885 8.32 28.96 -49.94
CA ILE H 885 7.08 28.58 -50.61
C ILE H 885 7.46 27.91 -51.92
N GLN H 886 7.39 26.59 -51.96
CA GLN H 886 7.75 25.85 -53.16
C GLN H 886 6.56 25.78 -54.11
N GLU H 887 6.85 25.52 -55.38
CA GLU H 887 5.87 25.57 -56.45
C GLU H 887 5.58 24.16 -56.94
N GLY H 888 4.29 23.84 -57.08
CA GLY H 888 3.90 22.66 -57.82
C GLY H 888 3.20 21.60 -57.00
N SER H 889 1.90 21.44 -57.23
CA SER H 889 1.10 20.26 -56.90
C SER H 889 0.93 20.06 -55.40
N GLU H 890 1.47 20.91 -54.54
CA GLU H 890 1.33 20.75 -53.11
C GLU H 890 0.82 22.03 -52.47
N ALA H 891 -0.04 21.87 -51.46
CA ALA H 891 -0.60 23.00 -50.74
C ALA H 891 0.46 23.68 -49.88
N VAL H 892 0.54 25.01 -49.97
CA VAL H 892 1.48 25.78 -49.19
C VAL H 892 1.03 25.75 -47.72
N ARG H 893 1.75 25.00 -46.88
CA ARG H 893 1.39 24.86 -45.48
C ARG H 893 2.20 25.77 -44.56
N ARG H 894 3.43 26.10 -44.92
CA ARG H 894 4.27 26.99 -44.11
C ARG H 894 5.10 27.88 -45.02
N LEU H 895 5.26 29.13 -44.61
CA LEU H 895 6.10 30.08 -45.31
C LEU H 895 7.14 30.64 -44.35
N LEU H 896 8.12 31.36 -44.90
CA LEU H 896 9.20 31.91 -44.11
C LEU H 896 9.35 33.39 -44.39
N VAL H 897 9.54 34.18 -43.35
CA VAL H 897 9.82 35.61 -43.48
C VAL H 897 11.16 35.88 -42.80
N GLU H 898 12.14 36.28 -43.61
CA GLU H 898 13.45 36.69 -43.12
C GLU H 898 13.40 38.18 -42.83
N ARG H 899 13.67 38.55 -41.58
CA ARG H 899 13.41 39.90 -41.12
C ARG H 899 14.71 40.71 -41.07
N GLU H 900 14.61 41.93 -40.56
CA GLU H 900 15.77 42.80 -40.47
C GLU H 900 16.78 42.33 -39.44
N ARG H 901 16.32 41.71 -38.35
CA ARG H 901 17.21 41.26 -37.29
C ARG H 901 17.77 39.87 -37.53
N ASP H 902 17.47 39.24 -38.66
CA ASP H 902 18.06 37.96 -39.03
C ASP H 902 19.21 38.14 -40.02
N CYS H 903 19.77 39.36 -40.09
CA CYS H 903 20.92 39.68 -40.93
C CYS H 903 21.84 40.59 -40.14
N VAL H 904 23.13 40.30 -40.21
CA VAL H 904 24.14 41.08 -39.48
C VAL H 904 25.23 41.47 -40.47
N THR H 905 25.86 42.61 -40.22
CA THR H 905 26.92 43.13 -41.08
C THR H 905 28.23 43.15 -40.30
N LEU H 906 29.30 42.72 -40.97
CA LEU H 906 30.63 42.61 -40.37
C LEU H 906 31.65 43.29 -41.28
N ASP H 907 32.68 43.87 -40.66
CA ASP H 907 33.67 44.65 -41.40
C ASP H 907 34.85 43.74 -41.74
N LEU H 908 34.89 43.25 -42.97
CA LEU H 908 35.95 42.37 -43.44
C LEU H 908 36.52 42.88 -44.76
N ASP H 909 37.80 42.59 -44.99
CA ASP H 909 38.48 43.08 -46.18
C ASP H 909 38.06 42.25 -47.38
N VAL H 910 37.63 42.94 -48.44
CA VAL H 910 37.23 42.25 -49.67
C VAL H 910 38.43 41.67 -50.38
N THR H 911 39.57 42.36 -50.34
CA THR H 911 40.68 42.07 -51.26
C THR H 911 41.12 40.62 -51.17
N ALA H 912 41.29 40.10 -49.96
CA ALA H 912 41.74 38.73 -49.78
C ALA H 912 40.61 37.76 -49.51
N ALA H 913 39.42 38.25 -49.16
CA ALA H 913 38.28 37.38 -48.88
C ALA H 913 37.61 36.85 -50.14
N THR H 914 38.25 37.02 -51.31
CA THR H 914 37.65 36.61 -52.57
C THR H 914 37.32 35.13 -52.63
N GLN H 915 37.76 34.33 -51.66
CA GLN H 915 37.46 32.90 -51.65
C GLN H 915 36.01 32.60 -51.28
N LEU H 916 35.24 33.60 -50.89
CA LEU H 916 33.87 33.41 -50.43
C LEU H 916 32.89 33.91 -51.49
N GLN H 917 31.70 33.30 -51.50
CA GLN H 917 30.66 33.64 -52.45
C GLN H 917 29.35 33.89 -51.72
N PRO H 918 28.49 34.75 -52.27
CA PRO H 918 27.16 34.95 -51.69
C PRO H 918 26.37 33.65 -51.64
N GLY H 919 25.93 33.28 -50.44
CA GLY H 919 25.30 32.01 -50.19
C GLY H 919 26.21 30.92 -49.66
N SER H 920 27.44 31.25 -49.29
CA SER H 920 28.32 30.26 -48.67
C SER H 920 27.86 29.97 -47.24
N LEU H 921 28.27 28.81 -46.75
CA LEU H 921 28.00 28.38 -45.39
C LEU H 921 29.25 28.55 -44.54
N ILE H 922 29.21 29.48 -43.60
CA ILE H 922 30.36 29.85 -42.79
C ILE H 922 30.15 29.30 -41.39
N VAL H 923 31.00 28.35 -41.00
CA VAL H 923 31.04 27.86 -39.62
C VAL H 923 31.75 28.89 -38.77
N ALA H 924 31.14 29.27 -37.65
CA ALA H 924 31.74 30.27 -36.79
C ALA H 924 33.07 29.78 -36.23
N GLY H 925 33.95 30.73 -35.93
CA GLY H 925 35.28 30.40 -35.46
C GLY H 925 36.25 29.94 -36.53
N THR H 926 35.86 30.02 -37.81
CA THR H 926 36.74 29.64 -38.89
C THR H 926 37.51 30.86 -39.39
N GLN H 927 38.80 30.68 -39.64
CA GLN H 927 39.64 31.74 -40.16
C GLN H 927 39.23 32.06 -41.60
N LEU H 928 38.47 33.13 -41.78
CA LEU H 928 38.03 33.51 -43.12
C LEU H 928 39.16 34.14 -43.91
N VAL H 929 39.93 35.03 -43.28
CA VAL H 929 41.11 35.65 -43.88
C VAL H 929 42.23 35.58 -42.85
N ASP H 930 43.46 35.74 -43.33
CA ASP H 930 44.63 35.79 -42.46
C ASP H 930 44.41 36.82 -41.36
N GLY H 931 44.37 36.34 -40.11
CA GLY H 931 44.06 37.19 -38.99
C GLY H 931 42.59 37.51 -38.79
N ILE H 932 41.71 36.96 -39.61
CA ILE H 932 40.28 37.25 -39.55
C ILE H 932 39.53 35.95 -39.31
N ILE H 933 38.77 35.90 -38.21
CA ILE H 933 38.10 34.69 -37.76
C ILE H 933 36.61 34.97 -37.66
N ALA H 934 35.79 34.03 -38.13
CA ALA H 934 34.35 34.22 -38.19
C ALA H 934 33.76 34.37 -36.79
N PRO H 935 33.12 35.50 -36.47
CA PRO H 935 32.52 35.62 -35.14
C PRO H 935 31.26 34.79 -34.94
N GLU H 936 30.37 34.75 -35.94
CA GLU H 936 29.12 34.02 -35.82
C GLU H 936 28.83 33.31 -37.14
N SER H 937 28.24 32.12 -37.04
CA SER H 937 27.91 31.36 -38.23
C SER H 937 26.72 32.00 -38.94
N GLY H 938 26.56 31.65 -40.22
CA GLY H 938 25.45 32.17 -40.99
C GLY H 938 25.62 31.89 -42.45
N GLU H 939 24.65 32.37 -43.22
CA GLU H 939 24.68 32.28 -44.67
C GLU H 939 25.15 33.61 -45.26
N VAL H 940 26.04 33.51 -46.26
CA VAL H 940 26.63 34.70 -46.89
C VAL H 940 25.58 35.36 -47.79
N ARG H 941 25.08 36.52 -47.36
CA ARG H 941 24.07 37.23 -48.15
C ARG H 941 24.71 38.08 -49.24
N ALA H 942 25.55 39.05 -48.84
CA ALA H 942 26.19 39.95 -49.79
C ALA H 942 27.61 40.25 -49.33
N ILE H 943 28.44 40.65 -50.28
CA ILE H 943 29.82 41.03 -50.03
C ILE H 943 30.00 42.44 -50.56
N ALA H 944 29.87 43.43 -49.68
CA ALA H 944 30.04 44.83 -50.00
C ALA H 944 31.49 45.23 -49.77
N PRO H 945 31.94 46.33 -50.39
CA PRO H 945 33.34 46.75 -50.15
C PRO H 945 33.58 47.07 -48.68
N GLY H 946 34.38 46.23 -48.04
CA GLY H 946 34.66 46.33 -46.63
C GLY H 946 33.61 45.78 -45.70
N GLN H 947 32.53 45.18 -46.23
CA GLN H 947 31.46 44.68 -45.37
C GLN H 947 30.93 43.35 -45.90
N LEU H 948 30.30 42.60 -45.00
CA LEU H 948 29.80 41.26 -45.27
C LEU H 948 28.46 41.09 -44.58
N GLN H 949 27.47 40.57 -45.31
CA GLN H 949 26.12 40.34 -44.81
C GLN H 949 25.94 38.86 -44.51
N LEU H 950 25.62 38.53 -43.27
CA LEU H 950 25.39 37.15 -42.85
C LEU H 950 23.95 37.03 -42.36
N ARG H 951 23.19 36.12 -42.99
CA ARG H 951 21.90 35.68 -42.46
C ARG H 951 22.14 34.60 -41.42
N ILE H 952 21.69 34.85 -40.18
CA ILE H 952 22.04 33.98 -39.07
C ILE H 952 21.63 32.55 -39.36
N ALA H 953 22.50 31.61 -39.00
CA ALA H 953 22.28 30.21 -39.27
C ALA H 953 23.00 29.38 -38.23
N ARG H 954 22.61 28.10 -38.13
CA ARG H 954 23.24 27.21 -37.17
C ARG H 954 23.22 25.79 -37.75
N PRO H 955 24.34 25.09 -37.75
CA PRO H 955 24.38 23.75 -38.33
C PRO H 955 24.05 22.68 -37.29
N TYR H 956 23.78 21.47 -37.80
CA TYR H 956 23.68 20.28 -36.95
C TYR H 956 24.36 19.12 -37.68
N ARG H 957 25.36 18.53 -37.05
CA ARG H 957 26.06 17.42 -37.68
C ARG H 957 25.13 16.22 -37.74
N VAL H 958 25.20 15.48 -38.84
CA VAL H 958 24.44 14.25 -39.02
C VAL H 958 25.39 13.19 -39.57
N SER H 959 25.42 12.04 -38.93
CA SER H 959 26.30 10.95 -39.34
C SER H 959 25.57 9.98 -40.24
N GLN H 960 26.33 9.06 -40.81
CA GLN H 960 25.76 8.05 -41.70
C GLN H 960 24.77 7.18 -40.95
N GLY H 961 23.66 6.83 -41.61
CA GLY H 961 22.69 5.93 -41.03
C GLY H 961 21.58 6.58 -40.24
N ALA H 962 21.63 7.89 -40.05
CA ALA H 962 20.57 8.57 -39.31
C ALA H 962 19.27 8.57 -40.12
N VAL H 963 18.17 8.84 -39.42
CA VAL H 963 16.84 8.93 -40.03
C VAL H 963 16.44 10.39 -40.08
N LEU H 964 16.05 10.84 -41.26
CA LEU H 964 15.75 12.25 -41.51
C LEU H 964 14.26 12.47 -41.43
N HIS H 965 13.84 13.35 -40.52
CA HIS H 965 12.44 13.68 -40.32
C HIS H 965 12.00 14.84 -41.21
N VAL H 966 12.92 15.45 -41.94
CA VAL H 966 12.71 16.70 -42.65
C VAL H 966 13.27 16.57 -44.06
N GLU H 967 13.05 17.62 -44.86
CA GLU H 967 13.46 17.64 -46.25
C GLU H 967 14.32 18.87 -46.52
N ASP H 968 15.12 18.77 -47.58
CA ASP H 968 15.91 19.92 -48.03
C ASP H 968 14.98 21.09 -48.32
N LYS H 969 15.40 22.29 -47.91
CA LYS H 969 14.64 23.52 -48.11
C LYS H 969 13.28 23.48 -47.41
N GLY H 970 13.11 22.60 -46.44
CA GLY H 970 11.90 22.56 -45.64
C GLY H 970 11.77 23.80 -44.76
N LEU H 971 10.77 23.74 -43.88
CA LEU H 971 10.55 24.78 -42.89
C LEU H 971 10.22 24.13 -41.54
N VAL H 972 10.97 24.52 -40.51
CA VAL H 972 10.81 23.96 -39.18
C VAL H 972 10.80 25.11 -38.17
N GLN H 973 9.98 24.95 -37.13
CA GLN H 973 9.94 25.89 -36.02
C GLN H 973 10.68 25.35 -34.82
N ARG H 974 10.66 26.14 -33.75
CA ARG H 974 11.34 25.77 -32.51
C ARG H 974 10.81 24.44 -31.99
N GLY H 975 11.72 23.54 -31.64
CA GLY H 975 11.37 22.30 -31.00
C GLY H 975 11.10 21.14 -31.95
N ASP H 976 10.97 21.38 -33.24
CA ASP H 976 10.67 20.31 -34.18
C ASP H 976 11.84 19.33 -34.29
N ASN H 977 11.51 18.04 -34.30
CA ASN H 977 12.51 16.97 -34.41
C ASN H 977 13.20 17.02 -35.76
N LEU H 978 14.50 17.31 -35.76
CA LEU H 978 15.27 17.37 -37.00
C LEU H 978 15.63 15.98 -37.52
N VAL H 979 16.30 15.18 -36.71
CA VAL H 979 16.84 13.92 -37.23
C VAL H 979 17.01 12.92 -36.10
N LEU H 980 16.76 11.65 -36.42
CA LEU H 980 16.93 10.55 -35.47
C LEU H 980 18.29 9.91 -35.73
N LEU H 981 19.23 10.11 -34.81
CA LEU H 981 20.55 9.52 -34.88
C LEU H 981 20.52 8.08 -34.40
N VAL H 982 21.16 7.18 -35.14
CA VAL H 982 21.29 5.78 -34.77
C VAL H 982 22.78 5.52 -34.60
N PHE H 983 23.17 5.06 -33.41
CA PHE H 983 24.57 4.81 -33.09
C PHE H 983 24.68 3.49 -32.33
N GLU H 984 25.86 3.26 -31.77
CA GLU H 984 26.17 2.03 -31.06
C GLU H 984 26.57 2.38 -29.64
N ARG H 985 26.52 1.36 -28.78
CA ARG H 985 26.90 1.52 -27.38
C ARG H 985 27.32 0.17 -26.83
N ALA H 986 28.10 0.19 -25.76
CA ALA H 986 28.54 -1.03 -25.10
C ALA H 986 28.82 -0.72 -23.64
N LYS H 987 28.97 -1.79 -22.86
CA LYS H 987 29.21 -1.67 -21.43
C LYS H 987 30.33 -2.61 -20.98
N GLN H 993 22.58 -6.69 -11.37
CA GLN H 993 21.42 -7.56 -11.30
C GLN H 993 20.97 -7.76 -9.86
N GLY H 994 19.67 -7.96 -9.67
CA GLY H 994 19.11 -8.07 -8.34
C GLY H 994 18.11 -9.20 -8.19
N LEU H 995 17.02 -8.92 -7.48
CA LEU H 995 16.02 -9.95 -7.20
C LEU H 995 15.39 -10.54 -8.45
N PRO H 996 15.01 -9.77 -9.49
CA PRO H 996 14.44 -10.42 -10.67
C PRO H 996 15.34 -11.48 -11.28
N ARG H 997 16.65 -11.25 -11.33
CA ARG H 997 17.54 -12.26 -11.89
C ARG H 997 17.57 -13.51 -11.04
N ILE H 998 17.60 -13.36 -9.72
CA ILE H 998 17.62 -14.53 -8.84
C ILE H 998 16.33 -15.31 -8.96
N GLU H 999 15.20 -14.61 -9.00
CA GLU H 999 13.91 -15.29 -9.14
C GLU H 999 13.81 -16.00 -10.48
N GLU H 1000 14.34 -15.38 -11.55
CA GLU H 1000 14.33 -16.02 -12.85
C GLU H 1000 15.23 -17.26 -12.89
N LEU H 1001 16.39 -17.18 -12.23
CA LEU H 1001 17.30 -18.32 -12.20
C LEU H 1001 16.74 -19.46 -11.38
N LEU H 1002 16.15 -19.16 -10.22
CA LEU H 1002 15.66 -20.18 -9.30
C LEU H 1002 14.37 -20.80 -9.78
N GLU H 1003 13.62 -20.11 -10.64
CA GLU H 1003 12.38 -20.64 -11.20
C GLU H 1003 12.58 -21.27 -12.55
N ALA H 1004 13.83 -21.33 -13.03
CA ALA H 1004 14.17 -21.94 -14.31
C ALA H 1004 13.27 -21.41 -15.42
N ARG H 1005 13.17 -20.09 -15.50
CA ARG H 1005 12.43 -19.43 -16.56
C ARG H 1005 13.32 -19.18 -17.76
N LYS H 1006 12.70 -18.97 -18.91
CA LYS H 1006 13.42 -18.78 -20.15
C LYS H 1006 13.72 -17.29 -20.30
N PRO H 1007 14.98 -16.86 -20.21
CA PRO H 1007 15.28 -15.43 -20.29
C PRO H 1007 14.91 -14.87 -21.65
N LYS H 1008 14.28 -13.70 -21.65
CA LYS H 1008 13.82 -13.08 -22.89
C LYS H 1008 14.97 -13.00 -23.90
N GLU H 1009 16.06 -12.33 -23.54
CA GLU H 1009 17.20 -12.15 -24.44
C GLU H 1009 18.15 -13.33 -24.26
N ALA H 1010 17.68 -14.49 -24.73
CA ALA H 1010 18.44 -15.72 -24.54
C ALA H 1010 19.63 -15.75 -25.49
N CYS H 1011 20.81 -15.95 -24.92
CA CYS H 1011 22.02 -16.12 -25.73
C CYS H 1011 21.93 -17.38 -26.58
N ILE H 1012 22.52 -17.31 -27.76
CA ILE H 1012 22.59 -18.46 -28.66
C ILE H 1012 23.65 -19.43 -28.17
N LEU H 1013 23.28 -20.69 -28.03
CA LEU H 1013 24.17 -21.72 -27.50
C LEU H 1013 24.48 -22.75 -28.57
N ALA H 1014 25.73 -23.21 -28.61
CA ALA H 1014 26.14 -24.18 -29.60
C ALA H 1014 25.65 -25.57 -29.20
N ARG H 1015 25.77 -26.52 -30.12
CA ARG H 1015 25.40 -27.89 -29.83
C ARG H 1015 26.50 -28.91 -30.10
N ARG H 1016 27.68 -28.49 -30.55
CA ARG H 1016 28.75 -29.41 -30.87
C ARG H 1016 30.03 -28.59 -31.06
N PRO H 1017 31.21 -29.16 -30.80
CA PRO H 1017 32.44 -28.41 -31.06
C PRO H 1017 32.64 -28.14 -32.54
N GLY H 1018 33.43 -27.10 -32.82
CA GLY H 1018 33.68 -26.73 -34.19
C GLY H 1018 34.51 -25.48 -34.28
N VAL H 1019 34.41 -24.82 -35.43
CA VAL H 1019 35.09 -23.56 -35.70
C VAL H 1019 33.98 -22.52 -35.83
N ALA H 1020 34.34 -21.25 -35.73
CA ALA H 1020 33.31 -20.20 -35.69
C ALA H 1020 33.49 -19.22 -36.85
N HIS H 1021 32.83 -19.52 -37.96
CA HIS H 1021 32.80 -18.61 -39.10
C HIS H 1021 31.73 -17.56 -38.84
N ILE H 1022 32.12 -16.30 -38.77
CA ILE H 1022 31.15 -15.24 -38.52
C ILE H 1022 30.24 -15.05 -39.72
N ASN H 1023 30.80 -15.13 -40.94
CA ASN H 1023 30.06 -15.10 -42.19
C ASN H 1023 29.23 -13.81 -42.33
N TYR H 1024 29.97 -12.70 -42.45
CA TYR H 1024 29.37 -11.40 -42.72
C TYR H 1024 28.83 -11.33 -44.13
N SER H 1025 27.53 -11.61 -44.31
CA SER H 1025 26.94 -11.68 -45.63
C SER H 1025 26.67 -10.29 -46.18
N ASP H 1026 26.23 -10.24 -47.43
CA ASP H 1026 25.90 -8.97 -48.07
C ASP H 1026 24.78 -8.26 -47.32
N ASP H 1027 23.73 -8.99 -46.95
CA ASP H 1027 22.65 -8.43 -46.16
C ASP H 1027 22.95 -8.49 -44.66
N ASP H 1028 24.23 -8.60 -44.30
CA ASP H 1028 24.68 -8.71 -42.91
C ASP H 1028 23.98 -9.86 -42.21
N ALA H 1029 23.83 -10.97 -42.93
CA ALA H 1029 23.22 -12.19 -42.39
C ALA H 1029 24.31 -12.96 -41.66
N ILE H 1030 24.62 -12.47 -40.45
CA ILE H 1030 25.67 -13.06 -39.63
C ILE H 1030 25.15 -14.36 -39.04
N ASP H 1031 25.69 -15.49 -39.50
CA ASP H 1031 25.33 -16.78 -38.95
C ASP H 1031 26.59 -17.52 -38.55
N ILE H 1032 26.58 -18.10 -37.35
CA ILE H 1032 27.74 -18.81 -36.81
C ILE H 1032 27.69 -20.24 -37.34
N GLN H 1033 28.33 -20.47 -38.47
CA GLN H 1033 28.42 -21.80 -39.04
C GLN H 1033 29.64 -22.49 -38.44
N VAL H 1034 29.43 -23.66 -37.84
CA VAL H 1034 30.50 -24.42 -37.19
C VAL H 1034 30.71 -25.72 -37.93
N ILE H 1035 31.98 -26.10 -38.09
CA ILE H 1035 32.36 -27.31 -38.81
C ILE H 1035 32.64 -28.39 -37.77
N GLU H 1036 31.93 -29.51 -37.88
CA GLU H 1036 32.04 -30.56 -36.88
C GLU H 1036 33.39 -31.27 -37.02
N ALA H 1037 33.59 -32.30 -36.19
CA ALA H 1037 34.79 -33.12 -36.31
C ALA H 1037 34.83 -33.85 -37.63
N ASP H 1038 33.68 -34.11 -38.24
CA ASP H 1038 33.60 -34.73 -39.55
C ASP H 1038 33.40 -33.73 -40.67
N GLY H 1039 32.88 -32.54 -40.38
CA GLY H 1039 32.63 -31.54 -41.39
C GLY H 1039 31.17 -31.20 -41.61
N THR H 1040 30.38 -31.27 -40.54
CA THR H 1040 28.96 -30.96 -40.60
C THR H 1040 28.72 -29.55 -40.10
N GLN H 1041 28.00 -28.76 -40.90
CA GLN H 1041 27.67 -27.39 -40.51
C GLN H 1041 26.47 -27.36 -39.58
N ALA H 1042 26.30 -26.22 -38.90
CA ALA H 1042 25.19 -26.04 -37.97
C ALA H 1042 24.27 -24.89 -38.35
N ASP H 1043 24.83 -23.78 -38.87
CA ASP H 1043 24.04 -22.64 -39.33
C ASP H 1043 23.20 -22.03 -38.20
N TYR H 1044 23.91 -21.49 -37.22
CA TYR H 1044 23.24 -20.74 -36.15
C TYR H 1044 23.01 -19.31 -36.62
N PRO H 1045 21.76 -18.87 -36.75
CA PRO H 1045 21.51 -17.47 -37.16
C PRO H 1045 21.55 -16.55 -35.95
N VAL H 1046 22.35 -15.49 -36.05
CA VAL H 1046 22.40 -14.49 -35.00
C VAL H 1046 21.08 -13.73 -34.93
N GLY H 1047 20.58 -13.30 -36.08
CA GLY H 1047 19.29 -12.65 -36.14
C GLY H 1047 19.42 -11.15 -36.03
N PRO H 1048 18.66 -10.55 -35.11
CA PRO H 1048 18.67 -9.08 -35.00
C PRO H 1048 19.98 -8.54 -34.45
N GLY H 1049 20.05 -7.22 -34.28
CA GLY H 1049 21.27 -6.60 -33.81
C GLY H 1049 21.48 -6.66 -32.32
N GLN H 1050 20.40 -6.78 -31.55
CA GLN H 1050 20.53 -6.84 -30.09
C GLN H 1050 21.38 -7.98 -29.60
N PRO H 1051 21.28 -9.22 -30.12
CA PRO H 1051 22.20 -10.27 -29.66
C PRO H 1051 23.61 -10.04 -30.19
N LEU H 1052 24.36 -9.19 -29.50
CA LEU H 1052 25.72 -8.89 -29.91
C LEU H 1052 26.59 -10.14 -29.83
N ILE H 1053 27.45 -10.30 -30.80
CA ILE H 1053 28.31 -11.49 -30.89
C ILE H 1053 29.56 -11.26 -30.07
N ILE H 1054 30.01 -12.32 -29.40
CA ILE H 1054 31.24 -12.26 -28.61
C ILE H 1054 32.11 -13.47 -28.92
N SER H 1055 31.69 -14.26 -29.90
CA SER H 1055 32.29 -15.56 -30.16
C SER H 1055 33.22 -15.43 -31.37
N ASP H 1056 34.53 -15.52 -31.12
CA ASP H 1056 35.50 -15.66 -32.20
C ASP H 1056 36.61 -16.62 -31.79
N GLY H 1057 36.30 -17.53 -30.86
CA GLY H 1057 37.32 -18.39 -30.29
C GLY H 1057 37.90 -19.37 -31.28
N GLU H 1058 37.07 -19.87 -32.21
CA GLU H 1058 37.42 -20.94 -33.14
C GLU H 1058 37.84 -22.20 -32.41
N THR H 1059 37.38 -22.36 -31.17
CA THR H 1059 37.59 -23.57 -30.37
C THR H 1059 36.35 -23.95 -29.59
N VAL H 1060 35.16 -23.69 -30.17
CA VAL H 1060 33.91 -23.84 -29.43
C VAL H 1060 33.69 -25.30 -29.06
N ASP H 1061 32.95 -25.52 -27.97
CA ASP H 1061 32.58 -26.84 -27.52
C ASP H 1061 31.10 -26.85 -27.17
N ALA H 1062 30.52 -28.04 -27.07
CA ALA H 1062 29.09 -28.16 -26.88
C ALA H 1062 28.65 -27.40 -25.64
N GLY H 1063 27.61 -26.59 -25.78
CA GLY H 1063 27.11 -25.78 -24.70
C GLY H 1063 27.66 -24.38 -24.66
N GLN H 1064 28.77 -24.12 -25.36
CA GLN H 1064 29.41 -22.82 -25.33
C GLN H 1064 28.50 -21.74 -25.89
N ALA H 1065 28.43 -20.61 -25.18
CA ALA H 1065 27.64 -19.48 -25.61
C ALA H 1065 28.34 -18.77 -26.78
N LEU H 1066 27.55 -17.98 -27.50
CA LEU H 1066 28.03 -17.25 -28.67
C LEU H 1066 27.76 -15.76 -28.56
N THR H 1067 26.65 -15.36 -27.96
CA THR H 1067 26.20 -13.98 -27.96
C THR H 1067 26.17 -13.48 -26.52
N ASP H 1068 25.92 -12.19 -26.37
CA ASP H 1068 25.67 -11.61 -25.06
C ASP H 1068 24.30 -12.01 -24.53
N GLY H 1069 24.21 -12.12 -23.20
CA GLY H 1069 22.97 -12.41 -22.52
C GLY H 1069 22.96 -13.67 -21.69
N PRO H 1070 21.87 -13.87 -20.95
CA PRO H 1070 21.71 -15.07 -20.10
C PRO H 1070 21.32 -16.30 -20.90
N ALA H 1071 22.02 -17.41 -20.64
CA ALA H 1071 21.73 -18.65 -21.34
C ALA H 1071 20.46 -19.29 -20.78
N ASN H 1072 19.77 -20.03 -21.65
CA ASN H 1072 18.59 -20.78 -21.25
C ASN H 1072 19.00 -22.14 -20.71
N PRO H 1073 18.73 -22.45 -19.43
CA PRO H 1073 19.19 -23.75 -18.90
C PRO H 1073 18.36 -24.94 -19.37
N HIS H 1074 17.14 -24.72 -19.87
CA HIS H 1074 16.31 -25.85 -20.23
C HIS H 1074 16.76 -26.49 -21.54
N ASP H 1075 17.27 -25.69 -22.47
CA ASP H 1075 17.80 -26.25 -23.71
C ASP H 1075 19.28 -26.54 -23.58
N LEU H 1076 19.97 -25.84 -22.67
CA LEU H 1076 21.35 -26.22 -22.36
C LEU H 1076 21.40 -27.63 -21.80
N LEU H 1077 20.43 -27.99 -20.96
CA LEU H 1077 20.35 -29.36 -20.46
C LEU H 1077 20.16 -30.35 -21.61
N GLU H 1078 19.27 -30.03 -22.55
CA GLU H 1078 19.04 -30.91 -23.69
C GLU H 1078 20.29 -31.05 -24.56
N ILE H 1079 21.00 -29.93 -24.80
CA ILE H 1079 22.22 -29.96 -25.58
C ILE H 1079 23.26 -30.85 -24.92
N TYR H 1080 23.46 -30.66 -23.61
CA TYR H 1080 24.44 -31.45 -22.88
C TYR H 1080 24.06 -32.93 -22.90
N TYR H 1081 22.78 -33.23 -22.70
CA TYR H 1081 22.33 -34.62 -22.72
C TYR H 1081 22.54 -35.25 -24.08
N ASP H 1082 22.22 -34.54 -25.15
CA ASP H 1082 22.39 -35.08 -26.49
C ASP H 1082 23.86 -35.33 -26.79
N TYR H 1083 24.72 -34.37 -26.45
CA TYR H 1083 26.15 -34.55 -26.68
C TYR H 1083 26.71 -35.73 -25.89
N PHE H 1084 26.36 -35.81 -24.60
CA PHE H 1084 26.91 -36.84 -23.74
C PHE H 1084 26.34 -38.22 -24.04
N ARG H 1085 25.12 -38.30 -24.60
CA ARG H 1085 24.52 -39.59 -24.88
C ARG H 1085 25.19 -40.26 -26.07
N GLU H 1086 26.09 -39.55 -26.74
CA GLU H 1086 26.87 -40.07 -27.85
C GLU H 1086 28.35 -40.14 -27.46
N GLN H 1087 28.94 -39.01 -27.08
CA GLN H 1087 30.35 -39.00 -26.68
C GLN H 1087 30.65 -40.10 -25.68
N LEU H 1088 29.72 -40.36 -24.75
CA LEU H 1088 29.84 -41.44 -23.78
C LEU H 1088 29.11 -42.68 -24.26
N GLY H 1089 27.80 -42.59 -24.48
CA GLY H 1089 27.00 -43.68 -25.01
C GLY H 1089 26.02 -44.30 -24.05
N GLU H 1090 26.21 -44.12 -22.75
CA GLU H 1090 25.26 -44.60 -21.76
C GLU H 1090 24.38 -43.47 -21.27
N ASP H 1091 23.09 -43.76 -21.09
CA ASP H 1091 22.15 -42.72 -20.69
C ASP H 1091 22.42 -42.21 -19.29
N TYR H 1092 22.65 -43.12 -18.33
CA TYR H 1092 22.79 -42.73 -16.94
C TYR H 1092 23.93 -41.73 -16.74
N GLU H 1093 25.11 -42.03 -17.28
CA GLU H 1093 26.24 -41.11 -17.15
C GLU H 1093 26.03 -39.84 -17.94
N ALA H 1094 25.38 -39.91 -19.10
CA ALA H 1094 25.10 -38.69 -19.85
C ALA H 1094 24.20 -37.76 -19.05
N ALA H 1095 23.15 -38.31 -18.43
CA ALA H 1095 22.27 -37.53 -17.59
C ALA H 1095 23.04 -36.94 -16.40
N LEU H 1096 23.88 -37.75 -15.77
CA LEU H 1096 24.64 -37.26 -14.62
C LEU H 1096 25.53 -36.10 -15.01
N GLU H 1097 26.25 -36.22 -16.13
CA GLU H 1097 27.16 -35.15 -16.53
C GLU H 1097 26.41 -33.90 -16.93
N SER H 1098 25.30 -34.05 -17.68
CA SER H 1098 24.51 -32.88 -18.06
C SER H 1098 23.97 -32.17 -16.83
N LEU H 1099 23.41 -32.93 -15.88
CA LEU H 1099 22.90 -32.34 -14.67
C LEU H 1099 24.00 -31.66 -13.87
N ARG H 1100 25.18 -32.27 -13.83
CA ARG H 1100 26.30 -31.67 -13.12
C ARG H 1100 26.67 -30.32 -13.71
N ARG H 1101 26.79 -30.24 -15.04
CA ARG H 1101 27.18 -28.99 -15.67
C ARG H 1101 26.12 -27.92 -15.46
N VAL H 1102 24.83 -28.28 -15.61
CA VAL H 1102 23.77 -27.30 -15.41
C VAL H 1102 23.74 -26.84 -13.96
N GLN H 1103 23.97 -27.76 -13.03
CA GLN H 1103 24.00 -27.41 -11.61
C GLN H 1103 25.11 -26.42 -11.33
N ALA H 1104 26.31 -26.67 -11.87
CA ALA H 1104 27.42 -25.74 -11.68
C ALA H 1104 27.08 -24.37 -12.25
N LEU H 1105 26.48 -24.34 -13.44
CA LEU H 1105 26.10 -23.06 -14.03
C LEU H 1105 25.13 -22.31 -13.14
N LEU H 1106 24.09 -23.00 -12.64
CA LEU H 1106 23.09 -22.34 -11.82
C LEU H 1106 23.68 -21.81 -10.52
N VAL H 1107 24.50 -22.63 -9.85
CA VAL H 1107 25.10 -22.21 -8.59
C VAL H 1107 26.00 -21.00 -8.82
N ASN H 1108 26.84 -21.05 -9.85
CA ASN H 1108 27.75 -19.94 -10.12
C ASN H 1108 26.98 -18.67 -10.46
N GLU H 1109 25.92 -18.79 -11.27
CA GLU H 1109 25.15 -17.60 -11.63
C GLU H 1109 24.48 -16.98 -10.41
N VAL H 1110 23.87 -17.80 -9.56
CA VAL H 1110 23.21 -17.27 -8.38
C VAL H 1110 24.23 -16.61 -7.45
N GLN H 1111 25.37 -17.27 -7.23
CA GLN H 1111 26.39 -16.71 -6.35
C GLN H 1111 26.95 -15.42 -6.91
N SER H 1112 27.15 -15.34 -8.23
CA SER H 1112 27.63 -14.11 -8.83
C SER H 1112 26.65 -12.97 -8.67
N VAL H 1113 25.36 -13.26 -8.88
CA VAL H 1113 24.35 -12.23 -8.70
C VAL H 1113 24.34 -11.73 -7.26
N TYR H 1114 24.45 -12.65 -6.30
CA TYR H 1114 24.43 -12.25 -4.90
C TYR H 1114 25.66 -11.43 -4.54
N GLN H 1115 26.84 -11.86 -5.00
CA GLN H 1115 28.08 -11.17 -4.67
C GLN H 1115 28.27 -9.86 -5.43
N SER H 1116 27.51 -9.63 -6.49
CA SER H 1116 27.58 -8.34 -7.17
C SER H 1116 27.22 -7.18 -6.25
N GLN H 1117 26.21 -7.36 -5.42
CA GLN H 1117 25.83 -6.38 -4.40
C GLN H 1117 26.64 -6.47 -3.11
N GLY H 1118 27.62 -7.36 -3.03
CA GLY H 1118 28.42 -7.46 -1.83
C GLY H 1118 27.81 -8.28 -0.72
N ILE H 1119 27.17 -9.39 -1.06
CA ILE H 1119 26.48 -10.26 -0.12
C ILE H 1119 27.17 -11.61 -0.17
N ASP H 1120 27.39 -12.23 0.98
CA ASP H 1120 28.03 -13.53 1.02
C ASP H 1120 27.15 -14.55 1.70
N ILE H 1121 26.95 -15.67 1.01
CA ILE H 1121 26.24 -16.83 1.50
C ILE H 1121 27.13 -18.02 1.18
N SER H 1122 27.05 -19.07 1.99
CA SER H 1122 27.81 -20.26 1.67
C SER H 1122 27.20 -20.93 0.45
N ASP H 1123 27.99 -21.79 -0.20
CA ASP H 1123 27.53 -22.42 -1.43
C ASP H 1123 26.72 -23.67 -1.17
N LYS H 1124 26.76 -24.20 0.05
CA LYS H 1124 25.92 -25.35 0.39
C LYS H 1124 24.45 -24.97 0.37
N HIS H 1125 24.13 -23.76 0.82
CA HIS H 1125 22.74 -23.33 0.87
C HIS H 1125 22.14 -23.26 -0.53
N ILE H 1126 22.92 -22.82 -1.51
CA ILE H 1126 22.43 -22.78 -2.88
C ILE H 1126 22.49 -24.16 -3.51
N GLU H 1127 23.46 -24.98 -3.12
CA GLU H 1127 23.58 -26.32 -3.66
C GLU H 1127 22.38 -27.19 -3.27
N VAL H 1128 21.89 -27.03 -2.05
CA VAL H 1128 20.71 -27.81 -1.63
C VAL H 1128 19.51 -27.47 -2.51
N ILE H 1129 19.34 -26.18 -2.82
CA ILE H 1129 18.21 -25.77 -3.65
C ILE H 1129 18.38 -26.27 -5.08
N VAL H 1130 19.61 -26.18 -5.60
CA VAL H 1130 19.85 -26.60 -6.97
C VAL H 1130 19.65 -28.11 -7.08
N ARG H 1131 19.99 -28.87 -6.04
CA ARG H 1131 19.74 -30.30 -6.07
C ARG H 1131 18.26 -30.61 -5.89
N GLN H 1132 17.50 -29.68 -5.33
CA GLN H 1132 16.06 -29.89 -5.32
C GLN H 1132 15.44 -29.55 -6.66
N MET H 1133 16.20 -28.84 -7.52
CA MET H 1133 15.68 -28.46 -8.82
C MET H 1133 16.17 -29.36 -9.96
N THR H 1134 17.27 -30.09 -9.77
CA THR H 1134 17.90 -30.86 -10.84
C THR H 1134 18.08 -32.32 -10.42
N SER H 1135 17.01 -32.95 -9.93
CA SER H 1135 17.11 -34.33 -9.50
C SER H 1135 16.00 -35.19 -10.12
N LYS H 1136 15.43 -34.77 -11.24
CA LYS H 1136 14.33 -35.51 -11.82
C LYS H 1136 14.58 -35.79 -13.30
N VAL H 1137 13.74 -36.67 -13.82
CA VAL H 1137 13.91 -37.20 -15.16
C VAL H 1137 12.53 -37.50 -15.72
N ARG H 1138 12.39 -37.32 -17.03
CA ARG H 1138 11.16 -37.59 -17.75
C ARG H 1138 11.32 -38.91 -18.48
N ILE H 1139 10.42 -39.86 -18.22
CA ILE H 1139 10.47 -41.17 -18.83
C ILE H 1139 10.14 -41.04 -20.31
N ASP H 1140 11.18 -41.04 -21.15
CA ASP H 1140 10.96 -40.82 -22.58
C ASP H 1140 10.13 -41.94 -23.19
N ASP H 1141 10.55 -43.19 -22.97
CA ASP H 1141 9.85 -44.34 -23.51
C ASP H 1141 10.14 -45.52 -22.59
N GLY H 1142 9.13 -45.97 -21.86
CA GLY H 1142 9.34 -47.02 -20.89
C GLY H 1142 9.54 -48.37 -21.54
N GLY H 1143 10.23 -49.25 -20.83
CA GLY H 1143 10.42 -50.62 -21.27
C GLY H 1143 9.47 -51.53 -20.53
N ASP H 1144 10.02 -52.49 -19.79
CA ASP H 1144 9.20 -53.36 -18.94
C ASP H 1144 8.92 -52.73 -17.58
N THR H 1145 9.30 -51.46 -17.40
CA THR H 1145 9.09 -50.77 -16.14
C THR H 1145 7.63 -50.36 -15.96
N ILE H 1146 7.29 -50.02 -14.72
CA ILE H 1146 5.94 -49.57 -14.37
C ILE H 1146 5.88 -48.06 -14.61
N MET H 1147 6.93 -47.52 -15.22
CA MET H 1147 7.02 -46.09 -15.49
C MET H 1147 6.41 -45.80 -16.85
N LEU H 1148 5.28 -45.08 -16.86
CA LEU H 1148 4.71 -44.68 -18.14
C LEU H 1148 5.42 -43.44 -18.67
N PRO H 1149 5.45 -43.25 -19.98
CA PRO H 1149 6.04 -42.03 -20.53
C PRO H 1149 5.29 -40.78 -20.06
N GLY H 1150 6.05 -39.71 -19.87
CA GLY H 1150 5.49 -38.45 -19.41
C GLY H 1150 5.60 -38.22 -17.92
N GLU H 1151 6.08 -39.20 -17.16
CA GLU H 1151 6.17 -39.10 -15.72
C GLU H 1151 7.54 -38.57 -15.31
N LEU H 1152 7.54 -37.76 -14.27
CA LEU H 1152 8.77 -37.25 -13.67
C LEU H 1152 9.12 -38.12 -12.48
N HIS H 1153 10.32 -38.68 -12.50
CA HIS H 1153 10.79 -39.58 -11.44
C HIS H 1153 12.21 -39.20 -11.07
N GLU H 1154 12.60 -39.52 -9.84
CA GLU H 1154 13.95 -39.27 -9.42
C GLU H 1154 14.94 -40.11 -10.22
N LEU H 1155 16.11 -39.54 -10.47
CA LEU H 1155 17.14 -40.26 -11.23
C LEU H 1155 17.57 -41.51 -10.51
N ARG H 1156 17.72 -41.44 -9.18
CA ARG H 1156 18.18 -42.59 -8.41
C ARG H 1156 17.18 -43.73 -8.49
N GLU H 1157 15.89 -43.43 -8.35
CA GLU H 1157 14.87 -44.48 -8.42
C GLU H 1157 14.83 -45.12 -9.80
N VAL H 1158 14.89 -44.29 -10.85
CA VAL H 1158 14.90 -44.81 -12.22
C VAL H 1158 16.12 -45.70 -12.42
N TYR H 1159 17.28 -45.27 -11.93
CA TYR H 1159 18.50 -46.06 -12.09
C TYR H 1159 18.36 -47.39 -11.38
N ASN H 1160 17.83 -47.40 -10.16
CA ASN H 1160 17.69 -48.66 -9.44
C ASN H 1160 16.71 -49.59 -10.14
N SER H 1161 15.59 -49.04 -10.62
CA SER H 1161 14.61 -49.86 -11.33
C SER H 1161 15.21 -50.45 -12.60
N ASN H 1162 15.93 -49.63 -13.36
CA ASN H 1162 16.58 -50.11 -14.59
C ASN H 1162 17.61 -51.18 -14.25
N ASN H 1163 18.36 -50.99 -13.17
CA ASN H 1163 19.36 -51.96 -12.77
C ASN H 1163 18.71 -53.30 -12.46
N THR H 1164 17.66 -53.31 -11.65
CA THR H 1164 17.02 -54.58 -11.30
C THR H 1164 16.32 -55.18 -12.52
N MET H 1165 15.91 -54.33 -13.47
CA MET H 1165 15.18 -54.81 -14.64
C MET H 1165 16.13 -55.51 -15.60
N ALA H 1166 17.32 -54.96 -15.79
CA ALA H 1166 18.28 -55.66 -16.64
C ALA H 1166 19.05 -56.71 -15.87
N LEU H 1167 18.97 -56.68 -14.53
CA LEU H 1167 19.47 -57.78 -13.72
C LEU H 1167 18.66 -59.04 -13.97
N THR H 1168 17.33 -58.91 -14.04
CA THR H 1168 16.53 -60.08 -14.39
C THR H 1168 16.52 -60.35 -15.88
N GLY H 1169 16.86 -59.36 -16.70
CA GLY H 1169 16.98 -59.54 -18.13
C GLY H 1169 15.83 -58.96 -18.93
N MET H 1170 15.24 -57.88 -18.43
CA MET H 1170 14.14 -57.23 -19.12
C MET H 1170 14.67 -56.09 -19.99
N ALA H 1171 13.76 -55.27 -20.51
CA ALA H 1171 14.13 -54.15 -21.37
C ALA H 1171 14.06 -52.87 -20.56
N PRO H 1172 15.17 -52.15 -20.38
CA PRO H 1172 15.13 -50.94 -19.53
C PRO H 1172 14.33 -49.83 -20.17
N ALA H 1173 14.20 -48.70 -19.47
CA ALA H 1173 13.47 -47.54 -19.95
C ALA H 1173 14.44 -46.42 -20.28
N GLN H 1174 14.00 -45.54 -21.17
CA GLN H 1174 14.77 -44.37 -21.54
C GLN H 1174 14.23 -43.14 -20.81
N PHE H 1175 15.07 -42.12 -20.69
CA PHE H 1175 14.67 -40.95 -19.95
C PHE H 1175 15.52 -39.76 -20.37
N THR H 1176 15.06 -38.58 -19.99
CA THR H 1176 15.75 -37.33 -20.28
C THR H 1176 15.76 -36.52 -18.99
N PRO H 1177 16.93 -36.05 -18.53
CA PRO H 1177 16.96 -35.22 -17.33
C PRO H 1177 16.18 -33.95 -17.53
N VAL H 1178 15.60 -33.43 -16.45
CA VAL H 1178 14.82 -32.20 -16.59
C VAL H 1178 15.20 -31.20 -15.51
N LEU H 1179 14.90 -29.94 -15.80
CA LEU H 1179 15.05 -28.84 -14.87
C LEU H 1179 13.67 -28.37 -14.49
N LEU H 1180 13.38 -28.33 -13.19
CA LEU H 1180 12.01 -28.13 -12.74
C LEU H 1180 11.73 -26.67 -12.43
N GLY H 1181 12.43 -26.10 -11.47
CA GLY H 1181 12.08 -24.79 -10.94
C GLY H 1181 11.67 -24.88 -9.49
N ILE H 1182 11.48 -23.72 -8.89
CA ILE H 1182 11.26 -23.66 -7.46
C ILE H 1182 9.80 -23.89 -7.10
N THR H 1183 8.88 -23.64 -8.04
CA THR H 1183 7.46 -23.90 -7.83
C THR H 1183 7.01 -25.22 -8.46
N LYS H 1184 7.55 -25.58 -9.62
CA LYS H 1184 7.16 -26.83 -10.24
C LYS H 1184 7.70 -28.05 -9.49
N ALA H 1185 8.77 -27.88 -8.72
CA ALA H 1185 9.32 -28.98 -7.94
C ALA H 1185 8.63 -29.12 -6.60
N SER H 1186 8.09 -28.03 -6.06
CA SER H 1186 7.37 -28.09 -4.79
C SER H 1186 5.99 -28.70 -4.95
N LEU H 1187 5.45 -28.72 -6.18
CA LEU H 1187 4.15 -29.31 -6.47
C LEU H 1187 4.27 -30.76 -6.91
N ASN H 1188 5.48 -31.29 -7.01
CA ASN H 1188 5.70 -32.66 -7.42
C ASN H 1188 6.12 -33.55 -6.26
N THR H 1189 5.84 -33.12 -5.03
CA THR H 1189 6.15 -33.90 -3.85
C THR H 1189 5.21 -35.11 -3.73
N ASN H 1190 5.57 -36.02 -2.84
CA ASN H 1190 4.80 -37.25 -2.65
C ASN H 1190 3.70 -37.10 -1.62
N SER H 1191 3.59 -35.94 -0.98
CA SER H 1191 2.55 -35.67 0.02
C SER H 1191 1.62 -34.60 -0.53
N PHE H 1192 0.33 -34.90 -0.58
CA PHE H 1192 -0.63 -33.94 -1.10
C PHE H 1192 -0.96 -32.85 -0.09
N ILE H 1193 -0.70 -33.09 1.20
CA ILE H 1193 -0.97 -32.07 2.21
C ILE H 1193 0.00 -30.92 2.08
N SER H 1194 1.28 -31.22 1.83
CA SER H 1194 2.26 -30.16 1.61
C SER H 1194 1.95 -29.37 0.36
N ALA H 1195 1.55 -30.05 -0.72
CA ALA H 1195 1.30 -29.35 -1.98
C ALA H 1195 0.02 -28.55 -1.93
N ALA H 1196 -1.01 -29.06 -1.27
CA ALA H 1196 -2.27 -28.33 -1.19
C ALA H 1196 -2.14 -27.09 -0.33
N SER H 1197 -1.24 -27.10 0.64
CA SER H 1197 -1.02 -25.97 1.52
C SER H 1197 -0.03 -24.96 0.94
N PHE H 1198 0.57 -25.26 -0.22
CA PHE H 1198 1.51 -24.35 -0.86
C PHE H 1198 0.82 -23.46 -1.90
N GLN H 1199 0.25 -24.09 -2.92
CA GLN H 1199 -0.38 -23.35 -4.01
C GLN H 1199 -1.40 -24.27 -4.67
N GLU H 1200 -2.36 -23.64 -5.34
CA GLU H 1200 -3.34 -24.34 -6.16
C GLU H 1200 -4.00 -25.46 -5.37
N THR H 1201 -4.72 -25.07 -4.31
CA THR H 1201 -5.26 -26.05 -3.39
C THR H 1201 -6.29 -26.96 -4.06
N THR H 1202 -7.17 -26.38 -4.87
CA THR H 1202 -8.27 -27.17 -5.44
C THR H 1202 -7.74 -28.15 -6.48
N ARG H 1203 -6.78 -27.72 -7.31
CA ARG H 1203 -6.20 -28.61 -8.29
C ARG H 1203 -5.49 -29.78 -7.64
N VAL H 1204 -4.67 -29.50 -6.62
CA VAL H 1204 -3.94 -30.56 -5.93
C VAL H 1204 -4.91 -31.51 -5.25
N LEU H 1205 -5.93 -30.98 -4.60
CA LEU H 1205 -6.88 -31.83 -3.90
C LEU H 1205 -7.69 -32.68 -4.86
N THR H 1206 -8.07 -32.12 -6.02
CA THR H 1206 -8.78 -32.89 -7.03
C THR H 1206 -7.91 -34.00 -7.58
N GLU H 1207 -6.65 -33.70 -7.88
CA GLU H 1207 -5.73 -34.72 -8.38
C GLU H 1207 -5.52 -35.81 -7.34
N ALA H 1208 -5.36 -35.44 -6.09
CA ALA H 1208 -5.17 -36.43 -5.03
C ALA H 1208 -6.40 -37.30 -4.86
N ALA H 1209 -7.60 -36.71 -4.93
CA ALA H 1209 -8.82 -37.49 -4.83
C ALA H 1209 -8.95 -38.45 -5.99
N ILE H 1210 -8.58 -38.02 -7.20
CA ILE H 1210 -8.69 -38.89 -8.36
C ILE H 1210 -7.70 -40.03 -8.28
N GLU H 1211 -6.46 -39.74 -7.88
CA GLU H 1211 -5.43 -40.76 -7.78
C GLU H 1211 -5.58 -41.63 -6.54
N GLY H 1212 -6.40 -41.22 -5.58
CA GLY H 1212 -6.51 -41.97 -4.34
C GLY H 1212 -5.25 -41.92 -3.53
N LYS H 1213 -4.64 -40.75 -3.42
CA LYS H 1213 -3.32 -40.65 -2.80
C LYS H 1213 -3.42 -40.74 -1.29
N SER H 1214 -2.33 -41.19 -0.68
CA SER H 1214 -2.23 -41.29 0.77
C SER H 1214 -0.97 -40.56 1.22
N ASP H 1215 -1.07 -39.88 2.36
CA ASP H 1215 0.03 -39.08 2.88
C ASP H 1215 0.46 -39.69 4.20
N TRP H 1216 1.75 -40.03 4.31
CA TRP H 1216 2.25 -40.72 5.48
C TRP H 1216 2.93 -39.79 6.47
N LEU H 1217 2.82 -38.47 6.27
CA LEU H 1217 3.24 -37.47 7.24
C LEU H 1217 4.72 -37.64 7.60
N ARG H 1218 5.57 -37.41 6.59
CA ARG H 1218 7.01 -37.53 6.77
C ARG H 1218 7.72 -36.21 6.48
N GLY H 1219 7.04 -35.08 6.69
CA GLY H 1219 7.64 -33.79 6.44
C GLY H 1219 7.36 -32.83 7.57
N LEU H 1220 8.08 -31.71 7.57
CA LEU H 1220 7.88 -30.72 8.63
C LEU H 1220 6.54 -30.02 8.50
N LYS H 1221 6.13 -29.68 7.28
CA LYS H 1221 4.84 -29.01 7.12
C LYS H 1221 3.65 -29.91 7.41
N GLU H 1222 3.86 -31.21 7.62
CA GLU H 1222 2.70 -32.06 7.85
C GLU H 1222 2.58 -32.52 9.28
N ASN H 1223 3.69 -32.65 9.99
CA ASN H 1223 3.60 -32.73 11.44
C ASN H 1223 3.29 -31.38 12.05
N VAL H 1224 3.64 -30.30 11.34
CA VAL H 1224 3.21 -28.97 11.76
C VAL H 1224 1.71 -28.81 11.56
N ILE H 1225 1.18 -29.25 10.41
CA ILE H 1225 -0.25 -29.10 10.18
C ILE H 1225 -1.06 -29.98 11.13
N ILE H 1226 -0.67 -31.25 11.28
CA ILE H 1226 -1.45 -32.11 12.17
C ILE H 1226 -1.16 -31.79 13.63
N GLY H 1227 0.07 -31.40 13.96
CA GLY H 1227 0.40 -31.10 15.34
C GLY H 1227 1.22 -32.13 16.08
N ARG H 1228 2.20 -32.71 15.39
CA ARG H 1228 3.10 -33.69 15.95
C ARG H 1228 4.50 -33.11 16.09
N LEU H 1229 5.38 -33.89 16.72
CA LEU H 1229 6.77 -33.49 16.82
C LEU H 1229 7.39 -33.57 15.43
N ILE H 1230 8.05 -32.50 15.01
CA ILE H 1230 8.64 -32.46 13.68
C ILE H 1230 9.77 -33.47 13.63
N PRO H 1231 10.04 -34.09 12.48
CA PRO H 1231 11.07 -35.13 12.41
C PRO H 1231 12.48 -34.58 12.29
N ALA H 1232 12.67 -33.32 12.66
CA ALA H 1232 13.98 -32.67 12.62
C ALA H 1232 14.28 -32.06 13.98
N GLY H 1233 15.54 -32.13 14.38
CA GLY H 1233 15.97 -31.49 15.61
C GLY H 1233 15.83 -32.42 16.80
N THR H 1234 15.25 -31.92 17.88
CA THR H 1234 15.03 -32.73 19.06
C THR H 1234 13.90 -33.74 18.87
N GLY H 1235 13.09 -33.60 17.82
CA GLY H 1235 12.04 -34.54 17.51
C GLY H 1235 12.44 -35.52 16.45
N PHE H 1236 13.75 -35.67 16.24
CA PHE H 1236 14.25 -36.53 15.18
C PHE H 1236 13.85 -37.99 15.40
N LYS H 1237 13.98 -38.48 16.62
CA LYS H 1237 13.58 -39.85 16.91
C LYS H 1237 12.71 -39.92 18.17
N TYR I 86 -22.97 -19.61 -28.13
CA TYR I 86 -22.59 -20.30 -26.90
C TYR I 86 -22.31 -19.32 -25.77
N THR I 87 -23.37 -18.66 -25.30
CA THR I 87 -23.24 -17.68 -24.23
C THR I 87 -23.17 -18.38 -22.88
N GLU I 88 -22.52 -17.72 -21.92
CA GLU I 88 -22.42 -18.25 -20.57
C GLU I 88 -23.54 -17.78 -19.65
N ASP I 89 -24.21 -16.68 -20.01
CA ASP I 89 -25.30 -16.16 -19.20
C ASP I 89 -26.45 -17.16 -19.15
N SER I 90 -27.05 -17.34 -17.97
CA SER I 90 -28.14 -18.29 -17.82
C SER I 90 -29.51 -17.65 -18.04
N ILE I 91 -29.67 -16.40 -17.60
CA ILE I 91 -30.95 -15.72 -17.77
C ILE I 91 -31.20 -15.49 -19.25
N ARG I 92 -30.17 -15.06 -19.98
CA ARG I 92 -30.32 -14.82 -21.42
C ARG I 92 -30.68 -16.10 -22.13
N LEU I 93 -30.09 -17.22 -21.72
CA LEU I 93 -30.45 -18.52 -22.29
C LEU I 93 -31.91 -18.86 -22.01
N TYR I 94 -32.38 -18.57 -20.80
CA TYR I 94 -33.79 -18.81 -20.50
C TYR I 94 -34.69 -17.91 -21.35
N LEU I 95 -34.30 -16.66 -21.55
CA LEU I 95 -35.09 -15.74 -22.37
C LEU I 95 -35.14 -16.22 -23.82
N GLN I 96 -34.02 -16.73 -24.33
CA GLN I 96 -34.02 -17.31 -25.67
C GLN I 96 -34.95 -18.51 -25.74
N GLU I 97 -34.85 -19.42 -24.78
CA GLU I 97 -35.73 -20.59 -24.76
C GLU I 97 -37.20 -20.18 -24.71
N ILE I 98 -37.50 -19.10 -23.99
CA ILE I 98 -38.85 -18.57 -23.94
C ILE I 98 -39.27 -18.04 -25.32
N GLY I 99 -38.40 -17.26 -25.96
CA GLY I 99 -38.75 -16.63 -27.22
C GLY I 99 -39.03 -17.61 -28.35
N ARG I 100 -38.64 -18.86 -28.20
CA ARG I 100 -38.97 -19.90 -29.18
C ARG I 100 -40.42 -20.34 -29.12
N ILE I 101 -41.29 -19.63 -28.40
CA ILE I 101 -42.68 -20.00 -28.24
C ILE I 101 -43.55 -18.81 -28.60
N ARG I 102 -44.52 -19.03 -29.48
CA ARG I 102 -45.39 -17.96 -29.94
C ARG I 102 -46.56 -17.75 -28.99
N LEU I 103 -46.92 -16.49 -28.78
CA LEU I 103 -48.00 -16.15 -27.88
C LEU I 103 -49.32 -16.71 -28.37
N LEU I 104 -50.16 -17.13 -27.43
CA LEU I 104 -51.49 -17.64 -27.77
C LEU I 104 -52.41 -16.49 -28.17
N ARG I 105 -53.49 -16.86 -28.84
CA ARG I 105 -54.59 -15.96 -29.16
C ARG I 105 -55.80 -16.34 -28.31
N ALA I 106 -56.78 -15.44 -28.25
CA ALA I 106 -57.89 -15.62 -27.32
C ALA I 106 -58.68 -16.89 -27.63
N ASP I 107 -58.92 -17.18 -28.91
CA ASP I 107 -59.60 -18.41 -29.28
C ASP I 107 -58.76 -19.62 -28.87
N GLU I 108 -57.44 -19.51 -29.02
CA GLU I 108 -56.57 -20.60 -28.59
C GLU I 108 -56.67 -20.76 -27.08
N GLU I 109 -56.74 -19.65 -26.35
CA GLU I 109 -56.92 -19.71 -24.90
C GLU I 109 -58.22 -20.40 -24.55
N ILE I 110 -59.32 -20.07 -25.24
CA ILE I 110 -60.61 -20.70 -24.93
C ILE I 110 -60.56 -22.20 -25.20
N GLU I 111 -59.96 -22.60 -26.33
CA GLU I 111 -59.86 -24.02 -26.65
C GLU I 111 -59.03 -24.75 -25.60
N LEU I 112 -57.89 -24.16 -25.24
CA LEU I 112 -57.04 -24.82 -24.28
C LEU I 112 -57.72 -24.87 -22.92
N ALA I 113 -58.52 -23.85 -22.59
CA ALA I 113 -59.18 -23.83 -21.29
C ALA I 113 -60.20 -24.96 -21.23
N ARG I 114 -60.90 -25.21 -22.34
CA ARG I 114 -61.85 -26.31 -22.36
C ARG I 114 -61.15 -27.65 -22.19
N GLN I 115 -60.02 -27.84 -22.89
CA GLN I 115 -59.28 -29.10 -22.73
C GLN I 115 -58.71 -29.25 -21.33
N ILE I 116 -58.27 -28.14 -20.73
CA ILE I 116 -57.77 -28.15 -19.36
C ILE I 116 -58.87 -28.54 -18.39
N ALA I 117 -60.08 -28.00 -18.58
CA ALA I 117 -61.19 -28.36 -17.71
C ALA I 117 -61.54 -29.83 -17.85
N ASP I 118 -61.51 -30.36 -19.07
CA ASP I 118 -61.75 -31.79 -19.26
C ASP I 118 -60.71 -32.61 -18.52
N LEU I 119 -59.44 -32.22 -18.63
CA LEU I 119 -58.37 -32.91 -17.92
C LEU I 119 -58.56 -32.85 -16.41
N LEU I 120 -58.98 -31.68 -15.91
CA LEU I 120 -59.20 -31.52 -14.48
C LEU I 120 -60.31 -32.44 -13.99
N ALA I 121 -61.41 -32.50 -14.74
CA ALA I 121 -62.52 -33.37 -14.34
C ALA I 121 -62.08 -34.83 -14.34
N LEU I 122 -61.31 -35.23 -15.36
CA LEU I 122 -60.81 -36.60 -15.43
C LEU I 122 -59.90 -36.90 -14.23
N GLU I 123 -59.05 -35.94 -13.86
CA GLU I 123 -58.19 -36.09 -12.70
C GLU I 123 -59.01 -36.22 -11.42
N ARG I 124 -60.07 -35.43 -11.29
CA ARG I 124 -60.94 -35.54 -10.12
C ARG I 124 -61.53 -36.93 -10.02
N ILE I 125 -61.97 -37.47 -11.15
CA ILE I 125 -62.50 -38.83 -11.16
C ILE I 125 -61.45 -39.81 -10.67
N ARG I 126 -60.25 -39.75 -11.28
CA ARG I 126 -59.16 -40.62 -10.85
C ARG I 126 -58.91 -40.52 -9.34
N ASP I 127 -58.82 -39.30 -8.80
CA ASP I 127 -58.73 -39.09 -7.35
C ASP I 127 -59.84 -39.82 -6.58
N GLU I 128 -61.06 -39.80 -7.11
CA GLU I 128 -62.14 -40.58 -6.51
C GLU I 128 -61.83 -42.07 -6.53
N LEU I 129 -61.28 -42.56 -7.63
CA LEU I 129 -60.88 -43.97 -7.70
C LEU I 129 -59.78 -44.28 -6.70
N LEU I 130 -58.87 -43.32 -6.50
CA LEU I 130 -57.80 -43.48 -5.52
C LEU I 130 -58.34 -43.60 -4.11
N GLU I 131 -59.36 -42.79 -3.78
CA GLU I 131 -60.00 -42.95 -2.47
C GLU I 131 -60.71 -44.28 -2.35
N GLN I 132 -61.31 -44.78 -3.43
CA GLN I 132 -62.02 -46.06 -3.35
C GLN I 132 -61.06 -47.24 -3.30
N LEU I 133 -59.93 -47.17 -4.00
CA LEU I 133 -59.02 -48.30 -4.11
C LEU I 133 -57.89 -48.28 -3.09
N ASP I 134 -57.67 -47.14 -2.42
CA ASP I 134 -56.48 -46.92 -1.59
C ASP I 134 -55.19 -47.20 -2.36
N ARG I 135 -55.25 -47.09 -3.68
CA ARG I 135 -54.08 -47.26 -4.53
C ARG I 135 -54.30 -46.49 -5.82
N LEU I 136 -53.22 -46.24 -6.54
CA LEU I 136 -53.32 -45.64 -7.85
C LEU I 136 -54.10 -46.54 -8.79
N PRO I 137 -55.16 -46.06 -9.43
CA PRO I 137 -55.88 -46.87 -10.41
C PRO I 137 -55.03 -47.11 -11.65
N SER I 138 -55.13 -48.32 -12.19
CA SER I 138 -54.51 -48.60 -13.48
C SER I 138 -55.25 -47.86 -14.59
N ASP I 139 -54.53 -47.60 -15.69
CA ASP I 139 -55.15 -47.01 -16.87
C ASP I 139 -56.38 -47.77 -17.33
N ALA I 140 -56.39 -49.10 -17.18
CA ALA I 140 -57.56 -49.87 -17.59
C ALA I 140 -58.73 -49.66 -16.64
N GLU I 141 -58.45 -49.62 -15.34
CA GLU I 141 -59.50 -49.33 -14.36
C GLU I 141 -60.00 -47.89 -14.49
N TRP I 142 -59.08 -46.96 -14.73
CA TRP I 142 -59.46 -45.56 -14.91
C TRP I 142 -60.28 -45.38 -16.19
N ALA I 143 -59.85 -46.00 -17.29
CA ALA I 143 -60.63 -45.98 -18.52
C ALA I 143 -62.00 -46.61 -18.32
N ALA I 144 -62.06 -47.68 -17.54
CA ALA I 144 -63.33 -48.31 -17.22
C ALA I 144 -64.21 -47.36 -16.42
N ALA I 145 -63.62 -46.57 -15.53
CA ALA I 145 -64.41 -45.60 -14.77
C ALA I 145 -65.01 -44.51 -15.64
N VAL I 146 -64.51 -44.30 -16.85
CA VAL I 146 -65.09 -43.30 -17.75
C VAL I 146 -65.92 -43.96 -18.86
N ASP I 147 -66.11 -45.28 -18.79
CA ASP I 147 -66.81 -46.03 -19.84
C ASP I 147 -66.25 -45.72 -21.22
N SER I 148 -64.94 -45.54 -21.28
CA SER I 148 -64.23 -45.12 -22.48
C SER I 148 -63.23 -46.17 -22.92
N PRO I 149 -63.09 -46.42 -24.22
CA PRO I 149 -62.01 -47.30 -24.69
C PRO I 149 -60.66 -46.76 -24.26
N LEU I 150 -59.78 -47.67 -23.83
CA LEU I 150 -58.49 -47.29 -23.29
C LEU I 150 -57.72 -46.36 -24.23
N ASP I 151 -57.85 -46.57 -25.54
CA ASP I 151 -57.13 -45.71 -26.48
C ASP I 151 -57.71 -44.30 -26.47
N GLU I 152 -59.04 -44.19 -26.61
CA GLU I 152 -59.68 -42.88 -26.60
C GLU I 152 -59.37 -42.15 -25.30
N PHE I 153 -59.53 -42.82 -24.16
CA PHE I 153 -59.26 -42.21 -22.86
C PHE I 153 -57.83 -41.70 -22.79
N ARG I 154 -56.85 -42.54 -23.16
CA ARG I 154 -55.46 -42.14 -23.06
C ARG I 154 -55.16 -40.95 -23.96
N ARG I 155 -55.72 -40.94 -25.18
CA ARG I 155 -55.50 -39.81 -26.07
C ARG I 155 -56.12 -38.53 -25.53
N ARG I 156 -57.33 -38.62 -24.96
CA ARG I 156 -57.94 -37.46 -24.32
C ARG I 156 -57.05 -36.94 -23.20
N LEU I 157 -56.55 -37.84 -22.35
CA LEU I 157 -55.64 -37.46 -21.28
C LEU I 157 -54.43 -36.73 -21.84
N PHE I 158 -53.86 -37.27 -22.92
CA PHE I 158 -52.68 -36.67 -23.52
C PHE I 158 -53.00 -35.26 -24.00
N ARG I 159 -54.07 -35.11 -24.79
CA ARG I 159 -54.47 -33.80 -25.28
C ARG I 159 -54.59 -32.81 -24.14
N GLY I 160 -55.22 -33.21 -23.03
CA GLY I 160 -55.37 -32.31 -21.90
C GLY I 160 -54.03 -31.91 -21.31
N ARG I 161 -53.14 -32.89 -21.11
CA ARG I 161 -51.81 -32.60 -20.62
C ARG I 161 -51.11 -31.58 -21.50
N ARG I 162 -51.11 -31.84 -22.81
CA ARG I 162 -50.44 -30.95 -23.76
C ARG I 162 -51.08 -29.56 -23.76
N ALA I 163 -52.40 -29.50 -23.58
CA ALA I 163 -53.09 -28.22 -23.55
C ALA I 163 -52.63 -27.38 -22.37
N LYS I 164 -52.57 -27.99 -21.18
CA LYS I 164 -52.09 -27.28 -20.01
C LYS I 164 -50.64 -26.87 -20.19
N ASP I 165 -49.85 -27.76 -20.77
CA ASP I 165 -48.44 -27.48 -21.02
C ASP I 165 -48.28 -26.26 -21.91
N LYS I 166 -49.06 -26.19 -23.00
CA LYS I 166 -48.96 -25.05 -23.91
C LYS I 166 -49.46 -23.77 -23.25
N MET I 167 -50.52 -23.86 -22.45
CA MET I 167 -51.04 -22.68 -21.78
C MET I 167 -50.00 -22.06 -20.86
N VAL I 168 -49.28 -22.89 -20.11
CA VAL I 168 -48.22 -22.36 -19.24
C VAL I 168 -47.03 -21.87 -20.07
N GLN I 169 -46.68 -22.64 -21.09
CA GLN I 169 -45.47 -22.39 -21.86
C GLN I 169 -45.54 -21.05 -22.57
N SER I 170 -46.66 -20.77 -23.24
CA SER I 170 -46.82 -19.53 -23.98
C SER I 170 -47.01 -18.30 -23.10
N ASN I 171 -47.21 -18.46 -21.79
CA ASN I 171 -47.39 -17.34 -20.88
C ASN I 171 -46.18 -17.09 -19.99
N LEU I 172 -45.17 -17.98 -20.03
CA LEU I 172 -43.92 -17.67 -19.34
C LEU I 172 -43.42 -16.24 -19.62
N ARG I 173 -43.68 -15.69 -20.81
CA ARG I 173 -43.26 -14.32 -21.07
C ARG I 173 -43.97 -13.34 -20.14
N LEU I 174 -45.26 -13.59 -19.87
CA LEU I 174 -46.00 -12.78 -18.92
C LEU I 174 -45.39 -12.93 -17.54
N VAL I 175 -45.00 -14.15 -17.20
CA VAL I 175 -44.35 -14.39 -15.91
C VAL I 175 -43.10 -13.53 -15.77
N VAL I 176 -42.27 -13.51 -16.82
CA VAL I 176 -41.04 -12.70 -16.77
C VAL I 176 -41.36 -11.22 -16.67
N SER I 177 -42.40 -10.79 -17.39
CA SER I 177 -42.78 -9.37 -17.38
C SER I 177 -43.22 -8.94 -16.00
N ILE I 178 -43.88 -9.83 -15.27
CA ILE I 178 -44.33 -9.45 -13.93
C ILE I 178 -43.18 -9.59 -12.94
N ALA I 179 -42.33 -10.61 -13.12
CA ALA I 179 -41.27 -10.88 -12.15
C ALA I 179 -40.15 -9.87 -12.22
N LYS I 180 -40.03 -9.12 -13.32
CA LYS I 180 -38.95 -8.14 -13.39
C LYS I 180 -39.16 -6.96 -12.45
N LYS I 181 -40.34 -6.83 -11.85
CA LYS I 181 -40.66 -5.67 -11.02
C LYS I 181 -40.32 -5.86 -9.55
N TYR I 182 -39.61 -6.94 -9.20
CA TYR I 182 -39.17 -7.13 -7.82
C TYR I 182 -37.74 -7.64 -7.76
N MET I 183 -36.89 -7.26 -8.71
CA MET I 183 -35.55 -7.83 -8.80
C MET I 183 -34.60 -7.34 -7.71
N ASN I 184 -35.05 -6.52 -6.76
CA ASN I 184 -34.19 -6.07 -5.65
C ASN I 184 -34.94 -6.16 -4.32
N ARG I 185 -35.36 -7.36 -3.95
CA ARG I 185 -36.12 -7.54 -2.73
C ARG I 185 -35.68 -8.72 -1.88
N GLY I 186 -34.75 -9.54 -2.33
CA GLY I 186 -34.23 -10.63 -1.51
C GLY I 186 -34.08 -11.90 -2.31
N LEU I 187 -34.83 -12.01 -3.40
CA LEU I 187 -34.75 -13.14 -4.30
C LEU I 187 -34.10 -12.70 -5.61
N SER I 188 -33.27 -13.57 -6.15
CA SER I 188 -32.67 -13.29 -7.44
C SER I 188 -33.73 -13.34 -8.54
N PHE I 189 -33.39 -12.76 -9.69
CA PHE I 189 -34.33 -12.66 -10.79
C PHE I 189 -34.80 -14.03 -11.24
N GLN I 190 -33.87 -14.98 -11.33
CA GLN I 190 -34.21 -16.34 -11.72
C GLN I 190 -35.13 -17.02 -10.72
N ASP I 191 -34.96 -16.71 -9.42
CA ASP I 191 -35.85 -17.26 -8.41
C ASP I 191 -37.25 -16.66 -8.54
N LEU I 192 -37.33 -15.36 -8.83
CA LEU I 192 -38.62 -14.74 -9.06
C LEU I 192 -39.33 -15.38 -10.24
N ILE I 193 -38.59 -15.64 -11.32
CA ILE I 193 -39.21 -16.25 -12.49
C ILE I 193 -39.75 -17.65 -12.16
N GLN I 194 -38.95 -18.47 -11.48
CA GLN I 194 -39.41 -19.82 -11.19
C GLN I 194 -40.53 -19.84 -10.17
N GLU I 195 -40.57 -18.88 -9.26
CA GLU I 195 -41.67 -18.83 -8.31
C GLU I 195 -42.94 -18.30 -8.96
N GLY I 196 -42.82 -17.37 -9.91
CA GLY I 196 -44.01 -16.93 -10.64
C GLY I 196 -44.53 -17.98 -11.59
N SER I 197 -43.66 -18.89 -12.05
CA SER I 197 -44.13 -19.99 -12.88
C SER I 197 -45.13 -20.87 -12.13
N LEU I 198 -44.93 -21.08 -10.83
CA LEU I 198 -45.89 -21.84 -10.04
C LEU I 198 -47.24 -21.14 -10.00
N GLY I 199 -47.23 -19.81 -9.88
CA GLY I 199 -48.47 -19.06 -9.91
C GLY I 199 -49.14 -19.14 -11.26
N LEU I 200 -48.36 -19.11 -12.33
CA LEU I 200 -48.93 -19.25 -13.67
C LEU I 200 -49.56 -20.62 -13.84
N ILE I 201 -48.91 -21.66 -13.32
CA ILE I 201 -49.48 -23.01 -13.41
C ILE I 201 -50.81 -23.08 -12.67
N ARG I 202 -50.85 -22.49 -11.47
CA ARG I 202 -52.12 -22.49 -10.73
C ARG I 202 -53.19 -21.69 -11.45
N ALA I 203 -52.81 -20.54 -12.03
CA ALA I 203 -53.78 -19.73 -12.78
C ALA I 203 -54.33 -20.50 -13.97
N ALA I 204 -53.46 -21.19 -14.70
CA ALA I 204 -53.92 -22.03 -15.80
C ALA I 204 -54.78 -23.18 -15.32
N GLU I 205 -54.61 -23.61 -14.08
CA GLU I 205 -55.47 -24.65 -13.53
C GLU I 205 -56.83 -24.12 -13.08
N LYS I 206 -56.96 -22.82 -12.81
CA LYS I 206 -58.21 -22.25 -12.31
C LYS I 206 -58.83 -21.22 -13.24
N PHE I 207 -58.39 -21.17 -14.49
CA PHE I 207 -58.96 -20.21 -15.44
C PHE I 207 -60.31 -20.72 -15.96
N ASP I 208 -61.27 -19.80 -16.03
CA ASP I 208 -62.62 -20.12 -16.50
C ASP I 208 -62.88 -19.36 -17.80
N HIS I 209 -62.98 -20.08 -18.91
CA HIS I 209 -63.29 -19.45 -20.18
C HIS I 209 -64.69 -18.86 -20.16
N GLU I 210 -65.62 -19.53 -19.49
CA GLU I 210 -67.00 -19.05 -19.42
C GLU I 210 -67.11 -17.69 -18.75
N LYS I 211 -66.10 -17.29 -17.98
CA LYS I 211 -66.13 -15.98 -17.34
C LYS I 211 -66.07 -14.88 -18.39
N GLY I 212 -65.48 -15.16 -19.54
CA GLY I 212 -65.37 -14.20 -20.61
C GLY I 212 -64.34 -13.14 -20.33
N TYR I 213 -63.12 -13.56 -19.99
CA TYR I 213 -62.05 -12.62 -19.70
C TYR I 213 -60.77 -13.16 -20.33
N LYS I 214 -59.83 -12.24 -20.57
CA LYS I 214 -58.53 -12.64 -21.10
C LYS I 214 -57.70 -13.31 -20.02
N PHE I 215 -56.98 -14.36 -20.42
CA PHE I 215 -56.15 -15.09 -19.46
C PHE I 215 -55.06 -14.23 -18.85
N SER I 216 -54.58 -13.22 -19.58
CA SER I 216 -53.56 -12.33 -19.06
C SER I 216 -54.05 -11.46 -17.89
N THR I 217 -55.36 -11.40 -17.66
CA THR I 217 -55.87 -10.65 -16.52
C THR I 217 -55.98 -11.52 -15.28
N TYR I 218 -56.42 -12.76 -15.44
CA TYR I 218 -56.52 -13.65 -14.30
C TYR I 218 -55.14 -14.13 -13.86
N ALA I 219 -54.26 -14.44 -14.81
CA ALA I 219 -52.96 -15.00 -14.50
C ALA I 219 -52.09 -14.02 -13.73
N THR I 220 -52.27 -12.71 -13.96
CA THR I 220 -51.43 -11.72 -13.30
C THR I 220 -51.57 -11.79 -11.79
N TRP I 221 -52.80 -11.98 -11.30
CA TRP I 221 -53.02 -12.07 -9.86
C TRP I 221 -52.24 -13.23 -9.26
N TRP I 222 -52.34 -14.41 -9.90
CA TRP I 222 -51.67 -15.58 -9.36
C TRP I 222 -50.15 -15.45 -9.43
N ILE I 223 -49.63 -14.91 -10.53
CA ILE I 223 -48.19 -14.71 -10.65
C ILE I 223 -47.70 -13.78 -9.56
N ARG I 224 -48.40 -12.66 -9.37
CA ARG I 224 -48.02 -11.69 -8.35
C ARG I 224 -48.10 -12.29 -6.96
N GLN I 225 -49.14 -13.07 -6.69
CA GLN I 225 -49.28 -13.69 -5.38
C GLN I 225 -48.17 -14.68 -5.11
N ALA I 226 -47.83 -15.51 -6.11
CA ALA I 226 -46.77 -16.48 -5.92
C ALA I 226 -45.45 -15.79 -5.65
N ILE I 227 -45.16 -14.73 -6.40
CA ILE I 227 -43.89 -14.03 -6.21
C ILE I 227 -43.84 -13.34 -4.85
N THR I 228 -44.95 -12.70 -4.44
CA THR I 228 -44.97 -12.04 -3.14
C THR I 228 -44.81 -13.03 -2.00
N ARG I 229 -45.51 -14.17 -2.07
CA ARG I 229 -45.36 -15.19 -1.05
C ARG I 229 -43.95 -15.75 -1.01
N ALA I 230 -43.36 -15.98 -2.20
CA ALA I 230 -42.00 -16.49 -2.25
C ALA I 230 -41.03 -15.51 -1.61
N ILE I 231 -41.20 -14.21 -1.88
CA ILE I 231 -40.36 -13.21 -1.22
C ILE I 231 -40.55 -13.25 0.29
N ALA I 232 -41.81 -13.34 0.74
CA ALA I 232 -42.07 -13.40 2.18
C ALA I 232 -41.48 -14.65 2.83
N ASP I 233 -41.30 -15.74 2.08
CA ASP I 233 -40.89 -17.00 2.68
C ASP I 233 -39.47 -17.44 2.32
N GLN I 234 -38.76 -16.69 1.48
CA GLN I 234 -37.46 -17.16 1.01
C GLN I 234 -36.43 -16.04 0.89
N SER I 235 -36.70 -14.84 1.39
CA SER I 235 -35.79 -13.73 1.18
C SER I 235 -34.80 -13.53 2.32
N ARG I 236 -35.15 -13.95 3.53
CA ARG I 236 -34.31 -13.73 4.70
C ARG I 236 -33.77 -15.04 5.24
N THR I 237 -32.60 -14.95 5.87
CA THR I 237 -32.03 -16.11 6.54
C THR I 237 -32.86 -16.48 7.77
N ILE I 238 -33.23 -15.49 8.56
CA ILE I 238 -34.15 -15.67 9.68
C ILE I 238 -35.52 -15.30 9.13
N ARG I 239 -36.24 -16.29 8.61
CA ARG I 239 -37.50 -16.02 7.93
C ARG I 239 -38.52 -15.46 8.90
N LEU I 240 -39.24 -14.43 8.46
CA LEU I 240 -40.36 -13.80 9.16
C LEU I 240 -41.69 -14.24 8.55
N PRO I 241 -42.72 -14.40 9.37
CA PRO I 241 -44.04 -14.78 8.84
C PRO I 241 -44.69 -13.64 8.07
N VAL I 242 -45.64 -14.02 7.22
CA VAL I 242 -46.28 -13.04 6.34
C VAL I 242 -46.99 -11.96 7.14
N HIS I 243 -47.62 -12.34 8.26
CA HIS I 243 -48.29 -11.36 9.09
C HIS I 243 -47.30 -10.33 9.63
N LEU I 244 -46.04 -10.72 9.82
CA LEU I 244 -45.04 -9.75 10.28
C LEU I 244 -44.70 -8.76 9.18
N TYR I 245 -44.60 -9.23 7.94
CA TYR I 245 -44.38 -8.32 6.81
C TYR I 245 -45.54 -7.34 6.69
N GLU I 246 -46.77 -7.83 6.83
CA GLU I 246 -47.92 -6.95 6.76
C GLU I 246 -47.92 -5.94 7.90
N THR I 247 -47.51 -6.38 9.10
CA THR I 247 -47.43 -5.46 10.23
C THR I 247 -46.39 -4.37 9.98
N ILE I 248 -45.23 -4.75 9.44
CA ILE I 248 -44.19 -3.76 9.15
C ILE I 248 -44.67 -2.76 8.10
N SER I 249 -45.35 -3.27 7.06
CA SER I 249 -45.89 -2.38 6.03
C SER I 249 -46.90 -1.40 6.63
N ARG I 250 -47.79 -1.90 7.49
CA ARG I 250 -48.78 -1.00 8.10
C ARG I 250 -48.11 0.01 9.02
N ILE I 251 -47.04 -0.39 9.70
CA ILE I 251 -46.31 0.54 10.55
C ILE I 251 -45.68 1.64 9.73
N LYS I 252 -45.07 1.28 8.58
CA LYS I 252 -44.51 2.29 7.70
C LYS I 252 -45.58 3.25 7.20
N LYS I 253 -46.72 2.71 6.76
CA LYS I 253 -47.79 3.57 6.24
C LYS I 253 -48.33 4.50 7.31
N THR I 254 -48.54 3.99 8.52
CA THR I 254 -49.02 4.85 9.61
C THR I 254 -48.00 5.92 9.95
N THR I 255 -46.72 5.57 9.96
CA THR I 255 -45.68 6.55 10.27
C THR I 255 -45.64 7.65 9.21
N LYS I 256 -45.75 7.28 7.94
CA LYS I 256 -45.78 8.29 6.88
C LYS I 256 -47.02 9.16 6.98
N LEU I 257 -48.17 8.56 7.29
CA LEU I 257 -49.40 9.34 7.44
C LEU I 257 -49.29 10.34 8.58
N LEU I 258 -48.72 9.91 9.71
CA LEU I 258 -48.55 10.84 10.84
C LEU I 258 -47.53 11.92 10.52
N SER I 259 -46.46 11.57 9.81
CA SER I 259 -45.48 12.59 9.42
C SER I 259 -46.11 13.64 8.51
N GLN I 260 -46.94 13.20 7.56
CA GLN I 260 -47.65 14.15 6.71
C GLN I 260 -48.64 15.00 7.50
N GLU I 261 -49.38 14.39 8.43
CA GLU I 261 -50.40 15.12 9.16
C GLU I 261 -49.79 16.15 10.11
N MET I 262 -48.81 15.73 10.91
CA MET I 262 -48.20 16.58 11.92
C MET I 262 -47.05 17.41 11.38
N GLY I 263 -46.59 17.17 10.16
CA GLY I 263 -45.50 17.94 9.62
C GLY I 263 -44.16 17.72 10.29
N ARG I 264 -43.98 16.58 10.96
CA ARG I 264 -42.74 16.28 11.65
C ARG I 264 -42.65 14.78 11.85
N LYS I 265 -41.45 14.32 12.20
CA LYS I 265 -41.24 12.90 12.44
C LYS I 265 -41.99 12.46 13.69
N PRO I 266 -42.88 11.47 13.60
CA PRO I 266 -43.64 11.06 14.78
C PRO I 266 -42.75 10.36 15.80
N THR I 267 -43.15 10.46 17.06
CA THR I 267 -42.42 9.79 18.12
C THR I 267 -42.89 8.35 18.26
N GLU I 268 -42.16 7.58 19.07
CA GLU I 268 -42.51 6.18 19.29
C GLU I 268 -43.88 6.05 19.97
N GLU I 269 -44.14 6.87 20.99
CA GLU I 269 -45.41 6.78 21.70
C GLU I 269 -46.58 7.15 20.79
N GLU I 270 -46.40 8.17 19.94
CA GLU I 270 -47.46 8.56 19.02
C GLU I 270 -47.80 7.42 18.07
N ILE I 271 -46.77 6.79 17.49
CA ILE I 271 -46.97 5.69 16.57
C ILE I 271 -47.63 4.51 17.29
N ALA I 272 -47.17 4.22 18.51
CA ALA I 272 -47.75 3.10 19.26
C ALA I 272 -49.23 3.34 19.56
N THR I 273 -49.59 4.58 19.93
CA THR I 273 -50.99 4.88 20.17
C THR I 273 -51.80 4.76 18.88
N ARG I 274 -51.27 5.29 17.77
CA ARG I 274 -51.99 5.22 16.51
C ARG I 274 -52.16 3.78 16.04
N MET I 275 -51.15 2.94 16.26
CA MET I 275 -51.24 1.53 15.90
C MET I 275 -52.00 0.71 16.92
N GLU I 276 -52.37 1.31 18.06
CA GLU I 276 -53.11 0.62 19.12
C GLU I 276 -52.34 -0.62 19.59
N MET I 277 -51.03 -0.48 19.76
CA MET I 277 -50.18 -1.55 20.26
C MET I 277 -49.16 -0.99 21.23
N THR I 278 -48.69 -1.85 22.13
CA THR I 278 -47.75 -1.42 23.15
C THR I 278 -46.41 -1.06 22.53
N ILE I 279 -45.68 -0.15 23.18
CA ILE I 279 -44.41 0.30 22.66
C ILE I 279 -43.39 -0.84 22.61
N GLU I 280 -43.50 -1.79 23.54
CA GLU I 280 -42.58 -2.93 23.53
C GLU I 280 -42.79 -3.79 22.28
N LYS I 281 -44.05 -3.95 21.86
CA LYS I 281 -44.32 -4.69 20.63
C LYS I 281 -43.73 -3.97 19.43
N LEU I 282 -43.83 -2.64 19.41
CA LEU I 282 -43.25 -1.88 18.30
C LEU I 282 -41.74 -2.04 18.25
N ARG I 283 -41.08 -1.96 19.41
CA ARG I 283 -39.64 -2.17 19.45
C ARG I 283 -39.27 -3.59 19.05
N PHE I 284 -40.08 -4.58 19.44
CA PHE I 284 -39.82 -5.95 19.03
C PHE I 284 -39.93 -6.12 17.51
N ILE I 285 -40.94 -5.48 16.90
CA ILE I 285 -41.07 -5.52 15.45
C ILE I 285 -39.86 -4.87 14.80
N ALA I 286 -39.44 -3.72 15.32
CA ALA I 286 -38.29 -3.02 14.76
C ALA I 286 -37.02 -3.88 14.86
N LYS I 287 -36.85 -4.58 15.98
CA LYS I 287 -35.69 -5.43 16.17
C LYS I 287 -35.73 -6.66 15.27
N SER I 288 -36.90 -7.24 15.06
CA SER I 288 -37.00 -8.43 14.23
C SER I 288 -36.94 -8.13 12.74
N ALA I 289 -37.13 -6.88 12.35
CA ALA I 289 -37.10 -6.51 10.94
C ALA I 289 -35.68 -6.38 10.39
N GLN I 290 -34.68 -6.42 11.26
CA GLN I 290 -33.31 -6.15 10.85
C GLN I 290 -32.78 -7.26 9.95
N LEU I 291 -31.89 -6.88 9.04
CA LEU I 291 -31.21 -7.88 8.23
C LEU I 291 -29.93 -8.35 8.92
N PRO I 292 -29.65 -9.64 8.88
CA PRO I 292 -28.41 -10.14 9.51
C PRO I 292 -27.18 -9.70 8.72
N ILE I 293 -26.22 -9.15 9.45
CA ILE I 293 -24.97 -8.70 8.84
C ILE I 293 -24.05 -9.89 8.65
N SER I 294 -23.34 -9.92 7.53
CA SER I 294 -22.46 -11.03 7.25
C SER I 294 -21.21 -10.99 8.13
N LEU I 295 -20.64 -12.18 8.37
CA LEU I 295 -19.46 -12.30 9.21
C LEU I 295 -18.24 -11.67 8.55
N GLU I 296 -18.27 -11.49 7.24
CA GLU I 296 -17.12 -11.01 6.48
C GLU I 296 -17.25 -9.55 6.08
N THR I 297 -17.85 -8.74 6.93
CA THR I 297 -17.92 -7.31 6.68
C THR I 297 -16.59 -6.68 7.06
N PRO I 298 -15.99 -5.88 6.18
CA PRO I 298 -14.73 -5.22 6.53
C PRO I 298 -14.91 -4.32 7.75
N ILE I 299 -13.88 -4.27 8.58
CA ILE I 299 -13.91 -3.44 9.78
C ILE I 299 -12.82 -2.38 9.70
N SER I 305 -9.30 -7.20 7.34
CA SER I 305 -10.09 -7.26 8.57
C SER I 305 -11.55 -7.60 8.27
N ARG I 306 -12.08 -8.59 8.98
CA ARG I 306 -13.44 -9.04 8.80
C ARG I 306 -14.13 -9.05 10.15
N LEU I 307 -15.47 -9.02 10.12
CA LEU I 307 -16.24 -9.02 11.36
C LEU I 307 -16.05 -10.32 12.13
N GLY I 308 -15.93 -11.44 11.42
CA GLY I 308 -15.87 -12.74 12.08
C GLY I 308 -14.63 -12.96 12.92
N ASP I 309 -13.62 -12.09 12.81
CA ASP I 309 -12.41 -12.19 13.60
C ASP I 309 -12.45 -11.33 14.86
N PHE I 310 -13.59 -10.73 15.18
CA PHE I 310 -13.74 -9.92 16.37
C PHE I 310 -14.81 -10.45 17.32
N ILE I 311 -15.29 -11.66 17.11
CA ILE I 311 -16.37 -12.22 17.92
C ILE I 311 -15.82 -13.36 18.75
N GLU I 312 -16.07 -13.32 20.06
CA GLU I 312 -15.52 -14.33 20.94
C GLU I 312 -16.30 -15.62 20.77
N ALA I 313 -15.85 -16.68 21.42
CA ALA I 313 -16.53 -17.98 21.29
C ALA I 313 -17.23 -18.33 22.59
N ASP I 314 -18.34 -19.04 22.45
CA ASP I 314 -19.06 -19.54 23.61
C ASP I 314 -18.34 -20.74 24.19
N GLY I 315 -18.15 -20.73 25.49
CA GLY I 315 -17.45 -21.80 26.17
C GLY I 315 -17.06 -21.32 27.55
N GLU I 316 -16.42 -22.22 28.29
CA GLU I 316 -15.88 -21.86 29.59
C GLU I 316 -14.40 -21.52 29.42
N THR I 317 -14.04 -20.31 29.81
CA THR I 317 -12.65 -19.88 29.78
C THR I 317 -11.79 -20.89 30.54
N PRO I 318 -10.64 -21.31 29.99
CA PRO I 318 -9.74 -22.20 30.72
C PRO I 318 -9.53 -21.77 32.16
N GLU I 319 -9.52 -20.44 32.37
CA GLU I 319 -9.38 -19.91 33.72
C GLU I 319 -10.56 -20.26 34.61
N ASP I 320 -11.78 -20.19 34.07
CA ASP I 320 -12.94 -20.45 34.92
C ASP I 320 -13.17 -21.93 35.22
N GLU I 321 -12.49 -22.84 34.53
CA GLU I 321 -12.56 -24.24 34.93
C GLU I 321 -11.61 -24.54 36.07
#